data_6JE4
#
_entry.id   6JE4
#
_cell.length_a   129.199
_cell.length_b   118.010
_cell.length_c   323.986
_cell.angle_alpha   90.00
_cell.angle_beta   89.92
_cell.angle_gamma   90.00
#
_symmetry.space_group_name_H-M   'P 1 21 1'
#
loop_
_entity.id
_entity.type
_entity.pdbx_description
1 polymer 'CRISPR-associated endonuclease Cas9'
2 polymer 'target DNA strand'
3 polymer 'non-target DNA strand'
4 polymer sgRNA
5 polymer AcrIIC3
6 non-polymer 1,2-ETHANEDIOL
7 non-polymer DI(HYDROXYETHYL)ETHER
8 water water
#
loop_
_entity_poly.entity_id
_entity_poly.type
_entity_poly.pdbx_seq_one_letter_code
_entity_poly.pdbx_strand_id
1 'polypeptide(L)'
;SMAAFKPNSINYILGLAIGIASVGWAMVEIDEEENPIRLIDLGVRVFERAEVPKTGDSLAMARRLARSVRRLTRRRAHRL
LRTRRLLKREGVLQAANFDENGLIKSLPNTPWQLRAAALDRKLTPLEWSAVLLHLIKHRGYLSQRKNEGETADKELGALL
KGVAGNAHALQTGDFRTPAELALNKFEKESGHIRNQRSDYSHTFSRKDLQAELILLFEKQKEFGNPHVSGGLKEGIETLL
MTQRPALSGDAVQKMLGHCTFEPAEPKAAKNTYTAERFIWLTKLNNLRILEQGSERPLTDTERATLMDEPYRKSKLTYAQ
ARKLLGLEDTAFFKGLRYGKDNAEASTLMEMKAYHAISRALEKEGLKDKKSPLNLSPELQDEIGTAFSLFKTDEDITGRL
KDRIQPEILEALLKHISFDKFVQISLKALRRIVPLMEQGKRYDEACAEIYGDHYGKKNTEEKIYLPPIPADEIRNPVVLR
ALSQARKVINGVVRRYGSPARIHIETAREVGKSFKDRKEIEKRQEENRKDREKAAAKFREYFPNFVGEPKSKDILKLRLY
EQQHGKCLYSGKEINLGRLNEKGYVEIDAALPFSRTWDDSFNNKVLVLGSENQNKGNQTPYEYFNGKDNSREWQEFKARV
ETSRFPRSKKQRILLQKFDEDGFKERNLNDTRYVNRFLCQFVADRMRLTGKGKKRVFASNGQITNLLRGFWGLRKVRAEN
DRHHALDAVVVACSTVAMQQKITRFVRYKEMNAFDGKTIDKETGEVLHQKTHFPQPWEFFAQEVMIRVFGKPDGKPEFEE
ADTLEKLRTLLAEKLSSRPEAVHEYVTPLFVSRAPNRKMSGQGHMETVKSAKRLDEGVSVLRVPLTQLKLKDLEKMVNRE
REPKLYEALKARLEAHKDDPAKAFAEPFYKYDKAGNRTQQVKAVRVEQVQKTGVWVRNHNGIADNATMVRVDVFEKGDKY
YLVPIYSWQVAKGILPDRAVVQGKDEEDWQLIDDSFNFKFSLHPNDLVEVITKKARMFGYFASCHRGTGNINIRIHDLDH
KIGKNGILEGIGVKTALSFQKYQIDELGKEIRPCRLKKRPPVR
;
A,E,K,O
2 'polydeoxyribonucleotide'
;(DT)(DA)(DA)(DA)(DA)(DT)(DC)(DA)(DT)(DA)(DT)(DG)(DT)(DA)(DA)(DA)(DG)(DT)(DT)(DA)
(DA)(DA)(DT)(DA)(DG)(DC)(DA)(DG)(DA)(DG)(DT)(DG)(DA)(DC)(DC)
;
C,G,M,Q
3 'polydeoxyribonucleotide'
;(DC)(DC)(DA)(DG)(DT)(DG)(DA)(DG)(DA)(DC)(DG)(DA)(DT)(DA)(DA)(DA)(DT)(DT)(DG)(DA)
(DA)(DA)(DT)(DG)(DA)(DT)(DA)(DT)(DG)(DA)(DT)(DT)(DT)(DT)(DA)
;
D,H,N,R
4 'polyribonucleotide'
;GGUCACUCUGCUAUUUAACUUUACGUUGUAGCUCCCUUUCUCGAAAGAGAACCGUUGCUACAAUAAGGCCGUCUGAAAAG
AUGUGCCGCAACGCUCUGCCCCUUAAAGCUCCUGCUUUAAGGGGCAUCGUUUAUC
;
B,F,L,P
5 'polypeptide(L)'
;SMFKRAIIFTSFNGFEKVSRTEKRRLAKIINARVSIIDEYLRAKDTNASLDGQYRAFLFNDESPAMTEFLAKLKAFAESC
TGISIDAWEIEESEYVRLPVERRDFLAAANGKEIFKI
;
I,J,S,T
#
loop_
_chem_comp.id
_chem_comp.type
_chem_comp.name
_chem_comp.formula
A RNA linking ADENOSINE-5'-MONOPHOSPHATE 'C10 H14 N5 O7 P'
C RNA linking CYTIDINE-5'-MONOPHOSPHATE 'C9 H14 N3 O8 P'
DA DNA linking 2'-DEOXYADENOSINE-5'-MONOPHOSPHATE 'C10 H14 N5 O6 P'
DC DNA linking 2'-DEOXYCYTIDINE-5'-MONOPHOSPHATE 'C9 H14 N3 O7 P'
DG DNA linking 2'-DEOXYGUANOSINE-5'-MONOPHOSPHATE 'C10 H14 N5 O7 P'
DT DNA linking THYMIDINE-5'-MONOPHOSPHATE 'C10 H15 N2 O8 P'
EDO non-polymer 1,2-ETHANEDIOL 'C2 H6 O2'
G RNA linking GUANOSINE-5'-MONOPHOSPHATE 'C10 H14 N5 O8 P'
PEG non-polymer DI(HYDROXYETHYL)ETHER 'C4 H10 O3'
U RNA linking URIDINE-5'-MONOPHOSPHATE 'C9 H13 N2 O9 P'
#
# COMPACT_ATOMS: atom_id res chain seq x y z
N SER A 9 -29.69 -7.34 -3.92
CA SER A 9 -28.25 -7.11 -3.82
C SER A 9 -27.95 -5.74 -3.23
N ILE A 10 -27.53 -5.74 -1.96
CA ILE A 10 -27.50 -4.53 -1.15
C ILE A 10 -26.06 -4.14 -0.86
N ASN A 11 -25.76 -2.85 -1.03
CA ASN A 11 -24.46 -2.30 -0.64
C ASN A 11 -24.56 -2.03 0.86
N TYR A 12 -23.82 -2.79 1.68
CA TYR A 12 -23.91 -2.52 3.10
C TYR A 12 -22.55 -2.76 3.76
N ILE A 13 -22.30 -1.97 4.79
CA ILE A 13 -21.17 -2.15 5.69
C ILE A 13 -21.66 -2.86 6.94
N LEU A 14 -20.93 -3.90 7.34
CA LEU A 14 -21.21 -4.64 8.56
C LEU A 14 -20.30 -4.11 9.66
N GLY A 15 -20.89 -3.41 10.63
CA GLY A 15 -20.17 -3.01 11.82
C GLY A 15 -20.29 -4.07 12.91
N LEU A 16 -19.16 -4.31 13.59
CA LEU A 16 -19.09 -5.27 14.69
C LEU A 16 -18.41 -4.60 15.87
N ALA A 17 -19.13 -4.53 16.99
CA ALA A 17 -18.52 -4.22 18.30
C ALA A 17 -18.23 -5.55 18.98
N ILE A 18 -16.96 -5.93 19.01
CA ILE A 18 -16.55 -7.23 19.52
C ILE A 18 -16.12 -7.07 20.97
N GLY A 19 -16.97 -7.52 21.90
CA GLY A 19 -16.63 -7.55 23.29
C GLY A 19 -16.12 -8.92 23.75
N ILE A 20 -15.90 -9.02 25.06
CA ILE A 20 -15.35 -10.24 25.61
C ILE A 20 -16.44 -11.26 25.90
N ALA A 21 -17.70 -10.84 25.91
CA ALA A 21 -18.84 -11.73 26.08
C ALA A 21 -19.99 -11.37 25.15
N SER A 22 -19.83 -10.40 24.26
CA SER A 22 -20.89 -9.98 23.38
C SER A 22 -20.31 -9.54 22.04
N VAL A 23 -21.06 -9.77 20.98
CA VAL A 23 -20.77 -9.23 19.65
C VAL A 23 -22.00 -8.45 19.22
N GLY A 24 -21.92 -7.12 19.26
CA GLY A 24 -22.94 -6.30 18.64
C GLY A 24 -22.67 -6.15 17.15
N TRP A 25 -23.73 -6.22 16.35
CA TRP A 25 -23.56 -6.11 14.91
C TRP A 25 -24.62 -5.19 14.32
N ALA A 26 -24.24 -4.55 13.21
CA ALA A 26 -25.12 -3.64 12.49
C ALA A 26 -24.81 -3.72 11.00
N MET A 27 -25.84 -3.51 10.19
CA MET A 27 -25.74 -3.45 8.74
C MET A 27 -26.30 -2.11 8.29
N VAL A 28 -25.45 -1.31 7.65
CA VAL A 28 -25.80 0.03 7.16
C VAL A 28 -25.64 0.04 5.64
N GLU A 29 -26.72 0.33 4.92
CA GLU A 29 -26.64 0.46 3.47
C GLU A 29 -25.86 1.71 3.09
N ILE A 30 -25.13 1.63 1.97
CA ILE A 30 -24.23 2.71 1.55
C ILE A 30 -24.46 3.06 0.08
N ASP A 31 -23.89 4.21 -0.28
CA ASP A 31 -23.99 4.82 -1.61
C ASP A 31 -23.07 4.11 -2.60
N GLU A 32 -22.94 4.71 -3.77
CA GLU A 32 -21.87 4.38 -4.70
C GLU A 32 -20.57 5.07 -4.33
N GLU A 33 -20.64 6.03 -3.41
CA GLU A 33 -19.49 6.75 -2.89
C GLU A 33 -19.20 6.38 -1.44
N GLU A 34 -19.65 5.20 -1.01
CA GLU A 34 -19.49 4.71 0.35
C GLU A 34 -20.04 5.71 1.38
N ASN A 35 -21.30 6.11 1.16
CA ASN A 35 -22.02 7.06 2.00
C ASN A 35 -23.11 6.32 2.75
N PRO A 36 -23.25 6.51 4.07
CA PRO A 36 -24.34 5.84 4.81
C PRO A 36 -25.69 6.49 4.53
N ILE A 37 -26.65 5.67 4.07
CA ILE A 37 -27.95 6.18 3.65
C ILE A 37 -29.10 5.53 4.42
N ARG A 38 -28.90 4.32 4.93
CA ARG A 38 -30.03 3.60 5.52
C ARG A 38 -29.52 2.55 6.51
N LEU A 39 -30.22 2.44 7.64
CA LEU A 39 -29.88 1.46 8.67
C LEU A 39 -30.66 0.19 8.35
N ILE A 40 -29.98 -0.81 7.81
CA ILE A 40 -30.67 -2.02 7.39
C ILE A 40 -31.06 -2.87 8.59
N ASP A 41 -30.08 -3.31 9.38
CA ASP A 41 -30.43 -4.23 10.45
C ASP A 41 -29.41 -4.15 11.58
N LEU A 42 -29.76 -4.73 12.73
CA LEU A 42 -28.90 -4.71 13.91
C LEU A 42 -29.27 -5.83 14.88
N GLY A 43 -28.29 -6.23 15.68
CA GLY A 43 -28.53 -7.24 16.70
C GLY A 43 -27.35 -7.36 17.64
N VAL A 44 -27.47 -8.27 18.61
CA VAL A 44 -26.44 -8.52 19.61
C VAL A 44 -26.42 -10.01 19.94
N ARG A 45 -25.29 -10.67 19.68
CA ARG A 45 -25.05 -12.03 20.15
C ARG A 45 -24.36 -11.95 21.51
N VAL A 46 -24.81 -12.78 22.45
CA VAL A 46 -24.30 -12.75 23.81
C VAL A 46 -23.95 -14.18 24.25
N PHE A 47 -22.83 -14.34 24.94
CA PHE A 47 -22.30 -15.66 25.27
C PHE A 47 -21.47 -15.58 26.55
N GLU A 48 -21.05 -16.77 27.02
CA GLU A 48 -20.26 -16.92 28.23
C GLU A 48 -18.77 -16.80 27.95
N ARG A 49 -18.08 -15.97 28.73
CA ARG A 49 -16.62 -15.87 28.64
C ARG A 49 -16.00 -17.27 28.74
N ALA A 50 -15.00 -17.53 27.90
CA ALA A 50 -14.33 -18.84 27.89
C ALA A 50 -13.28 -18.91 29.00
N GLU A 51 -13.75 -18.80 30.23
CA GLU A 51 -12.88 -18.87 31.40
C GLU A 51 -13.71 -19.28 32.59
N VAL A 52 -13.03 -19.72 33.65
CA VAL A 52 -13.68 -20.03 34.91
C VAL A 52 -14.28 -18.73 35.46
N PRO A 53 -15.59 -18.65 35.65
CA PRO A 53 -16.20 -17.37 36.06
C PRO A 53 -15.71 -16.87 37.40
N LYS A 54 -15.56 -17.76 38.39
CA LYS A 54 -15.14 -17.34 39.72
C LYS A 54 -13.74 -16.73 39.69
N THR A 55 -12.77 -17.44 39.13
CA THR A 55 -11.37 -17.08 39.29
C THR A 55 -10.73 -16.49 38.04
N GLY A 56 -11.28 -16.73 36.85
CA GLY A 56 -10.62 -16.32 35.64
C GLY A 56 -9.59 -17.32 35.13
N ASP A 57 -9.41 -18.43 35.83
CA ASP A 57 -8.48 -19.47 35.41
C ASP A 57 -8.92 -20.08 34.08
N SER A 58 -7.96 -20.68 33.38
CA SER A 58 -8.26 -21.38 32.13
C SER A 58 -9.17 -22.57 32.39
N LEU A 59 -10.18 -22.73 31.53
CA LEU A 59 -11.04 -23.91 31.58
C LEU A 59 -10.23 -25.16 31.29
N ALA A 60 -9.42 -25.11 30.23
CA ALA A 60 -8.55 -26.23 29.90
C ALA A 60 -7.57 -26.53 31.03
N MET A 61 -7.14 -25.51 31.78
CA MET A 61 -6.22 -25.76 32.88
C MET A 61 -6.89 -26.54 34.00
N ALA A 62 -8.13 -26.18 34.34
CA ALA A 62 -8.87 -26.95 35.35
C ALA A 62 -9.11 -28.38 34.89
N ARG A 63 -9.51 -28.54 33.62
CA ARG A 63 -9.69 -29.88 33.06
C ARG A 63 -8.40 -30.69 33.13
N ARG A 64 -7.27 -30.07 32.77
CA ARG A 64 -5.99 -30.76 32.79
C ARG A 64 -5.59 -31.13 34.21
N LEU A 65 -5.86 -30.26 35.18
CA LEU A 65 -5.52 -30.58 36.56
C LEU A 65 -6.35 -31.76 37.06
N ALA A 66 -7.65 -31.78 36.73
CA ALA A 66 -8.48 -32.93 37.07
C ALA A 66 -7.92 -34.20 36.42
N ARG A 67 -7.55 -34.13 35.15
CA ARG A 67 -7.01 -35.29 34.45
C ARG A 67 -5.71 -35.77 35.10
N SER A 68 -4.85 -34.84 35.51
CA SER A 68 -3.57 -35.21 36.08
C SER A 68 -3.74 -35.84 37.45
N VAL A 69 -4.68 -35.35 38.25
CA VAL A 69 -4.92 -36.02 39.54
C VAL A 69 -5.56 -37.39 39.30
N ARG A 70 -6.38 -37.53 38.25
CA ARG A 70 -6.89 -38.86 37.89
C ARG A 70 -5.74 -39.82 37.60
N ARG A 71 -4.78 -39.38 36.78
CA ARG A 71 -3.63 -40.21 36.45
C ARG A 71 -2.81 -40.54 37.70
N LEU A 72 -2.58 -39.55 38.56
CA LEU A 72 -1.80 -39.80 39.78
C LEU A 72 -2.47 -40.85 40.66
N THR A 73 -3.78 -40.69 40.90
CA THR A 73 -4.50 -41.67 41.71
C THR A 73 -4.42 -43.06 41.09
N ARG A 74 -4.71 -43.16 39.79
CA ARG A 74 -4.67 -44.44 39.09
C ARG A 74 -3.31 -45.09 39.24
N ARG A 75 -2.24 -44.32 39.05
CA ARG A 75 -0.91 -44.91 39.05
C ARG A 75 -0.44 -45.29 40.44
N ARG A 76 -0.84 -44.53 41.47
CA ARG A 76 -0.52 -44.94 42.84
C ARG A 76 -1.22 -46.24 43.20
N ALA A 77 -2.53 -46.33 42.90
CA ALA A 77 -3.26 -47.56 43.18
C ALA A 77 -2.66 -48.73 42.42
N HIS A 78 -2.28 -48.51 41.15
CA HIS A 78 -1.68 -49.56 40.35
C HIS A 78 -0.34 -50.00 40.93
N ARG A 79 0.48 -49.04 41.38
CA ARG A 79 1.74 -49.34 42.04
C ARG A 79 1.53 -50.26 43.23
N LEU A 80 0.56 -49.92 44.08
CA LEU A 80 0.34 -50.72 45.28
C LEU A 80 -0.20 -52.11 44.94
N LEU A 81 -1.12 -52.19 43.96
CA LEU A 81 -1.62 -53.49 43.53
C LEU A 81 -0.50 -54.37 42.97
N ARG A 82 0.36 -53.78 42.14
CA ARG A 82 1.51 -54.49 41.61
C ARG A 82 2.42 -54.98 42.72
N THR A 83 2.63 -54.15 43.74
CA THR A 83 3.48 -54.54 44.87
C THR A 83 2.87 -55.72 45.61
N ARG A 84 1.55 -55.72 45.78
CA ARG A 84 0.87 -56.86 46.40
C ARG A 84 1.06 -58.13 45.57
N ARG A 85 0.85 -58.01 44.25
CA ARG A 85 1.07 -59.15 43.37
C ARG A 85 2.48 -59.70 43.49
N LEU A 86 3.47 -58.80 43.60
CA LEU A 86 4.85 -59.23 43.74
C LEU A 86 5.08 -59.92 45.08
N LEU A 87 4.48 -59.38 46.16
CA LEU A 87 4.60 -60.00 47.47
C LEU A 87 4.01 -61.41 47.44
N LYS A 88 2.92 -61.60 46.70
CA LYS A 88 2.34 -62.94 46.57
C LYS A 88 3.25 -63.85 45.76
N ARG A 89 3.84 -63.35 44.67
CA ARG A 89 4.64 -64.20 43.80
C ARG A 89 5.97 -64.58 44.42
N GLU A 90 6.57 -63.70 45.24
CA GLU A 90 7.87 -63.97 45.84
C GLU A 90 7.76 -64.75 47.14
N GLY A 91 6.62 -65.42 47.37
CA GLY A 91 6.45 -66.25 48.54
C GLY A 91 6.56 -65.52 49.86
N VAL A 92 6.09 -64.28 49.92
CA VAL A 92 6.08 -63.54 51.18
C VAL A 92 4.74 -63.71 51.88
N LEU A 93 3.67 -63.75 51.11
CA LEU A 93 2.33 -64.01 51.62
C LEU A 93 1.67 -65.09 50.77
N GLN A 94 0.63 -65.70 51.32
CA GLN A 94 -0.10 -66.76 50.66
C GLN A 94 -1.52 -66.29 50.38
N ALA A 95 -2.21 -67.03 49.50
CA ALA A 95 -3.59 -66.72 49.16
C ALA A 95 -4.47 -66.57 50.41
N ALA A 96 -4.07 -67.21 51.51
CA ALA A 96 -4.82 -67.09 52.76
C ALA A 96 -4.81 -65.67 53.32
N ASN A 97 -3.76 -64.90 53.04
CA ASN A 97 -3.59 -63.57 53.62
C ASN A 97 -4.42 -62.49 52.94
N PHE A 98 -5.06 -62.79 51.81
CA PHE A 98 -5.70 -61.78 50.98
C PHE A 98 -7.21 -61.92 51.01
N ASP A 99 -7.90 -60.79 51.08
CA ASP A 99 -9.35 -60.88 51.09
C ASP A 99 -9.88 -61.00 49.66
N GLU A 100 -11.21 -61.10 49.55
CA GLU A 100 -11.85 -61.24 48.25
C GLU A 100 -11.56 -60.07 47.31
N ASN A 101 -11.56 -58.84 47.84
CA ASN A 101 -11.24 -57.68 47.01
C ASN A 101 -9.80 -57.71 46.54
N GLY A 102 -8.89 -58.18 47.40
CA GLY A 102 -7.47 -58.20 47.07
C GLY A 102 -6.58 -57.44 48.04
N LEU A 103 -7.01 -57.35 49.29
CA LEU A 103 -6.27 -56.63 50.33
C LEU A 103 -5.78 -57.61 51.39
N ILE A 104 -4.74 -57.21 52.11
CA ILE A 104 -4.15 -58.04 53.16
C ILE A 104 -5.05 -57.97 54.38
N LYS A 105 -5.54 -59.13 54.83
CA LYS A 105 -6.44 -59.20 55.97
C LYS A 105 -5.71 -58.82 57.27
N SER A 106 -6.15 -57.72 57.88
CA SER A 106 -5.69 -57.28 59.19
C SER A 106 -4.16 -57.16 59.24
N LEU A 107 -3.64 -56.27 58.40
CA LEU A 107 -2.23 -55.93 58.41
C LEU A 107 -1.95 -54.87 59.49
N PRO A 108 -0.76 -54.90 60.09
CA PRO A 108 -0.46 -53.96 61.18
C PRO A 108 -0.55 -52.51 60.72
N ASN A 109 -1.23 -51.69 61.53
CA ASN A 109 -1.42 -50.27 61.24
C ASN A 109 -0.36 -49.39 61.91
N THR A 110 0.85 -49.93 62.11
CA THR A 110 1.95 -49.18 62.71
C THR A 110 3.22 -49.36 61.89
N PRO A 111 3.19 -49.03 60.59
CA PRO A 111 4.37 -49.27 59.75
C PRO A 111 5.55 -48.38 60.09
N TRP A 112 5.32 -47.22 60.71
CA TRP A 112 6.44 -46.40 61.17
C TRP A 112 7.18 -47.09 62.31
N GLN A 113 6.45 -47.60 63.30
CA GLN A 113 7.06 -48.37 64.37
C GLN A 113 7.79 -49.59 63.82
N LEU A 114 7.16 -50.31 62.90
CA LEU A 114 7.79 -51.49 62.31
C LEU A 114 9.03 -51.13 61.49
N ARG A 115 9.03 -49.95 60.89
CA ARG A 115 10.19 -49.50 60.12
C ARG A 115 11.36 -49.15 61.05
N ALA A 116 11.11 -48.28 62.04
CA ALA A 116 12.17 -47.85 62.94
C ALA A 116 12.62 -48.96 63.88
N ALA A 117 11.79 -49.98 64.10
CA ALA A 117 12.17 -51.12 64.92
C ALA A 117 12.60 -52.31 64.08
N ALA A 118 12.59 -52.18 62.76
CA ALA A 118 13.20 -53.16 61.89
C ALA A 118 14.71 -53.07 61.89
N LEU A 119 15.25 -52.09 62.61
CA LEU A 119 16.68 -51.94 62.83
C LEU A 119 17.16 -52.71 64.06
N ASP A 120 16.26 -53.41 64.75
CA ASP A 120 16.60 -54.12 65.98
C ASP A 120 16.11 -55.56 66.05
N ARG A 121 15.25 -56.00 65.14
CA ARG A 121 14.68 -57.36 65.21
C ARG A 121 14.23 -57.80 63.83
N LYS A 122 13.98 -59.11 63.72
CA LYS A 122 13.44 -59.73 62.52
C LYS A 122 11.94 -59.42 62.41
N LEU A 123 11.43 -59.50 61.17
CA LEU A 123 10.04 -59.16 60.88
C LEU A 123 9.26 -60.35 60.34
N THR A 124 7.98 -60.37 60.67
CA THR A 124 7.08 -61.44 60.29
C THR A 124 6.74 -61.28 58.82
N PRO A 125 5.96 -62.21 58.25
CA PRO A 125 5.44 -61.95 56.89
C PRO A 125 4.66 -60.64 56.78
N LEU A 126 3.70 -60.43 57.69
CA LEU A 126 2.87 -59.23 57.64
C LEU A 126 3.70 -57.98 57.84
N GLU A 127 4.48 -57.92 58.91
CA GLU A 127 5.23 -56.70 59.21
C GLU A 127 6.14 -56.29 58.07
N TRP A 128 6.83 -57.24 57.45
CA TRP A 128 7.67 -56.94 56.29
C TRP A 128 6.83 -56.41 55.12
N SER A 129 5.72 -57.09 54.82
CA SER A 129 4.86 -56.64 53.74
C SER A 129 4.31 -55.25 53.99
N ALA A 130 3.90 -54.97 55.23
CA ALA A 130 3.35 -53.66 55.58
C ALA A 130 4.41 -52.58 55.44
N VAL A 131 5.63 -52.86 55.89
CA VAL A 131 6.72 -51.91 55.72
C VAL A 131 6.92 -51.59 54.24
N LEU A 132 6.92 -52.62 53.39
CA LEU A 132 7.16 -52.39 51.97
C LEU A 132 6.02 -51.61 51.33
N LEU A 133 4.77 -52.00 51.62
CA LEU A 133 3.62 -51.28 51.08
C LEU A 133 3.60 -49.84 51.54
N HIS A 134 3.95 -49.58 52.80
CA HIS A 134 3.96 -48.23 53.31
C HIS A 134 5.08 -47.40 52.70
N LEU A 135 6.23 -48.03 52.44
CA LEU A 135 7.32 -47.33 51.78
C LEU A 135 6.95 -46.95 50.35
N ILE A 136 6.26 -47.84 49.64
CA ILE A 136 5.92 -47.55 48.26
C ILE A 136 4.77 -46.54 48.17
N LYS A 137 3.79 -46.63 49.08
CA LYS A 137 2.68 -45.69 49.07
C LYS A 137 3.14 -44.28 49.40
N HIS A 138 4.07 -44.14 50.35
CA HIS A 138 4.60 -42.86 50.79
C HIS A 138 6.08 -42.87 50.42
N ARG A 139 6.39 -42.39 49.22
CA ARG A 139 7.72 -42.50 48.65
C ARG A 139 8.42 -41.15 48.47
N GLY A 140 7.88 -40.08 49.07
CA GLY A 140 8.50 -38.78 49.06
C GLY A 140 8.67 -38.18 47.66
N TYR A 141 9.41 -37.07 47.62
CA TYR A 141 9.63 -36.32 46.40
C TYR A 141 11.00 -36.65 45.80
N LEU A 142 11.05 -36.69 44.48
CA LEU A 142 12.27 -36.94 43.73
C LEU A 142 12.65 -35.70 42.95
N SER A 143 13.88 -35.23 43.16
CA SER A 143 14.32 -34.04 42.44
C SER A 143 14.41 -34.34 40.96
N GLN A 144 13.58 -33.66 40.17
CA GLN A 144 13.54 -33.84 38.72
C GLN A 144 14.18 -32.67 37.98
N ARG A 145 14.82 -31.76 38.69
CA ARG A 145 15.44 -30.60 38.09
C ARG A 145 16.66 -31.00 37.28
N LYS A 146 17.09 -30.10 36.40
CA LYS A 146 18.25 -30.35 35.56
C LYS A 146 19.54 -29.89 36.23
N ASN A 147 19.46 -28.85 37.07
CA ASN A 147 20.60 -28.31 37.81
C ASN A 147 21.88 -28.19 36.98
N GLU A 155 13.01 -17.76 47.48
CA GLU A 155 13.87 -18.62 46.68
C GLU A 155 13.48 -20.10 46.84
N LEU A 156 13.05 -20.47 48.04
CA LEU A 156 12.56 -21.82 48.31
C LEU A 156 11.24 -21.75 49.07
N GLY A 157 10.38 -22.73 48.80
CA GLY A 157 9.11 -22.85 49.46
C GLY A 157 9.13 -23.86 50.59
N ALA A 158 7.94 -24.09 51.17
CA ALA A 158 7.80 -25.01 52.30
C ALA A 158 8.28 -26.41 51.95
N LEU A 159 7.96 -26.90 50.75
CA LEU A 159 8.34 -28.26 50.36
C LEU A 159 9.85 -28.44 50.36
N LEU A 160 10.57 -27.59 49.62
CA LEU A 160 12.02 -27.73 49.54
C LEU A 160 12.66 -27.54 50.90
N LYS A 161 12.20 -26.54 51.67
CA LYS A 161 12.78 -26.29 52.98
C LYS A 161 12.59 -27.48 53.91
N GLY A 162 11.38 -28.05 53.94
CA GLY A 162 11.14 -29.23 54.76
C GLY A 162 11.97 -30.43 54.33
N VAL A 163 12.00 -30.69 53.01
CA VAL A 163 12.76 -31.82 52.49
C VAL A 163 14.24 -31.67 52.81
N ALA A 164 14.79 -30.47 52.60
CA ALA A 164 16.21 -30.25 52.88
C ALA A 164 16.49 -30.31 54.38
N GLY A 165 15.59 -29.79 55.21
CA GLY A 165 15.77 -29.89 56.65
C GLY A 165 15.83 -31.33 57.12
N ASN A 166 14.89 -32.16 56.66
CA ASN A 166 14.90 -33.56 57.04
C ASN A 166 16.13 -34.27 56.48
N ALA A 167 16.52 -33.93 55.25
CA ALA A 167 17.70 -34.53 54.64
C ALA A 167 18.95 -34.20 55.47
N HIS A 168 19.09 -32.94 55.85
CA HIS A 168 20.20 -32.53 56.70
C HIS A 168 20.14 -33.20 58.06
N ALA A 169 18.95 -33.34 58.63
CA ALA A 169 18.82 -33.98 59.94
C ALA A 169 19.26 -35.44 59.91
N LEU A 170 18.82 -36.21 58.90
CA LEU A 170 19.27 -37.61 58.87
C LEU A 170 20.73 -37.72 58.44
N GLN A 171 21.21 -36.79 57.62
CA GLN A 171 22.62 -36.76 57.19
C GLN A 171 23.53 -36.31 58.32
N THR A 172 23.00 -35.62 59.33
CA THR A 172 23.81 -35.04 60.40
C THR A 172 24.38 -36.11 61.33
N GLY A 173 23.61 -37.15 61.60
CA GLY A 173 23.95 -38.10 62.64
C GLY A 173 22.83 -38.30 63.64
N ASP A 174 23.01 -39.36 64.44
CA ASP A 174 22.13 -39.69 65.57
C ASP A 174 20.82 -40.27 65.06
N PHE A 175 20.55 -40.14 63.76
CA PHE A 175 19.40 -40.74 63.12
C PHE A 175 19.89 -41.53 61.91
N ARG A 176 19.44 -42.78 61.79
CA ARG A 176 19.81 -43.66 60.69
C ARG A 176 18.90 -43.49 59.48
N THR A 177 17.60 -43.70 59.68
CA THR A 177 16.61 -43.69 58.63
C THR A 177 15.49 -42.71 58.94
N PRO A 178 14.84 -42.17 57.91
CA PRO A 178 13.76 -41.20 58.14
C PRO A 178 12.62 -41.68 59.02
N ALA A 179 12.30 -42.96 59.03
CA ALA A 179 11.26 -43.46 59.93
C ALA A 179 11.65 -43.28 61.40
N GLU A 180 12.91 -43.61 61.72
CA GLU A 180 13.40 -43.44 63.08
C GLU A 180 13.39 -41.97 63.48
N LEU A 181 13.94 -41.12 62.61
CA LEU A 181 13.91 -39.68 62.83
C LEU A 181 12.48 -39.18 63.01
N ALA A 182 11.57 -39.64 62.15
CA ALA A 182 10.16 -39.24 62.23
C ALA A 182 9.60 -39.55 63.62
N LEU A 183 9.68 -40.80 64.04
CA LEU A 183 9.14 -41.17 65.35
C LEU A 183 9.78 -40.32 66.45
N ASN A 184 11.11 -40.27 66.48
CA ASN A 184 11.81 -39.58 67.56
C ASN A 184 11.43 -38.10 67.61
N LYS A 185 11.64 -37.38 66.51
CA LYS A 185 11.44 -35.92 66.50
C LYS A 185 9.97 -35.52 66.36
N PHE A 186 9.31 -35.97 65.28
CA PHE A 186 8.02 -35.40 64.90
C PHE A 186 6.95 -35.71 65.95
N GLU A 187 6.86 -36.95 66.41
CA GLU A 187 5.83 -37.30 67.39
C GLU A 187 6.03 -36.53 68.68
N LYS A 188 7.27 -36.50 69.18
CA LYS A 188 7.55 -35.83 70.44
C LYS A 188 7.24 -34.34 70.36
N GLU A 189 7.66 -33.68 69.29
CA GLU A 189 7.61 -32.22 69.21
C GLU A 189 6.39 -31.67 68.48
N SER A 190 5.57 -32.53 67.89
CA SER A 190 4.39 -32.11 67.12
C SER A 190 3.13 -32.88 67.52
N GLY A 191 3.26 -34.15 67.86
CA GLY A 191 2.11 -34.99 68.16
C GLY A 191 1.55 -35.72 66.96
N HIS A 192 2.27 -35.75 65.85
CA HIS A 192 1.83 -36.43 64.63
C HIS A 192 3.04 -36.61 63.71
N ILE A 193 3.01 -37.69 62.92
CA ILE A 193 4.09 -37.98 61.99
C ILE A 193 3.82 -37.39 60.61
N ARG A 194 2.60 -37.58 60.11
CA ARG A 194 2.27 -37.10 58.77
C ARG A 194 2.02 -35.59 58.80
N ASN A 195 2.05 -35.00 57.61
CA ASN A 195 1.85 -33.56 57.47
C ASN A 195 0.40 -33.17 57.73
N GLN A 196 0.22 -31.93 58.16
CA GLN A 196 -1.09 -31.39 58.50
C GLN A 196 -1.61 -30.51 57.37
N ARG A 197 -2.68 -29.77 57.65
CA ARG A 197 -3.46 -29.05 56.66
C ARG A 197 -2.58 -28.35 55.62
N SER A 198 -1.68 -27.47 56.07
CA SER A 198 -0.78 -26.77 55.16
C SER A 198 0.69 -27.07 55.48
N ASP A 199 0.96 -28.00 56.38
CA ASP A 199 2.32 -28.29 56.79
C ASP A 199 3.07 -29.03 55.69
N TYR A 200 4.38 -28.77 55.61
CA TYR A 200 5.29 -29.49 54.72
C TYR A 200 6.55 -29.93 55.43
N SER A 201 6.59 -29.82 56.77
CA SER A 201 7.83 -30.10 57.50
C SER A 201 8.22 -31.57 57.43
N HIS A 202 7.26 -32.47 57.64
CA HIS A 202 7.55 -33.90 57.74
C HIS A 202 7.52 -34.57 56.36
N THR A 203 8.41 -34.11 55.49
CA THR A 203 8.51 -34.59 54.11
C THR A 203 9.95 -34.94 53.80
N PHE A 204 10.16 -36.08 53.14
CA PHE A 204 11.49 -36.62 52.93
C PHE A 204 11.79 -36.74 51.45
N SER A 205 13.09 -36.81 51.14
CA SER A 205 13.53 -37.06 49.77
C SER A 205 13.35 -38.52 49.41
N ARG A 206 12.99 -38.78 48.15
CA ARG A 206 12.94 -40.15 47.66
C ARG A 206 14.28 -40.85 47.78
N LYS A 207 15.38 -40.09 47.61
CA LYS A 207 16.70 -40.68 47.78
C LYS A 207 16.87 -41.22 49.21
N ASP A 208 16.40 -40.45 50.19
CA ASP A 208 16.49 -40.88 51.60
C ASP A 208 15.67 -42.15 51.86
N LEU A 209 14.46 -42.23 51.31
CA LEU A 209 13.66 -43.43 51.52
C LEU A 209 14.23 -44.63 50.76
N GLN A 210 14.83 -44.40 49.60
CA GLN A 210 15.51 -45.49 48.91
C GLN A 210 16.68 -46.01 49.73
N ALA A 211 17.47 -45.10 50.29
CA ALA A 211 18.56 -45.53 51.17
C ALA A 211 18.04 -46.38 52.31
N GLU A 212 16.97 -45.90 52.95
CA GLU A 212 16.30 -46.68 53.99
C GLU A 212 15.92 -48.05 53.45
N LEU A 213 15.46 -48.10 52.21
CA LEU A 213 15.08 -49.39 51.63
C LEU A 213 16.30 -50.31 51.51
N ILE A 214 17.42 -49.82 50.97
CA ILE A 214 18.55 -50.74 50.81
C ILE A 214 19.07 -51.17 52.17
N LEU A 215 19.15 -50.25 53.13
CA LEU A 215 19.63 -50.61 54.45
C LEU A 215 18.71 -51.65 55.08
N LEU A 216 17.39 -51.42 55.01
CA LEU A 216 16.44 -52.38 55.57
C LEU A 216 16.62 -53.76 54.96
N PHE A 217 16.75 -53.84 53.64
CA PHE A 217 16.94 -55.15 53.02
C PHE A 217 18.20 -55.84 53.53
N GLU A 218 19.32 -55.14 53.59
CA GLU A 218 20.54 -55.85 54.00
C GLU A 218 20.47 -56.25 55.49
N LYS A 219 19.95 -55.36 56.35
CA LYS A 219 19.80 -55.68 57.77
C LYS A 219 18.87 -56.87 57.96
N GLN A 220 17.71 -56.86 57.31
CA GLN A 220 16.80 -58.00 57.45
C GLN A 220 17.40 -59.26 56.84
N LYS A 221 18.27 -59.11 55.85
CA LYS A 221 18.99 -60.27 55.32
C LYS A 221 19.80 -60.94 56.43
N GLU A 222 20.57 -60.17 57.19
CA GLU A 222 21.27 -60.80 58.31
C GLU A 222 20.30 -61.29 59.39
N PHE A 223 19.23 -60.53 59.67
CA PHE A 223 18.31 -60.88 60.75
C PHE A 223 17.41 -62.06 60.38
N GLY A 224 17.97 -63.20 59.99
CA GLY A 224 17.12 -64.28 59.51
C GLY A 224 16.32 -63.83 58.30
N ASN A 225 14.99 -63.79 58.46
CA ASN A 225 14.07 -63.24 57.46
C ASN A 225 14.21 -63.88 56.08
N PRO A 226 13.53 -65.00 55.82
CA PRO A 226 13.68 -65.68 54.53
C PRO A 226 13.52 -64.78 53.31
N HIS A 227 12.67 -63.76 53.37
CA HIS A 227 12.32 -62.98 52.19
C HIS A 227 13.15 -61.71 52.08
N VAL A 228 14.41 -61.90 51.69
CA VAL A 228 15.29 -60.81 51.28
C VAL A 228 15.79 -61.15 49.89
N SER A 229 14.95 -61.87 49.13
CA SER A 229 15.28 -62.29 47.77
C SER A 229 15.78 -61.13 46.92
N GLY A 230 16.72 -61.45 46.03
CA GLY A 230 17.14 -60.47 45.02
C GLY A 230 15.99 -59.98 44.17
N GLY A 231 15.17 -60.91 43.67
CA GLY A 231 14.00 -60.53 42.89
C GLY A 231 13.09 -59.56 43.64
N LEU A 232 12.78 -59.88 44.90
CA LEU A 232 11.93 -59.00 45.70
C LEU A 232 12.54 -57.62 45.85
N LYS A 233 13.82 -57.55 46.24
CA LYS A 233 14.48 -56.26 46.41
C LYS A 233 14.45 -55.45 45.12
N GLU A 234 14.83 -56.07 44.00
CA GLU A 234 14.84 -55.37 42.72
C GLU A 234 13.45 -54.86 42.36
N GLY A 235 12.45 -55.73 42.43
CA GLY A 235 11.08 -55.32 42.14
C GLY A 235 10.61 -54.17 43.00
N ILE A 236 10.81 -54.28 44.32
CA ILE A 236 10.34 -53.25 45.24
C ILE A 236 11.04 -51.93 44.96
N GLU A 237 12.36 -51.96 44.78
CA GLU A 237 13.09 -50.74 44.46
C GLU A 237 12.61 -50.13 43.15
N THR A 238 12.45 -50.96 42.12
CA THR A 238 11.93 -50.49 40.84
C THR A 238 10.58 -49.80 41.00
N LEU A 239 9.69 -50.41 41.77
CA LEU A 239 8.37 -49.83 41.98
C LEU A 239 8.46 -48.50 42.75
N LEU A 240 9.32 -48.44 43.76
CA LEU A 240 9.44 -47.22 44.56
C LEU A 240 10.09 -46.09 43.78
N MET A 241 10.98 -46.42 42.83
CA MET A 241 11.80 -45.40 42.17
C MET A 241 11.27 -44.98 40.81
N THR A 242 10.60 -45.86 40.08
CA THR A 242 10.24 -45.59 38.70
C THR A 242 9.03 -44.68 38.60
N GLN A 243 9.11 -43.70 37.72
CA GLN A 243 7.99 -42.86 37.34
C GLN A 243 8.21 -42.41 35.90
N ARG A 244 7.11 -42.18 35.19
CA ARG A 244 7.21 -41.92 33.76
C ARG A 244 7.92 -40.59 33.48
N PRO A 245 8.51 -40.44 32.30
CA PRO A 245 9.19 -39.19 31.97
C PRO A 245 8.20 -38.09 31.62
N ALA A 246 8.56 -36.87 32.01
CA ALA A 246 7.72 -35.72 31.68
C ALA A 246 7.59 -35.54 30.18
N LEU A 247 8.69 -35.71 29.45
CA LEU A 247 8.71 -35.53 27.99
C LEU A 247 8.89 -36.88 27.32
N SER A 248 7.88 -37.27 26.54
CA SER A 248 7.77 -38.64 26.04
C SER A 248 8.91 -39.03 25.12
N GLY A 249 9.47 -38.06 24.40
CA GLY A 249 10.37 -38.33 23.29
C GLY A 249 9.74 -38.04 21.95
N ASP A 250 8.49 -37.58 21.95
CA ASP A 250 7.85 -37.04 20.75
C ASP A 250 7.14 -35.71 21.00
N ALA A 251 6.90 -35.34 22.26
CA ALA A 251 6.22 -34.10 22.62
C ALA A 251 6.88 -32.86 21.99
N VAL A 252 8.21 -32.76 22.11
CA VAL A 252 8.88 -31.49 21.84
C VAL A 252 8.69 -31.09 20.38
N GLN A 253 8.93 -32.01 19.46
CA GLN A 253 8.70 -31.71 18.04
C GLN A 253 7.23 -31.40 17.78
N LYS A 254 6.33 -32.15 18.42
CA LYS A 254 4.90 -31.90 18.26
C LYS A 254 4.52 -30.47 18.66
N MET A 255 5.30 -29.83 19.53
CA MET A 255 5.03 -28.44 19.92
C MET A 255 5.97 -27.43 19.26
N LEU A 256 6.75 -27.83 18.25
CA LEU A 256 7.91 -27.01 17.87
C LEU A 256 7.55 -25.77 17.06
N GLY A 257 7.05 -25.94 15.86
CA GLY A 257 6.80 -24.76 15.05
C GLY A 257 7.81 -24.63 13.92
N HIS A 258 7.41 -23.92 12.86
CA HIS A 258 8.15 -23.89 11.61
C HIS A 258 9.24 -22.81 11.61
N CYS A 259 10.10 -22.88 10.58
CA CYS A 259 11.11 -21.87 10.34
C CYS A 259 10.51 -20.65 9.64
N THR A 260 11.21 -19.52 9.75
CA THR A 260 10.76 -18.31 9.07
C THR A 260 10.83 -18.47 7.55
N PHE A 261 11.95 -18.99 7.05
CA PHE A 261 12.21 -19.03 5.62
C PHE A 261 11.82 -20.35 4.97
N GLU A 262 11.98 -21.48 5.66
CA GLU A 262 11.68 -22.80 5.11
C GLU A 262 10.64 -23.46 6.01
N PRO A 263 9.34 -23.34 5.70
CA PRO A 263 8.32 -23.91 6.58
C PRO A 263 8.42 -25.42 6.72
N ALA A 264 9.00 -26.11 5.73
CA ALA A 264 9.22 -27.55 5.85
C ALA A 264 10.16 -27.85 7.00
N GLU A 265 11.26 -27.09 7.12
CA GLU A 265 12.28 -27.38 8.12
C GLU A 265 11.90 -26.78 9.48
N PRO A 266 12.16 -27.47 10.57
CA PRO A 266 11.90 -26.91 11.90
C PRO A 266 13.06 -26.01 12.36
N LYS A 267 12.71 -25.12 13.29
CA LYS A 267 13.70 -24.20 13.85
C LYS A 267 14.75 -24.94 14.66
N ALA A 268 15.94 -24.34 14.75
CA ALA A 268 17.09 -24.93 15.42
C ALA A 268 17.12 -24.57 16.90
N ALA A 269 17.77 -25.43 17.69
CA ALA A 269 17.92 -25.19 19.12
C ALA A 269 18.96 -24.09 19.38
N LYS A 270 18.76 -23.34 20.48
CA LYS A 270 19.72 -22.30 20.83
C LYS A 270 21.08 -22.87 21.17
N ASN A 271 21.10 -23.99 21.89
CA ASN A 271 22.36 -24.60 22.30
C ASN A 271 22.89 -25.45 21.16
N THR A 272 23.37 -24.75 20.14
CA THR A 272 23.79 -25.36 18.88
C THR A 272 24.87 -24.47 18.29
N TYR A 273 25.99 -25.07 17.89
CA TYR A 273 27.13 -24.30 17.41
C TYR A 273 26.71 -23.31 16.32
N THR A 274 25.90 -23.78 15.37
CA THR A 274 25.46 -22.91 14.29
C THR A 274 24.55 -21.80 14.82
N ALA A 275 23.56 -22.14 15.64
CA ALA A 275 22.64 -21.14 16.17
C ALA A 275 23.32 -20.19 17.14
N GLU A 276 24.21 -20.71 17.99
CA GLU A 276 24.94 -19.85 18.91
C GLU A 276 25.88 -18.92 18.16
N ARG A 277 26.54 -19.44 17.12
CA ARG A 277 27.34 -18.61 16.24
C ARG A 277 26.48 -17.54 15.58
N PHE A 278 25.25 -17.89 15.22
CA PHE A 278 24.35 -16.92 14.60
C PHE A 278 23.99 -15.80 15.57
N ILE A 279 23.67 -16.16 16.82
CA ILE A 279 23.35 -15.15 17.83
C ILE A 279 24.55 -14.25 18.07
N TRP A 280 25.74 -14.85 18.16
CA TRP A 280 26.95 -14.06 18.40
C TRP A 280 27.27 -13.15 17.23
N LEU A 281 27.08 -13.63 16.00
CA LEU A 281 27.32 -12.79 14.83
C LEU A 281 26.31 -11.65 14.74
N THR A 282 25.05 -11.92 15.06
CA THR A 282 24.05 -10.86 15.13
C THR A 282 24.46 -9.79 16.13
N LYS A 283 24.81 -10.22 17.35
CA LYS A 283 25.20 -9.26 18.39
C LYS A 283 26.42 -8.45 17.97
N LEU A 284 27.41 -9.12 17.39
CA LEU A 284 28.64 -8.44 17.00
C LEU A 284 28.40 -7.44 15.88
N ASN A 285 27.73 -7.88 14.81
CA ASN A 285 27.50 -7.01 13.66
C ASN A 285 26.56 -5.87 14.00
N ASN A 286 25.68 -6.05 14.99
CA ASN A 286 24.74 -5.02 15.37
C ASN A 286 25.28 -4.07 16.44
N LEU A 287 26.47 -4.33 16.98
CA LEU A 287 27.02 -3.46 18.01
C LEU A 287 27.36 -2.08 17.44
N ARG A 288 26.96 -1.04 18.15
CA ARG A 288 27.27 0.32 17.80
C ARG A 288 28.00 1.00 18.94
N ILE A 289 28.89 1.92 18.58
CA ILE A 289 29.68 2.66 19.56
C ILE A 289 29.52 4.15 19.29
N LEU A 290 29.35 4.91 20.37
CA LEU A 290 29.17 6.35 20.36
C LEU A 290 30.44 6.99 20.93
N GLU A 291 31.06 7.89 20.17
CA GLU A 291 32.30 8.51 20.61
C GLU A 291 32.12 9.95 21.08
N GLN A 292 31.91 10.89 20.16
CA GLN A 292 31.73 12.29 20.52
C GLN A 292 30.58 12.84 19.67
N GLY A 293 29.36 12.51 20.05
CA GLY A 293 28.22 12.90 19.25
C GLY A 293 28.07 12.14 17.96
N SER A 294 28.79 11.03 17.78
CA SER A 294 28.74 10.26 16.56
C SER A 294 28.46 8.80 16.87
N GLU A 295 28.08 8.06 15.82
CA GLU A 295 27.70 6.66 15.92
C GLU A 295 28.44 5.89 14.84
N ARG A 296 29.01 4.74 15.19
CA ARG A 296 29.74 3.95 14.20
C ARG A 296 29.66 2.50 14.56
N PRO A 297 29.69 1.60 13.57
CA PRO A 297 29.78 0.17 13.83
C PRO A 297 31.22 -0.23 14.14
N LEU A 298 31.38 -1.48 14.61
CA LEU A 298 32.72 -2.03 14.75
C LEU A 298 33.34 -2.25 13.38
N THR A 299 34.63 -1.93 13.27
CA THR A 299 35.35 -2.11 12.02
C THR A 299 35.68 -3.59 11.82
N ASP A 300 36.16 -3.91 10.62
CA ASP A 300 36.50 -5.30 10.30
C ASP A 300 37.56 -5.83 11.25
N THR A 301 38.56 -5.00 11.58
CA THR A 301 39.61 -5.44 12.49
C THR A 301 39.09 -5.58 13.91
N GLU A 302 38.19 -4.70 14.33
CA GLU A 302 37.58 -4.80 15.64
C GLU A 302 36.76 -6.09 15.77
N ARG A 303 36.00 -6.41 14.71
CA ARG A 303 35.19 -7.62 14.71
C ARG A 303 36.08 -8.86 14.70
N ALA A 304 37.16 -8.84 13.92
CA ALA A 304 38.09 -9.96 13.91
C ALA A 304 38.80 -10.11 15.25
N THR A 305 39.04 -9.00 15.96
CA THR A 305 39.59 -9.07 17.30
C THR A 305 38.65 -9.81 18.24
N LEU A 306 37.35 -9.50 18.16
CA LEU A 306 36.41 -10.05 19.15
C LEU A 306 35.87 -11.44 18.79
N MET A 307 35.86 -11.82 17.50
CA MET A 307 35.03 -12.93 17.06
C MET A 307 35.34 -14.22 17.81
N ASP A 308 36.62 -14.60 17.89
CA ASP A 308 36.98 -15.87 18.51
C ASP A 308 36.98 -15.83 20.03
N GLU A 309 36.79 -14.67 20.64
CA GLU A 309 36.97 -14.49 22.08
C GLU A 309 35.95 -15.24 22.94
N PRO A 310 34.65 -15.23 22.61
CA PRO A 310 33.70 -15.98 23.45
C PRO A 310 34.02 -17.46 23.55
N TYR A 311 34.68 -18.03 22.53
CA TYR A 311 35.14 -19.41 22.65
C TYR A 311 36.34 -19.51 23.57
N ARG A 312 37.15 -18.46 23.64
CA ARG A 312 38.39 -18.43 24.40
C ARG A 312 38.20 -18.00 25.85
N LYS A 313 37.03 -17.47 26.21
CA LYS A 313 36.75 -17.01 27.56
C LYS A 313 35.42 -17.55 28.04
N SER A 314 35.19 -17.44 29.35
CA SER A 314 33.89 -17.77 29.91
C SER A 314 32.79 -16.87 29.34
N LYS A 315 33.00 -15.55 29.36
CA LYS A 315 32.02 -14.57 28.93
C LYS A 315 32.72 -13.46 28.18
N LEU A 316 31.99 -12.74 27.32
CA LEU A 316 32.65 -11.66 26.57
C LEU A 316 32.69 -10.36 27.38
N THR A 317 31.57 -9.96 28.01
CA THR A 317 31.62 -8.84 28.96
C THR A 317 32.02 -7.50 28.35
N TYR A 318 31.05 -6.69 27.93
CA TYR A 318 31.29 -5.36 27.36
C TYR A 318 32.54 -4.67 27.88
N ALA A 319 32.81 -4.74 29.19
CA ALA A 319 34.03 -4.13 29.71
C ALA A 319 35.27 -4.82 29.14
N GLN A 320 35.23 -6.16 29.03
CA GLN A 320 36.32 -6.89 28.42
C GLN A 320 36.48 -6.53 26.94
N ALA A 321 35.36 -6.35 26.23
CA ALA A 321 35.45 -5.90 24.84
C ALA A 321 36.13 -4.54 24.75
N ARG A 322 35.76 -3.63 25.64
CA ARG A 322 36.43 -2.33 25.73
C ARG A 322 37.92 -2.50 25.94
N LYS A 323 38.31 -3.40 26.83
CA LYS A 323 39.74 -3.64 27.06
C LYS A 323 40.41 -4.15 25.79
N LEU A 324 39.82 -5.15 25.14
CA LEU A 324 40.45 -5.74 23.95
C LEU A 324 40.58 -4.75 22.83
N LEU A 325 39.65 -3.82 22.68
CA LEU A 325 39.75 -2.84 21.61
C LEU A 325 40.48 -1.58 22.03
N GLY A 326 40.88 -1.46 23.30
CA GLY A 326 41.55 -0.27 23.79
C GLY A 326 40.71 0.93 23.42
N LEU A 327 39.41 0.87 23.70
CA LEU A 327 38.47 1.74 23.01
C LEU A 327 38.76 3.21 23.31
N GLU A 328 38.34 3.69 24.49
CA GLU A 328 38.78 4.94 25.11
C GLU A 328 37.82 5.25 26.26
N ASP A 329 38.11 6.27 27.07
CA ASP A 329 37.13 6.66 28.07
C ASP A 329 36.00 7.47 27.45
N THR A 330 36.25 8.11 26.31
CA THR A 330 35.28 8.93 25.61
C THR A 330 34.30 8.13 24.76
N ALA A 331 34.56 6.85 24.51
CA ALA A 331 33.72 6.04 23.64
C ALA A 331 32.86 5.10 24.48
N PHE A 332 31.57 5.01 24.13
CA PHE A 332 30.63 4.19 24.86
C PHE A 332 29.83 3.31 23.90
N PHE A 333 29.22 2.27 24.44
CA PHE A 333 28.39 1.36 23.66
C PHE A 333 26.96 1.87 23.58
N LYS A 334 26.37 1.75 22.40
CA LYS A 334 24.98 2.17 22.19
C LYS A 334 24.03 1.17 22.84
N GLY A 335 22.92 1.69 23.37
CA GLY A 335 21.89 0.84 23.95
C GLY A 335 22.27 0.21 25.26
N LEU A 336 22.97 0.96 26.12
CA LEU A 336 23.43 0.48 27.41
C LEU A 336 23.07 1.53 28.46
N ARG A 337 22.34 1.12 29.48
CA ARG A 337 22.01 2.06 30.56
C ARG A 337 23.24 2.31 31.40
N TYR A 338 24.02 3.34 31.03
CA TYR A 338 25.23 3.68 31.78
C TYR A 338 24.95 4.32 33.13
N GLY A 339 23.70 4.69 33.40
CA GLY A 339 23.36 5.18 34.73
C GLY A 339 23.50 4.10 35.81
N LYS A 340 23.54 2.82 35.40
CA LYS A 340 23.32 1.68 36.28
C LYS A 340 24.52 1.23 37.12
N ASP A 341 25.68 1.92 37.06
CA ASP A 341 26.81 1.56 37.93
C ASP A 341 27.31 0.14 37.67
N ASN A 342 28.29 0.00 36.75
CA ASN A 342 28.81 -1.27 36.19
C ASN A 342 27.88 -1.80 35.10
N ALA A 343 27.52 -0.91 34.18
CA ALA A 343 26.70 -1.30 33.05
C ALA A 343 27.46 -2.23 32.11
N GLU A 344 28.79 -2.08 32.04
CA GLU A 344 29.57 -2.90 31.12
C GLU A 344 29.93 -4.24 31.72
N ALA A 345 29.45 -4.56 32.92
CA ALA A 345 29.62 -5.91 33.46
C ALA A 345 28.61 -6.88 32.86
N SER A 346 27.69 -6.37 32.04
CA SER A 346 26.71 -7.22 31.40
C SER A 346 27.38 -8.18 30.42
N THR A 347 26.85 -9.40 30.36
CA THR A 347 27.39 -10.39 29.45
C THR A 347 27.09 -9.97 28.02
N LEU A 348 28.13 -9.88 27.19
CA LEU A 348 27.91 -9.51 25.81
C LEU A 348 27.66 -10.75 24.96
N MET A 349 28.33 -11.85 25.31
CA MET A 349 28.08 -13.13 24.66
C MET A 349 28.67 -14.23 25.53
N GLU A 350 27.98 -15.37 25.55
CA GLU A 350 28.43 -16.54 26.30
C GLU A 350 28.03 -17.76 25.50
N MET A 351 29.02 -18.45 24.91
CA MET A 351 28.75 -19.66 24.16
C MET A 351 28.39 -20.75 25.17
N LYS A 352 27.13 -20.72 25.61
CA LYS A 352 26.69 -21.59 26.68
C LYS A 352 26.84 -23.06 26.30
N ALA A 353 26.45 -23.41 25.07
CA ALA A 353 26.53 -24.80 24.64
C ALA A 353 27.98 -25.27 24.52
N TYR A 354 28.81 -24.48 23.83
CA TYR A 354 30.24 -24.81 23.69
C TYR A 354 30.89 -25.06 25.04
N HIS A 355 30.84 -24.05 25.93
CA HIS A 355 31.47 -24.19 27.23
C HIS A 355 30.80 -25.26 28.09
N ALA A 356 29.51 -25.52 27.88
CA ALA A 356 28.83 -26.56 28.64
C ALA A 356 29.36 -27.94 28.25
N ILE A 357 29.43 -28.22 26.96
CA ILE A 357 30.02 -29.48 26.48
C ILE A 357 31.46 -29.60 26.97
N SER A 358 32.22 -28.50 26.84
CA SER A 358 33.62 -28.50 27.27
C SER A 358 33.73 -28.84 28.75
N ARG A 359 32.95 -28.15 29.59
CA ARG A 359 33.02 -28.39 31.04
C ARG A 359 32.56 -29.78 31.40
N ALA A 360 31.57 -30.33 30.68
CA ALA A 360 31.16 -31.70 30.95
C ALA A 360 32.31 -32.67 30.70
N LEU A 361 32.96 -32.55 29.54
CA LEU A 361 34.07 -33.44 29.23
C LEU A 361 35.27 -33.18 30.15
N GLU A 362 35.47 -31.93 30.57
CA GLU A 362 36.54 -31.62 31.51
C GLU A 362 36.31 -32.24 32.88
N LYS A 363 35.09 -32.12 33.40
CA LYS A 363 34.77 -32.71 34.69
C LYS A 363 34.70 -34.21 34.64
N GLU A 364 34.53 -34.81 33.46
CA GLU A 364 34.51 -36.26 33.34
C GLU A 364 35.83 -36.84 32.84
N GLY A 365 36.84 -36.01 32.60
CA GLY A 365 38.18 -36.47 32.34
C GLY A 365 38.50 -36.83 30.91
N LEU A 366 37.69 -36.39 29.94
CA LEU A 366 37.98 -36.60 28.53
C LEU A 366 38.39 -35.32 27.83
N LYS A 367 38.49 -34.22 28.57
CA LYS A 367 38.86 -32.91 28.02
C LYS A 367 39.84 -32.23 28.97
N ASP A 368 40.83 -31.57 28.40
CA ASP A 368 41.82 -30.81 29.15
C ASP A 368 41.56 -29.32 28.98
N LYS A 369 41.72 -28.56 30.06
CA LYS A 369 41.58 -27.11 29.98
C LYS A 369 42.64 -26.54 29.04
N LYS A 370 42.35 -25.33 28.54
CA LYS A 370 43.23 -24.63 27.59
C LYS A 370 43.50 -25.48 26.35
N SER A 371 42.45 -26.12 25.83
CA SER A 371 42.53 -26.88 24.60
C SER A 371 41.16 -26.84 23.94
N PRO A 372 41.08 -26.62 22.64
CA PRO A 372 39.77 -26.49 21.98
C PRO A 372 38.98 -27.78 22.01
N LEU A 373 37.69 -27.65 21.72
CA LEU A 373 36.83 -28.82 21.58
C LEU A 373 37.15 -29.56 20.29
N ASN A 374 37.29 -30.88 20.38
CA ASN A 374 37.69 -31.69 19.25
C ASN A 374 36.51 -32.21 18.44
N LEU A 375 35.32 -31.68 18.66
CA LEU A 375 34.11 -32.14 17.98
C LEU A 375 33.79 -31.24 16.80
N SER A 376 33.27 -31.85 15.73
CA SER A 376 32.89 -31.11 14.54
C SER A 376 31.80 -30.10 14.86
N PRO A 377 31.74 -28.98 14.14
CA PRO A 377 30.56 -28.11 14.23
C PRO A 377 29.26 -28.88 14.06
N GLU A 378 29.17 -29.74 13.04
CA GLU A 378 27.97 -30.55 12.85
C GLU A 378 27.71 -31.43 14.07
N LEU A 379 28.75 -32.00 14.66
CA LEU A 379 28.55 -32.85 15.84
C LEU A 379 27.96 -32.04 17.00
N GLN A 380 28.44 -30.81 17.20
CA GLN A 380 27.88 -29.99 18.27
C GLN A 380 26.44 -29.61 17.97
N ASP A 381 26.13 -29.35 16.70
CA ASP A 381 24.75 -29.14 16.29
C ASP A 381 23.88 -30.33 16.66
N GLU A 382 24.32 -31.53 16.28
CA GLU A 382 23.54 -32.74 16.58
C GLU A 382 23.33 -32.92 18.07
N ILE A 383 24.38 -32.72 18.86
CA ILE A 383 24.29 -32.83 20.31
C ILE A 383 23.23 -31.86 20.84
N GLY A 384 23.33 -30.60 20.45
CA GLY A 384 22.38 -29.60 20.91
C GLY A 384 20.95 -29.93 20.56
N THR A 385 20.68 -30.24 19.29
CA THR A 385 19.32 -30.55 18.87
C THR A 385 18.78 -31.78 19.57
N ALA A 386 19.59 -32.84 19.70
CA ALA A 386 19.11 -34.05 20.36
C ALA A 386 18.77 -33.79 21.83
N PHE A 387 19.65 -33.08 22.54
CA PHE A 387 19.39 -32.80 23.95
C PHE A 387 18.19 -31.88 24.12
N SER A 388 18.01 -30.94 23.19
CA SER A 388 16.89 -30.00 23.29
C SER A 388 15.57 -30.63 22.89
N LEU A 389 15.60 -31.62 22.00
CA LEU A 389 14.41 -32.32 21.53
C LEU A 389 14.05 -33.52 22.39
N PHE A 390 14.98 -34.02 23.20
CA PHE A 390 14.82 -35.30 23.90
C PHE A 390 15.45 -35.14 25.28
N LYS A 391 14.73 -35.57 26.32
CA LYS A 391 15.19 -35.37 27.69
C LYS A 391 15.46 -36.67 28.44
N THR A 392 15.31 -37.82 27.81
CA THR A 392 15.57 -39.11 28.45
C THR A 392 16.81 -39.74 27.86
N ASP A 393 17.52 -40.52 28.70
CA ASP A 393 18.72 -41.20 28.25
C ASP A 393 18.46 -42.10 27.05
N GLU A 394 17.36 -42.86 27.08
CA GLU A 394 17.05 -43.76 25.96
C GLU A 394 16.91 -42.98 24.66
N ASP A 395 16.17 -41.86 24.68
CA ASP A 395 15.88 -41.16 23.44
C ASP A 395 17.13 -40.51 22.87
N ILE A 396 17.87 -39.77 23.70
CA ILE A 396 19.11 -39.13 23.26
C ILE A 396 20.10 -40.18 22.77
N THR A 397 20.19 -41.31 23.48
CA THR A 397 21.07 -42.39 23.08
C THR A 397 20.71 -42.92 21.69
N GLY A 398 19.46 -43.36 21.53
CA GLY A 398 19.02 -43.82 20.22
C GLY A 398 19.21 -42.79 19.13
N ARG A 399 19.22 -41.50 19.50
CA ARG A 399 19.36 -40.47 18.48
C ARG A 399 20.81 -40.26 18.07
N LEU A 400 21.75 -40.26 19.03
CA LEU A 400 23.13 -39.89 18.72
C LEU A 400 24.18 -40.83 19.28
N LYS A 401 23.80 -41.96 19.90
CA LYS A 401 24.85 -42.92 20.27
C LYS A 401 25.43 -43.63 19.06
N ASP A 402 24.88 -43.35 17.88
CA ASP A 402 25.39 -43.91 16.64
C ASP A 402 26.56 -43.11 16.08
N ARG A 403 26.56 -41.79 16.28
CA ARG A 403 27.47 -40.90 15.58
C ARG A 403 28.56 -40.29 16.44
N ILE A 404 28.62 -40.60 17.74
CA ILE A 404 29.70 -40.15 18.62
C ILE A 404 30.12 -41.31 19.52
N GLN A 405 31.28 -41.15 20.17
CA GLN A 405 31.81 -42.22 21.02
C GLN A 405 30.98 -42.37 22.29
N PRO A 406 30.79 -43.60 22.77
CA PRO A 406 29.96 -43.81 23.98
C PRO A 406 30.49 -43.11 25.23
N GLU A 407 31.81 -42.94 25.36
CA GLU A 407 32.36 -42.25 26.53
C GLU A 407 31.85 -40.82 26.59
N ILE A 408 31.95 -40.11 25.46
CA ILE A 408 31.45 -38.74 25.35
C ILE A 408 29.96 -38.70 25.69
N LEU A 409 29.21 -39.67 25.15
CA LEU A 409 27.78 -39.74 25.42
C LEU A 409 27.48 -39.90 26.90
N GLU A 410 28.21 -40.77 27.59
CA GLU A 410 27.99 -40.95 29.02
C GLU A 410 28.23 -39.65 29.77
N ALA A 411 29.34 -38.98 29.47
CA ALA A 411 29.62 -37.71 30.14
C ALA A 411 28.51 -36.68 29.87
N LEU A 412 28.09 -36.57 28.62
CA LEU A 412 27.10 -35.57 28.25
C LEU A 412 25.75 -35.86 28.92
N LEU A 413 25.33 -37.12 28.92
CA LEU A 413 24.12 -37.49 29.63
C LEU A 413 24.25 -37.21 31.12
N LYS A 414 25.48 -37.26 31.64
CA LYS A 414 25.68 -36.94 33.04
C LYS A 414 25.48 -35.45 33.32
N HIS A 415 25.88 -34.56 32.40
CA HIS A 415 26.03 -33.15 32.77
C HIS A 415 25.22 -32.11 31.99
N ILE A 416 24.56 -32.45 30.88
CA ILE A 416 24.05 -31.45 29.95
C ILE A 416 22.53 -31.29 30.06
N SER A 417 22.04 -30.05 29.93
CA SER A 417 20.61 -29.77 29.80
C SER A 417 20.38 -28.57 28.89
N PHE A 418 19.67 -28.77 27.77
CA PHE A 418 19.43 -27.77 26.74
C PHE A 418 17.95 -27.54 26.48
N ASP A 419 17.58 -26.29 26.15
CA ASP A 419 16.20 -25.92 25.81
C ASP A 419 16.22 -24.75 24.83
N LYS A 420 15.02 -24.24 24.49
CA LYS A 420 14.91 -22.92 23.82
C LYS A 420 15.45 -22.80 22.40
N PHE A 421 14.57 -22.87 21.39
CA PHE A 421 14.90 -22.87 19.96
C PHE A 421 14.97 -21.44 19.39
N VAL A 422 15.57 -21.32 18.20
CA VAL A 422 16.08 -20.03 17.68
C VAL A 422 15.26 -19.48 16.49
N GLN A 423 14.04 -19.94 16.25
CA GLN A 423 13.15 -19.38 15.23
C GLN A 423 13.62 -19.57 13.78
N ILE A 424 14.80 -20.14 13.53
CA ILE A 424 15.30 -20.33 12.17
C ILE A 424 15.86 -21.75 12.03
N SER A 425 15.63 -22.35 10.86
CA SER A 425 16.09 -23.70 10.59
C SER A 425 17.61 -23.77 10.48
N LEU A 426 18.15 -24.96 10.77
CA LEU A 426 19.58 -25.18 10.62
C LEU A 426 20.05 -24.96 9.19
N LYS A 427 19.27 -25.41 8.20
CA LYS A 427 19.60 -25.21 6.79
C LYS A 427 19.80 -23.72 6.47
N ALA A 428 18.77 -22.92 6.72
CA ALA A 428 18.86 -21.49 6.46
C ALA A 428 19.96 -20.86 7.30
N LEU A 429 20.11 -21.30 8.55
CA LEU A 429 21.15 -20.76 9.40
C LEU A 429 22.53 -21.04 8.82
N ARG A 430 22.73 -22.23 8.25
CA ARG A 430 24.01 -22.59 7.67
C ARG A 430 24.28 -21.79 6.40
N ARG A 431 23.23 -21.45 5.66
CA ARG A 431 23.42 -20.56 4.52
C ARG A 431 23.79 -19.16 4.99
N ILE A 432 23.15 -18.68 6.06
CA ILE A 432 23.29 -17.27 6.44
C ILE A 432 24.57 -17.00 7.22
N VAL A 433 25.03 -17.93 8.05
CA VAL A 433 26.11 -17.61 8.98
C VAL A 433 27.44 -17.33 8.27
N PRO A 434 27.80 -17.95 7.13
CA PRO A 434 29.00 -17.45 6.43
C PRO A 434 28.81 -16.04 5.90
N LEU A 435 27.63 -15.79 5.31
CA LEU A 435 27.33 -14.47 4.77
C LEU A 435 27.40 -13.41 5.86
N MET A 436 26.92 -13.73 7.07
CA MET A 436 27.06 -12.79 8.17
C MET A 436 28.50 -12.75 8.68
N GLU A 437 29.22 -13.87 8.57
CA GLU A 437 30.62 -13.92 9.00
C GLU A 437 31.47 -12.93 8.22
N GLN A 438 31.19 -12.77 6.92
CA GLN A 438 31.99 -11.85 6.13
C GLN A 438 31.52 -10.40 6.25
N GLY A 439 30.84 -10.04 7.34
CA GLY A 439 30.56 -8.66 7.68
C GLY A 439 29.21 -8.13 7.27
N LYS A 440 28.35 -8.96 6.68
CA LYS A 440 27.04 -8.51 6.26
C LYS A 440 26.04 -8.57 7.40
N ARG A 441 25.07 -7.65 7.38
CA ARG A 441 24.00 -7.66 8.36
C ARG A 441 23.02 -8.80 8.10
N TYR A 442 22.19 -9.09 9.10
CA TYR A 442 21.20 -10.15 8.97
C TYR A 442 20.27 -9.89 7.78
N ASP A 443 19.69 -8.69 7.73
CA ASP A 443 18.77 -8.37 6.64
C ASP A 443 19.46 -8.48 5.28
N GLU A 444 20.72 -8.03 5.21
CA GLU A 444 21.46 -8.17 3.96
C GLU A 444 21.66 -9.62 3.58
N ALA A 445 22.03 -10.47 4.56
CA ALA A 445 22.26 -11.87 4.27
C ALA A 445 21.01 -12.55 3.73
N CYS A 446 19.88 -12.40 4.43
CA CYS A 446 18.70 -13.13 3.99
C CYS A 446 18.01 -12.43 2.82
N ALA A 447 18.32 -11.16 2.56
CA ALA A 447 17.92 -10.54 1.30
C ALA A 447 18.71 -11.13 0.14
N GLU A 448 20.02 -11.30 0.32
CA GLU A 448 20.86 -11.85 -0.73
C GLU A 448 20.47 -13.28 -1.05
N ILE A 449 20.08 -14.07 -0.05
CA ILE A 449 19.70 -15.45 -0.31
C ILE A 449 18.23 -15.59 -0.74
N TYR A 450 17.28 -14.96 -0.03
CA TYR A 450 15.87 -15.23 -0.28
C TYR A 450 15.04 -14.07 -0.77
N GLY A 451 15.62 -12.92 -1.08
CA GLY A 451 14.80 -11.77 -1.45
C GLY A 451 13.79 -11.46 -0.35
N ASP A 452 12.52 -11.35 -0.74
CA ASP A 452 11.43 -11.15 0.22
C ASP A 452 10.11 -11.67 -0.33
N ASN A 458 -2.77 -14.68 -0.41
CA ASN A 458 -2.06 -15.95 -0.55
C ASN A 458 -3.03 -17.13 -0.53
N THR A 459 -4.18 -16.97 0.15
CA THR A 459 -5.17 -18.02 0.25
C THR A 459 -6.43 -17.57 -0.47
N GLU A 460 -7.09 -18.53 -1.14
CA GLU A 460 -8.30 -18.22 -1.89
C GLU A 460 -9.38 -17.73 -0.93
N GLU A 461 -10.18 -16.77 -1.39
CA GLU A 461 -11.23 -16.17 -0.57
C GLU A 461 -12.57 -16.88 -0.81
N LYS A 462 -13.17 -17.39 0.27
CA LYS A 462 -14.46 -18.06 0.23
C LYS A 462 -15.56 -17.02 0.49
N ILE A 463 -16.82 -17.41 0.27
CA ILE A 463 -17.91 -16.49 0.59
C ILE A 463 -18.08 -16.36 2.10
N TYR A 464 -17.93 -17.46 2.84
CA TYR A 464 -18.10 -17.49 4.28
C TYR A 464 -16.76 -17.62 4.98
N LEU A 465 -16.62 -16.92 6.11
CA LEU A 465 -15.37 -16.95 6.86
C LEU A 465 -15.07 -18.36 7.36
N PRO A 466 -13.83 -18.81 7.25
CA PRO A 466 -13.46 -20.12 7.78
C PRO A 466 -13.31 -20.07 9.29
N PRO A 467 -13.18 -21.22 9.97
CA PRO A 467 -13.02 -21.20 11.42
C PRO A 467 -11.76 -20.44 11.84
N ILE A 468 -11.87 -19.72 12.96
CA ILE A 468 -10.73 -19.00 13.51
C ILE A 468 -9.65 -20.00 13.92
N PRO A 469 -8.40 -19.83 13.48
CA PRO A 469 -7.35 -20.81 13.78
C PRO A 469 -6.81 -20.61 15.19
N ALA A 470 -6.93 -21.65 16.02
CA ALA A 470 -6.44 -21.57 17.40
C ALA A 470 -4.94 -21.41 17.46
N ASP A 471 -4.21 -21.80 16.41
CA ASP A 471 -2.75 -21.63 16.40
C ASP A 471 -2.38 -20.16 16.53
N GLU A 472 -3.13 -19.27 15.88
CA GLU A 472 -2.79 -17.85 15.89
C GLU A 472 -3.20 -17.17 17.18
N ILE A 473 -4.41 -17.46 17.67
CA ILE A 473 -4.95 -16.85 18.88
C ILE A 473 -4.93 -17.90 19.97
N ARG A 474 -4.18 -17.66 21.03
CA ARG A 474 -4.04 -18.61 22.11
C ARG A 474 -4.87 -18.24 23.34
N ASN A 475 -5.36 -17.01 23.42
CA ASN A 475 -6.33 -16.63 24.44
C ASN A 475 -7.66 -17.32 24.16
N PRO A 476 -8.08 -18.29 24.99
CA PRO A 476 -9.36 -18.95 24.72
C PRO A 476 -10.54 -18.00 24.74
N VAL A 477 -10.47 -16.96 25.55
CA VAL A 477 -11.54 -15.97 25.61
C VAL A 477 -11.64 -15.23 24.28
N VAL A 478 -10.49 -14.80 23.75
CA VAL A 478 -10.47 -14.13 22.45
C VAL A 478 -10.89 -15.10 21.36
N LEU A 479 -10.52 -16.37 21.51
CA LEU A 479 -10.94 -17.39 20.54
C LEU A 479 -12.45 -17.48 20.47
N ARG A 480 -13.12 -17.55 21.63
CA ARG A 480 -14.58 -17.63 21.62
C ARG A 480 -15.21 -16.35 21.08
N ALA A 481 -14.70 -15.19 21.50
CA ALA A 481 -15.23 -13.93 20.97
C ALA A 481 -15.17 -13.92 19.45
N LEU A 482 -14.00 -14.26 18.89
CA LEU A 482 -13.85 -14.27 17.44
C LEU A 482 -14.73 -15.33 16.79
N SER A 483 -14.90 -16.48 17.44
CA SER A 483 -15.73 -17.52 16.85
C SER A 483 -17.19 -17.09 16.79
N GLN A 484 -17.70 -16.46 17.85
CA GLN A 484 -19.06 -15.94 17.81
C GLN A 484 -19.18 -14.79 16.81
N ALA A 485 -18.13 -13.97 16.67
CA ALA A 485 -18.13 -12.96 15.62
C ALA A 485 -18.21 -13.60 14.25
N ARG A 486 -17.52 -14.73 14.07
CA ARG A 486 -17.62 -15.49 12.82
C ARG A 486 -19.05 -15.97 12.60
N LYS A 487 -19.69 -16.49 13.66
CA LYS A 487 -21.08 -16.91 13.56
C LYS A 487 -21.96 -15.78 13.06
N VAL A 488 -21.79 -14.59 13.65
CA VAL A 488 -22.62 -13.45 13.28
C VAL A 488 -22.34 -13.00 11.85
N ILE A 489 -21.06 -12.95 11.49
CA ILE A 489 -20.67 -12.58 10.13
C ILE A 489 -21.32 -13.52 9.12
N ASN A 490 -21.14 -14.83 9.32
CA ASN A 490 -21.70 -15.79 8.38
C ASN A 490 -23.22 -15.73 8.36
N GLY A 491 -23.85 -15.43 9.50
CA GLY A 491 -25.29 -15.22 9.51
C GLY A 491 -25.71 -14.07 8.61
N VAL A 492 -25.08 -12.91 8.77
CA VAL A 492 -25.50 -11.76 7.97
C VAL A 492 -25.18 -11.99 6.49
N VAL A 493 -24.12 -12.76 6.19
CA VAL A 493 -23.81 -13.04 4.79
C VAL A 493 -24.83 -14.01 4.20
N ARG A 494 -25.18 -15.06 4.95
CA ARG A 494 -26.21 -15.99 4.52
C ARG A 494 -27.52 -15.28 4.27
N ARG A 495 -27.83 -14.26 5.07
CA ARG A 495 -29.13 -13.61 5.00
C ARG A 495 -29.18 -12.50 3.96
N TYR A 496 -28.09 -11.75 3.79
CA TYR A 496 -28.11 -10.53 2.98
C TYR A 496 -27.01 -10.50 1.92
N GLY A 497 -26.27 -11.60 1.74
CA GLY A 497 -25.20 -11.62 0.77
C GLY A 497 -23.91 -11.05 1.32
N SER A 498 -22.90 -11.06 0.46
CA SER A 498 -21.57 -10.60 0.86
C SER A 498 -21.59 -9.12 1.21
N PRO A 499 -21.01 -8.72 2.34
CA PRO A 499 -20.94 -7.30 2.69
C PRO A 499 -19.93 -6.57 1.82
N ALA A 500 -20.19 -5.27 1.62
CA ALA A 500 -19.23 -4.45 0.89
C ALA A 500 -17.96 -4.22 1.71
N ARG A 501 -18.10 -3.99 3.01
CA ARG A 501 -16.98 -3.73 3.89
C ARG A 501 -17.36 -4.15 5.30
N ILE A 502 -16.34 -4.45 6.11
CA ILE A 502 -16.53 -4.85 7.50
C ILE A 502 -15.73 -3.89 8.37
N HIS A 503 -16.41 -3.26 9.33
CA HIS A 503 -15.80 -2.34 10.27
C HIS A 503 -15.88 -2.95 11.66
N ILE A 504 -14.79 -2.85 12.42
CA ILE A 504 -14.65 -3.56 13.68
C ILE A 504 -14.24 -2.59 14.78
N GLU A 505 -14.76 -2.82 15.98
CA GLU A 505 -14.35 -2.10 17.19
C GLU A 505 -14.20 -3.16 18.28
N THR A 506 -12.98 -3.61 18.50
CA THR A 506 -12.68 -4.53 19.59
C THR A 506 -12.57 -3.78 20.90
N ALA A 507 -13.20 -4.31 21.94
CA ALA A 507 -13.15 -3.68 23.25
C ALA A 507 -11.73 -3.68 23.80
N ARG A 508 -11.48 -2.75 24.72
CA ARG A 508 -10.16 -2.67 25.36
C ARG A 508 -9.83 -3.93 26.15
N GLU A 509 -10.83 -4.71 26.52
CA GLU A 509 -10.65 -5.88 27.39
C GLU A 509 -10.36 -7.16 26.61
N VAL A 510 -10.57 -7.16 25.30
CA VAL A 510 -10.36 -8.36 24.50
C VAL A 510 -8.88 -8.45 24.15
N GLY A 511 -8.23 -9.52 24.61
CA GLY A 511 -6.81 -9.70 24.38
C GLY A 511 -5.94 -9.50 25.60
N LYS A 512 -6.53 -9.10 26.72
CA LYS A 512 -5.80 -8.89 27.96
C LYS A 512 -6.09 -10.04 28.92
N SER A 513 -5.16 -10.26 29.84
CA SER A 513 -5.31 -11.31 30.82
C SER A 513 -6.36 -10.93 31.87
N PHE A 514 -6.78 -11.91 32.65
CA PHE A 514 -7.75 -11.66 33.71
C PHE A 514 -7.25 -10.60 34.68
N LYS A 515 -5.98 -10.70 35.09
CA LYS A 515 -5.44 -9.72 36.02
C LYS A 515 -5.41 -8.32 35.42
N ASP A 516 -5.09 -8.22 34.12
CA ASP A 516 -5.08 -6.91 33.47
C ASP A 516 -6.48 -6.29 33.45
N ARG A 517 -7.50 -7.10 33.18
CA ARG A 517 -8.87 -6.58 33.18
C ARG A 517 -9.30 -6.15 34.57
N LYS A 518 -8.95 -6.94 35.59
CA LYS A 518 -9.26 -6.53 36.96
C LYS A 518 -8.52 -5.24 37.32
N GLU A 519 -7.29 -5.10 36.83
CA GLU A 519 -6.52 -3.88 37.10
C GLU A 519 -7.18 -2.67 36.46
N ILE A 520 -7.68 -2.81 35.22
CA ILE A 520 -8.31 -1.66 34.59
C ILE A 520 -9.65 -1.35 35.23
N GLU A 521 -10.36 -2.37 35.75
CA GLU A 521 -11.56 -2.09 36.54
C GLU A 521 -11.22 -1.30 37.79
N LYS A 522 -10.21 -1.75 38.54
CA LYS A 522 -9.79 -1.03 39.74
C LYS A 522 -9.38 0.39 39.41
N ARG A 523 -8.63 0.58 38.32
CA ARG A 523 -8.12 1.91 37.99
C ARG A 523 -9.24 2.82 37.51
N GLN A 524 -10.23 2.30 36.79
CA GLN A 524 -11.34 3.16 36.39
C GLN A 524 -12.23 3.52 37.58
N GLU A 525 -12.37 2.62 38.55
CA GLU A 525 -13.06 2.98 39.79
C GLU A 525 -12.31 4.09 40.52
N GLU A 526 -10.99 3.94 40.66
CA GLU A 526 -10.18 4.99 41.28
C GLU A 526 -10.28 6.30 40.51
N ASN A 527 -10.39 6.22 39.18
CA ASN A 527 -10.52 7.42 38.38
C ASN A 527 -11.87 8.10 38.60
N ARG A 528 -12.93 7.30 38.77
CA ARG A 528 -14.23 7.87 39.14
C ARG A 528 -14.15 8.62 40.47
N LYS A 529 -13.51 8.00 41.47
CA LYS A 529 -13.36 8.67 42.76
C LYS A 529 -12.53 9.94 42.64
N ASP A 530 -11.43 9.88 41.88
CA ASP A 530 -10.59 11.05 41.68
C ASP A 530 -11.35 12.17 40.99
N ARG A 531 -12.18 11.84 40.00
CA ARG A 531 -12.97 12.84 39.31
C ARG A 531 -14.02 13.44 40.23
N GLU A 532 -14.58 12.64 41.13
CA GLU A 532 -15.50 13.19 42.14
C GLU A 532 -14.78 14.22 43.01
N LYS A 533 -13.60 13.86 43.52
CA LYS A 533 -12.83 14.81 44.34
C LYS A 533 -12.47 16.06 43.55
N ALA A 534 -12.09 15.88 42.27
CA ALA A 534 -11.72 17.03 41.45
C ALA A 534 -12.90 17.95 41.23
N ALA A 535 -14.09 17.39 41.00
CA ALA A 535 -15.28 18.21 40.88
C ALA A 535 -15.58 18.94 42.19
N ALA A 536 -15.37 18.27 43.32
CA ALA A 536 -15.57 18.95 44.61
C ALA A 536 -14.64 20.14 44.76
N LYS A 537 -13.36 19.96 44.44
CA LYS A 537 -12.42 21.06 44.52
C LYS A 537 -12.78 22.18 43.55
N PHE A 538 -13.11 21.82 42.31
CA PHE A 538 -13.53 22.81 41.32
C PHE A 538 -14.71 23.62 41.85
N ARG A 539 -15.66 22.95 42.52
CA ARG A 539 -16.78 23.66 43.11
C ARG A 539 -16.32 24.61 44.20
N GLU A 540 -15.36 24.18 45.01
CA GLU A 540 -14.82 25.05 46.05
C GLU A 540 -14.18 26.30 45.45
N TYR A 541 -13.41 26.14 44.37
CA TYR A 541 -12.75 27.29 43.74
C TYR A 541 -13.78 28.22 43.11
N PHE A 542 -14.83 27.66 42.50
CA PHE A 542 -15.83 28.42 41.76
C PHE A 542 -17.19 28.16 42.41
N PRO A 543 -17.50 28.85 43.50
CA PRO A 543 -18.78 28.60 44.17
C PRO A 543 -19.99 28.99 43.33
N ASN A 544 -19.84 29.95 42.43
CA ASN A 544 -20.96 30.43 41.64
C ASN A 544 -20.98 29.86 40.22
N PHE A 545 -20.24 28.79 39.96
CA PHE A 545 -20.29 28.14 38.67
C PHE A 545 -21.68 27.53 38.45
N VAL A 546 -22.17 27.62 37.22
CA VAL A 546 -23.56 27.26 36.92
C VAL A 546 -23.66 25.81 36.48
N GLY A 547 -24.25 24.97 37.33
CA GLY A 547 -24.53 23.59 36.99
C GLY A 547 -23.43 22.64 37.41
N GLU A 548 -23.54 21.42 36.89
CA GLU A 548 -22.56 20.40 37.22
C GLU A 548 -21.27 20.68 36.47
N PRO A 549 -20.11 20.57 37.13
CA PRO A 549 -18.84 20.81 36.42
C PRO A 549 -18.55 19.61 35.54
N LYS A 550 -18.46 19.85 34.23
CA LYS A 550 -18.26 18.78 33.26
C LYS A 550 -16.77 18.48 33.07
N SER A 551 -16.47 17.45 32.27
CA SER A 551 -15.08 17.03 32.12
C SER A 551 -14.20 18.14 31.52
N LYS A 552 -14.75 18.94 30.59
CA LYS A 552 -13.95 20.01 30.02
C LYS A 552 -13.55 21.05 31.06
N ASP A 553 -14.39 21.29 32.07
CA ASP A 553 -14.06 22.34 33.04
C ASP A 553 -12.96 21.87 33.98
N ILE A 554 -13.08 20.64 34.50
CA ILE A 554 -12.02 20.06 35.30
C ILE A 554 -10.72 20.00 34.50
N LEU A 555 -10.82 19.65 33.23
CA LEU A 555 -9.63 19.61 32.37
C LEU A 555 -9.02 21.00 32.21
N LYS A 556 -9.87 22.02 32.07
CA LYS A 556 -9.37 23.39 31.98
C LYS A 556 -8.57 23.77 33.21
N LEU A 557 -9.11 23.43 34.39
CA LEU A 557 -8.42 23.78 35.64
C LEU A 557 -7.11 22.99 35.77
N ARG A 558 -7.16 21.70 35.44
CA ARG A 558 -5.97 20.86 35.51
C ARG A 558 -4.88 21.36 34.57
N LEU A 559 -5.27 21.73 33.34
CA LEU A 559 -4.30 22.27 32.39
C LEU A 559 -3.74 23.60 32.87
N TYR A 560 -4.59 24.44 33.49
CA TYR A 560 -4.09 25.67 34.08
C TYR A 560 -2.97 25.39 35.07
N GLU A 561 -3.25 24.55 36.07
CA GLU A 561 -2.25 24.29 37.10
C GLU A 561 -1.03 23.56 36.53
N GLN A 562 -1.25 22.67 35.57
CA GLN A 562 -0.21 21.83 34.98
C GLN A 562 0.64 22.60 33.97
N GLN A 563 0.18 23.76 33.51
CA GLN A 563 0.95 24.67 32.68
C GLN A 563 1.49 25.85 33.48
N HIS A 564 1.47 25.77 34.81
CA HIS A 564 1.98 26.81 35.70
C HIS A 564 1.23 28.12 35.49
N GLY A 565 -0.05 28.03 35.15
CA GLY A 565 -0.88 29.23 35.01
C GLY A 565 -0.49 30.13 33.86
N LYS A 566 -0.01 29.56 32.76
CA LYS A 566 0.50 30.34 31.64
C LYS A 566 -0.11 29.83 30.34
N CYS A 567 -0.44 30.76 29.46
CA CYS A 567 -0.88 30.39 28.12
C CYS A 567 0.27 29.73 27.36
N LEU A 568 0.01 28.54 26.81
CA LEU A 568 1.08 27.81 26.13
C LEU A 568 1.52 28.53 24.86
N TYR A 569 0.58 29.13 24.13
CA TYR A 569 0.90 29.73 22.85
C TYR A 569 1.59 31.08 22.99
N SER A 570 1.21 31.87 23.99
CA SER A 570 1.75 33.22 24.16
C SER A 570 2.66 33.38 25.37
N GLY A 571 2.46 32.58 26.42
CA GLY A 571 3.20 32.76 27.65
C GLY A 571 2.62 33.81 28.57
N LYS A 572 1.52 34.44 28.20
CA LYS A 572 0.87 35.40 29.09
C LYS A 572 0.18 34.69 30.24
N GLU A 573 0.21 35.33 31.41
CA GLU A 573 -0.47 34.80 32.59
C GLU A 573 -1.96 34.68 32.36
N ILE A 574 -2.56 33.65 32.95
CA ILE A 574 -3.98 33.39 32.84
C ILE A 574 -4.64 33.69 34.17
N ASN A 575 -5.80 34.34 34.12
CA ASN A 575 -6.50 34.81 35.31
C ASN A 575 -7.47 33.73 35.75
N LEU A 576 -7.09 32.95 36.76
CA LEU A 576 -8.07 32.13 37.44
C LEU A 576 -9.21 32.99 37.97
N GLY A 577 -10.42 32.51 37.82
CA GLY A 577 -11.57 33.31 38.20
C GLY A 577 -12.29 33.78 36.96
N ARG A 578 -11.51 34.13 35.93
CA ARG A 578 -12.06 34.28 34.60
C ARG A 578 -11.98 32.99 33.80
N LEU A 579 -11.67 31.87 34.46
CA LEU A 579 -11.45 30.61 33.74
C LEU A 579 -12.69 30.20 32.97
N ASN A 580 -13.88 30.42 33.52
CA ASN A 580 -15.12 30.00 32.89
C ASN A 580 -15.77 31.09 32.06
N GLU A 581 -15.23 32.31 32.10
CA GLU A 581 -15.62 33.37 31.18
C GLU A 581 -15.53 32.87 29.75
N LYS A 582 -16.67 32.87 29.04
CA LYS A 582 -16.73 32.30 27.70
C LYS A 582 -15.67 32.90 26.79
N GLY A 583 -14.96 32.02 26.07
CA GLY A 583 -13.95 32.41 25.12
C GLY A 583 -12.67 32.96 25.70
N TYR A 584 -12.58 33.13 27.03
CA TYR A 584 -11.34 33.62 27.62
C TYR A 584 -10.21 32.64 27.37
N VAL A 585 -10.43 31.36 27.70
CA VAL A 585 -9.44 30.30 27.51
C VAL A 585 -10.09 29.17 26.75
N GLU A 586 -9.33 28.57 25.84
CA GLU A 586 -9.79 27.44 25.04
C GLU A 586 -8.89 26.25 25.26
N ILE A 587 -9.51 25.07 25.32
CA ILE A 587 -8.80 23.79 25.27
C ILE A 587 -8.54 23.49 23.79
N ASP A 588 -7.39 23.90 23.29
CA ASP A 588 -7.05 23.76 21.88
C ASP A 588 -6.37 22.42 21.60
N ALA A 589 -6.67 21.86 20.44
CA ALA A 589 -5.90 20.74 19.93
C ALA A 589 -4.63 21.32 19.32
N ALA A 590 -3.49 21.00 19.92
CA ALA A 590 -2.21 21.51 19.42
C ALA A 590 -2.01 21.11 17.97
N LEU A 591 -2.04 19.81 17.70
CA LEU A 591 -2.07 19.35 16.33
C LEU A 591 -3.50 19.42 15.82
N PRO A 592 -3.74 19.97 14.63
CA PRO A 592 -5.12 20.13 14.16
C PRO A 592 -5.80 18.79 13.93
N PHE A 593 -7.08 18.73 14.34
CA PHE A 593 -7.84 17.50 14.18
C PHE A 593 -8.09 17.17 12.71
N SER A 594 -8.18 18.19 11.85
CA SER A 594 -8.38 17.95 10.43
C SER A 594 -7.22 17.20 9.81
N ARG A 595 -6.03 17.33 10.38
CA ARG A 595 -4.81 16.75 9.83
C ARG A 595 -4.28 15.57 10.62
N THR A 596 -4.73 15.40 11.82
CA THR A 596 -4.23 14.33 12.60
C THR A 596 -5.22 13.41 13.18
N TRP A 597 -6.46 13.85 13.29
CA TRP A 597 -7.53 13.08 13.93
C TRP A 597 -7.15 12.63 15.32
N ASP A 598 -6.57 13.51 16.11
CA ASP A 598 -6.11 13.13 17.40
C ASP A 598 -6.91 13.81 18.42
N ASP A 599 -7.64 13.06 19.20
CA ASP A 599 -8.43 13.63 20.22
C ASP A 599 -7.96 13.16 21.54
N SER A 600 -6.74 12.67 21.63
CA SER A 600 -6.24 12.18 22.86
C SER A 600 -5.81 13.28 23.72
N PHE A 601 -5.70 13.00 24.99
CA PHE A 601 -5.34 14.03 25.96
C PHE A 601 -3.90 14.51 25.79
N ASN A 602 -3.11 13.81 24.98
CA ASN A 602 -1.73 14.22 24.68
C ASN A 602 -1.66 15.30 23.61
N ASN A 603 -2.80 15.86 23.21
CA ASN A 603 -2.87 16.86 22.15
C ASN A 603 -3.74 18.04 22.55
N LYS A 604 -4.04 18.20 23.83
CA LYS A 604 -4.94 19.24 24.30
C LYS A 604 -4.18 20.17 25.24
N VAL A 605 -4.22 21.47 24.94
CA VAL A 605 -3.49 22.47 25.71
C VAL A 605 -4.43 23.64 26.02
N LEU A 606 -4.09 24.36 27.08
CA LEU A 606 -4.90 25.49 27.53
C LEU A 606 -4.27 26.77 27.01
N VAL A 607 -4.99 27.47 26.14
CA VAL A 607 -4.49 28.71 25.54
C VAL A 607 -5.51 29.81 25.76
N LEU A 608 -5.05 31.06 25.59
CA LEU A 608 -5.96 32.20 25.63
C LEU A 608 -6.71 32.32 24.31
N GLY A 609 -8.02 32.58 24.41
CA GLY A 609 -8.81 32.85 23.22
C GLY A 609 -8.18 33.90 22.33
N SER A 610 -7.61 34.95 22.93
CA SER A 610 -6.90 35.99 22.18
C SER A 610 -5.89 35.38 21.21
N GLU A 611 -4.98 34.57 21.74
CA GLU A 611 -3.81 34.16 20.98
C GLU A 611 -4.11 33.02 20.01
N ASN A 612 -5.06 32.14 20.35
CA ASN A 612 -5.43 31.06 19.43
C ASN A 612 -6.46 31.60 18.44
N GLN A 613 -5.97 32.48 17.55
CA GLN A 613 -6.73 32.99 16.42
C GLN A 613 -5.72 33.46 15.39
N ASN A 614 -6.00 33.16 14.13
CA ASN A 614 -5.06 33.19 13.00
C ASN A 614 -4.08 32.03 13.10
N LYS A 615 -4.25 31.15 14.09
CA LYS A 615 -3.50 29.90 14.15
C LYS A 615 -4.01 28.93 13.09
N GLY A 616 -5.33 28.87 12.91
CA GLY A 616 -5.95 28.06 11.87
C GLY A 616 -5.61 26.60 12.04
N ASN A 617 -5.27 25.96 10.91
CA ASN A 617 -4.93 24.54 10.89
C ASN A 617 -3.42 24.30 10.89
N GLN A 618 -2.64 25.26 11.39
CA GLN A 618 -1.20 25.09 11.48
C GLN A 618 -0.84 24.29 12.73
N THR A 619 0.35 23.69 12.70
CA THR A 619 0.88 23.07 13.89
C THR A 619 1.78 24.07 14.61
N PRO A 620 2.03 23.88 15.90
CA PRO A 620 2.96 24.78 16.61
C PRO A 620 4.28 24.98 15.88
N TYR A 621 4.83 23.93 15.28
CA TYR A 621 6.06 24.06 14.51
C TYR A 621 5.85 24.94 13.30
N GLU A 622 4.69 24.83 12.66
CA GLU A 622 4.39 25.66 11.49
C GLU A 622 3.94 27.06 11.90
N TYR A 623 3.14 27.15 12.96
CA TYR A 623 2.65 28.45 13.44
C TYR A 623 3.81 29.33 13.88
N PHE A 624 4.73 28.77 14.66
CA PHE A 624 5.84 29.53 15.23
C PHE A 624 7.08 29.51 14.34
N ASN A 625 6.98 28.95 13.13
CA ASN A 625 8.07 28.95 12.15
C ASN A 625 9.33 28.31 12.73
N GLY A 626 9.15 27.14 13.36
CA GLY A 626 10.28 26.37 13.85
C GLY A 626 11.20 25.83 12.77
N LYS A 627 10.74 25.80 11.51
CA LYS A 627 11.61 25.42 10.41
C LYS A 627 12.84 26.33 10.34
N ASP A 628 12.67 27.61 10.66
CA ASP A 628 13.77 28.56 10.70
C ASP A 628 14.27 28.79 12.12
N ASN A 629 13.85 27.96 13.07
CA ASN A 629 14.28 28.00 14.47
C ASN A 629 14.16 29.41 15.03
N SER A 630 12.99 29.99 14.87
CA SER A 630 12.76 31.36 15.29
C SER A 630 12.75 31.45 16.81
N ARG A 631 12.86 32.68 17.31
CA ARG A 631 12.79 32.92 18.75
C ARG A 631 11.49 32.36 19.33
N GLU A 632 10.36 32.60 18.66
CA GLU A 632 9.07 32.16 19.18
C GLU A 632 9.03 30.64 19.34
N TRP A 633 9.58 29.91 18.37
CA TRP A 633 9.62 28.47 18.47
C TRP A 633 10.44 28.02 19.68
N GLN A 634 11.61 28.64 19.91
CA GLN A 634 12.42 28.27 21.06
C GLN A 634 11.69 28.56 22.37
N GLU A 635 11.05 29.72 22.46
CA GLU A 635 10.28 30.05 23.66
C GLU A 635 9.16 29.05 23.90
N PHE A 636 8.41 28.71 22.85
CA PHE A 636 7.33 27.73 22.97
C PHE A 636 7.86 26.38 23.43
N LYS A 637 8.97 25.93 22.82
CA LYS A 637 9.58 24.67 23.20
C LYS A 637 10.00 24.67 24.66
N ALA A 638 10.58 25.78 25.12
CA ALA A 638 10.94 25.89 26.54
C ALA A 638 9.70 25.81 27.42
N ARG A 639 8.62 26.48 27.03
CA ARG A 639 7.41 26.43 27.82
C ARG A 639 6.89 25.01 27.96
N VAL A 640 6.78 24.29 26.85
CA VAL A 640 6.24 22.93 26.94
C VAL A 640 7.21 22.01 27.68
N GLU A 641 8.52 22.24 27.56
CA GLU A 641 9.47 21.40 28.27
C GLU A 641 9.39 21.62 29.77
N THR A 642 9.19 22.86 30.20
CA THR A 642 9.09 23.18 31.63
C THR A 642 7.75 22.79 32.24
N SER A 643 6.75 22.49 31.42
CA SER A 643 5.41 22.18 31.91
C SER A 643 5.36 20.77 32.50
N ARG A 644 4.30 20.51 33.26
CA ARG A 644 4.08 19.20 33.87
C ARG A 644 3.33 18.27 32.91
N PHE A 645 3.95 18.02 31.76
CA PHE A 645 3.36 17.16 30.75
C PHE A 645 4.12 15.84 30.68
N PRO A 646 3.42 14.71 30.51
CA PRO A 646 4.11 13.46 30.18
C PRO A 646 4.96 13.63 28.93
N ARG A 647 6.03 12.84 28.85
CA ARG A 647 6.94 12.95 27.71
C ARG A 647 6.22 12.75 26.39
N SER A 648 5.23 11.86 26.35
CA SER A 648 4.48 11.63 25.11
C SER A 648 3.80 12.91 24.64
N LYS A 649 3.19 13.64 25.57
CA LYS A 649 2.52 14.89 25.22
C LYS A 649 3.50 15.92 24.68
N LYS A 650 4.63 16.08 25.38
CA LYS A 650 5.65 17.01 24.92
C LYS A 650 6.14 16.65 23.52
N GLN A 651 6.34 15.36 23.26
CA GLN A 651 6.78 14.93 21.94
C GLN A 651 5.73 15.25 20.88
N ARG A 652 4.44 15.04 21.21
CA ARG A 652 3.38 15.29 20.25
C ARG A 652 3.26 16.77 19.92
N ILE A 653 3.24 17.62 20.94
CA ILE A 653 3.06 19.05 20.72
C ILE A 653 4.19 19.57 19.87
N LEU A 654 5.42 19.13 20.16
CA LEU A 654 6.57 19.52 19.36
C LEU A 654 6.82 18.50 18.24
N LEU A 655 5.80 18.34 17.38
CA LEU A 655 5.90 17.41 16.26
C LEU A 655 6.26 18.27 15.07
N GLN A 656 7.45 18.08 14.51
CA GLN A 656 7.88 19.03 13.48
C GLN A 656 7.44 18.65 12.08
N LYS A 657 8.09 17.66 11.49
CA LYS A 657 7.74 17.16 10.18
C LYS A 657 7.01 15.84 10.33
N PHE A 658 5.90 15.69 9.61
CA PHE A 658 5.02 14.53 9.81
C PHE A 658 4.18 14.31 8.57
N ASP A 659 3.55 13.13 8.52
CA ASP A 659 2.67 12.73 7.43
C ASP A 659 1.23 12.94 7.86
N GLU A 660 0.49 13.75 7.09
CA GLU A 660 -0.93 13.96 7.36
C GLU A 660 -1.69 12.64 7.35
N ASP A 661 -1.63 11.93 6.21
CA ASP A 661 -2.40 10.70 6.04
C ASP A 661 -1.96 9.62 7.02
N GLY A 662 -0.66 9.46 7.21
CA GLY A 662 -0.16 8.45 8.14
C GLY A 662 -0.66 8.68 9.56
N PHE A 663 -0.58 9.93 10.02
CA PHE A 663 -1.04 10.24 11.37
C PHE A 663 -2.54 10.01 11.51
N LYS A 664 -3.31 10.45 10.51
CA LYS A 664 -4.74 10.14 10.51
C LYS A 664 -4.98 8.64 10.61
N GLU A 665 -4.22 7.86 9.86
CA GLU A 665 -4.43 6.41 9.84
C GLU A 665 -4.11 5.79 11.20
N ARG A 666 -2.97 6.14 11.78
CA ARG A 666 -2.60 5.56 13.07
C ARG A 666 -3.63 5.91 14.14
N ASN A 667 -4.15 7.13 14.12
CA ASN A 667 -5.14 7.49 15.12
C ASN A 667 -6.48 6.80 14.85
N LEU A 668 -6.82 6.57 13.59
CA LEU A 668 -8.08 5.92 13.26
C LEU A 668 -8.09 4.41 13.50
N ASN A 669 -6.95 3.70 13.34
CA ASN A 669 -7.02 2.27 13.08
C ASN A 669 -6.91 1.31 14.28
N ASP A 670 -6.27 1.64 15.40
CA ASP A 670 -6.28 0.69 16.53
C ASP A 670 -5.66 -0.67 16.20
N THR A 671 -4.33 -0.79 16.25
CA THR A 671 -3.64 -1.95 15.72
C THR A 671 -3.11 -2.91 16.79
N ARG A 672 -3.91 -3.18 17.82
CA ARG A 672 -3.58 -4.25 18.76
C ARG A 672 -3.64 -5.61 18.06
N TYR A 673 -3.00 -6.61 18.67
CA TYR A 673 -2.68 -7.84 17.94
C TYR A 673 -3.93 -8.55 17.45
N VAL A 674 -4.98 -8.58 18.28
CA VAL A 674 -6.22 -9.24 17.87
C VAL A 674 -6.84 -8.53 16.67
N ASN A 675 -6.87 -7.19 16.70
CA ASN A 675 -7.36 -6.42 15.55
C ASN A 675 -6.53 -6.68 14.30
N ARG A 676 -5.21 -6.69 14.43
CA ARG A 676 -4.33 -6.94 13.29
C ARG A 676 -4.65 -8.28 12.66
N PHE A 677 -4.64 -9.34 13.48
CA PHE A 677 -4.99 -10.66 12.98
C PHE A 677 -6.35 -10.67 12.32
N LEU A 678 -7.35 -10.06 12.97
CA LEU A 678 -8.71 -10.09 12.46
C LEU A 678 -8.80 -9.45 11.09
N CYS A 679 -8.26 -8.25 10.95
CA CYS A 679 -8.23 -7.58 9.65
C CYS A 679 -7.58 -8.46 8.60
N GLN A 680 -6.36 -8.94 8.88
CA GLN A 680 -5.65 -9.78 7.92
C GLN A 680 -6.50 -10.99 7.51
N PHE A 681 -6.97 -11.74 8.50
CA PHE A 681 -7.74 -12.96 8.26
C PHE A 681 -8.97 -12.69 7.42
N VAL A 682 -9.81 -11.74 7.86
CA VAL A 682 -11.08 -11.50 7.19
C VAL A 682 -10.84 -11.01 5.77
N ALA A 683 -9.88 -10.10 5.58
CA ALA A 683 -9.61 -9.58 4.24
C ALA A 683 -9.09 -10.68 3.32
N ASP A 684 -8.22 -11.54 3.84
CA ASP A 684 -7.55 -12.52 2.98
C ASP A 684 -8.38 -13.78 2.74
N ARG A 685 -9.42 -14.03 3.54
CA ARG A 685 -10.08 -15.33 3.51
C ARG A 685 -11.59 -15.25 3.31
N MET A 686 -12.13 -14.08 2.98
CA MET A 686 -13.56 -13.90 2.89
C MET A 686 -13.87 -12.85 1.83
N ARG A 687 -14.96 -13.07 1.10
CA ARG A 687 -15.27 -12.25 -0.06
C ARG A 687 -15.95 -10.96 0.38
N LEU A 688 -15.35 -9.83 0.02
CA LEU A 688 -15.91 -8.51 0.29
C LEU A 688 -15.91 -7.69 -0.98
N THR A 689 -17.08 -7.16 -1.33
CA THR A 689 -17.28 -6.44 -2.59
C THR A 689 -17.12 -4.93 -2.38
N GLY A 690 -15.91 -4.53 -1.98
CA GLY A 690 -15.65 -3.18 -1.55
C GLY A 690 -14.67 -2.46 -2.47
N LYS A 691 -14.55 -1.16 -2.26
CA LYS A 691 -13.66 -0.31 -3.03
C LYS A 691 -12.33 -0.18 -2.30
N GLY A 692 -11.24 -0.48 -3.00
CA GLY A 692 -9.91 -0.31 -2.47
C GLY A 692 -9.45 -1.48 -1.60
N LYS A 693 -8.16 -1.44 -1.25
CA LYS A 693 -7.52 -2.53 -0.52
C LYS A 693 -8.15 -2.73 0.85
N LYS A 694 -8.31 -1.66 1.63
CA LYS A 694 -8.81 -1.79 3.00
C LYS A 694 -10.33 -1.97 2.98
N ARG A 695 -10.75 -3.23 2.91
CA ARG A 695 -12.14 -3.62 3.03
C ARG A 695 -12.49 -4.16 4.40
N VAL A 696 -11.50 -4.25 5.30
CA VAL A 696 -11.72 -4.56 6.71
C VAL A 696 -11.02 -3.47 7.50
N PHE A 697 -11.73 -2.89 8.47
CA PHE A 697 -11.24 -1.71 9.16
C PHE A 697 -11.60 -1.77 10.65
N ALA A 698 -10.58 -1.68 11.49
CA ALA A 698 -10.74 -1.76 12.93
C ALA A 698 -10.61 -0.36 13.49
N SER A 699 -11.57 0.04 14.32
CA SER A 699 -11.67 1.44 14.73
C SER A 699 -10.98 1.69 16.06
N ASN A 700 -10.40 2.87 16.17
CA ASN A 700 -9.93 3.37 17.45
C ASN A 700 -11.11 3.63 18.37
N GLY A 701 -11.05 3.06 19.58
CA GLY A 701 -12.16 3.20 20.49
C GLY A 701 -12.45 4.65 20.87
N GLN A 702 -11.40 5.46 21.00
CA GLN A 702 -11.59 6.86 21.36
C GLN A 702 -12.33 7.61 20.26
N ILE A 703 -12.03 7.30 19.00
CA ILE A 703 -12.70 7.99 17.90
C ILE A 703 -14.13 7.50 17.76
N THR A 704 -14.37 6.22 18.03
CA THR A 704 -15.74 5.73 18.05
C THR A 704 -16.56 6.47 19.11
N ASN A 705 -15.99 6.67 20.31
CA ASN A 705 -16.72 7.43 21.32
C ASN A 705 -16.90 8.89 20.92
N LEU A 706 -15.89 9.48 20.28
CA LEU A 706 -16.00 10.86 19.80
C LEU A 706 -17.16 11.00 18.82
N LEU A 707 -17.22 10.12 17.83
CA LEU A 707 -18.30 10.15 16.85
C LEU A 707 -19.65 9.87 17.51
N ARG A 708 -19.68 8.93 18.47
CA ARG A 708 -20.91 8.66 19.20
C ARG A 708 -21.43 9.91 19.88
N GLY A 709 -20.53 10.68 20.51
CA GLY A 709 -20.95 11.92 21.14
C GLY A 709 -21.46 12.94 20.14
N PHE A 710 -20.72 13.14 19.05
CA PHE A 710 -21.10 14.18 18.10
C PHE A 710 -22.33 13.82 17.27
N TRP A 711 -22.62 12.53 17.11
CA TRP A 711 -23.75 12.08 16.31
C TRP A 711 -25.07 12.02 17.08
N GLY A 712 -25.04 12.23 18.40
CA GLY A 712 -26.25 12.44 19.16
C GLY A 712 -26.68 11.30 20.07
N LEU A 713 -25.86 10.26 20.24
CA LEU A 713 -26.21 9.12 21.07
C LEU A 713 -25.46 9.20 22.39
N ARG A 714 -26.16 9.61 23.44
CA ARG A 714 -25.57 9.70 24.76
C ARG A 714 -25.31 8.30 25.33
N LYS A 715 -24.41 8.25 26.32
CA LYS A 715 -24.21 7.02 27.06
C LYS A 715 -25.49 6.65 27.79
N VAL A 716 -26.08 5.50 27.43
CA VAL A 716 -27.40 5.15 27.93
C VAL A 716 -27.36 4.94 29.44
N ARG A 717 -28.39 5.46 30.11
CA ARG A 717 -28.51 5.30 31.55
C ARG A 717 -28.84 3.87 31.93
N ALA A 718 -29.60 3.17 31.09
CA ALA A 718 -30.10 1.85 31.42
C ALA A 718 -28.99 0.81 31.39
N GLU A 719 -29.19 -0.27 32.14
CA GLU A 719 -28.27 -1.41 32.18
C GLU A 719 -28.89 -2.56 31.39
N ASN A 720 -28.42 -2.76 30.16
CA ASN A 720 -28.82 -3.92 29.38
C ASN A 720 -27.79 -4.13 28.27
N ASP A 721 -27.91 -5.26 27.58
CA ASP A 721 -26.92 -5.69 26.60
C ASP A 721 -27.11 -5.07 25.23
N ARG A 722 -28.08 -4.18 25.04
CA ARG A 722 -28.38 -3.68 23.71
C ARG A 722 -27.44 -2.59 23.25
N HIS A 723 -26.80 -1.87 24.18
CA HIS A 723 -25.95 -0.75 23.79
C HIS A 723 -24.80 -1.20 22.89
N HIS A 724 -24.45 -2.49 22.93
CA HIS A 724 -23.39 -2.98 22.06
C HIS A 724 -23.77 -2.76 20.60
N ALA A 725 -25.01 -3.08 20.24
CA ALA A 725 -25.45 -2.83 18.87
C ALA A 725 -25.28 -1.36 18.53
N LEU A 726 -25.55 -0.48 19.50
CA LEU A 726 -25.38 0.95 19.27
C LEU A 726 -23.95 1.23 18.81
N ASP A 727 -22.96 0.72 19.57
CA ASP A 727 -21.57 0.93 19.17
C ASP A 727 -21.33 0.42 17.75
N ALA A 728 -21.86 -0.77 17.45
CA ALA A 728 -21.64 -1.33 16.11
C ALA A 728 -22.17 -0.39 15.05
N VAL A 729 -23.36 0.19 15.27
CA VAL A 729 -23.93 1.10 14.28
C VAL A 729 -22.96 2.23 14.00
N VAL A 730 -22.39 2.82 15.05
CA VAL A 730 -21.47 3.94 14.85
C VAL A 730 -20.27 3.50 14.04
N VAL A 731 -19.74 2.30 14.34
CA VAL A 731 -18.58 1.81 13.62
C VAL A 731 -18.92 1.63 12.15
N ALA A 732 -20.17 1.26 11.84
CA ALA A 732 -20.55 1.08 10.45
C ALA A 732 -20.59 2.39 9.68
N CYS A 733 -20.74 3.53 10.36
CA CYS A 733 -20.83 4.81 9.67
C CYS A 733 -19.49 5.51 9.59
N SER A 734 -18.41 4.88 10.04
CA SER A 734 -17.07 5.46 9.92
C SER A 734 -16.48 5.11 8.56
N THR A 735 -17.09 5.68 7.52
CA THR A 735 -16.67 5.46 6.15
C THR A 735 -15.72 6.57 5.70
N VAL A 736 -14.97 6.29 4.63
CA VAL A 736 -14.02 7.27 4.12
C VAL A 736 -14.73 8.56 3.73
N ALA A 737 -15.93 8.45 3.15
CA ALA A 737 -16.69 9.64 2.76
C ALA A 737 -17.15 10.41 3.99
N MET A 738 -17.69 9.70 4.98
CA MET A 738 -18.09 10.34 6.22
C MET A 738 -16.88 10.97 6.90
N GLN A 739 -15.76 10.24 6.93
CA GLN A 739 -14.54 10.75 7.53
C GLN A 739 -14.08 12.04 6.87
N GLN A 740 -14.15 12.11 5.53
CA GLN A 740 -13.70 13.32 4.87
C GLN A 740 -14.69 14.46 5.04
N LYS A 741 -15.99 14.18 5.15
CA LYS A 741 -16.93 15.23 5.53
C LYS A 741 -16.55 15.83 6.88
N ILE A 742 -16.23 14.96 7.84
CA ILE A 742 -15.79 15.41 9.17
C ILE A 742 -14.53 16.26 9.05
N THR A 743 -13.56 15.78 8.27
CA THR A 743 -12.30 16.50 8.09
C THR A 743 -12.54 17.91 7.55
N ARG A 744 -13.37 18.02 6.51
CA ARG A 744 -13.66 19.31 5.91
C ARG A 744 -14.35 20.24 6.91
N PHE A 745 -15.34 19.71 7.64
CA PHE A 745 -16.02 20.51 8.64
C PHE A 745 -15.05 21.02 9.71
N VAL A 746 -14.18 20.15 10.20
CA VAL A 746 -13.24 20.55 11.25
C VAL A 746 -12.22 21.55 10.72
N ARG A 747 -11.82 21.42 9.45
CA ARG A 747 -10.93 22.42 8.86
C ARG A 747 -11.59 23.79 8.86
N TYR A 748 -12.82 23.86 8.36
CA TYR A 748 -13.54 25.13 8.36
C TYR A 748 -13.67 25.68 9.79
N LYS A 749 -14.01 24.82 10.74
CA LYS A 749 -14.15 25.27 12.12
C LYS A 749 -12.84 25.82 12.66
N GLU A 750 -11.72 25.20 12.28
CA GLU A 750 -10.41 25.70 12.69
C GLU A 750 -10.16 27.09 12.13
N MET A 751 -10.50 27.32 10.86
CA MET A 751 -10.28 28.64 10.28
C MET A 751 -11.39 29.63 10.61
N ASN A 752 -12.38 29.24 11.43
CA ASN A 752 -13.46 30.07 11.94
C ASN A 752 -14.49 30.46 10.88
N ALA A 753 -14.36 29.98 9.64
CA ALA A 753 -15.36 30.24 8.60
C ALA A 753 -16.63 29.43 8.86
N HIS A 768 -24.43 28.36 5.75
CA HIS A 768 -23.10 28.23 6.33
C HIS A 768 -22.94 29.21 7.51
N GLN A 769 -23.80 28.97 8.50
CA GLN A 769 -23.95 29.69 9.75
C GLN A 769 -23.75 28.62 10.81
N LYS A 770 -24.28 28.81 12.02
CA LYS A 770 -24.30 27.64 12.90
C LYS A 770 -24.78 26.49 12.03
N THR A 771 -23.90 25.52 11.74
CA THR A 771 -24.32 24.49 10.81
C THR A 771 -24.56 23.16 11.51
N HIS A 772 -23.49 22.40 11.78
CA HIS A 772 -23.14 21.69 13.01
C HIS A 772 -22.27 20.49 12.62
N PHE A 773 -21.89 19.61 13.56
CA PHE A 773 -21.12 18.43 13.16
C PHE A 773 -21.89 17.62 12.13
N PRO A 774 -21.20 17.04 11.14
CA PRO A 774 -21.89 16.22 10.13
C PRO A 774 -22.45 14.94 10.71
N GLN A 775 -23.63 14.57 10.24
CA GLN A 775 -24.27 13.35 10.67
C GLN A 775 -24.45 12.42 9.47
N PRO A 776 -24.54 11.10 9.72
CA PRO A 776 -24.81 10.16 8.61
C PRO A 776 -26.07 10.51 7.83
N TRP A 777 -27.14 10.85 8.54
CA TRP A 777 -28.35 11.34 7.90
C TRP A 777 -29.15 12.10 8.94
N GLU A 778 -30.10 12.90 8.46
CA GLU A 778 -30.93 13.68 9.36
C GLU A 778 -31.71 12.75 10.30
N PHE A 779 -31.76 13.13 11.58
CA PHE A 779 -32.43 12.35 12.63
C PHE A 779 -31.80 10.97 12.78
N PHE A 780 -30.48 10.90 12.63
CA PHE A 780 -29.76 9.65 12.82
C PHE A 780 -29.92 9.15 14.26
N ALA A 781 -29.71 10.02 15.23
CA ALA A 781 -29.75 9.63 16.64
C ALA A 781 -31.08 8.97 16.99
N GLN A 782 -32.20 9.62 16.69
CA GLN A 782 -33.49 9.06 17.08
C GLN A 782 -33.76 7.74 16.38
N GLU A 783 -33.48 7.65 15.07
CA GLU A 783 -33.69 6.39 14.36
C GLU A 783 -32.92 5.26 15.04
N VAL A 784 -31.63 5.49 15.33
CA VAL A 784 -30.80 4.45 15.93
C VAL A 784 -31.33 4.08 17.31
N MET A 785 -31.66 5.09 18.13
CA MET A 785 -32.18 4.83 19.47
C MET A 785 -33.46 4.00 19.42
N ILE A 786 -34.39 4.36 18.54
CA ILE A 786 -35.65 3.63 18.47
C ILE A 786 -35.41 2.22 17.97
N ARG A 787 -34.53 2.06 16.98
CA ARG A 787 -34.27 0.74 16.43
C ARG A 787 -33.61 -0.17 17.47
N VAL A 788 -32.73 0.39 18.31
CA VAL A 788 -32.01 -0.43 19.27
C VAL A 788 -32.86 -0.73 20.50
N PHE A 789 -33.54 0.27 21.04
CA PHE A 789 -34.20 0.14 22.34
C PHE A 789 -35.71 0.05 22.26
N GLY A 790 -36.31 0.36 21.12
CA GLY A 790 -37.76 0.32 21.00
C GLY A 790 -38.51 1.43 21.69
N LYS A 791 -37.81 2.46 22.15
CA LYS A 791 -38.38 3.60 22.83
C LYS A 791 -37.80 4.87 22.21
N PRO A 792 -38.46 6.01 22.38
CA PRO A 792 -37.88 7.26 21.88
C PRO A 792 -36.55 7.55 22.55
N ASP A 793 -35.78 8.45 21.92
CA ASP A 793 -34.44 8.73 22.41
C ASP A 793 -34.49 9.37 23.79
N GLY A 794 -35.35 10.38 23.97
CA GLY A 794 -35.41 11.09 25.23
C GLY A 794 -35.76 10.22 26.42
N LYS A 795 -36.91 9.54 26.36
CA LYS A 795 -37.46 8.87 27.55
C LYS A 795 -37.31 7.36 27.49
N PRO A 796 -36.63 6.74 28.46
CA PRO A 796 -36.56 5.28 28.56
C PRO A 796 -37.73 4.65 29.32
N GLU A 797 -38.69 5.44 29.78
CA GLU A 797 -39.86 4.91 30.48
C GLU A 797 -41.02 4.62 29.55
N PHE A 798 -40.91 4.91 28.26
CA PHE A 798 -41.93 4.52 27.32
C PHE A 798 -41.99 3.00 27.24
N GLU A 799 -43.19 2.47 27.02
CA GLU A 799 -43.34 1.04 26.88
C GLU A 799 -42.75 0.60 25.55
N GLU A 800 -41.87 -0.40 25.60
CA GLU A 800 -41.12 -0.79 24.42
C GLU A 800 -42.05 -1.29 23.32
N ALA A 801 -41.69 -0.98 22.08
CA ALA A 801 -42.38 -1.50 20.89
C ALA A 801 -41.96 -2.95 20.72
N ASP A 802 -42.59 -3.81 21.53
CA ASP A 802 -42.22 -5.22 21.60
C ASP A 802 -42.37 -5.94 20.26
N THR A 803 -43.19 -5.42 19.34
CA THR A 803 -43.55 -6.15 18.13
C THR A 803 -43.15 -5.37 16.89
N LEU A 804 -43.10 -6.10 15.77
CA LEU A 804 -42.76 -5.51 14.47
C LEU A 804 -43.64 -4.31 14.15
N GLU A 805 -44.95 -4.50 14.18
CA GLU A 805 -45.89 -3.46 13.76
C GLU A 805 -45.80 -2.24 14.68
N LYS A 806 -45.67 -2.46 15.98
CA LYS A 806 -45.54 -1.35 16.93
C LYS A 806 -44.26 -0.56 16.66
N LEU A 807 -43.15 -1.26 16.42
CA LEU A 807 -41.89 -0.57 16.11
C LEU A 807 -41.99 0.25 14.83
N ARG A 808 -42.60 -0.33 13.80
CA ARG A 808 -42.74 0.40 12.54
C ARG A 808 -43.64 1.63 12.72
N THR A 809 -44.73 1.48 13.48
CA THR A 809 -45.57 2.63 13.80
C THR A 809 -44.78 3.70 14.55
N LEU A 810 -43.92 3.28 15.48
CA LEU A 810 -43.15 4.25 16.27
C LEU A 810 -42.18 5.02 15.38
N LEU A 811 -41.47 4.32 14.49
CA LEU A 811 -40.56 5.02 13.57
C LEU A 811 -41.30 5.91 12.59
N ALA A 812 -42.46 5.46 12.11
CA ALA A 812 -43.23 6.28 11.19
C ALA A 812 -43.73 7.55 11.86
N GLU A 813 -44.20 7.44 13.10
CA GLU A 813 -44.72 8.59 13.83
C GLU A 813 -43.60 9.56 14.20
N LYS A 814 -42.53 9.06 14.80
CA LYS A 814 -41.47 9.95 15.29
C LYS A 814 -40.53 10.42 14.18
N LEU A 815 -40.48 9.71 13.05
CA LEU A 815 -39.58 10.04 11.95
C LEU A 815 -40.36 10.12 10.63
N SER A 816 -41.41 10.95 10.63
CA SER A 816 -42.23 11.09 9.43
C SER A 816 -41.46 11.69 8.27
N SER A 817 -40.50 12.58 8.56
CA SER A 817 -39.71 13.17 7.49
C SER A 817 -38.86 12.12 6.77
N ARG A 818 -38.39 11.12 7.49
CA ARG A 818 -37.52 10.11 6.89
C ARG A 818 -38.33 8.90 6.44
N PRO A 819 -38.67 8.82 5.15
CA PRO A 819 -39.43 7.66 4.66
C PRO A 819 -38.63 6.37 4.62
N GLU A 820 -37.30 6.47 4.56
CA GLU A 820 -36.40 5.32 4.51
C GLU A 820 -36.16 4.70 5.87
N ALA A 821 -36.77 5.25 6.93
CA ALA A 821 -36.63 4.67 8.26
C ALA A 821 -37.41 3.36 8.38
N VAL A 822 -38.47 3.19 7.60
CA VAL A 822 -39.30 1.99 7.64
C VAL A 822 -39.04 1.19 6.37
N HIS A 823 -38.78 -0.11 6.53
CA HIS A 823 -38.58 -1.00 5.40
C HIS A 823 -38.81 -2.44 5.88
N GLU A 824 -38.63 -3.39 4.95
CA GLU A 824 -39.04 -4.77 5.20
C GLU A 824 -38.14 -5.50 6.18
N TYR A 825 -36.99 -4.95 6.54
CA TYR A 825 -36.06 -5.62 7.43
C TYR A 825 -36.14 -5.11 8.87
N VAL A 826 -37.01 -4.14 9.14
CA VAL A 826 -37.11 -3.52 10.47
C VAL A 826 -37.84 -4.47 11.41
N THR A 827 -37.13 -4.99 12.40
CA THR A 827 -37.68 -5.83 13.45
C THR A 827 -37.06 -5.40 14.77
N PRO A 828 -37.78 -5.58 15.88
CA PRO A 828 -37.23 -5.20 17.17
C PRO A 828 -35.96 -5.99 17.49
N LEU A 829 -35.05 -5.35 18.24
CA LEU A 829 -33.82 -6.03 18.65
C LEU A 829 -34.15 -7.07 19.71
N PHE A 830 -33.94 -8.34 19.37
CA PHE A 830 -34.01 -9.42 20.34
C PHE A 830 -32.61 -10.00 20.51
N VAL A 831 -32.12 -10.03 21.74
CA VAL A 831 -30.74 -10.42 21.98
C VAL A 831 -30.62 -11.93 21.82
N SER A 832 -29.73 -12.36 20.93
CA SER A 832 -29.47 -13.78 20.74
C SER A 832 -28.43 -14.25 21.76
N ARG A 833 -28.76 -15.33 22.46
CA ARG A 833 -27.88 -15.90 23.49
C ARG A 833 -27.38 -17.26 23.04
N ALA A 834 -26.06 -17.42 23.05
CA ALA A 834 -25.44 -18.66 22.64
C ALA A 834 -25.97 -19.82 23.46
N PRO A 835 -26.63 -20.81 22.85
CA PRO A 835 -27.13 -21.94 23.62
C PRO A 835 -25.99 -22.77 24.17
N ASN A 836 -26.33 -23.55 25.19
CA ASN A 836 -25.37 -24.47 25.83
C ASN A 836 -26.15 -25.74 26.15
N ARG A 837 -26.14 -26.67 25.19
CA ARG A 837 -26.87 -27.91 25.29
C ARG A 837 -25.91 -29.10 25.47
N LYS A 838 -24.73 -28.81 26.01
CA LYS A 838 -23.76 -29.85 26.32
C LYS A 838 -24.34 -30.78 27.38
N MET A 839 -24.17 -32.09 27.17
CA MET A 839 -24.73 -33.08 28.07
C MET A 839 -23.73 -33.58 29.11
N SER A 840 -22.49 -33.12 29.04
CA SER A 840 -21.44 -33.52 29.97
C SER A 840 -21.11 -32.37 30.91
N GLY A 841 -20.72 -32.72 32.13
CA GLY A 841 -20.32 -31.71 33.08
C GLY A 841 -19.81 -32.33 34.36
N GLN A 842 -19.56 -31.46 35.34
CA GLN A 842 -19.18 -31.92 36.67
C GLN A 842 -20.24 -32.84 37.23
N GLY A 843 -19.80 -33.98 37.79
CA GLY A 843 -20.75 -34.94 38.31
C GLY A 843 -21.37 -34.50 39.63
N HIS A 844 -20.56 -33.93 40.51
CA HIS A 844 -20.99 -33.63 41.88
C HIS A 844 -19.98 -32.67 42.49
N MET A 845 -20.33 -32.13 43.65
CA MET A 845 -19.40 -31.27 44.37
C MET A 845 -18.28 -32.10 44.99
N GLU A 846 -17.12 -31.46 45.17
CA GLU A 846 -15.90 -32.19 45.48
C GLU A 846 -15.77 -32.59 46.94
N THR A 847 -16.56 -32.01 47.84
CA THR A 847 -16.55 -32.40 49.25
C THR A 847 -17.51 -33.57 49.45
N VAL A 848 -17.03 -34.61 50.13
CA VAL A 848 -17.80 -35.82 50.39
C VAL A 848 -18.31 -35.78 51.82
N LYS A 849 -19.59 -36.09 52.01
CA LYS A 849 -20.23 -36.04 53.31
C LYS A 849 -20.68 -37.43 53.74
N SER A 850 -20.68 -37.65 55.06
CA SER A 850 -21.15 -38.91 55.63
C SER A 850 -22.61 -39.17 55.26
N ALA A 851 -22.88 -40.36 54.74
CA ALA A 851 -24.22 -40.77 54.34
C ALA A 851 -24.78 -41.88 55.22
N LYS A 852 -24.22 -42.04 56.43
CA LYS A 852 -24.72 -43.06 57.35
C LYS A 852 -26.15 -42.76 57.78
N ARG A 853 -26.44 -41.50 58.09
CA ARG A 853 -27.70 -41.07 58.67
C ARG A 853 -28.65 -40.52 57.61
N LEU A 854 -28.55 -41.00 56.37
CA LEU A 854 -29.34 -40.44 55.28
C LEU A 854 -30.81 -40.80 55.35
N ASP A 855 -31.19 -41.80 56.15
CA ASP A 855 -32.60 -42.11 56.35
C ASP A 855 -33.37 -40.87 56.77
N GLU A 856 -32.91 -40.23 57.85
CA GLU A 856 -33.28 -38.86 58.14
C GLU A 856 -32.50 -37.93 57.22
N GLY A 857 -33.10 -36.80 56.88
CA GLY A 857 -32.52 -35.95 55.86
C GLY A 857 -31.29 -35.17 56.31
N VAL A 858 -30.18 -35.88 56.60
CA VAL A 858 -29.00 -35.24 57.14
C VAL A 858 -27.74 -35.87 56.54
N SER A 859 -26.71 -35.04 56.40
CA SER A 859 -25.33 -35.46 56.14
C SER A 859 -24.46 -34.91 57.26
N VAL A 860 -23.32 -35.55 57.49
CA VAL A 860 -22.39 -35.12 58.52
C VAL A 860 -21.05 -34.80 57.86
N LEU A 861 -20.62 -33.54 57.97
CA LEU A 861 -19.32 -33.12 57.48
C LEU A 861 -18.45 -32.67 58.65
N ARG A 862 -17.17 -32.98 58.59
CA ARG A 862 -16.27 -32.67 59.70
C ARG A 862 -15.53 -31.37 59.38
N VAL A 863 -15.68 -30.39 60.25
CA VAL A 863 -15.38 -28.99 59.96
C VAL A 863 -14.22 -28.57 60.87
N PRO A 864 -13.20 -27.88 60.34
CA PRO A 864 -12.13 -27.37 61.20
C PRO A 864 -12.65 -26.29 62.13
N LEU A 865 -12.07 -26.24 63.34
CA LEU A 865 -12.45 -25.20 64.30
C LEU A 865 -12.20 -23.80 63.75
N THR A 866 -11.14 -23.64 62.96
CA THR A 866 -10.85 -22.33 62.36
C THR A 866 -11.90 -21.90 61.34
N GLN A 867 -12.92 -22.73 61.10
CA GLN A 867 -14.03 -22.40 60.22
C GLN A 867 -15.38 -22.48 60.90
N LEU A 868 -15.43 -22.87 62.17
CA LEU A 868 -16.69 -23.12 62.86
C LEU A 868 -17.33 -21.81 63.30
N LYS A 869 -18.65 -21.72 63.12
CA LYS A 869 -19.43 -20.54 63.45
C LYS A 869 -20.57 -20.93 64.39
N LEU A 870 -21.17 -19.93 65.02
CA LEU A 870 -22.33 -20.18 65.89
C LEU A 870 -23.42 -20.94 65.15
N LYS A 871 -23.79 -20.47 63.96
CA LYS A 871 -24.81 -21.13 63.17
C LYS A 871 -24.44 -22.58 62.90
N ASP A 872 -23.16 -22.85 62.61
CA ASP A 872 -22.73 -24.23 62.41
C ASP A 872 -22.69 -24.98 63.72
N LEU A 873 -22.22 -24.33 64.78
CA LEU A 873 -22.10 -24.96 66.09
C LEU A 873 -23.45 -25.46 66.59
N GLU A 874 -24.53 -24.72 66.32
CA GLU A 874 -25.87 -25.17 66.68
C GLU A 874 -26.20 -26.54 66.07
N LYS A 875 -25.54 -26.92 64.99
CA LYS A 875 -25.82 -28.16 64.29
C LYS A 875 -24.75 -29.23 64.53
N MET A 876 -23.90 -29.06 65.54
CA MET A 876 -22.93 -30.09 65.88
C MET A 876 -23.63 -31.36 66.34
N VAL A 877 -23.11 -32.51 65.89
CA VAL A 877 -23.69 -33.79 66.28
C VAL A 877 -23.63 -33.98 67.78
N ASN A 878 -22.53 -33.56 68.41
CA ASN A 878 -22.28 -33.82 69.82
C ASN A 878 -22.71 -32.67 70.71
N ARG A 879 -23.56 -31.77 70.21
CA ARG A 879 -24.16 -30.75 71.07
C ARG A 879 -24.87 -31.38 72.25
N GLU A 880 -25.68 -32.41 72.00
CA GLU A 880 -26.44 -33.05 73.07
C GLU A 880 -25.53 -33.82 74.03
N ARG A 881 -24.51 -34.49 73.49
CA ARG A 881 -23.66 -35.37 74.29
C ARG A 881 -22.71 -34.58 75.20
N GLU A 882 -21.88 -33.73 74.61
CA GLU A 882 -20.79 -33.06 75.31
C GLU A 882 -21.05 -31.57 75.47
N PRO A 883 -21.83 -31.14 76.47
CA PRO A 883 -22.23 -29.74 76.52
C PRO A 883 -21.11 -28.78 76.91
N LYS A 884 -20.17 -29.20 77.77
CA LYS A 884 -19.09 -28.29 78.20
C LYS A 884 -18.25 -27.82 77.03
N LEU A 885 -17.87 -28.74 76.14
CA LEU A 885 -17.08 -28.39 74.97
C LEU A 885 -17.83 -27.38 74.12
N TYR A 886 -19.13 -27.60 73.91
CA TYR A 886 -19.96 -26.68 73.15
C TYR A 886 -19.96 -25.29 73.78
N GLU A 887 -20.14 -25.23 75.11
CA GLU A 887 -20.21 -23.94 75.78
C GLU A 887 -18.86 -23.21 75.69
N ALA A 888 -17.76 -23.94 75.85
CA ALA A 888 -16.45 -23.31 75.73
C ALA A 888 -16.21 -22.77 74.32
N LEU A 889 -16.59 -23.55 73.31
CA LEU A 889 -16.45 -23.11 71.93
C LEU A 889 -17.29 -21.86 71.66
N LYS A 890 -18.54 -21.88 72.14
CA LYS A 890 -19.43 -20.73 71.99
C LYS A 890 -18.85 -19.50 72.66
N ALA A 891 -18.32 -19.65 73.87
CA ALA A 891 -17.73 -18.52 74.58
C ALA A 891 -16.50 -17.99 73.83
N ARG A 892 -15.72 -18.89 73.24
CA ARG A 892 -14.54 -18.45 72.51
C ARG A 892 -14.91 -17.68 71.26
N LEU A 893 -15.97 -18.11 70.56
CA LEU A 893 -16.42 -17.37 69.39
C LEU A 893 -17.03 -16.03 69.77
N GLU A 894 -17.86 -16.00 70.81
CA GLU A 894 -18.42 -14.73 71.28
C GLU A 894 -17.32 -13.76 71.72
N ALA A 895 -16.29 -14.27 72.39
CA ALA A 895 -15.21 -13.42 72.89
C ALA A 895 -14.50 -12.70 71.75
N HIS A 896 -14.35 -13.34 70.60
CA HIS A 896 -13.61 -12.79 69.48
C HIS A 896 -14.53 -12.26 68.38
N LYS A 897 -15.73 -11.82 68.76
CA LYS A 897 -16.71 -11.27 67.82
C LYS A 897 -17.01 -12.24 66.69
N ASP A 898 -16.98 -13.54 67.01
CA ASP A 898 -17.36 -14.62 66.10
C ASP A 898 -16.45 -14.65 64.87
N ASP A 899 -15.16 -14.54 65.10
CA ASP A 899 -14.18 -14.77 64.04
C ASP A 899 -13.52 -16.10 64.35
N PRO A 900 -13.84 -17.17 63.61
CA PRO A 900 -13.31 -18.50 63.97
C PRO A 900 -11.79 -18.57 63.96
N ALA A 901 -11.14 -17.90 63.01
CA ALA A 901 -9.69 -17.94 62.92
C ALA A 901 -9.05 -17.30 64.14
N LYS A 902 -9.51 -16.11 64.52
CA LYS A 902 -8.98 -15.43 65.70
C LYS A 902 -9.30 -16.21 66.98
N ALA A 903 -10.52 -16.73 67.07
CA ALA A 903 -10.94 -17.40 68.30
C ALA A 903 -10.12 -18.66 68.55
N PHE A 904 -9.77 -19.39 67.49
CA PHE A 904 -9.08 -20.66 67.61
C PHE A 904 -7.65 -20.61 67.09
N ALA A 905 -7.03 -19.42 67.08
CA ALA A 905 -5.61 -19.34 66.76
C ALA A 905 -4.78 -20.13 67.75
N GLU A 906 -5.10 -20.02 69.09
CA GLU A 906 -4.36 -20.88 70.00
C GLU A 906 -5.15 -22.15 70.31
N PRO A 907 -4.44 -23.26 70.48
CA PRO A 907 -5.09 -24.58 70.45
C PRO A 907 -6.20 -24.72 71.49
N PHE A 908 -7.16 -25.59 71.17
CA PHE A 908 -8.32 -25.86 71.99
C PHE A 908 -8.27 -27.29 72.49
N TYR A 909 -8.62 -27.50 73.76
CA TYR A 909 -8.52 -28.82 74.39
C TYR A 909 -9.81 -29.19 75.12
N LYS A 910 -10.13 -30.49 75.08
CA LYS A 910 -11.24 -31.03 75.87
C LYS A 910 -10.80 -31.33 77.30
N TYR A 911 -11.44 -30.65 78.24
CA TYR A 911 -11.11 -30.79 79.65
C TYR A 911 -11.75 -32.00 80.22
N ASP A 912 -11.23 -32.50 81.33
CA ASP A 912 -11.73 -33.78 81.82
C ASP A 912 -12.19 -33.87 83.25
N LYS A 913 -13.34 -33.29 83.55
CA LYS A 913 -13.97 -33.26 84.90
C LYS A 913 -13.18 -32.42 85.92
N ALA A 914 -11.97 -32.84 86.26
CA ALA A 914 -11.01 -32.04 86.99
C ALA A 914 -10.46 -31.09 85.91
N GLY A 915 -9.99 -29.91 86.27
CA GLY A 915 -9.56 -29.00 85.24
C GLY A 915 -8.18 -29.23 84.68
N ASN A 916 -8.01 -30.31 83.94
CA ASN A 916 -6.74 -30.59 83.32
C ASN A 916 -6.98 -30.71 81.83
N ARG A 917 -6.24 -29.97 81.03
CA ARG A 917 -6.46 -30.03 79.60
C ARG A 917 -6.10 -31.43 79.21
N THR A 918 -6.92 -32.06 78.37
CA THR A 918 -6.59 -33.41 77.98
C THR A 918 -6.11 -33.60 76.54
N GLN A 919 -7.02 -33.65 75.57
CA GLN A 919 -6.67 -33.87 74.18
C GLN A 919 -7.04 -32.67 73.37
N GLN A 920 -6.38 -32.51 72.23
CA GLN A 920 -6.58 -31.35 71.38
C GLN A 920 -7.76 -31.57 70.45
N VAL A 921 -8.37 -30.46 70.03
CA VAL A 921 -9.45 -30.47 69.07
C VAL A 921 -9.06 -29.60 67.88
N LYS A 922 -9.20 -30.14 66.68
CA LYS A 922 -8.90 -29.42 65.46
C LYS A 922 -10.03 -29.46 64.43
N ALA A 923 -10.98 -30.38 64.56
CA ALA A 923 -12.15 -30.45 63.70
C ALA A 923 -13.25 -31.21 64.44
N VAL A 924 -14.50 -30.80 64.20
CA VAL A 924 -15.66 -31.40 64.84
C VAL A 924 -16.72 -31.71 63.78
N ARG A 925 -17.47 -32.79 64.01
CA ARG A 925 -18.53 -33.19 63.09
C ARG A 925 -19.75 -32.29 63.21
N VAL A 926 -20.24 -31.79 62.08
CA VAL A 926 -21.41 -30.91 62.01
C VAL A 926 -22.47 -31.53 61.12
N GLU A 927 -23.74 -31.39 61.53
CA GLU A 927 -24.88 -31.84 60.75
C GLU A 927 -25.28 -30.81 59.70
N GLN A 928 -25.73 -31.30 58.54
CA GLN A 928 -26.21 -30.47 57.45
C GLN A 928 -27.45 -31.13 56.85
N VAL A 929 -28.32 -30.30 56.29
CA VAL A 929 -29.51 -30.82 55.61
C VAL A 929 -29.10 -31.47 54.30
N GLN A 930 -29.70 -32.63 54.00
CA GLN A 930 -29.40 -33.32 52.75
C GLN A 930 -30.66 -34.04 52.27
N LYS A 931 -31.44 -33.36 51.44
CA LYS A 931 -32.62 -33.98 50.84
C LYS A 931 -32.25 -34.93 49.70
N THR A 932 -31.16 -34.65 48.98
CA THR A 932 -30.75 -35.46 47.84
C THR A 932 -29.23 -35.40 47.71
N GLY A 933 -28.71 -36.14 46.74
CA GLY A 933 -27.28 -36.11 46.49
C GLY A 933 -26.86 -37.20 45.51
N VAL A 934 -25.56 -37.44 45.46
CA VAL A 934 -24.94 -38.37 44.54
C VAL A 934 -24.04 -39.30 45.34
N TRP A 935 -24.22 -40.60 45.15
CA TRP A 935 -23.39 -41.59 45.82
C TRP A 935 -22.01 -41.66 45.17
N VAL A 936 -20.97 -41.70 46.01
CA VAL A 936 -19.59 -41.71 45.57
C VAL A 936 -18.77 -42.59 46.50
N ARG A 937 -17.53 -42.85 46.07
CA ARG A 937 -16.51 -43.53 46.87
C ARG A 937 -16.99 -44.92 47.30
N ASN A 938 -17.26 -45.76 46.30
CA ASN A 938 -17.74 -47.13 46.50
C ASN A 938 -19.03 -47.13 47.30
N HIS A 939 -19.89 -46.15 47.04
CA HIS A 939 -21.22 -46.05 47.64
C HIS A 939 -21.15 -45.89 49.15
N ASN A 940 -20.08 -45.24 49.65
CA ASN A 940 -19.92 -44.98 51.06
C ASN A 940 -19.85 -43.48 51.38
N GLY A 941 -20.02 -42.61 50.37
CA GLY A 941 -20.11 -41.19 50.62
C GLY A 941 -21.17 -40.58 49.72
N ILE A 942 -21.53 -39.33 50.03
CA ILE A 942 -22.54 -38.61 49.26
C ILE A 942 -22.09 -37.17 49.08
N ALA A 943 -22.35 -36.61 47.90
CA ALA A 943 -22.02 -35.23 47.60
C ALA A 943 -23.21 -34.53 46.95
N ASP A 944 -23.20 -33.21 46.97
CA ASP A 944 -24.27 -32.45 46.34
C ASP A 944 -24.13 -32.48 44.82
N ASN A 945 -25.24 -32.20 44.13
CA ASN A 945 -25.23 -32.11 42.68
C ASN A 945 -24.41 -30.91 42.22
N ALA A 946 -23.95 -30.98 40.97
CA ALA A 946 -23.14 -29.92 40.37
C ALA A 946 -23.78 -29.32 39.13
N THR A 947 -24.24 -30.14 38.20
CA THR A 947 -24.74 -29.65 36.92
C THR A 947 -26.03 -30.36 36.56
N MET A 948 -27.11 -29.60 36.41
CA MET A 948 -28.37 -30.10 35.87
C MET A 948 -28.31 -29.90 34.35
N VAL A 949 -28.18 -31.01 33.62
CA VAL A 949 -27.97 -30.90 32.17
C VAL A 949 -29.29 -30.79 31.41
N ARG A 950 -30.38 -31.33 31.94
CA ARG A 950 -31.62 -31.32 31.18
C ARG A 950 -32.82 -31.24 32.11
N VAL A 951 -33.93 -30.73 31.57
CA VAL A 951 -35.23 -30.80 32.23
C VAL A 951 -36.25 -31.25 31.18
N ASP A 952 -36.82 -32.43 31.36
CA ASP A 952 -37.85 -32.91 30.47
C ASP A 952 -39.19 -32.38 30.92
N VAL A 953 -39.96 -31.85 29.97
CA VAL A 953 -41.24 -31.19 30.23
C VAL A 953 -42.34 -32.06 29.64
N PHE A 954 -43.25 -32.50 30.52
CA PHE A 954 -44.40 -33.34 30.23
C PHE A 954 -45.67 -32.57 30.57
N GLU A 955 -46.79 -33.01 29.98
CA GLU A 955 -48.10 -32.43 30.26
C GLU A 955 -49.08 -33.53 30.59
N LYS A 956 -49.75 -33.42 31.74
CA LYS A 956 -50.83 -34.31 32.13
C LYS A 956 -52.08 -33.47 32.41
N GLY A 957 -53.19 -33.87 31.82
CA GLY A 957 -54.38 -33.04 31.88
C GLY A 957 -54.06 -31.71 31.22
N ASP A 958 -54.18 -30.62 31.98
CA ASP A 958 -53.77 -29.31 31.52
C ASP A 958 -52.72 -28.72 32.47
N LYS A 959 -51.87 -29.59 33.00
CA LYS A 959 -50.86 -29.21 33.99
C LYS A 959 -49.49 -29.73 33.56
N TYR A 960 -48.46 -28.95 33.86
CA TYR A 960 -47.11 -29.24 33.38
C TYR A 960 -46.25 -29.82 34.50
N TYR A 961 -45.38 -30.76 34.12
CA TYR A 961 -44.51 -31.46 35.06
C TYR A 961 -43.08 -31.47 34.54
N LEU A 962 -42.12 -31.31 35.46
CA LEU A 962 -40.71 -31.14 35.13
C LEU A 962 -39.91 -32.30 35.72
N VAL A 963 -39.05 -32.90 34.91
CA VAL A 963 -38.19 -33.99 35.34
C VAL A 963 -36.73 -33.56 35.18
N PRO A 964 -35.99 -33.36 36.27
CA PRO A 964 -34.58 -32.95 36.14
C PRO A 964 -33.67 -34.14 35.81
N ILE A 965 -32.65 -33.85 35.01
CA ILE A 965 -31.62 -34.82 34.63
C ILE A 965 -30.27 -34.18 34.90
N TYR A 966 -29.50 -34.80 35.78
CA TYR A 966 -28.15 -34.36 36.13
C TYR A 966 -27.11 -35.14 35.34
N SER A 967 -25.85 -34.67 35.42
CA SER A 967 -24.79 -35.25 34.60
C SER A 967 -24.45 -36.67 35.03
N TRP A 968 -24.48 -36.94 36.34
CA TRP A 968 -24.18 -38.30 36.80
C TRP A 968 -25.24 -39.28 36.33
N GLN A 969 -26.49 -38.83 36.22
CA GLN A 969 -27.53 -39.67 35.64
C GLN A 969 -27.23 -39.99 34.18
N VAL A 970 -26.66 -39.03 33.44
CA VAL A 970 -26.25 -39.29 32.07
C VAL A 970 -25.10 -40.30 32.04
N ALA A 971 -24.15 -40.16 32.97
CA ALA A 971 -23.00 -41.06 32.99
C ALA A 971 -23.44 -42.49 33.30
N LYS A 972 -24.30 -42.66 34.31
CA LYS A 972 -24.81 -43.98 34.67
C LYS A 972 -25.82 -44.50 33.66
N GLY A 973 -26.31 -43.65 32.76
CA GLY A 973 -27.21 -44.08 31.71
C GLY A 973 -28.66 -44.22 32.12
N ILE A 974 -29.08 -43.55 33.19
CA ILE A 974 -30.42 -43.69 33.72
C ILE A 974 -31.29 -42.55 33.22
N LEU A 975 -32.50 -42.88 32.79
CA LEU A 975 -33.46 -41.90 32.32
C LEU A 975 -34.51 -41.70 33.40
N PRO A 976 -34.49 -40.59 34.14
CA PRO A 976 -35.38 -40.44 35.29
C PRO A 976 -36.85 -40.52 34.90
N ASP A 977 -37.67 -40.94 35.86
CA ASP A 977 -39.10 -41.11 35.65
C ASP A 977 -39.94 -40.40 36.70
N ARG A 978 -39.35 -39.54 37.53
CA ARG A 978 -40.06 -38.86 38.60
C ARG A 978 -40.01 -37.36 38.38
N ALA A 979 -41.17 -36.71 38.44
CA ALA A 979 -41.29 -35.27 38.26
C ALA A 979 -41.41 -34.57 39.61
N VAL A 980 -41.16 -33.26 39.60
CA VAL A 980 -41.01 -32.50 40.83
C VAL A 980 -42.37 -32.23 41.47
N VAL A 981 -42.43 -32.41 42.78
CA VAL A 981 -43.52 -31.92 43.62
C VAL A 981 -42.90 -31.07 44.72
N GLN A 982 -43.51 -29.90 44.99
CA GLN A 982 -42.84 -28.88 45.78
C GLN A 982 -42.58 -29.34 47.21
N GLY A 983 -43.61 -29.82 47.90
CA GLY A 983 -43.46 -30.14 49.31
C GLY A 983 -42.71 -31.41 49.63
N LYS A 984 -42.67 -32.37 48.71
CA LYS A 984 -42.21 -33.72 49.00
C LYS A 984 -40.74 -33.91 48.63
N ASP A 985 -40.20 -35.05 49.06
CA ASP A 985 -38.89 -35.52 48.63
C ASP A 985 -39.04 -36.35 47.36
N GLU A 986 -37.90 -36.73 46.77
CA GLU A 986 -37.93 -37.37 45.46
C GLU A 986 -38.68 -38.70 45.49
N GLU A 987 -38.64 -39.41 46.62
CA GLU A 987 -39.32 -40.70 46.65
C GLU A 987 -40.84 -40.53 46.62
N ASP A 988 -41.35 -39.41 47.10
CA ASP A 988 -42.78 -39.09 47.03
C ASP A 988 -43.12 -38.25 45.79
N TRP A 989 -42.25 -38.23 44.79
CA TRP A 989 -42.48 -37.43 43.60
C TRP A 989 -43.41 -38.14 42.62
N GLN A 990 -43.94 -37.35 41.68
CA GLN A 990 -44.86 -37.87 40.68
C GLN A 990 -44.14 -38.80 39.70
N LEU A 991 -44.65 -40.02 39.57
CA LEU A 991 -44.09 -40.96 38.61
C LEU A 991 -44.65 -40.71 37.21
N ILE A 992 -43.82 -40.92 36.20
CA ILE A 992 -44.15 -40.66 34.81
C ILE A 992 -44.30 -42.00 34.09
N ASP A 993 -45.37 -42.14 33.32
CA ASP A 993 -45.62 -43.35 32.54
C ASP A 993 -46.27 -42.92 31.23
N ASP A 994 -46.84 -43.89 30.50
CA ASP A 994 -47.45 -43.59 29.20
C ASP A 994 -48.69 -42.70 29.31
N SER A 995 -49.19 -42.45 30.51
CA SER A 995 -50.33 -41.57 30.69
C SER A 995 -49.94 -40.10 30.63
N PHE A 996 -48.69 -39.81 30.28
CA PHE A 996 -48.16 -38.45 30.26
C PHE A 996 -47.70 -38.14 28.85
N ASN A 997 -48.15 -37.01 28.30
CA ASN A 997 -47.59 -36.52 27.06
C ASN A 997 -46.21 -35.96 27.32
N PHE A 998 -45.29 -36.16 26.39
CA PHE A 998 -43.97 -35.57 26.46
C PHE A 998 -43.95 -34.35 25.54
N LYS A 999 -43.54 -33.22 26.10
CA LYS A 999 -43.58 -31.97 25.35
C LYS A 999 -42.20 -31.61 24.79
N PHE A 1000 -41.19 -31.51 25.65
CA PHE A 1000 -39.87 -31.14 25.12
C PHE A 1000 -38.81 -31.32 26.20
N SER A 1001 -37.58 -30.93 25.84
CA SER A 1001 -36.43 -30.98 26.74
C SER A 1001 -35.78 -29.60 26.77
N LEU A 1002 -35.52 -29.10 27.97
CA LEU A 1002 -34.87 -27.81 28.18
C LEU A 1002 -33.42 -28.00 28.60
N HIS A 1003 -32.52 -27.32 27.91
CA HIS A 1003 -31.15 -27.11 28.32
C HIS A 1003 -30.98 -25.66 28.76
N PRO A 1004 -29.93 -25.35 29.51
CA PRO A 1004 -29.64 -23.94 29.82
C PRO A 1004 -29.59 -23.09 28.56
N ASN A 1005 -30.15 -21.88 28.67
CA ASN A 1005 -30.21 -20.92 27.56
C ASN A 1005 -31.06 -21.45 26.39
N ASP A 1006 -32.11 -22.20 26.69
CA ASP A 1006 -33.14 -22.51 25.70
C ASP A 1006 -34.24 -21.47 25.79
N LEU A 1007 -34.69 -21.00 24.63
CA LEU A 1007 -35.73 -19.98 24.61
C LEU A 1007 -37.07 -20.60 24.96
N VAL A 1008 -37.78 -20.01 25.93
CA VAL A 1008 -39.05 -20.54 26.42
C VAL A 1008 -40.09 -19.43 26.50
N GLU A 1009 -41.36 -19.85 26.38
CA GLU A 1009 -42.53 -18.99 26.54
C GLU A 1009 -43.45 -19.61 27.58
N VAL A 1010 -43.82 -18.81 28.58
CA VAL A 1010 -44.76 -19.20 29.64
C VAL A 1010 -45.90 -18.20 29.66
N ILE A 1011 -47.11 -18.67 29.36
CA ILE A 1011 -48.32 -17.87 29.50
C ILE A 1011 -49.14 -18.47 30.64
N THR A 1012 -49.30 -17.69 31.72
CA THR A 1012 -49.80 -18.19 33.00
C THR A 1012 -51.11 -17.53 33.43
N LYS A 1013 -51.79 -16.81 32.54
CA LYS A 1013 -53.02 -16.05 32.81
C LYS A 1013 -52.79 -14.88 33.77
N LYS A 1014 -51.58 -14.71 34.29
CA LYS A 1014 -51.20 -13.50 35.02
C LYS A 1014 -50.32 -12.58 34.19
N ALA A 1015 -49.44 -13.15 33.37
CA ALA A 1015 -48.63 -12.40 32.40
C ALA A 1015 -48.02 -13.39 31.43
N ARG A 1016 -47.52 -12.88 30.31
CA ARG A 1016 -46.77 -13.69 29.36
C ARG A 1016 -45.28 -13.38 29.55
N MET A 1017 -44.46 -14.42 29.61
CA MET A 1017 -43.03 -14.28 29.83
C MET A 1017 -42.29 -15.06 28.76
N PHE A 1018 -41.30 -14.42 28.15
CA PHE A 1018 -40.55 -14.99 27.02
C PHE A 1018 -39.07 -14.75 27.29
N GLY A 1019 -38.34 -15.82 27.57
CA GLY A 1019 -36.98 -15.64 28.04
C GLY A 1019 -36.11 -16.84 27.76
N TYR A 1020 -34.92 -16.84 28.35
CA TYR A 1020 -34.00 -17.96 28.23
C TYR A 1020 -33.97 -18.73 29.54
N PHE A 1021 -34.23 -20.03 29.47
CA PHE A 1021 -34.23 -20.89 30.66
C PHE A 1021 -32.83 -20.94 31.24
N ALA A 1022 -32.68 -20.50 32.49
CA ALA A 1022 -31.39 -20.41 33.15
C ALA A 1022 -31.19 -21.51 34.19
N SER A 1023 -32.13 -21.66 35.11
CA SER A 1023 -32.02 -22.61 36.22
C SER A 1023 -33.41 -23.15 36.56
N CYS A 1024 -33.44 -24.41 36.97
CA CYS A 1024 -34.63 -25.05 37.48
C CYS A 1024 -34.46 -25.33 38.97
N HIS A 1025 -35.52 -25.14 39.74
CA HIS A 1025 -35.47 -25.23 41.19
C HIS A 1025 -36.03 -26.58 41.61
N ARG A 1026 -35.15 -27.44 42.13
CA ARG A 1026 -35.58 -28.78 42.54
C ARG A 1026 -36.63 -28.74 43.64
N GLY A 1027 -36.44 -27.86 44.63
CA GLY A 1027 -37.36 -27.82 45.76
C GLY A 1027 -38.75 -27.31 45.41
N THR A 1028 -38.82 -26.27 44.58
CA THR A 1028 -40.10 -25.64 44.29
C THR A 1028 -40.75 -26.17 43.02
N GLY A 1029 -39.97 -26.53 42.02
CA GLY A 1029 -40.51 -26.85 40.73
C GLY A 1029 -40.67 -25.67 39.82
N ASN A 1030 -40.16 -24.50 40.21
CA ASN A 1030 -40.21 -23.29 39.42
C ASN A 1030 -39.00 -23.23 38.49
N ILE A 1031 -39.06 -22.33 37.53
CA ILE A 1031 -37.93 -22.12 36.63
C ILE A 1031 -37.49 -20.67 36.73
N ASN A 1032 -36.27 -20.41 36.29
CA ASN A 1032 -35.74 -19.07 36.18
C ASN A 1032 -35.46 -18.78 34.72
N ILE A 1033 -35.77 -17.56 34.28
CA ILE A 1033 -35.55 -17.18 32.89
C ILE A 1033 -34.85 -15.83 32.87
N ARG A 1034 -33.92 -15.69 31.95
CA ARG A 1034 -33.22 -14.44 31.72
C ARG A 1034 -33.93 -13.67 30.63
N ILE A 1035 -34.19 -12.39 30.88
CA ILE A 1035 -34.67 -11.51 29.83
C ILE A 1035 -33.58 -11.34 28.79
N HIS A 1036 -33.99 -11.34 27.51
CA HIS A 1036 -33.02 -11.40 26.42
C HIS A 1036 -31.91 -10.37 26.59
N ASP A 1037 -32.26 -9.13 26.93
CA ASP A 1037 -31.29 -8.05 27.09
C ASP A 1037 -30.80 -7.90 28.52
N LEU A 1038 -31.27 -8.74 29.44
CA LEU A 1038 -30.91 -8.66 30.86
C LEU A 1038 -31.12 -7.26 31.40
N ASP A 1039 -32.28 -6.68 31.07
CA ASP A 1039 -32.65 -5.37 31.62
C ASP A 1039 -32.84 -5.48 33.13
N HIS A 1040 -32.04 -4.72 33.88
CA HIS A 1040 -32.09 -4.80 35.34
C HIS A 1040 -33.39 -4.25 35.90
N LYS A 1041 -34.16 -3.50 35.10
CA LYS A 1041 -35.45 -3.00 35.56
C LYS A 1041 -36.41 -4.13 35.88
N ILE A 1042 -36.43 -5.17 35.05
CA ILE A 1042 -37.34 -6.31 35.21
C ILE A 1042 -36.59 -7.46 35.87
N GLY A 1043 -37.19 -8.04 36.91
CA GLY A 1043 -36.61 -9.18 37.57
C GLY A 1043 -35.44 -8.82 38.48
N LYS A 1044 -34.85 -9.85 39.07
CA LYS A 1044 -33.66 -9.70 39.91
C LYS A 1044 -32.44 -9.63 39.00
N ASN A 1045 -32.07 -8.42 38.59
CA ASN A 1045 -30.95 -8.18 37.66
C ASN A 1045 -31.19 -8.89 36.33
N GLY A 1046 -32.39 -8.69 35.78
CA GLY A 1046 -32.74 -9.26 34.49
C GLY A 1046 -33.19 -10.70 34.51
N ILE A 1047 -33.27 -11.33 35.69
CA ILE A 1047 -33.67 -12.72 35.81
C ILE A 1047 -35.00 -12.79 36.54
N LEU A 1048 -35.97 -13.47 35.95
CA LEU A 1048 -37.24 -13.76 36.61
C LEU A 1048 -37.08 -15.04 37.41
N GLU A 1049 -36.75 -14.88 38.69
CA GLU A 1049 -36.55 -16.03 39.57
C GLU A 1049 -37.90 -16.53 40.07
N GLY A 1050 -38.24 -17.78 39.74
CA GLY A 1050 -39.35 -18.45 40.38
C GLY A 1050 -40.66 -18.42 39.62
N ILE A 1051 -40.62 -18.75 38.34
CA ILE A 1051 -41.81 -18.78 37.50
C ILE A 1051 -42.42 -20.17 37.61
N GLY A 1052 -43.67 -20.24 38.05
CA GLY A 1052 -44.38 -21.50 38.07
C GLY A 1052 -44.93 -21.88 36.70
N VAL A 1053 -44.93 -23.17 36.42
CA VAL A 1053 -45.36 -23.65 35.11
C VAL A 1053 -46.42 -24.73 35.23
N LYS A 1054 -46.67 -25.20 36.46
CA LYS A 1054 -47.57 -26.33 36.62
C LYS A 1054 -49.00 -25.98 36.23
N THR A 1055 -49.43 -24.74 36.47
CA THR A 1055 -50.78 -24.29 36.15
C THR A 1055 -50.79 -23.25 35.02
N ALA A 1056 -49.81 -23.31 34.13
CA ALA A 1056 -49.70 -22.33 33.06
C ALA A 1056 -50.67 -22.63 31.93
N LEU A 1057 -51.21 -21.57 31.33
CA LEU A 1057 -52.05 -21.74 30.15
C LEU A 1057 -51.26 -22.38 29.02
N SER A 1058 -49.98 -22.00 28.86
CA SER A 1058 -49.15 -22.58 27.81
C SER A 1058 -47.69 -22.51 28.22
N PHE A 1059 -46.95 -23.55 27.86
CA PHE A 1059 -45.52 -23.66 28.15
C PHE A 1059 -44.85 -24.24 26.92
N GLN A 1060 -44.03 -23.44 26.24
CA GLN A 1060 -43.53 -23.84 24.93
C GLN A 1060 -42.06 -23.48 24.79
N LYS A 1061 -41.38 -24.18 23.88
CA LYS A 1061 -39.96 -24.01 23.62
C LYS A 1061 -39.76 -23.50 22.21
N TYR A 1062 -38.79 -22.61 22.05
CA TYR A 1062 -38.58 -21.88 20.82
C TYR A 1062 -37.14 -22.06 20.33
N GLN A 1063 -36.95 -21.60 19.10
CA GLN A 1063 -35.69 -21.66 18.37
C GLN A 1063 -35.36 -20.25 17.90
N ILE A 1064 -34.10 -19.88 18.04
CA ILE A 1064 -33.60 -18.58 17.62
C ILE A 1064 -32.20 -18.79 17.05
N ASP A 1065 -31.82 -17.89 16.15
CA ASP A 1065 -30.54 -18.00 15.48
C ASP A 1065 -29.62 -16.88 15.94
N GLU A 1066 -28.32 -17.10 15.78
CA GLU A 1066 -27.40 -15.98 15.80
C GLU A 1066 -27.92 -14.96 14.81
N LEU A 1067 -27.90 -13.69 15.21
CA LEU A 1067 -28.64 -12.54 14.67
C LEU A 1067 -29.97 -12.34 15.37
N GLY A 1068 -30.38 -13.25 16.25
CA GLY A 1068 -31.64 -13.05 16.98
C GLY A 1068 -32.84 -12.92 16.09
N LYS A 1069 -32.91 -13.70 15.03
CA LYS A 1069 -34.00 -13.69 14.07
C LYS A 1069 -34.55 -15.10 13.94
N GLU A 1070 -35.61 -15.22 13.15
CA GLU A 1070 -36.25 -16.50 12.85
C GLU A 1070 -36.62 -17.23 14.15
N ILE A 1071 -37.44 -16.58 14.97
CA ILE A 1071 -37.89 -17.17 16.22
C ILE A 1071 -39.09 -18.07 15.95
N ARG A 1072 -38.93 -19.36 16.22
CA ARG A 1072 -40.01 -20.27 15.88
C ARG A 1072 -40.33 -21.19 17.06
N PRO A 1073 -41.57 -21.66 17.18
CA PRO A 1073 -41.83 -22.73 18.14
C PRO A 1073 -41.32 -24.05 17.60
N CYS A 1074 -40.93 -24.93 18.52
CA CYS A 1074 -40.44 -26.23 18.10
C CYS A 1074 -41.02 -27.32 18.97
N ARG A 1075 -41.23 -28.49 18.38
CA ARG A 1075 -41.90 -29.60 19.04
C ARG A 1075 -41.12 -30.88 18.77
N LEU A 1076 -40.78 -31.59 19.85
CA LEU A 1076 -40.06 -32.84 19.75
C LEU A 1076 -41.03 -34.00 19.62
N LYS A 1077 -40.71 -34.93 18.72
CA LYS A 1077 -41.55 -36.11 18.55
C LYS A 1077 -41.42 -37.05 19.75
N LYS A 1078 -40.21 -37.55 19.99
CA LYS A 1078 -39.98 -38.54 21.04
C LYS A 1078 -39.05 -37.98 22.10
N ARG A 1079 -39.11 -38.58 23.28
CA ARG A 1079 -38.24 -38.19 24.37
C ARG A 1079 -36.80 -38.60 24.06
N PRO A 1080 -35.85 -37.68 24.13
CA PRO A 1080 -34.48 -38.00 23.73
C PRO A 1080 -33.78 -38.83 24.78
N PRO A 1081 -32.89 -39.73 24.36
CA PRO A 1081 -32.14 -40.55 25.33
C PRO A 1081 -31.05 -39.73 26.02
N VAL A 1082 -30.54 -40.29 27.11
CA VAL A 1082 -29.35 -39.73 27.74
C VAL A 1082 -28.07 -40.27 27.10
N ARG A 1083 -28.09 -41.52 26.62
CA ARG A 1083 -26.95 -42.18 25.99
C ARG A 1083 -25.65 -42.01 26.78
N SER E 1 70.92 -2.27 15.50
CA SER E 1 70.23 -1.10 16.04
C SER E 1 68.88 -0.90 15.37
N MET E 2 68.24 -2.01 14.98
CA MET E 2 66.89 -1.98 14.46
C MET E 2 65.96 -2.37 15.59
N PHE E 3 65.01 -1.52 15.90
CA PHE E 3 64.20 -1.69 17.10
C PHE E 3 62.88 -2.36 16.78
N LYS E 4 62.55 -3.38 17.55
CA LYS E 4 61.26 -4.03 17.50
C LYS E 4 60.52 -3.75 18.80
N ARG E 5 59.26 -4.18 18.82
CA ARG E 5 58.39 -3.95 19.96
C ARG E 5 57.49 -5.17 20.11
N ALA E 6 57.47 -5.71 21.33
CA ALA E 6 56.67 -6.88 21.64
C ALA E 6 55.42 -6.40 22.37
N ILE E 7 54.27 -6.55 21.72
CA ILE E 7 53.00 -6.16 22.32
C ILE E 7 52.39 -7.38 22.98
N ILE E 8 52.05 -7.23 24.25
CA ILE E 8 51.51 -8.29 25.08
C ILE E 8 50.13 -7.85 25.55
N PHE E 9 49.17 -8.77 25.50
CA PHE E 9 47.84 -8.54 26.03
C PHE E 9 47.55 -9.63 27.06
N THR E 10 47.28 -9.22 28.30
CA THR E 10 47.03 -10.14 29.39
C THR E 10 45.58 -10.04 29.85
N SER E 11 44.97 -11.18 30.16
CA SER E 11 43.56 -11.21 30.54
C SER E 11 43.28 -12.48 31.34
N PHE E 12 42.18 -12.45 32.09
CA PHE E 12 41.69 -13.61 32.83
C PHE E 12 40.55 -14.24 32.04
N ASN E 13 40.64 -15.56 31.83
CA ASN E 13 39.71 -16.26 30.96
C ASN E 13 38.50 -16.84 31.70
N GLY E 14 38.49 -16.81 33.03
CA GLY E 14 37.34 -17.22 33.79
C GLY E 14 37.24 -18.70 34.09
N PHE E 15 38.03 -19.55 33.43
CA PHE E 15 37.91 -20.99 33.64
C PHE E 15 38.27 -21.37 35.07
N GLU E 16 39.37 -20.84 35.59
CA GLU E 16 39.80 -21.13 36.95
C GLU E 16 40.12 -19.82 37.65
N LYS E 17 39.91 -19.80 38.97
CA LYS E 17 40.22 -18.62 39.76
C LYS E 17 41.72 -18.35 39.74
N VAL E 18 42.10 -17.08 39.84
CA VAL E 18 43.48 -16.65 39.68
C VAL E 18 44.12 -16.52 41.07
N SER E 19 45.18 -17.28 41.30
CA SER E 19 45.88 -17.24 42.58
C SER E 19 46.72 -15.97 42.69
N ARG E 20 46.85 -15.46 43.92
CA ARG E 20 47.76 -14.35 44.18
C ARG E 20 49.19 -14.70 43.79
N THR E 21 49.57 -15.97 43.98
CA THR E 21 50.85 -16.49 43.52
C THR E 21 51.08 -16.17 42.05
N GLU E 22 50.16 -16.61 41.19
CA GLU E 22 50.31 -16.39 39.74
C GLU E 22 50.32 -14.91 39.39
N LYS E 23 49.52 -14.10 40.08
CA LYS E 23 49.52 -12.66 39.84
C LYS E 23 50.89 -12.07 40.13
N ARG E 24 51.48 -12.43 41.28
CA ARG E 24 52.82 -11.94 41.61
C ARG E 24 53.86 -12.45 40.63
N ARG E 25 53.72 -13.71 40.19
CA ARG E 25 54.65 -14.27 39.20
C ARG E 25 54.62 -13.46 37.91
N LEU E 26 53.43 -13.22 37.36
CA LEU E 26 53.32 -12.46 36.13
C LEU E 26 53.83 -11.04 36.32
N ALA E 27 53.53 -10.42 37.46
CA ALA E 27 54.03 -9.08 37.72
C ALA E 27 55.56 -9.05 37.76
N LYS E 28 56.17 -10.09 38.35
CA LYS E 28 57.63 -10.15 38.39
C LYS E 28 58.21 -10.36 36.99
N ILE E 29 57.56 -11.20 36.17
CA ILE E 29 58.02 -11.41 34.81
C ILE E 29 57.98 -10.10 34.03
N ILE E 30 56.89 -9.34 34.17
CA ILE E 30 56.75 -8.09 33.43
C ILE E 30 57.77 -7.06 33.93
N ASN E 31 57.82 -6.86 35.25
CA ASN E 31 58.61 -5.76 35.82
C ASN E 31 60.11 -5.95 35.62
N ALA E 32 60.56 -7.17 35.31
CA ALA E 32 61.96 -7.37 34.95
C ALA E 32 62.40 -6.45 33.82
N ARG E 33 61.48 -6.09 32.92
CA ARG E 33 61.81 -5.29 31.75
C ARG E 33 61.57 -3.79 31.93
N VAL E 34 60.80 -3.38 32.94
CA VAL E 34 60.48 -1.97 33.11
C VAL E 34 61.61 -1.25 33.82
N SER E 35 61.77 0.04 33.48
CA SER E 35 62.71 0.93 34.15
C SER E 35 62.09 2.32 34.20
N ILE E 36 62.88 3.33 34.55
CA ILE E 36 62.35 4.69 34.55
C ILE E 36 62.05 5.16 33.13
N ILE E 37 62.64 4.51 32.12
CA ILE E 37 62.38 4.88 30.73
C ILE E 37 60.92 4.61 30.40
N ASP E 38 60.38 3.50 30.88
CA ASP E 38 59.03 3.04 30.59
C ASP E 38 58.31 2.61 31.86
N GLU E 39 58.33 3.50 32.86
CA GLU E 39 57.76 3.16 34.16
C GLU E 39 56.24 3.18 34.14
N TYR E 40 55.65 3.54 32.99
CA TYR E 40 54.20 3.41 32.83
C TYR E 40 53.78 1.96 32.61
N LEU E 41 54.74 1.06 32.43
CA LEU E 41 54.46 -0.34 32.21
C LEU E 41 54.42 -1.15 33.49
N ARG E 42 54.57 -0.51 34.65
CA ARG E 42 54.75 -1.24 35.90
C ARG E 42 53.59 -2.17 36.16
N ALA E 43 53.91 -3.36 36.67
CA ALA E 43 52.92 -4.41 36.90
C ALA E 43 52.77 -4.63 38.40
N LYS E 44 51.56 -4.45 38.89
CA LYS E 44 51.21 -4.83 40.25
C LYS E 44 50.42 -6.14 40.21
N ASP E 45 50.27 -6.78 41.37
CA ASP E 45 49.51 -8.03 41.40
C ASP E 45 48.01 -7.80 41.47
N THR E 46 47.57 -6.58 41.15
CA THR E 46 46.15 -6.28 41.09
C THR E 46 45.51 -6.98 39.89
N ASN E 47 44.20 -7.14 39.97
CA ASN E 47 43.45 -7.56 38.79
C ASN E 47 43.42 -6.45 37.75
N ALA E 48 43.37 -5.19 38.19
CA ALA E 48 43.34 -4.06 37.28
C ALA E 48 44.55 -4.06 36.35
N SER E 49 45.75 -4.09 36.93
CA SER E 49 46.97 -4.04 36.11
C SER E 49 47.11 -5.27 35.21
N LEU E 50 46.60 -6.42 35.65
CA LEU E 50 46.84 -7.66 34.93
C LEU E 50 45.73 -8.00 33.94
N ASP E 51 44.46 -7.93 34.36
CA ASP E 51 43.37 -8.43 33.54
C ASP E 51 43.03 -7.44 32.44
N GLY E 52 43.15 -7.90 31.18
CA GLY E 52 42.82 -7.09 30.03
C GLY E 52 43.68 -5.86 29.90
N GLN E 53 44.98 -6.04 29.64
CA GLN E 53 45.89 -4.91 29.50
C GLN E 53 46.85 -5.13 28.35
N TYR E 54 47.13 -4.05 27.63
CA TYR E 54 48.10 -4.00 26.55
C TYR E 54 49.40 -3.37 27.06
N ARG E 55 50.52 -4.04 26.81
CA ARG E 55 51.84 -3.55 27.21
C ARG E 55 52.80 -3.71 26.04
N ALA E 56 53.41 -2.61 25.61
CA ALA E 56 54.33 -2.60 24.48
C ALA E 56 55.76 -2.48 24.99
N PHE E 57 56.52 -3.57 24.93
CA PHE E 57 57.90 -3.60 25.40
C PHE E 57 58.85 -3.30 24.25
N LEU E 58 59.72 -2.30 24.46
CA LEU E 58 60.75 -1.95 23.49
C LEU E 58 61.90 -2.95 23.56
N PHE E 59 62.38 -3.38 22.38
CA PHE E 59 63.47 -4.34 22.29
C PHE E 59 64.38 -3.97 21.14
N ASN E 60 65.68 -4.23 21.32
CA ASN E 60 66.63 -4.16 20.22
C ASN E 60 66.72 -5.53 19.57
N ASP E 61 66.56 -5.55 18.24
CA ASP E 61 66.61 -6.78 17.47
C ASP E 61 68.03 -7.35 17.53
N GLU E 62 68.27 -8.49 16.88
CA GLU E 62 69.59 -9.13 16.82
C GLU E 62 70.21 -9.30 18.20
N SER E 63 69.35 -9.52 19.21
CA SER E 63 69.73 -9.74 20.59
C SER E 63 68.68 -10.69 21.16
N PRO E 64 69.10 -11.72 21.90
CA PRO E 64 68.14 -12.76 22.33
C PRO E 64 67.31 -12.36 23.55
N ALA E 65 67.30 -11.07 23.89
CA ALA E 65 66.49 -10.61 25.01
C ALA E 65 65.00 -10.81 24.74
N MET E 66 64.53 -10.31 23.61
CA MET E 66 63.12 -10.44 23.24
C MET E 66 62.67 -11.90 23.26
N THR E 67 63.49 -12.79 22.68
CA THR E 67 63.13 -14.20 22.60
C THR E 67 63.01 -14.82 24.00
N GLU E 68 63.94 -14.51 24.90
CA GLU E 68 63.88 -15.07 26.25
C GLU E 68 62.69 -14.53 27.02
N PHE E 69 62.41 -13.23 26.89
CA PHE E 69 61.22 -12.64 27.50
C PHE E 69 59.95 -13.36 27.04
N LEU E 70 59.80 -13.49 25.72
CA LEU E 70 58.61 -14.14 25.16
C LEU E 70 58.52 -15.61 25.58
N ALA E 71 59.66 -16.28 25.67
CA ALA E 71 59.66 -17.67 26.12
C ALA E 71 59.17 -17.79 27.56
N LYS E 72 59.64 -16.89 28.43
CA LYS E 72 59.17 -16.90 29.82
C LYS E 72 57.67 -16.63 29.89
N LEU E 73 57.19 -15.66 29.10
CA LEU E 73 55.77 -15.35 29.08
C LEU E 73 54.95 -16.55 28.60
N LYS E 74 55.38 -17.20 27.51
CA LYS E 74 54.68 -18.35 26.97
C LYS E 74 54.64 -19.49 27.99
N ALA E 75 55.78 -19.76 28.64
CA ALA E 75 55.84 -20.79 29.67
C ALA E 75 54.84 -20.50 30.78
N PHE E 76 54.83 -19.26 31.28
CA PHE E 76 53.90 -18.90 32.34
C PHE E 76 52.45 -19.09 31.90
N ALA E 77 52.11 -18.57 30.72
CA ALA E 77 50.74 -18.65 30.23
C ALA E 77 50.29 -20.10 30.08
N GLU E 78 51.16 -20.96 29.51
CA GLU E 78 50.80 -22.36 29.37
C GLU E 78 50.71 -23.07 30.72
N SER E 79 51.51 -22.64 31.69
CA SER E 79 51.47 -23.23 33.02
C SER E 79 50.29 -22.77 33.85
N CYS E 80 49.68 -21.63 33.52
CA CYS E 80 48.70 -21.05 34.42
C CYS E 80 47.27 -21.48 34.13
N THR E 81 46.94 -21.82 32.87
CA THR E 81 45.63 -22.39 32.53
C THR E 81 44.48 -21.69 33.25
N GLY E 82 44.23 -20.44 32.89
CA GLY E 82 43.38 -19.57 33.69
C GLY E 82 43.77 -18.12 33.53
N ILE E 83 44.88 -17.91 32.83
CA ILE E 83 45.31 -16.60 32.37
C ILE E 83 45.68 -16.73 30.90
N SER E 84 45.22 -15.78 30.09
CA SER E 84 45.50 -15.77 28.66
C SER E 84 46.41 -14.60 28.33
N ILE E 85 47.48 -14.89 27.58
CA ILE E 85 48.41 -13.87 27.11
C ILE E 85 48.56 -14.03 25.59
N ASP E 86 48.45 -12.92 24.88
CA ASP E 86 48.66 -12.90 23.43
C ASP E 86 49.82 -11.96 23.12
N ALA E 87 50.74 -12.43 22.29
CA ALA E 87 51.96 -11.67 21.99
C ALA E 87 52.11 -11.49 20.48
N TRP E 88 52.29 -10.23 20.08
CA TRP E 88 52.53 -9.78 18.72
C TRP E 88 53.88 -9.06 18.66
N GLU E 89 54.40 -8.90 17.46
CA GLU E 89 55.66 -8.18 17.21
C GLU E 89 55.46 -7.15 16.12
N ILE E 90 56.06 -5.96 16.32
CA ILE E 90 55.98 -4.89 15.32
C ILE E 90 57.29 -4.09 15.30
N GLU E 91 57.62 -3.56 14.13
CA GLU E 91 58.80 -2.72 14.01
C GLU E 91 58.53 -1.32 14.56
N GLU E 92 59.57 -0.72 15.16
CA GLU E 92 59.41 0.58 15.81
C GLU E 92 58.97 1.65 14.82
N SER E 93 59.41 1.54 13.55
CA SER E 93 58.96 2.47 12.52
C SER E 93 57.44 2.52 12.46
N GLU E 94 56.82 1.37 12.20
CA GLU E 94 55.37 1.30 12.14
C GLU E 94 54.75 1.69 13.47
N TYR E 95 55.37 1.31 14.58
CA TYR E 95 54.78 1.58 15.89
C TYR E 95 54.68 3.08 16.15
N VAL E 96 55.76 3.83 15.90
CA VAL E 96 55.69 5.27 16.11
C VAL E 96 55.00 5.99 14.97
N ARG E 97 54.76 5.31 13.85
CA ARG E 97 53.94 5.91 12.80
C ARG E 97 52.46 5.78 13.08
N LEU E 98 52.07 5.02 14.12
CA LEU E 98 50.68 4.85 14.52
C LEU E 98 50.21 6.04 15.35
N PRO E 99 48.89 6.28 15.38
CA PRO E 99 48.39 7.32 16.27
C PRO E 99 48.63 6.97 17.73
N VAL E 100 48.74 8.02 18.55
CA VAL E 100 49.03 7.87 19.97
C VAL E 100 47.85 7.25 20.73
N GLU E 101 46.62 7.51 20.28
CA GLU E 101 45.44 7.22 21.11
C GLU E 101 45.21 5.72 21.28
N ARG E 102 44.98 5.00 20.20
CA ARG E 102 44.67 3.57 20.26
C ARG E 102 45.83 2.72 19.77
N ARG E 103 47.06 3.11 20.16
CA ARG E 103 48.26 2.58 19.52
C ARG E 103 48.46 1.08 19.75
N ASP E 104 48.17 0.56 20.95
CA ASP E 104 48.51 -0.84 21.20
C ASP E 104 47.56 -1.79 20.50
N PHE E 105 46.27 -1.47 20.48
CA PHE E 105 45.32 -2.26 19.70
C PHE E 105 45.70 -2.26 18.23
N LEU E 106 45.99 -1.08 17.67
CA LEU E 106 46.37 -0.99 16.27
C LEU E 106 47.65 -1.75 15.98
N ALA E 107 48.61 -1.72 16.92
CA ALA E 107 49.86 -2.43 16.72
C ALA E 107 49.66 -3.93 16.75
N ALA E 108 48.82 -4.42 17.66
CA ALA E 108 48.48 -5.84 17.66
C ALA E 108 47.81 -6.23 16.34
N ALA E 109 46.93 -5.38 15.83
CA ALA E 109 46.29 -5.69 14.55
C ALA E 109 47.29 -5.70 13.40
N ASN E 110 48.23 -4.76 13.40
CA ASN E 110 49.16 -4.54 12.29
C ASN E 110 50.49 -5.26 12.45
N GLY E 111 50.66 -6.06 13.50
CA GLY E 111 51.90 -6.75 13.75
C GLY E 111 51.87 -8.20 13.32
N LYS E 112 52.94 -8.90 13.65
CA LYS E 112 53.08 -10.32 13.37
C LYS E 112 52.75 -11.11 14.63
N GLU E 113 51.81 -12.05 14.50
CA GLU E 113 51.40 -12.83 15.67
C GLU E 113 52.54 -13.74 16.09
N ILE E 114 52.83 -13.75 17.38
CA ILE E 114 53.90 -14.58 17.90
C ILE E 114 53.24 -15.79 18.53
N PHE E 115 52.32 -15.53 19.45
CA PHE E 115 51.54 -16.65 19.99
C PHE E 115 50.29 -16.14 20.69
N LYS E 116 49.19 -16.89 20.57
CA LYS E 116 47.95 -16.62 21.28
C LYS E 116 47.63 -17.78 22.21
N ILE E 117 47.63 -17.52 23.51
CA ILE E 117 47.26 -18.56 24.45
C ILE E 117 46.49 -17.95 25.61
N ALA F 3 78.40 51.02 50.47
CA ALA F 3 78.99 52.34 50.65
C ALA F 3 80.50 52.25 50.89
N ALA F 4 81.13 51.22 50.33
CA ALA F 4 82.56 50.97 50.54
C ALA F 4 83.34 51.37 49.29
N PHE F 5 83.66 52.66 49.22
CA PHE F 5 84.76 53.20 48.43
C PHE F 5 86.00 53.41 49.29
N LYS F 6 86.16 52.57 50.31
CA LYS F 6 87.18 52.71 51.34
C LYS F 6 88.17 51.55 51.26
N PRO F 7 89.46 51.81 51.44
CA PRO F 7 90.42 50.70 51.49
C PRO F 7 90.43 49.98 52.82
N ASN F 8 89.87 50.58 53.87
CA ASN F 8 89.85 49.97 55.19
C ASN F 8 88.51 49.34 55.54
N SER F 9 87.42 49.85 54.98
CA SER F 9 86.11 49.20 55.05
C SER F 9 85.89 48.40 53.79
N ILE F 10 85.32 47.22 53.94
CA ILE F 10 85.28 46.23 52.87
C ILE F 10 83.83 45.87 52.56
N ASN F 11 83.48 45.97 51.27
CA ASN F 11 82.16 45.59 50.76
C ASN F 11 82.14 44.10 50.46
N TYR F 12 81.32 43.33 51.18
CA TYR F 12 81.31 41.90 50.95
C TYR F 12 79.90 41.33 51.06
N ILE F 13 79.67 40.28 50.29
CA ILE F 13 78.49 39.43 50.41
C ILE F 13 78.87 38.22 51.25
N LEU F 14 78.05 37.93 52.24
CA LEU F 14 78.23 36.76 53.10
C LEU F 14 77.33 35.64 52.59
N GLY F 15 77.94 34.61 52.01
CA GLY F 15 77.22 33.40 51.65
C GLY F 15 77.23 32.40 52.81
N LEU F 16 76.08 31.77 53.03
CA LEU F 16 75.90 30.76 54.06
C LEU F 16 75.23 29.54 53.45
N ALA F 17 75.90 28.39 53.52
CA ALA F 17 75.29 27.09 53.25
C ALA F 17 74.86 26.52 54.60
N ILE F 18 73.57 26.55 54.87
CA ILE F 18 73.02 26.14 56.17
C ILE F 18 72.56 24.69 56.08
N GLY F 19 73.34 23.79 56.66
CA GLY F 19 72.97 22.40 56.78
C GLY F 19 72.36 22.08 58.13
N ILE F 20 72.08 20.78 58.32
CA ILE F 20 71.42 20.34 59.54
C ILE F 20 72.41 20.13 60.66
N ALA F 21 73.69 20.05 60.34
CA ALA F 21 74.76 19.92 61.32
C ALA F 21 75.96 20.80 61.00
N SER F 22 75.88 21.64 59.97
CA SER F 22 77.01 22.47 59.56
C SER F 22 76.51 23.78 59.00
N VAL F 23 77.30 24.83 59.20
CA VAL F 23 77.09 26.12 58.55
C VAL F 23 78.40 26.45 57.83
N GLY F 24 78.42 26.29 56.51
CA GLY F 24 79.52 26.81 55.73
C GLY F 24 79.31 28.27 55.42
N TRP F 25 80.39 29.06 55.51
CA TRP F 25 80.27 30.48 55.25
C TRP F 25 81.41 30.96 54.37
N ALA F 26 81.13 32.02 53.61
CA ALA F 26 82.11 32.64 52.74
C ALA F 26 81.82 34.13 52.67
N MET F 27 82.88 34.91 52.47
CA MET F 27 82.81 36.35 52.29
C MET F 27 83.49 36.69 50.98
N VAL F 28 82.73 37.27 50.05
CA VAL F 28 83.20 37.65 48.73
C VAL F 28 83.07 39.16 48.59
N GLU F 29 84.19 39.85 48.34
CA GLU F 29 84.15 41.28 48.12
C GLU F 29 83.48 41.58 46.78
N ILE F 30 82.78 42.72 46.71
CA ILE F 30 82.02 43.08 45.51
C ILE F 30 82.33 44.51 45.09
N ASP F 31 81.91 44.80 43.86
CA ASP F 31 82.10 46.08 43.17
C ASP F 31 81.07 47.09 43.63
N GLU F 32 81.08 48.27 42.99
CA GLU F 32 79.94 49.17 43.09
C GLU F 32 78.83 48.76 42.14
N GLU F 33 79.09 47.80 41.27
CA GLU F 33 78.08 47.23 40.38
C GLU F 33 77.70 45.82 40.80
N GLU F 34 77.92 45.47 42.07
CA GLU F 34 77.65 44.14 42.61
C GLU F 34 78.35 43.06 41.78
N ASN F 35 79.65 43.23 41.62
CA ASN F 35 80.45 42.26 40.90
C ASN F 35 81.33 41.48 41.87
N PRO F 36 81.38 40.15 41.78
CA PRO F 36 82.32 39.40 42.64
C PRO F 36 83.73 39.62 42.13
N ILE F 37 84.60 40.17 42.99
CA ILE F 37 85.92 40.59 42.54
C ILE F 37 87.03 39.90 43.34
N ARG F 38 86.73 39.48 44.57
CA ARG F 38 87.79 38.95 45.42
C ARG F 38 87.20 38.03 46.48
N LEU F 39 87.87 36.91 46.73
CA LEU F 39 87.44 35.94 47.73
C LEU F 39 88.10 36.32 49.05
N ILE F 40 87.33 36.95 49.94
CA ILE F 40 87.92 37.47 51.17
C ILE F 40 88.17 36.35 52.17
N ASP F 41 87.14 35.63 52.59
CA ASP F 41 87.37 34.64 53.63
C ASP F 41 86.33 33.53 53.56
N LEU F 42 86.61 32.44 54.27
CA LEU F 42 85.72 31.27 54.26
C LEU F 42 85.96 30.40 55.49
N GLY F 43 84.93 29.65 55.87
CA GLY F 43 85.06 28.71 56.97
C GLY F 43 83.84 27.82 57.07
N VAL F 44 83.86 26.91 58.05
CA VAL F 44 82.78 25.94 58.29
C VAL F 44 82.64 25.72 59.79
N ARG F 45 81.47 26.03 60.33
CA ARG F 45 81.10 25.66 61.69
C ARG F 45 80.35 24.34 61.66
N VAL F 46 80.66 23.43 62.59
CA VAL F 46 80.04 22.10 62.64
C VAL F 46 79.55 21.86 64.06
N PHE F 47 78.33 21.31 64.22
CA PHE F 47 77.76 21.39 65.57
C PHE F 47 76.80 20.33 66.13
N GLU F 48 76.78 19.06 65.68
CA GLU F 48 75.88 18.11 66.37
C GLU F 48 74.37 18.39 66.36
N ARG F 49 73.63 17.84 65.40
CA ARG F 49 72.16 17.96 65.31
C ARG F 49 71.42 17.88 66.66
N ALA F 50 70.44 18.76 66.85
CA ALA F 50 69.67 18.83 68.10
C ALA F 50 68.57 17.77 68.16
N GLU F 51 68.98 16.52 68.18
CA GLU F 51 68.03 15.43 68.28
C GLU F 51 68.74 14.23 68.89
N VAL F 52 67.96 13.26 69.36
CA VAL F 52 68.51 12.00 69.84
C VAL F 52 69.22 11.36 68.64
N PRO F 53 70.52 11.11 68.72
CA PRO F 53 71.24 10.62 67.53
C PRO F 53 70.74 9.28 67.00
N LYS F 54 70.44 8.33 67.90
CA LYS F 54 70.02 7.01 67.44
C LYS F 54 68.68 7.06 66.73
N THR F 55 67.68 7.68 67.37
CA THR F 55 66.29 7.54 66.95
C THR F 55 65.72 8.76 66.24
N GLY F 56 66.30 9.93 66.44
CA GLY F 56 65.70 11.14 65.91
C GLY F 56 64.61 11.71 66.80
N ASP F 57 64.34 11.08 67.94
CA ASP F 57 63.34 11.59 68.87
C ASP F 57 63.75 12.94 69.44
N SER F 58 62.76 13.69 69.89
CA SER F 58 63.03 14.98 70.50
C SER F 58 63.85 14.82 71.78
N LEU F 59 64.87 15.66 71.93
CA LEU F 59 65.63 15.69 73.18
C LEU F 59 64.72 16.11 74.33
N ALA F 60 63.96 17.19 74.12
CA ALA F 60 63.01 17.63 75.13
C ALA F 60 61.98 16.56 75.46
N MET F 61 61.59 15.74 74.48
CA MET F 61 60.60 14.69 74.77
C MET F 61 61.18 13.62 75.68
N ALA F 62 62.42 13.20 75.44
CA ALA F 62 63.05 12.23 76.34
C ALA F 62 63.21 12.83 77.74
N ARG F 63 63.64 14.09 77.81
CA ARG F 63 63.73 14.76 79.10
C ARG F 63 62.38 14.80 79.79
N ARG F 64 61.32 15.13 79.04
CA ARG F 64 59.98 15.22 79.61
C ARG F 64 59.49 13.87 80.09
N LEU F 65 59.79 12.80 79.36
CA LEU F 65 59.39 11.48 79.84
C LEU F 65 60.10 11.13 81.13
N ALA F 66 61.40 11.45 81.22
CA ALA F 66 62.11 11.29 82.48
C ALA F 66 61.45 12.08 83.60
N ARG F 67 61.07 13.33 83.32
CA ARG F 67 60.44 14.16 84.34
C ARG F 67 59.10 13.59 84.77
N SER F 68 58.33 13.06 83.82
CA SER F 68 57.02 12.52 84.14
C SER F 68 57.13 11.25 84.96
N VAL F 69 58.10 10.39 84.65
CA VAL F 69 58.25 9.19 85.49
C VAL F 69 58.78 9.57 86.86
N ARG F 70 59.61 10.62 86.96
CA ARG F 70 60.00 11.11 88.28
C ARG F 70 58.78 11.50 89.10
N ARG F 71 57.87 12.28 88.48
CA ARG F 71 56.67 12.70 89.19
C ARG F 71 55.79 11.51 89.57
N LEU F 72 55.62 10.54 88.65
CA LEU F 72 54.80 9.38 88.95
C LEU F 72 55.35 8.60 90.13
N THR F 73 56.66 8.31 90.11
CA THR F 73 57.30 7.61 91.21
C THR F 73 57.11 8.35 92.53
N ARG F 74 57.41 9.66 92.53
CA ARG F 74 57.26 10.46 93.74
C ARG F 74 55.85 10.41 94.28
N ARG F 75 54.86 10.53 93.40
CA ARG F 75 53.47 10.62 93.86
C ARG F 75 52.94 9.28 94.34
N ARG F 76 53.37 8.18 93.71
CA ARG F 76 52.97 6.87 94.22
C ARG F 76 53.55 6.63 95.61
N ALA F 77 54.85 6.92 95.77
CA ALA F 77 55.47 6.77 97.09
C ALA F 77 54.79 7.65 98.14
N HIS F 78 54.47 8.90 97.77
CA HIS F 78 53.81 9.80 98.70
C HIS F 78 52.42 9.28 99.07
N ARG F 79 51.68 8.76 98.08
CA ARG F 79 50.37 8.16 98.34
C ARG F 79 50.47 7.05 99.37
N LEU F 80 51.43 6.16 99.20
CA LEU F 80 51.54 5.03 100.13
C LEU F 80 51.98 5.50 101.51
N LEU F 81 52.92 6.45 101.58
CA LEU F 81 53.33 6.98 102.87
C LEU F 81 52.17 7.65 103.60
N ARG F 82 51.38 8.44 102.87
CA ARG F 82 50.19 9.06 103.46
C ARG F 82 49.22 8.00 103.95
N THR F 83 49.06 6.93 103.19
CA THR F 83 48.13 5.87 103.60
C THR F 83 48.60 5.21 104.89
N ARG F 84 49.91 4.98 105.03
CA ARG F 84 50.43 4.43 106.27
C ARG F 84 50.21 5.39 107.44
N ARG F 85 50.50 6.68 107.23
CA ARG F 85 50.24 7.67 108.28
C ARG F 85 48.77 7.65 108.71
N LEU F 86 47.86 7.50 107.73
CA LEU F 86 46.44 7.44 108.05
C LEU F 86 46.09 6.17 108.82
N LEU F 87 46.69 5.05 108.42
CA LEU F 87 46.46 3.80 109.15
C LEU F 87 46.91 3.93 110.59
N LYS F 88 48.01 4.62 110.83
CA LYS F 88 48.46 4.85 112.19
C LYS F 88 47.51 5.78 112.95
N ARG F 89 47.04 6.85 112.30
CA ARG F 89 46.21 7.83 112.99
C ARG F 89 44.81 7.30 113.28
N GLU F 90 44.28 6.43 112.41
CA GLU F 90 42.94 5.89 112.61
C GLU F 90 42.94 4.66 113.50
N GLY F 91 44.00 4.46 114.26
CA GLY F 91 44.07 3.36 115.21
C GLY F 91 43.96 1.99 114.59
N VAL F 92 44.51 1.79 113.40
CA VAL F 92 44.51 0.48 112.77
C VAL F 92 45.79 -0.27 113.11
N LEU F 93 46.89 0.47 113.20
CA LEU F 93 48.18 -0.06 113.59
C LEU F 93 48.76 0.82 114.68
N GLN F 94 49.71 0.26 115.42
CA GLN F 94 50.35 0.94 116.54
C GLN F 94 51.82 1.17 116.20
N ALA F 95 52.44 2.08 116.96
CA ALA F 95 53.86 2.36 116.77
C ALA F 95 54.70 1.10 116.78
N ALA F 96 54.22 0.04 117.44
CA ALA F 96 54.94 -1.23 117.46
C ALA F 96 55.03 -1.86 116.07
N ASN F 97 54.08 -1.57 115.18
CA ASN F 97 54.04 -2.21 113.87
C ASN F 97 55.01 -1.61 112.87
N PHE F 98 55.67 -0.50 113.19
CA PHE F 98 56.48 0.23 112.22
C PHE F 98 57.96 0.14 112.57
N ASP F 99 58.77 -0.09 111.54
CA ASP F 99 60.21 -0.23 111.69
C ASP F 99 60.90 1.13 111.68
N GLU F 100 62.24 1.12 111.70
CA GLU F 100 63.01 2.36 111.74
C GLU F 100 62.70 3.26 110.54
N ASN F 101 62.57 2.67 109.34
CA ASN F 101 62.29 3.47 108.16
C ASN F 101 60.87 4.04 108.18
N GLY F 102 59.91 3.25 108.64
CA GLY F 102 58.52 3.66 108.61
C GLY F 102 57.68 2.70 107.81
N LEU F 103 58.09 1.44 107.80
CA LEU F 103 57.39 0.38 107.07
C LEU F 103 56.78 -0.60 108.06
N ILE F 104 55.74 -1.30 107.61
CA ILE F 104 55.02 -2.24 108.46
C ILE F 104 55.82 -3.53 108.60
N LYS F 105 56.18 -3.88 109.83
CA LYS F 105 56.92 -5.10 110.08
C LYS F 105 56.02 -6.31 109.85
N SER F 106 56.55 -7.30 109.13
CA SER F 106 55.86 -8.56 108.86
C SER F 106 54.50 -8.32 108.19
N LEU F 107 54.55 -7.59 107.07
CA LEU F 107 53.32 -7.42 106.30
C LEU F 107 53.07 -8.67 105.47
N PRO F 108 51.82 -9.14 105.40
CA PRO F 108 51.54 -10.35 104.61
C PRO F 108 51.75 -10.09 103.12
N ASN F 109 52.45 -11.03 102.46
CA ASN F 109 52.72 -10.90 101.04
C ASN F 109 51.68 -11.61 100.17
N THR F 110 50.43 -11.72 100.64
CA THR F 110 49.35 -12.37 99.90
C THR F 110 48.10 -11.51 99.90
N PRO F 111 48.20 -10.25 99.45
CA PRO F 111 47.02 -9.37 99.52
C PRO F 111 45.92 -9.76 98.56
N TRP F 112 46.24 -10.50 97.49
CA TRP F 112 45.19 -11.01 96.62
C TRP F 112 44.34 -12.04 97.35
N GLN F 113 44.99 -13.00 98.01
CA GLN F 113 44.26 -13.97 98.80
C GLN F 113 43.45 -13.30 99.90
N LEU F 114 44.05 -12.33 100.60
CA LEU F 114 43.35 -11.63 101.66
C LEU F 114 42.18 -10.80 101.13
N ARG F 115 42.31 -10.29 99.90
CA ARG F 115 41.22 -9.52 99.29
C ARG F 115 40.06 -10.43 98.92
N ALA F 116 40.34 -11.49 98.15
CA ALA F 116 39.28 -12.39 97.71
C ALA F 116 38.67 -13.19 98.85
N ALA F 117 39.39 -13.34 99.95
CA ALA F 117 38.88 -14.04 101.12
C ALA F 117 38.37 -13.09 102.19
N ALA F 118 38.46 -11.77 101.94
CA ALA F 118 37.81 -10.79 102.80
C ALA F 118 36.30 -10.74 102.57
N LEU F 119 35.81 -11.50 101.61
CA LEU F 119 34.38 -11.66 101.37
C LEU F 119 33.77 -12.80 102.18
N ASP F 120 34.57 -13.49 102.98
CA ASP F 120 34.11 -14.65 103.73
C ASP F 120 34.48 -14.63 105.20
N ARG F 121 35.36 -13.74 105.65
CA ARG F 121 35.81 -13.71 107.03
C ARG F 121 36.33 -12.31 107.37
N LYS F 122 36.45 -12.07 108.67
CA LYS F 122 37.07 -10.86 109.18
C LYS F 122 38.59 -10.96 109.05
N LEU F 123 39.23 -9.80 108.97
CA LEU F 123 40.67 -9.74 108.84
C LEU F 123 41.29 -9.01 110.01
N THR F 124 42.53 -9.36 110.32
CA THR F 124 43.26 -8.77 111.41
C THR F 124 43.68 -7.36 111.03
N PRO F 125 44.27 -6.60 111.96
CA PRO F 125 44.83 -5.29 111.56
C PRO F 125 45.82 -5.36 110.41
N LEU F 126 46.76 -6.31 110.46
CA LEU F 126 47.76 -6.43 109.39
C LEU F 126 47.11 -6.76 108.05
N GLU F 127 46.24 -7.77 108.03
CA GLU F 127 45.61 -8.18 106.77
C GLU F 127 44.80 -7.03 106.16
N TRP F 128 44.04 -6.31 106.98
CA TRP F 128 43.27 -5.16 106.50
C TRP F 128 44.19 -4.08 105.94
N SER F 129 45.25 -3.75 106.69
CA SER F 129 46.20 -2.74 106.24
C SER F 129 46.87 -3.15 104.93
N ALA F 130 47.26 -4.42 104.82
CA ALA F 130 47.89 -4.89 103.59
C ALA F 130 46.93 -4.81 102.42
N VAL F 131 45.67 -5.19 102.62
CA VAL F 131 44.67 -5.06 101.56
C VAL F 131 44.55 -3.61 101.12
N LEU F 132 44.50 -2.67 102.07
CA LEU F 132 44.33 -1.27 101.70
C LEU F 132 45.55 -0.74 100.96
N LEU F 133 46.75 -1.02 101.49
CA LEU F 133 47.97 -0.57 100.83
C LEU F 133 48.10 -1.16 99.44
N HIS F 134 47.70 -2.42 99.27
CA HIS F 134 47.78 -3.07 97.96
C HIS F 134 46.77 -2.49 97.00
N LEU F 135 45.58 -2.14 97.50
CA LEU F 135 44.57 -1.51 96.66
C LEU F 135 45.03 -0.13 96.18
N ILE F 136 45.68 0.63 97.07
CA ILE F 136 46.10 1.98 96.69
C ILE F 136 47.32 1.94 95.79
N LYS F 137 48.26 1.02 96.05
CA LYS F 137 49.44 0.92 95.21
C LYS F 137 49.09 0.45 93.80
N HIS F 138 48.14 -0.47 93.68
CA HIS F 138 47.70 -1.02 92.39
C HIS F 138 46.25 -0.60 92.23
N ARG F 139 46.03 0.56 91.64
CA ARG F 139 44.72 1.17 91.56
C ARG F 139 44.16 1.25 90.15
N GLY F 140 44.75 0.52 89.20
CA GLY F 140 44.25 0.42 87.84
C GLY F 140 44.17 1.76 87.10
N TYR F 141 43.54 1.69 85.94
CA TYR F 141 43.46 2.85 85.06
C TYR F 141 42.11 3.54 85.22
N LEU F 142 42.14 4.87 85.16
CA LEU F 142 40.96 5.71 85.29
C LEU F 142 40.70 6.41 83.97
N SER F 143 39.48 6.29 83.47
CA SER F 143 39.13 6.91 82.20
C SER F 143 39.17 8.42 82.33
N GLN F 144 40.06 9.05 81.56
CA GLN F 144 40.23 10.50 81.56
C GLN F 144 39.64 11.12 80.31
N ARG F 145 38.91 10.33 79.52
CA ARG F 145 38.26 10.76 78.29
C ARG F 145 37.05 11.64 78.56
N LYS F 146 36.71 12.48 77.58
CA LYS F 146 35.53 13.33 77.65
C LYS F 146 34.34 12.73 76.90
N ASN F 147 34.46 12.64 75.57
CA ASN F 147 33.42 12.09 74.67
C ASN F 147 31.99 12.39 75.07
N GLU F 155 41.46 0.09 66.46
CA GLU F 155 40.56 1.03 67.12
C GLU F 155 40.81 1.08 68.63
N LEU F 156 41.18 -0.07 69.22
CA LEU F 156 41.52 -0.16 70.63
C LEU F 156 42.82 -0.94 70.78
N GLY F 157 43.59 -0.58 71.81
CA GLY F 157 44.84 -1.25 72.11
C GLY F 157 44.68 -2.29 73.20
N ALA F 158 45.83 -2.89 73.57
CA ALA F 158 45.83 -3.96 74.56
C ALA F 158 45.25 -3.51 75.90
N LEU F 159 45.59 -2.29 76.33
CA LEU F 159 45.10 -1.80 77.62
C LEU F 159 43.58 -1.71 77.66
N LEU F 160 42.99 -1.03 76.68
CA LEU F 160 41.54 -0.87 76.66
C LEU F 160 40.86 -2.22 76.55
N LYS F 161 41.37 -3.10 75.69
CA LYS F 161 40.75 -4.41 75.51
C LYS F 161 40.77 -5.20 76.81
N GLY F 162 41.92 -5.26 77.47
CA GLY F 162 42.01 -5.99 78.73
C GLY F 162 41.10 -5.40 79.80
N VAL F 163 41.13 -4.08 79.96
CA VAL F 163 40.33 -3.42 80.97
C VAL F 163 38.84 -3.67 80.73
N ALA F 164 38.40 -3.55 79.48
CA ALA F 164 37.00 -3.77 79.16
C ALA F 164 36.61 -5.23 79.35
N GLY F 165 37.49 -6.16 78.97
CA GLY F 165 37.20 -7.57 79.19
C GLY F 165 37.02 -7.90 80.65
N ASN F 166 37.93 -7.40 81.50
CA ASN F 166 37.80 -7.66 82.94
C ASN F 166 36.56 -6.99 83.53
N ALA F 167 36.25 -5.76 83.10
CA ALA F 167 35.05 -5.09 83.60
C ALA F 167 33.79 -5.85 83.21
N HIS F 168 33.71 -6.29 81.95
CA HIS F 168 32.57 -7.07 81.49
C HIS F 168 32.45 -8.38 82.25
N ALA F 169 33.59 -9.04 82.49
CA ALA F 169 33.57 -10.29 83.27
C ALA F 169 33.06 -10.05 84.69
N LEU F 170 33.46 -8.93 85.30
CA LEU F 170 33.02 -8.64 86.65
C LEU F 170 31.54 -8.29 86.71
N GLN F 171 31.03 -7.60 85.69
CA GLN F 171 29.62 -7.26 85.69
C GLN F 171 28.71 -8.42 85.30
N THR F 172 29.20 -9.36 84.48
CA THR F 172 28.33 -10.45 84.03
C THR F 172 28.16 -11.58 85.05
N GLY F 173 29.21 -12.36 85.30
CA GLY F 173 29.02 -13.62 86.00
C GLY F 173 30.22 -14.14 86.76
N ASP F 174 29.91 -14.87 87.84
CA ASP F 174 30.82 -15.72 88.63
C ASP F 174 31.85 -15.00 89.50
N PHE F 175 32.06 -13.70 89.32
CA PHE F 175 33.00 -12.99 90.17
C PHE F 175 32.40 -11.72 90.75
N ARG F 176 32.60 -11.52 92.05
CA ARG F 176 32.09 -10.34 92.74
C ARG F 176 33.04 -9.14 92.56
N THR F 177 34.30 -9.32 92.92
CA THR F 177 35.30 -8.27 92.91
C THR F 177 36.49 -8.67 92.06
N PRO F 178 37.22 -7.70 91.49
CA PRO F 178 38.37 -8.05 90.64
C PRO F 178 39.40 -8.97 91.28
N ALA F 179 39.58 -8.92 92.61
CA ALA F 179 40.49 -9.87 93.24
C ALA F 179 40.01 -11.31 93.06
N GLU F 180 38.69 -11.52 93.19
CA GLU F 180 38.12 -12.86 93.01
C GLU F 180 38.34 -13.36 91.59
N LEU F 181 37.99 -12.55 90.60
CA LEU F 181 38.22 -12.90 89.20
C LEU F 181 39.69 -13.19 88.96
N ALA F 182 40.57 -12.31 89.45
CA ALA F 182 42.00 -12.50 89.27
C ALA F 182 42.44 -13.87 89.78
N LEU F 183 42.14 -14.15 91.06
CA LEU F 183 42.57 -15.41 91.66
C LEU F 183 42.02 -16.60 90.88
N ASN F 184 40.70 -16.65 90.67
CA ASN F 184 40.09 -17.81 90.01
C ASN F 184 40.60 -17.98 88.59
N LYS F 185 40.42 -16.97 87.74
CA LYS F 185 40.71 -17.10 86.31
C LYS F 185 42.21 -16.97 85.98
N PHE F 186 42.84 -15.85 86.37
CA PHE F 186 44.17 -15.55 85.88
C PHE F 186 45.20 -16.59 86.33
N GLU F 187 45.19 -16.91 87.62
CA GLU F 187 46.17 -17.87 88.13
C GLU F 187 45.98 -19.24 87.49
N LYS F 188 44.73 -19.70 87.40
CA LYS F 188 44.45 -21.02 86.85
C LYS F 188 44.89 -21.11 85.39
N GLU F 189 44.55 -20.11 84.58
CA GLU F 189 44.76 -20.21 83.14
C GLU F 189 46.04 -19.56 82.65
N SER F 190 46.79 -18.91 83.52
CA SER F 190 48.02 -18.22 83.13
C SER F 190 49.21 -18.57 84.00
N GLY F 191 48.99 -18.82 85.29
CA GLY F 191 50.07 -19.08 86.22
C GLY F 191 50.65 -17.85 86.87
N HIS F 192 49.95 -16.72 86.79
CA HIS F 192 50.40 -15.45 87.38
C HIS F 192 49.23 -14.49 87.43
N ILE F 193 49.23 -13.62 88.44
CA ILE F 193 48.17 -12.63 88.59
C ILE F 193 48.53 -11.31 87.92
N ARG F 194 49.75 -10.83 88.16
CA ARG F 194 50.16 -9.56 87.61
C ARG F 194 50.53 -9.71 86.14
N ASN F 195 50.62 -8.59 85.44
CA ASN F 195 50.95 -8.61 84.03
C ASN F 195 52.42 -8.93 83.81
N GLN F 196 52.70 -9.53 82.65
CA GLN F 196 54.03 -9.96 82.26
C GLN F 196 54.60 -8.99 81.22
N ARG F 197 55.69 -9.41 80.58
CA ARG F 197 56.52 -8.55 79.72
C ARG F 197 55.73 -7.56 78.89
N SER F 198 54.84 -8.05 78.03
CA SER F 198 54.04 -7.20 77.16
C SER F 198 52.54 -7.39 77.39
N ASP F 199 52.16 -8.17 78.41
CA ASP F 199 50.76 -8.45 78.66
C ASP F 199 50.03 -7.24 79.22
N TYR F 200 48.76 -7.11 78.84
CA TYR F 200 47.86 -6.12 79.39
C TYR F 200 46.52 -6.73 79.80
N SER F 201 46.42 -8.07 79.80
CA SER F 201 45.16 -8.74 80.04
C SER F 201 44.66 -8.53 81.47
N HIS F 202 45.54 -8.69 82.45
CA HIS F 202 45.15 -8.66 83.86
C HIS F 202 45.16 -7.22 84.40
N THR F 203 44.36 -6.37 83.79
CA THR F 203 44.29 -4.95 84.15
C THR F 203 42.83 -4.55 84.35
N PHE F 204 42.58 -3.80 85.41
CA PHE F 204 41.23 -3.47 85.83
C PHE F 204 41.00 -1.96 85.82
N SER F 205 39.73 -1.58 85.75
CA SER F 205 39.34 -0.17 85.84
C SER F 205 39.43 0.29 87.29
N ARG F 206 39.85 1.55 87.47
CA ARG F 206 39.82 2.14 88.80
C ARG F 206 38.41 2.13 89.39
N LYS F 207 37.39 2.27 88.55
CA LYS F 207 36.02 2.20 89.03
C LYS F 207 35.73 0.82 89.65
N ASP F 208 36.19 -0.25 88.99
CA ASP F 208 36.00 -1.59 89.53
C ASP F 208 36.69 -1.76 90.88
N LEU F 209 37.91 -1.24 91.02
CA LEU F 209 38.61 -1.36 92.29
C LEU F 209 37.99 -0.49 93.37
N GLN F 210 37.45 0.68 93.00
CA GLN F 210 36.71 1.48 93.97
C GLN F 210 35.47 0.75 94.46
N ALA F 211 34.74 0.11 93.54
CA ALA F 211 33.61 -0.71 93.93
C ALA F 211 34.04 -1.81 94.89
N GLU F 212 35.13 -2.52 94.55
CA GLU F 212 35.66 -3.52 95.46
C GLU F 212 36.00 -2.93 96.82
N LEU F 213 36.58 -1.73 96.83
CA LEU F 213 36.99 -1.10 98.08
C LEU F 213 35.80 -0.80 98.98
N ILE F 214 34.76 -0.17 98.41
CA ILE F 214 33.60 0.19 99.22
C ILE F 214 32.85 -1.07 99.68
N LEU F 215 32.76 -2.09 98.81
CA LEU F 215 32.14 -3.34 99.21
C LEU F 215 32.90 -3.98 100.35
N LEU F 216 34.23 -4.05 100.23
CA LEU F 216 35.07 -4.59 101.31
C LEU F 216 34.83 -3.83 102.61
N PHE F 217 34.77 -2.50 102.53
CA PHE F 217 34.56 -1.71 103.73
C PHE F 217 33.25 -2.07 104.42
N GLU F 218 32.15 -2.13 103.68
CA GLU F 218 30.87 -2.40 104.33
C GLU F 218 30.76 -3.86 104.79
N LYS F 219 31.24 -4.79 103.97
CA LYS F 219 31.19 -6.20 104.35
C LYS F 219 32.02 -6.44 105.61
N GLN F 220 33.22 -5.87 105.68
CA GLN F 220 34.02 -5.97 106.89
C GLN F 220 33.36 -5.22 108.04
N LYS F 221 32.56 -4.18 107.74
CA LYS F 221 31.81 -3.50 108.78
C LYS F 221 30.89 -4.47 109.50
N GLU F 222 30.13 -5.27 108.74
CA GLU F 222 29.31 -6.29 109.41
C GLU F 222 30.17 -7.36 110.06
N PHE F 223 31.29 -7.75 109.43
CA PHE F 223 32.13 -8.84 109.95
C PHE F 223 32.95 -8.39 111.16
N GLY F 224 32.32 -7.87 112.21
CA GLY F 224 33.09 -7.31 113.30
C GLY F 224 33.97 -6.17 112.82
N ASN F 225 35.30 -6.38 112.91
CA ASN F 225 36.33 -5.48 112.36
C ASN F 225 36.20 -4.04 112.86
N PRO F 226 36.80 -3.71 114.00
CA PRO F 226 36.66 -2.36 114.55
C PRO F 226 36.95 -1.23 113.57
N HIS F 227 37.86 -1.43 112.62
CA HIS F 227 38.34 -0.34 111.77
C HIS F 227 37.62 -0.32 110.43
N VAL F 228 36.36 0.12 110.48
CA VAL F 228 35.60 0.48 109.29
C VAL F 228 35.12 1.91 109.48
N SER F 229 35.92 2.70 110.19
CA SER F 229 35.61 4.09 110.47
C SER F 229 35.23 4.84 109.20
N GLY F 230 34.30 5.79 109.36
CA GLY F 230 34.00 6.71 108.27
C GLY F 230 35.23 7.46 107.81
N GLY F 231 35.98 8.01 108.76
CA GLY F 231 37.21 8.72 108.41
C GLY F 231 38.17 7.88 107.59
N LEU F 232 38.41 6.64 108.03
CA LEU F 232 39.32 5.75 107.30
C LEU F 232 38.82 5.48 105.89
N LYS F 233 37.55 5.12 105.75
CA LYS F 233 36.99 4.84 104.42
C LYS F 233 37.12 6.05 103.52
N GLU F 234 36.74 7.23 104.02
CA GLU F 234 36.83 8.46 103.24
C GLU F 234 38.26 8.73 102.81
N GLY F 235 39.20 8.70 103.75
CA GLY F 235 40.60 8.92 103.42
C GLY F 235 41.13 7.94 102.39
N ILE F 236 40.86 6.65 102.59
CA ILE F 236 41.38 5.62 101.69
C ILE F 236 40.81 5.80 100.30
N GLU F 237 39.50 6.02 100.20
CA GLU F 237 38.88 6.25 98.90
C GLU F 237 39.47 7.49 98.22
N THR F 238 39.59 8.59 98.97
CA THR F 238 40.19 9.81 98.42
C THR F 238 41.59 9.54 97.87
N LEU F 239 42.41 8.79 98.63
CA LEU F 239 43.76 8.50 98.19
C LEU F 239 43.76 7.62 96.94
N LEU F 240 42.87 6.63 96.89
CA LEU F 240 42.82 5.73 95.75
C LEU F 240 42.30 6.42 94.49
N MET F 241 41.42 7.41 94.64
CA MET F 241 40.72 7.99 93.51
C MET F 241 41.33 9.29 92.99
N THR F 242 41.98 10.07 93.85
CA THR F 242 42.42 11.40 93.49
C THR F 242 43.71 11.37 92.68
N GLN F 243 43.73 12.18 91.62
CA GLN F 243 44.94 12.46 90.86
C GLN F 243 44.81 13.86 90.28
N ARG F 244 45.94 14.53 90.06
CA ARG F 244 45.92 15.93 89.68
C ARG F 244 45.31 16.13 88.28
N PRO F 245 44.81 17.33 88.00
CA PRO F 245 44.23 17.57 86.68
C PRO F 245 45.31 17.77 85.62
N ALA F 246 45.03 17.27 84.41
CA ALA F 246 45.97 17.45 83.32
C ALA F 246 46.18 18.92 83.00
N LEU F 247 45.11 19.72 83.01
CA LEU F 247 45.17 21.13 82.66
C LEU F 247 45.03 21.97 83.93
N SER F 248 46.10 22.72 84.24
CA SER F 248 46.31 23.28 85.57
C SER F 248 45.24 24.28 85.97
N GLY F 249 44.66 25.00 85.01
CA GLY F 249 43.85 26.17 85.28
C GLY F 249 44.55 27.44 84.89
N ASP F 250 45.78 27.33 84.41
CA ASP F 250 46.50 28.40 83.75
C ASP F 250 47.19 27.92 82.47
N ALA F 251 47.30 26.60 82.26
CA ALA F 251 48.01 26.02 81.12
C ALA F 251 47.52 26.58 79.79
N VAL F 252 46.20 26.54 79.56
CA VAL F 252 45.69 26.83 78.22
C VAL F 252 45.99 28.27 77.83
N GLN F 253 45.75 29.20 78.76
CA GLN F 253 46.06 30.60 78.48
C GLN F 253 47.55 30.75 78.19
N LYS F 254 48.39 30.06 78.98
CA LYS F 254 49.83 30.15 78.79
C LYS F 254 50.27 29.65 77.42
N MET F 255 49.48 28.78 76.79
CA MET F 255 49.80 28.27 75.46
C MET F 255 49.01 28.90 74.33
N LEU F 256 48.27 29.99 74.58
CA LEU F 256 47.23 30.38 73.64
C LEU F 256 47.76 31.08 72.38
N GLY F 257 48.31 32.27 72.53
CA GLY F 257 48.70 33.00 71.35
C GLY F 257 47.75 34.15 71.05
N HIS F 258 48.26 35.17 70.36
CA HIS F 258 47.57 36.44 70.19
C HIS F 258 46.62 36.43 68.99
N CYS F 259 45.79 37.47 68.92
CA CYS F 259 44.90 37.72 67.79
C CYS F 259 45.68 38.33 66.63
N THR F 260 45.12 38.19 65.43
CA THR F 260 45.76 38.75 64.24
C THR F 260 45.74 40.28 64.28
N PHE F 261 44.61 40.87 64.61
CA PHE F 261 44.42 42.31 64.52
C PHE F 261 44.65 43.05 65.84
N GLU F 262 44.32 42.44 66.98
CA GLU F 262 44.50 43.05 68.30
C GLU F 262 45.41 42.15 69.12
N PRO F 263 46.72 42.41 69.10
CA PRO F 263 47.66 41.52 69.80
C PRO F 263 47.43 41.46 71.30
N ALA F 264 46.86 42.52 71.89
CA ALA F 264 46.55 42.48 73.32
C ALA F 264 45.52 41.39 73.62
N GLU F 265 44.50 41.26 72.78
CA GLU F 265 43.39 40.34 73.03
C GLU F 265 43.75 38.92 72.58
N PRO F 266 43.32 37.91 73.31
CA PRO F 266 43.55 36.53 72.89
C PRO F 266 42.49 36.07 71.90
N LYS F 267 42.87 35.06 71.12
CA LYS F 267 41.96 34.50 70.13
C LYS F 267 40.77 33.80 70.81
N ALA F 268 39.66 33.74 70.09
CA ALA F 268 38.41 33.21 70.63
C ALA F 268 38.32 31.72 70.41
N ALA F 269 37.55 31.05 71.28
CA ALA F 269 37.35 29.61 71.14
C ALA F 269 36.40 29.31 69.98
N LYS F 270 36.62 28.15 69.34
CA LYS F 270 35.75 27.75 68.23
C LYS F 270 34.32 27.54 68.72
N ASN F 271 34.16 26.94 69.89
CA ASN F 271 32.84 26.65 70.44
C ASN F 271 32.31 27.88 71.17
N THR F 272 31.93 28.88 70.39
CA THR F 272 31.56 30.18 70.90
C THR F 272 30.57 30.79 69.92
N TYR F 273 29.46 31.33 70.44
CA TYR F 273 28.41 31.84 69.55
C TYR F 273 28.99 32.79 68.51
N THR F 274 29.84 33.72 68.93
CA THR F 274 30.41 34.67 67.98
C THR F 274 31.34 33.97 66.99
N ALA F 275 32.24 33.12 67.48
CA ALA F 275 33.19 32.45 66.61
C ALA F 275 32.51 31.43 65.70
N GLU F 276 31.55 30.68 66.23
CA GLU F 276 30.83 29.72 65.40
C GLU F 276 30.01 30.45 64.34
N ARG F 277 29.39 31.57 64.73
CA ARG F 277 28.70 32.42 63.77
C ARG F 277 29.67 32.91 62.69
N PHE F 278 30.89 33.26 63.09
CA PHE F 278 31.89 33.73 62.15
C PHE F 278 32.28 32.65 61.16
N ILE F 279 32.51 31.42 61.65
CA ILE F 279 32.84 30.32 60.76
C ILE F 279 31.68 30.06 59.80
N TRP F 280 30.46 30.10 60.29
CA TRP F 280 29.30 29.85 59.45
C TRP F 280 29.13 30.96 58.41
N LEU F 281 29.35 32.21 58.80
CA LEU F 281 29.25 33.32 57.86
C LEU F 281 30.35 33.23 56.81
N THR F 282 31.56 32.83 57.21
CA THR F 282 32.62 32.59 56.24
C THR F 282 32.19 31.54 55.23
N LYS F 283 31.71 30.39 55.71
CA LYS F 283 31.33 29.31 54.80
C LYS F 283 30.20 29.75 53.88
N LEU F 284 29.19 30.43 54.42
CA LEU F 284 28.03 30.83 53.62
C LEU F 284 28.41 31.89 52.59
N ASN F 285 29.08 32.95 53.04
CA ASN F 285 29.39 34.06 52.14
C ASN F 285 30.39 33.66 51.07
N ASN F 286 31.25 32.70 51.36
CA ASN F 286 32.23 32.23 50.40
C ASN F 286 31.70 31.11 49.53
N LEU F 287 30.48 30.64 49.78
CA LEU F 287 29.92 29.55 48.99
C LEU F 287 29.68 30.02 47.56
N ARG F 288 30.10 29.20 46.60
CA ARG F 288 29.89 29.46 45.19
C ARG F 288 29.13 28.30 44.58
N ILE F 289 28.32 28.60 43.57
CA ILE F 289 27.52 27.61 42.86
C ILE F 289 27.80 27.72 41.37
N LEU F 290 27.91 26.56 40.73
CA LEU F 290 28.21 26.42 39.31
C LEU F 290 26.96 25.92 38.60
N GLU F 291 26.53 26.62 37.55
CA GLU F 291 25.31 26.24 36.83
C GLU F 291 25.61 25.59 35.48
N GLN F 292 26.06 26.35 34.49
CA GLN F 292 26.39 25.82 33.17
C GLN F 292 27.70 26.48 32.73
N GLY F 293 28.81 26.02 33.27
CA GLY F 293 30.06 26.67 32.95
C GLY F 293 30.25 28.03 33.57
N SER F 294 29.39 28.40 34.52
CA SER F 294 29.44 29.72 35.14
C SER F 294 29.50 29.57 36.66
N GLU F 295 29.86 30.67 37.32
CA GLU F 295 30.09 30.69 38.76
C GLU F 295 29.37 31.88 39.38
N ARG F 296 28.72 31.67 40.52
CA ARG F 296 28.06 32.79 41.16
C ARG F 296 28.00 32.58 42.66
N PRO F 297 27.97 33.66 43.44
CA PRO F 297 27.71 33.53 44.87
C PRO F 297 26.22 33.41 45.13
N LEU F 298 25.89 33.07 46.37
CA LEU F 298 24.49 33.08 46.80
C LEU F 298 23.98 34.51 46.90
N THR F 299 22.73 34.70 46.49
CA THR F 299 22.11 36.02 46.55
C THR F 299 21.74 36.36 47.99
N ASP F 300 21.34 37.61 48.19
CA ASP F 300 20.97 38.06 49.54
C ASP F 300 19.81 37.24 50.10
N THR F 301 18.79 36.97 49.27
CA THR F 301 17.65 36.21 49.75
C THR F 301 18.01 34.73 49.95
N GLU F 302 18.88 34.19 49.11
CA GLU F 302 19.34 32.80 49.29
C GLU F 302 20.07 32.65 50.62
N ARG F 303 20.95 33.59 50.94
CA ARG F 303 21.67 33.55 52.19
C ARG F 303 20.73 33.76 53.37
N ALA F 304 19.78 34.70 53.23
CA ALA F 304 18.81 34.89 54.30
C ALA F 304 17.96 33.64 54.51
N THR F 305 17.73 32.87 53.45
CA THR F 305 17.06 31.59 53.58
C THR F 305 17.89 30.61 54.42
N LEU F 306 19.20 30.54 54.16
CA LEU F 306 20.00 29.52 54.83
C LEU F 306 20.50 29.91 56.22
N MET F 307 20.61 31.20 56.52
CA MET F 307 21.42 31.64 57.66
C MET F 307 20.96 31.02 58.97
N ASP F 308 19.67 31.08 59.28
CA ASP F 308 19.19 30.58 60.56
C ASP F 308 19.06 29.07 60.61
N GLU F 309 19.27 28.38 59.49
CA GLU F 309 18.97 26.95 59.39
C GLU F 309 19.86 26.09 60.28
N PRO F 310 21.18 26.32 60.35
CA PRO F 310 22.00 25.50 61.25
C PRO F 310 21.58 25.56 62.70
N TYR F 311 20.95 26.66 63.12
CA TYR F 311 20.40 26.70 64.48
C TYR F 311 19.13 25.88 64.60
N ARG F 312 18.33 25.79 63.54
CA ARG F 312 17.05 25.09 63.60
C ARG F 312 17.17 23.61 63.25
N LYS F 313 18.33 23.16 62.80
CA LYS F 313 18.55 21.76 62.47
C LYS F 313 19.83 21.29 63.14
N SER F 314 20.00 19.96 63.22
CA SER F 314 21.25 19.40 63.72
C SER F 314 22.43 19.78 62.81
N LYS F 315 22.28 19.57 61.49
CA LYS F 315 23.34 19.78 60.52
C LYS F 315 22.74 20.46 59.30
N LEU F 316 23.57 21.17 58.53
CA LEU F 316 23.03 21.87 57.36
C LEU F 316 22.96 20.98 56.11
N THR F 317 24.04 20.27 55.76
CA THR F 317 24.01 19.28 54.66
C THR F 317 23.71 19.88 53.28
N TYR F 318 24.77 20.22 52.52
CA TYR F 318 24.67 20.76 51.16
C TYR F 318 23.44 20.30 50.39
N ALA F 319 23.10 19.02 50.51
CA ALA F 319 21.89 18.52 49.84
C ALA F 319 20.63 19.17 50.43
N GLN F 320 20.59 19.35 51.74
CA GLN F 320 19.47 20.07 52.36
C GLN F 320 19.43 21.51 51.89
N ALA F 321 20.60 22.16 51.77
CA ALA F 321 20.64 23.52 51.24
C ALA F 321 20.08 23.58 49.83
N ARG F 322 20.46 22.60 48.99
CA ARG F 322 19.90 22.49 47.65
C ARG F 322 18.38 22.43 47.72
N LYS F 323 17.85 21.65 48.67
CA LYS F 323 16.40 21.59 48.84
C LYS F 323 15.83 22.96 49.22
N LEU F 324 16.42 23.61 50.24
CA LEU F 324 15.86 24.87 50.74
C LEU F 324 15.85 25.96 49.69
N LEU F 325 16.87 25.99 48.82
CA LEU F 325 16.92 27.03 47.80
C LEU F 325 16.24 26.59 46.51
N GLY F 326 15.70 25.38 46.49
CA GLY F 326 15.09 24.86 45.28
C GLY F 326 16.01 24.88 44.09
N LEU F 327 17.28 24.50 44.29
CA LEU F 327 18.24 24.52 43.20
C LEU F 327 17.83 23.51 42.15
N GLU F 328 18.20 23.78 40.91
CA GLU F 328 17.89 22.83 39.86
C GLU F 328 18.96 21.74 39.83
N ASP F 329 18.73 20.74 38.97
CA ASP F 329 19.68 19.66 38.83
C ASP F 329 20.90 20.07 38.04
N THR F 330 20.77 21.11 37.23
CA THR F 330 21.87 21.59 36.42
C THR F 330 22.88 22.38 37.22
N ALA F 331 22.58 22.72 38.47
CA ALA F 331 23.46 23.52 39.31
C ALA F 331 24.14 22.67 40.37
N PHE F 332 25.44 22.89 40.56
CA PHE F 332 26.24 22.16 41.54
C PHE F 332 27.01 23.13 42.42
N PHE F 333 27.48 22.64 43.57
CA PHE F 333 28.27 23.43 44.50
C PHE F 333 29.75 23.36 44.15
N LYS F 334 30.42 24.51 44.24
CA LYS F 334 31.84 24.57 43.93
C LYS F 334 32.66 23.90 45.03
N GLY F 335 33.75 23.25 44.63
CA GLY F 335 34.66 22.63 45.57
C GLY F 335 34.12 21.36 46.20
N LEU F 336 33.41 20.55 45.43
CA LEU F 336 32.86 19.29 45.92
C LEU F 336 33.16 18.19 44.91
N ARG F 337 33.69 17.06 45.39
CA ARG F 337 34.02 15.95 44.51
C ARG F 337 32.74 15.18 44.22
N TYR F 338 32.13 15.44 43.07
CA TYR F 338 30.89 14.77 42.68
C TYR F 338 31.14 13.37 42.13
N GLY F 339 32.41 12.94 42.05
CA GLY F 339 32.69 11.59 41.61
C GLY F 339 32.24 10.55 42.62
N LYS F 340 32.52 10.80 43.90
CA LYS F 340 32.03 9.92 44.95
C LYS F 340 30.51 10.02 45.08
N ASP F 341 29.89 8.91 45.42
CA ASP F 341 28.44 8.84 45.53
C ASP F 341 27.93 9.60 46.74
N ASN F 342 26.88 10.40 46.51
CA ASN F 342 26.25 11.22 47.54
C ASN F 342 27.24 12.17 48.20
N ALA F 343 27.93 12.95 47.36
CA ALA F 343 28.90 13.91 47.85
C ALA F 343 28.22 15.01 48.66
N GLU F 344 26.96 15.31 48.38
CA GLU F 344 26.25 16.39 49.05
C GLU F 344 25.75 16.01 50.43
N ALA F 345 26.11 14.84 50.95
CA ALA F 345 25.78 14.49 52.33
C ALA F 345 26.70 15.18 53.33
N SER F 346 27.72 15.90 52.86
CA SER F 346 28.63 16.61 53.74
C SER F 346 27.88 17.70 54.50
N THR F 347 28.31 17.92 55.75
CA THR F 347 27.53 18.72 56.69
C THR F 347 27.39 20.18 56.27
N LEU F 348 28.48 20.80 55.82
CA LEU F 348 28.54 22.20 55.39
C LEU F 348 28.45 23.18 56.56
N MET F 349 27.75 22.81 57.62
CA MET F 349 27.79 23.59 58.86
C MET F 349 27.05 22.83 59.95
N GLU F 350 27.58 22.90 61.17
CA GLU F 350 26.95 22.28 62.33
C GLU F 350 27.31 23.13 63.53
N MET F 351 26.33 23.84 64.09
CA MET F 351 26.59 24.69 65.25
C MET F 351 26.81 23.76 66.44
N LYS F 352 28.02 23.22 66.53
CA LYS F 352 28.33 22.21 67.54
C LYS F 352 28.15 22.74 68.94
N ALA F 353 28.63 23.96 69.21
CA ALA F 353 28.52 24.53 70.56
C ALA F 353 27.06 24.80 70.93
N TYR F 354 26.33 25.46 70.04
CA TYR F 354 24.91 25.74 70.25
C TYR F 354 24.14 24.46 70.59
N HIS F 355 24.19 23.49 69.68
CA HIS F 355 23.46 22.25 69.88
C HIS F 355 24.00 21.45 71.05
N ALA F 356 25.29 21.60 71.39
CA ALA F 356 25.83 20.90 72.55
C ALA F 356 25.24 21.43 73.84
N ILE F 357 25.23 22.76 74.00
CA ILE F 357 24.57 23.38 75.16
C ILE F 357 23.09 22.97 75.20
N SER F 358 22.44 23.04 74.04
CA SER F 358 21.02 22.69 73.96
C SER F 358 20.79 21.25 74.42
N ARG F 359 21.55 20.31 73.88
CA ARG F 359 21.38 18.91 74.24
C ARG F 359 21.72 18.65 75.70
N ALA F 360 22.70 19.36 76.25
CA ALA F 360 22.98 19.21 77.68
C ALA F 360 21.77 19.61 78.51
N LEU F 361 21.21 20.78 78.22
CA LEU F 361 20.06 21.24 79.00
C LEU F 361 18.83 20.36 78.76
N GLU F 362 18.68 19.83 77.55
CA GLU F 362 17.56 18.95 77.23
C GLU F 362 17.67 17.63 77.96
N LYS F 363 18.86 17.01 77.95
CA LYS F 363 19.07 15.74 78.63
C LYS F 363 19.07 15.88 80.14
N GLU F 364 19.32 17.08 80.66
CA GLU F 364 19.24 17.29 82.10
C GLU F 364 17.91 17.91 82.52
N GLY F 365 17.00 18.16 81.59
CA GLY F 365 15.65 18.52 81.94
C GLY F 365 15.39 19.98 82.20
N LEU F 366 16.25 20.88 81.74
CA LEU F 366 16.02 22.31 81.88
C LEU F 366 15.67 22.99 80.56
N LYS F 367 15.64 22.26 79.45
CA LYS F 367 15.29 22.84 78.16
C LYS F 367 14.47 21.84 77.37
N ASP F 368 13.51 22.35 76.61
CA ASP F 368 12.64 21.53 75.78
C ASP F 368 13.05 21.56 74.31
N LYS F 369 12.93 20.41 73.66
CA LYS F 369 13.17 20.33 72.22
C LYS F 369 12.19 21.23 71.47
N LYS F 370 12.58 21.63 70.26
CA LYS F 370 11.81 22.54 69.42
C LYS F 370 11.49 23.84 70.17
N SER F 371 12.48 24.34 70.92
CA SER F 371 12.40 25.63 71.58
C SER F 371 13.81 26.19 71.55
N PRO F 372 13.97 27.47 71.24
CA PRO F 372 15.32 28.04 71.10
C PRO F 372 16.08 28.05 72.42
N LEU F 373 17.39 28.27 72.31
CA LEU F 373 18.23 28.43 73.49
C LEU F 373 17.92 29.76 74.17
N ASN F 374 17.73 29.70 75.48
CA ASN F 374 17.31 30.86 76.25
C ASN F 374 18.48 31.67 76.79
N LEU F 375 19.68 31.44 76.29
CA LEU F 375 20.88 32.11 76.77
C LEU F 375 21.27 33.27 75.86
N SER F 376 21.81 34.32 76.46
CA SER F 376 22.29 35.46 75.69
C SER F 376 23.40 35.00 74.74
N PRO F 377 23.56 35.67 73.60
CA PRO F 377 24.77 35.43 72.80
C PRO F 377 26.04 35.57 73.62
N GLU F 378 26.16 36.65 74.39
CA GLU F 378 27.32 36.82 75.26
C GLU F 378 27.48 35.67 76.23
N LEU F 379 26.37 35.19 76.80
CA LEU F 379 26.46 34.09 77.75
C LEU F 379 27.04 32.84 77.09
N GLN F 380 26.64 32.56 75.85
CA GLN F 380 27.19 31.40 75.16
C GLN F 380 28.67 31.61 74.84
N ASP F 381 29.05 32.85 74.52
CA ASP F 381 30.47 33.16 74.38
C ASP F 381 31.22 32.83 75.67
N GLU F 382 30.72 33.30 76.80
CA GLU F 382 31.39 33.05 78.08
C GLU F 382 31.50 31.56 78.37
N ILE F 383 30.42 30.81 78.12
CA ILE F 383 30.42 29.37 78.33
C ILE F 383 31.53 28.71 77.50
N GLY F 384 31.55 29.03 76.20
CA GLY F 384 32.55 28.44 75.33
C GLY F 384 33.97 28.77 75.76
N THR F 385 34.26 30.05 76.00
CA THR F 385 35.62 30.41 76.38
C THR F 385 36.03 29.77 77.71
N ALA F 386 35.13 29.76 78.70
CA ALA F 386 35.48 29.18 79.99
C ALA F 386 35.74 27.67 79.87
N PHE F 387 34.87 26.96 79.15
CA PHE F 387 35.08 25.52 79.00
C PHE F 387 36.33 25.21 78.17
N SER F 388 36.65 26.05 77.19
CA SER F 388 37.82 25.81 76.35
C SER F 388 39.12 26.20 77.05
N LEU F 389 39.07 27.19 77.96
CA LEU F 389 40.22 27.66 78.72
C LEU F 389 40.46 26.89 80.01
N PHE F 390 39.44 26.18 80.51
CA PHE F 390 39.46 25.55 81.82
C PHE F 390 38.76 24.21 81.72
N LYS F 391 39.35 23.18 82.31
CA LYS F 391 38.81 21.83 82.18
C LYS F 391 38.36 21.22 83.51
N THR F 392 38.48 21.93 84.63
CA THR F 392 38.08 21.41 85.92
C THR F 392 36.82 22.11 86.42
N ASP F 393 36.03 21.37 87.20
CA ASP F 393 34.83 21.95 87.78
C ASP F 393 35.16 23.19 88.61
N GLU F 394 36.24 23.13 89.38
CA GLU F 394 36.63 24.27 90.21
C GLU F 394 36.87 25.52 89.37
N ASP F 395 37.66 25.40 88.30
CA ASP F 395 38.03 26.58 87.51
C ASP F 395 36.83 27.10 86.70
N ILE F 396 36.11 26.22 86.03
CA ILE F 396 34.93 26.63 85.25
C ILE F 396 33.91 27.29 86.17
N THR F 397 33.69 26.70 87.35
CA THR F 397 32.76 27.27 88.32
C THR F 397 33.21 28.65 88.78
N GLY F 398 34.45 28.75 89.29
CA GLY F 398 34.97 30.04 89.69
C GLY F 398 34.92 31.08 88.57
N ARG F 399 34.96 30.63 87.33
CA ARG F 399 34.94 31.56 86.20
C ARG F 399 33.54 32.05 85.88
N LEU F 400 32.54 31.15 85.88
CA LEU F 400 31.22 31.53 85.40
C LEU F 400 30.06 31.11 86.29
N LYS F 401 30.31 30.56 87.49
CA LYS F 401 29.18 30.31 88.38
C LYS F 401 28.58 31.57 88.95
N ASP F 402 29.20 32.72 88.68
CA ASP F 402 28.65 33.99 89.11
C ASP F 402 27.62 34.52 88.13
N ARG F 403 27.79 34.23 86.84
CA ARG F 403 27.03 34.89 85.80
C ARG F 403 25.96 34.00 85.15
N ILE F 404 25.83 32.75 85.56
CA ILE F 404 24.75 31.88 85.08
C ILE F 404 24.18 31.13 86.28
N GLN F 405 23.01 30.54 86.05
CA GLN F 405 22.30 29.84 87.10
C GLN F 405 23.00 28.54 87.47
N PRO F 406 23.05 28.19 88.77
CA PRO F 406 23.75 26.95 89.15
C PRO F 406 23.18 25.69 88.52
N GLU F 407 21.88 25.67 88.24
CA GLU F 407 21.27 24.52 87.59
C GLU F 407 21.87 24.29 86.21
N ILE F 408 21.92 25.36 85.41
CA ILE F 408 22.52 25.31 84.08
C ILE F 408 23.98 24.88 84.18
N LEU F 409 24.71 25.45 85.14
CA LEU F 409 26.11 25.11 85.33
C LEU F 409 26.31 23.64 85.63
N GLU F 410 25.46 23.07 86.49
CA GLU F 410 25.57 21.64 86.80
C GLU F 410 25.38 20.81 85.54
N ALA F 411 24.34 21.13 84.75
CA ALA F 411 24.11 20.39 83.51
C ALA F 411 25.31 20.49 82.57
N LEU F 412 25.83 21.70 82.41
CA LEU F 412 26.93 21.93 81.47
C LEU F 412 28.18 21.18 81.91
N LEU F 413 28.52 21.26 83.19
CA LEU F 413 29.65 20.51 83.72
C LEU F 413 29.43 19.02 83.53
N LYS F 414 28.17 18.58 83.53
CA LYS F 414 27.89 17.17 83.29
C LYS F 414 28.18 16.78 81.85
N HIS F 415 27.90 17.66 80.87
CA HIS F 415 27.83 17.20 79.48
C HIS F 415 28.79 17.83 78.47
N ILE F 416 29.51 18.90 78.78
CA ILE F 416 30.18 19.72 77.75
C ILE F 416 31.68 19.49 77.73
N SER F 417 32.26 19.49 76.53
CA SER F 417 33.72 19.50 76.37
C SER F 417 34.09 20.28 75.12
N PHE F 418 34.86 21.36 75.30
CA PHE F 418 35.23 22.26 74.21
C PHE F 418 36.75 22.41 74.11
N ASP F 419 37.26 22.54 72.88
CA ASP F 419 38.67 22.80 72.58
C ASP F 419 38.76 23.63 71.31
N LYS F 420 40.00 23.83 70.82
CA LYS F 420 40.24 24.38 69.49
C LYS F 420 39.84 25.83 69.25
N PHE F 421 40.79 26.77 69.33
CA PHE F 421 40.51 28.19 69.21
C PHE F 421 40.62 28.67 67.76
N VAL F 422 40.14 29.89 67.55
CA VAL F 422 40.06 30.50 66.23
C VAL F 422 41.20 31.50 66.13
N GLN F 423 41.46 31.98 64.92
CA GLN F 423 42.58 32.90 64.79
C GLN F 423 42.26 34.35 65.14
N ILE F 424 41.04 34.68 65.59
CA ILE F 424 40.69 36.07 65.82
C ILE F 424 40.05 36.26 67.20
N SER F 425 40.34 37.41 67.81
CA SER F 425 39.83 37.76 69.13
C SER F 425 38.33 37.99 69.11
N LEU F 426 37.70 37.79 70.28
CA LEU F 426 36.27 38.06 70.41
C LEU F 426 35.92 39.51 70.10
N LYS F 427 36.76 40.45 70.55
CA LYS F 427 36.54 41.87 70.24
C LYS F 427 36.46 42.10 68.74
N ALA F 428 37.52 41.71 68.02
CA ALA F 428 37.55 41.88 66.57
C ALA F 428 36.42 41.10 65.92
N LEU F 429 36.15 39.88 66.40
CA LEU F 429 35.07 39.10 65.81
C LEU F 429 33.73 39.79 65.97
N ARG F 430 33.49 40.42 67.12
CA ARG F 430 32.22 41.09 67.35
C ARG F 430 32.08 42.33 66.48
N ARG F 431 33.19 43.00 66.17
CA ARG F 431 33.08 44.04 65.15
C ARG F 431 32.83 43.44 63.76
N ILE F 432 33.48 42.31 63.46
CA ILE F 432 33.52 41.81 62.09
C ILE F 432 32.24 41.10 61.69
N VAL F 433 31.60 40.37 62.60
CA VAL F 433 30.46 39.53 62.23
C VAL F 433 29.24 40.33 61.78
N PRO F 434 28.96 41.55 62.27
CA PRO F 434 27.87 42.31 61.64
C PRO F 434 28.12 42.60 60.17
N LEU F 435 29.35 43.01 59.84
CA LEU F 435 29.69 43.30 58.45
C LEU F 435 29.54 42.06 57.57
N MET F 436 29.94 40.89 58.09
CA MET F 436 29.77 39.68 57.30
C MET F 436 28.32 39.24 57.23
N GLU F 437 27.53 39.57 58.27
CA GLU F 437 26.11 39.24 58.23
C GLU F 437 25.40 39.93 57.08
N GLN F 438 25.79 41.17 56.78
CA GLN F 438 25.16 41.89 55.68
C GLN F 438 25.79 41.58 54.32
N GLY F 439 26.46 40.44 54.19
CA GLY F 439 26.89 39.94 52.90
C GLY F 439 28.31 40.27 52.47
N LYS F 440 29.09 40.92 53.32
CA LYS F 440 30.46 41.26 52.94
C LYS F 440 31.40 40.09 53.19
N ARG F 441 32.43 40.01 52.35
CA ARG F 441 33.45 38.98 52.52
C ARG F 441 34.34 39.30 53.71
N TYR F 442 35.10 38.29 54.15
CA TYR F 442 36.02 38.48 55.27
C TYR F 442 37.01 39.60 55.00
N ASP F 443 37.70 39.55 53.85
CA ASP F 443 38.68 40.57 53.53
C ASP F 443 38.04 41.95 53.49
N GLU F 444 36.83 42.05 52.95
CA GLU F 444 36.13 43.33 52.95
C GLU F 444 35.84 43.79 54.37
N ALA F 445 35.38 42.88 55.23
CA ALA F 445 35.06 43.24 56.60
C ALA F 445 36.28 43.79 57.34
N CYS F 446 37.39 43.05 57.32
CA CYS F 446 38.52 43.54 58.09
C CYS F 446 39.28 44.64 57.36
N ALA F 447 39.06 44.82 56.06
CA ALA F 447 39.53 46.04 55.41
C ALA F 447 38.77 47.25 55.91
N GLU F 448 37.45 47.13 56.03
CA GLU F 448 36.66 48.25 56.54
C GLU F 448 37.01 48.56 58.00
N ILE F 449 37.31 47.53 58.81
CA ILE F 449 37.59 47.79 60.22
C ILE F 449 39.04 48.25 60.43
N TYR F 450 40.00 47.54 59.84
CA TYR F 450 41.42 47.75 60.12
C TYR F 450 42.20 48.19 58.88
N GLY F 451 41.58 48.96 58.01
CA GLY F 451 42.20 49.26 56.72
C GLY F 451 43.33 50.29 56.75
N ASP F 452 44.03 50.33 55.62
CA ASP F 452 45.05 51.34 55.30
C ASP F 452 46.04 51.62 56.42
N ASN F 458 56.75 46.89 64.33
CA ASN F 458 57.85 47.81 64.57
C ASN F 458 58.88 47.25 65.56
N THR F 459 60.04 46.85 65.05
CA THR F 459 61.16 46.45 65.87
C THR F 459 62.46 46.91 65.22
N GLU F 460 63.39 47.37 66.06
CA GLU F 460 64.64 47.98 65.65
C GLU F 460 65.54 47.00 64.91
N GLU F 461 66.28 47.52 63.92
CA GLU F 461 67.29 46.72 63.23
C GLU F 461 68.62 47.00 63.92
N LYS F 462 69.24 45.95 64.45
CA LYS F 462 70.49 46.08 65.18
C LYS F 462 71.68 45.76 64.29
N ILE F 463 72.88 46.07 64.81
CA ILE F 463 74.11 45.74 64.09
C ILE F 463 74.31 44.22 64.06
N TYR F 464 73.99 43.55 65.16
CA TYR F 464 74.17 42.12 65.31
C TYR F 464 72.82 41.41 65.34
N LEU F 465 72.76 40.23 64.74
CA LEU F 465 71.49 39.51 64.69
C LEU F 465 71.04 39.14 66.11
N PRO F 466 69.77 39.33 66.43
CA PRO F 466 69.26 38.95 67.75
C PRO F 466 69.02 37.45 67.81
N PRO F 467 68.72 36.90 68.98
CA PRO F 467 68.47 35.46 69.07
C PRO F 467 67.31 35.02 68.19
N ILE F 468 67.45 33.85 67.59
CA ILE F 468 66.35 33.29 66.79
C ILE F 468 65.18 33.00 67.71
N PRO F 469 63.97 33.47 67.38
CA PRO F 469 62.83 33.28 68.29
C PRO F 469 62.26 31.88 68.18
N ALA F 470 62.27 31.14 69.30
CA ALA F 470 61.75 29.79 69.32
C ALA F 470 60.26 29.74 69.02
N ASP F 471 59.55 30.86 69.23
CA ASP F 471 58.12 30.91 68.90
C ASP F 471 57.89 30.63 67.42
N GLU F 472 58.75 31.18 66.55
CA GLU F 472 58.60 31.01 65.11
C GLU F 472 59.08 29.64 64.64
N ILE F 473 60.23 29.19 65.14
CA ILE F 473 60.83 27.92 64.75
C ILE F 473 60.63 26.91 65.88
N ARG F 474 59.87 25.86 65.60
CA ARG F 474 59.59 24.85 66.61
C ARG F 474 60.38 23.57 66.41
N ASN F 475 60.98 23.38 65.24
CA ASN F 475 61.94 22.31 65.02
C ASN F 475 63.20 22.58 65.80
N PRO F 476 63.51 21.83 66.86
CA PRO F 476 64.75 22.10 67.60
C PRO F 476 65.99 21.95 66.74
N VAL F 477 65.94 21.06 65.75
CA VAL F 477 67.08 20.88 64.84
C VAL F 477 67.30 22.16 64.03
N VAL F 478 66.22 22.69 63.46
CA VAL F 478 66.32 23.94 62.71
C VAL F 478 66.70 25.08 63.64
N LEU F 479 66.21 25.05 64.89
CA LEU F 479 66.57 26.08 65.85
C LEU F 479 68.08 26.11 66.09
N ARG F 480 68.68 24.93 66.31
CA ARG F 480 70.13 24.91 66.51
C ARG F 480 70.87 25.34 65.25
N ALA F 481 70.45 24.85 64.08
CA ALA F 481 71.10 25.26 62.85
C ALA F 481 71.09 26.78 62.70
N LEU F 482 69.92 27.39 62.88
CA LEU F 482 69.80 28.83 62.75
C LEU F 482 70.60 29.55 63.82
N SER F 483 70.68 29.00 65.03
CA SER F 483 71.44 29.66 66.09
C SER F 483 72.93 29.66 65.78
N GLN F 484 73.44 28.54 65.27
CA GLN F 484 74.85 28.52 64.87
C GLN F 484 75.10 29.41 63.68
N ALA F 485 74.13 29.51 62.76
CA ALA F 485 74.25 30.46 61.66
C ALA F 485 74.32 31.89 62.19
N ARG F 486 73.52 32.18 63.23
CA ARG F 486 73.60 33.48 63.88
C ARG F 486 74.99 33.71 64.47
N LYS F 487 75.54 32.69 65.13
CA LYS F 487 76.89 32.80 65.68
C LYS F 487 77.89 33.18 64.59
N VAL F 488 77.82 32.49 63.44
CA VAL F 488 78.77 32.75 62.36
C VAL F 488 78.55 34.14 61.77
N ILE F 489 77.30 34.53 61.57
CA ILE F 489 76.97 35.86 61.06
C ILE F 489 77.57 36.93 61.96
N ASN F 490 77.29 36.85 63.26
CA ASN F 490 77.79 37.83 64.19
C ASN F 490 79.31 37.80 64.27
N GLY F 491 79.92 36.63 64.10
CA GLY F 491 81.38 36.56 64.02
C GLY F 491 81.93 37.37 62.85
N VAL F 492 81.40 37.13 61.65
CA VAL F 492 81.95 37.87 60.51
C VAL F 492 81.63 39.35 60.61
N VAL F 493 80.51 39.72 61.25
CA VAL F 493 80.21 41.14 61.40
C VAL F 493 81.16 41.78 62.40
N ARG F 494 81.42 41.08 63.51
CA ARG F 494 82.39 41.54 64.50
C ARG F 494 83.77 41.72 63.87
N ARG F 495 84.13 40.86 62.92
CA ARG F 495 85.48 40.85 62.37
C ARG F 495 85.65 41.82 61.19
N TYR F 496 84.63 41.97 60.36
CA TYR F 496 84.76 42.68 59.09
C TYR F 496 83.71 43.76 58.90
N GLY F 497 82.90 44.06 59.92
CA GLY F 497 81.85 45.05 59.79
C GLY F 497 80.58 44.48 59.17
N SER F 498 79.58 45.36 59.05
CA SER F 498 78.29 44.95 58.53
C SER F 498 78.42 44.43 57.09
N PRO F 499 77.85 43.28 56.77
CA PRO F 499 77.89 42.81 55.38
C PRO F 499 76.99 43.65 54.51
N ALA F 500 77.38 43.78 53.24
CA ALA F 500 76.51 44.47 52.29
C ALA F 500 75.25 43.67 52.00
N ARG F 501 75.38 42.35 51.89
CA ARG F 501 74.28 41.47 51.53
C ARG F 501 74.56 40.08 52.10
N ILE F 502 73.49 39.32 52.33
CA ILE F 502 73.60 37.94 52.82
C ILE F 502 72.87 37.03 51.85
N HIS F 503 73.58 36.01 51.35
CA HIS F 503 73.01 35.01 50.46
C HIS F 503 73.00 33.67 51.17
N ILE F 504 71.91 32.92 51.05
CA ILE F 504 71.68 31.73 51.86
C ILE F 504 71.30 30.57 50.96
N GLU F 505 71.77 29.37 51.31
CA GLU F 505 71.37 28.12 50.67
C GLU F 505 71.13 27.12 51.79
N THR F 506 69.86 26.95 52.16
CA THR F 506 69.46 25.94 53.13
C THR F 506 69.37 24.57 52.47
N ALA F 507 69.93 23.55 53.13
CA ALA F 507 69.89 22.20 52.59
C ALA F 507 68.44 21.69 52.51
N ARG F 508 68.24 20.70 51.64
CA ARG F 508 66.91 20.10 51.50
C ARG F 508 66.44 19.43 52.77
N GLU F 509 67.36 19.10 53.68
CA GLU F 509 67.03 18.37 54.89
C GLU F 509 66.64 19.27 56.06
N VAL F 510 66.91 20.56 55.96
CA VAL F 510 66.62 21.47 57.07
C VAL F 510 65.16 21.89 56.97
N GLY F 511 64.38 21.58 58.01
CA GLY F 511 62.97 21.87 58.04
C GLY F 511 62.09 20.67 57.85
N LYS F 512 62.65 19.49 57.62
CA LYS F 512 61.89 18.27 57.48
C LYS F 512 62.06 17.39 58.71
N SER F 513 61.08 16.53 58.95
CA SER F 513 61.10 15.63 60.08
C SER F 513 62.12 14.51 59.85
N PHE F 514 62.44 13.80 60.93
CA PHE F 514 63.36 12.68 60.84
C PHE F 514 62.88 11.65 59.83
N LYS F 515 61.59 11.30 59.87
CA LYS F 515 61.06 10.32 58.93
C LYS F 515 61.16 10.84 57.50
N ASP F 516 60.91 12.14 57.29
CA ASP F 516 61.03 12.70 55.96
C ASP F 516 62.46 12.62 55.44
N ARG F 517 63.45 12.89 56.30
CA ARG F 517 64.84 12.81 55.88
C ARG F 517 65.23 11.37 55.57
N LYS F 518 64.79 10.42 56.40
CA LYS F 518 65.06 9.02 56.09
C LYS F 518 64.39 8.61 54.79
N GLU F 519 63.21 9.15 54.52
CA GLU F 519 62.51 8.85 53.27
C GLU F 519 63.27 9.40 52.07
N ILE F 520 63.82 10.61 52.17
CA ILE F 520 64.54 11.14 51.01
C ILE F 520 65.87 10.41 50.83
N GLU F 521 66.49 9.93 51.91
CA GLU F 521 67.67 9.08 51.76
C GLU F 521 67.33 7.79 51.02
N LYS F 522 66.28 7.10 51.47
CA LYS F 522 65.86 5.87 50.81
C LYS F 522 65.53 6.13 49.34
N ARG F 523 64.84 7.24 49.06
CA ARG F 523 64.41 7.53 47.69
C ARG F 523 65.57 7.90 46.79
N GLN F 524 66.60 8.58 47.31
CA GLN F 524 67.76 8.86 46.47
C GLN F 524 68.58 7.59 46.23
N GLU F 525 68.61 6.67 47.21
CA GLU F 525 69.19 5.36 46.94
C GLU F 525 68.44 4.64 45.82
N GLU F 526 67.12 4.60 45.91
CA GLU F 526 66.31 3.96 44.87
C GLU F 526 66.50 4.65 43.52
N ASN F 527 66.70 5.97 43.52
CA ASN F 527 66.94 6.68 42.27
C ASN F 527 68.28 6.31 41.67
N ARG F 528 69.30 6.13 42.51
CA ARG F 528 70.59 5.64 42.02
C ARG F 528 70.42 4.27 41.36
N LYS F 529 69.72 3.36 42.03
CA LYS F 529 69.50 2.03 41.45
C LYS F 529 68.72 2.11 40.14
N ASP F 530 67.69 2.95 40.10
CA ASP F 530 66.90 3.13 38.89
C ASP F 530 67.74 3.67 37.74
N ARG F 531 68.62 4.63 38.03
CA ARG F 531 69.48 5.19 36.99
C ARG F 531 70.50 4.15 36.50
N GLU F 532 70.98 3.30 37.40
CA GLU F 532 71.84 2.20 36.97
C GLU F 532 71.11 1.27 36.00
N LYS F 533 69.90 0.86 36.38
CA LYS F 533 69.12 0.00 35.48
C LYS F 533 68.84 0.69 34.15
N ALA F 534 68.55 1.99 34.18
CA ALA F 534 68.27 2.72 32.95
C ALA F 534 69.49 2.79 32.05
N ALA F 535 70.68 3.03 32.63
CA ALA F 535 71.90 3.01 31.85
C ALA F 535 72.16 1.63 31.27
N ALA F 536 71.89 0.57 32.04
CA ALA F 536 72.05 -0.78 31.52
C ALA F 536 71.16 -1.00 30.30
N LYS F 537 69.89 -0.59 30.41
CA LYS F 537 68.96 -0.72 29.29
C LYS F 537 69.45 0.06 28.08
N PHE F 538 69.86 1.32 28.30
CA PHE F 538 70.37 2.14 27.22
C PHE F 538 71.56 1.47 26.52
N ARG F 539 72.47 0.87 27.29
CA ARG F 539 73.60 0.17 26.69
C ARG F 539 73.11 -1.02 25.87
N GLU F 540 72.10 -1.73 26.37
CA GLU F 540 71.54 -2.84 25.60
C GLU F 540 70.95 -2.35 24.28
N TYR F 541 70.23 -1.22 24.31
CA TYR F 541 69.64 -0.68 23.08
C TYR F 541 70.71 -0.17 22.12
N PHE F 542 71.77 0.46 22.63
CA PHE F 542 72.81 1.05 21.78
C PHE F 542 74.16 0.42 22.12
N PRO F 543 74.43 -0.79 21.64
CA PRO F 543 75.73 -1.41 21.92
C PRO F 543 76.87 -0.68 21.24
N ASN F 544 76.60 0.00 20.12
CA ASN F 544 77.59 0.70 19.32
C ASN F 544 77.63 2.19 19.63
N PHE F 545 77.08 2.61 20.76
CA PHE F 545 77.12 4.02 21.13
C PHE F 545 78.57 4.48 21.28
N VAL F 546 78.85 5.68 20.77
CA VAL F 546 80.19 6.23 20.75
C VAL F 546 80.40 7.09 22.00
N GLY F 547 81.25 6.61 22.90
CA GLY F 547 81.59 7.36 24.09
C GLY F 547 80.79 6.97 25.31
N GLU F 548 80.85 7.87 26.30
CA GLU F 548 80.24 7.66 27.60
C GLU F 548 78.73 7.86 27.56
N PRO F 549 77.94 6.93 28.13
CA PRO F 549 76.49 7.16 28.20
C PRO F 549 76.19 8.08 29.37
N LYS F 550 75.90 9.35 29.08
CA LYS F 550 75.61 10.33 30.11
C LYS F 550 74.11 10.42 30.39
N SER F 551 73.78 11.23 31.41
CA SER F 551 72.38 11.43 31.79
C SER F 551 71.60 12.06 30.64
N LYS F 552 72.26 12.88 29.83
CA LYS F 552 71.59 13.50 28.69
C LYS F 552 71.05 12.44 27.73
N ASP F 553 71.77 11.33 27.56
CA ASP F 553 71.36 10.29 26.63
C ASP F 553 70.23 9.44 27.19
N ILE F 554 70.33 9.03 28.46
CA ILE F 554 69.23 8.31 29.10
C ILE F 554 67.98 9.18 29.11
N LEU F 555 68.13 10.48 29.39
CA LEU F 555 67.00 11.39 29.36
C LEU F 555 66.43 11.50 27.95
N LYS F 556 67.30 11.53 26.93
CA LYS F 556 66.83 11.55 25.55
C LYS F 556 65.97 10.34 25.25
N LEU F 557 66.42 9.15 25.67
CA LEU F 557 65.65 7.93 25.40
C LEU F 557 64.33 7.94 26.18
N ARG F 558 64.36 8.37 27.43
CA ARG F 558 63.16 8.44 28.25
C ARG F 558 62.15 9.41 27.65
N LEU F 559 62.61 10.58 27.22
CA LEU F 559 61.72 11.55 26.58
C LEU F 559 61.18 11.02 25.26
N TYR F 560 62.00 10.28 24.51
CA TYR F 560 61.51 9.63 23.30
C TYR F 560 60.30 8.75 23.60
N GLU F 561 60.48 7.78 24.50
CA GLU F 561 59.36 6.86 24.77
C GLU F 561 58.19 7.58 25.43
N GLN F 562 58.48 8.58 26.25
CA GLN F 562 57.47 9.31 27.00
C GLN F 562 56.71 10.30 26.13
N GLN F 563 57.24 10.61 24.94
CA GLN F 563 56.57 11.42 23.94
C GLN F 563 55.99 10.58 22.80
N HIS F 564 55.93 9.25 22.97
CA HIS F 564 55.40 8.34 21.97
C HIS F 564 56.19 8.40 20.67
N GLY F 565 57.49 8.62 20.78
CA GLY F 565 58.35 8.59 19.61
C GLY F 565 58.10 9.70 18.61
N LYS F 566 57.71 10.88 19.08
CA LYS F 566 57.30 11.96 18.22
C LYS F 566 57.99 13.26 18.64
N CYS F 567 58.42 14.03 17.65
CA CYS F 567 58.95 15.37 17.91
C CYS F 567 57.87 16.27 18.47
N LEU F 568 58.13 16.89 19.62
CA LEU F 568 57.10 17.71 20.24
C LEU F 568 56.80 18.96 19.42
N TYR F 569 57.84 19.55 18.81
CA TYR F 569 57.66 20.81 18.09
C TYR F 569 57.02 20.61 16.72
N SER F 570 57.32 19.50 16.03
CA SER F 570 56.78 19.26 14.70
C SER F 570 55.77 18.13 14.63
N GLY F 571 55.87 17.12 15.50
CA GLY F 571 55.04 15.95 15.40
C GLY F 571 55.53 14.92 14.41
N LYS F 572 56.65 15.16 13.75
CA LYS F 572 57.21 14.18 12.84
C LYS F 572 57.79 13.02 13.63
N GLU F 573 57.63 11.81 13.11
CA GLU F 573 58.21 10.64 13.73
C GLU F 573 59.73 10.77 13.75
N ILE F 574 60.35 10.34 14.85
CA ILE F 574 61.79 10.44 15.03
C ILE F 574 62.39 9.04 15.05
N ASN F 575 63.58 8.91 14.45
CA ASN F 575 64.20 7.62 14.17
C ASN F 575 65.07 7.20 15.34
N LEU F 576 64.58 6.29 16.17
CA LEU F 576 65.45 5.60 17.11
C LEU F 576 66.59 4.93 16.36
N GLY F 577 67.80 5.01 16.92
CA GLY F 577 68.98 4.50 16.26
C GLY F 577 69.83 5.63 15.76
N ARG F 578 69.18 6.68 15.26
CA ARG F 578 69.83 7.95 15.02
C ARG F 578 69.73 8.88 16.21
N LEU F 579 69.31 8.36 17.36
CA LEU F 579 69.04 9.19 18.53
C LEU F 579 70.28 9.96 18.96
N ASN F 580 71.44 9.31 18.89
CA ASN F 580 72.69 9.92 19.33
C ASN F 580 73.47 10.59 18.22
N GLU F 581 73.03 10.44 16.97
CA GLU F 581 73.57 11.21 15.86
C GLU F 581 73.53 12.70 16.20
N LYS F 582 74.71 13.31 16.24
CA LYS F 582 74.84 14.70 16.70
C LYS F 582 73.88 15.63 15.95
N GLY F 583 73.19 16.47 16.71
CA GLY F 583 72.28 17.46 16.16
C GLY F 583 70.99 16.93 15.57
N TYR F 584 70.81 15.61 15.50
CA TYR F 584 69.55 15.05 15.04
C TYR F 584 68.40 15.45 15.96
N VAL F 585 68.57 15.20 17.26
CA VAL F 585 67.56 15.52 18.27
C VAL F 585 68.23 16.31 19.39
N GLU F 586 67.52 17.30 19.90
CA GLU F 586 67.99 18.13 21.00
C GLU F 586 67.02 18.04 22.17
N ILE F 587 67.60 18.02 23.38
CA ILE F 587 66.84 18.19 24.62
C ILE F 587 66.67 19.69 24.82
N ASP F 588 65.58 20.25 24.30
CA ASP F 588 65.36 21.68 24.32
C ASP F 588 64.61 22.09 25.58
N ALA F 589 64.95 23.25 26.12
CA ALA F 589 64.14 23.88 27.15
C ALA F 589 62.98 24.60 26.47
N ALA F 590 61.76 24.15 26.76
CA ALA F 590 60.58 24.78 26.18
C ALA F 590 60.54 26.26 26.51
N LEU F 591 60.54 26.58 27.79
CA LEU F 591 60.69 27.97 28.22
C LEU F 591 62.17 28.34 28.21
N PRO F 592 62.54 29.50 27.65
CA PRO F 592 63.95 29.85 27.54
C PRO F 592 64.58 30.12 28.91
N PHE F 593 65.81 29.63 29.08
CA PHE F 593 66.52 29.83 30.34
C PHE F 593 66.84 31.31 30.57
N SER F 594 67.03 32.07 29.48
CA SER F 594 67.32 33.50 29.62
C SER F 594 66.17 34.26 30.26
N ARG F 595 64.94 33.77 30.10
CA ARG F 595 63.76 34.47 30.58
C ARG F 595 63.12 33.82 31.80
N THR F 596 63.52 32.61 32.18
CA THR F 596 62.86 31.91 33.27
C THR F 596 63.84 31.43 34.32
N TRP F 597 65.10 31.21 33.92
CA TRP F 597 66.09 30.53 34.76
C TRP F 597 65.55 29.17 35.20
N ASP F 598 64.85 28.50 34.30
CA ASP F 598 64.17 27.23 34.58
C ASP F 598 64.97 26.11 33.92
N ASP F 599 65.72 25.35 34.73
CA ASP F 599 66.43 24.17 34.25
C ASP F 599 65.81 22.88 34.77
N SER F 600 64.60 22.95 35.33
CA SER F 600 63.95 21.77 35.87
C SER F 600 63.61 20.78 34.78
N PHE F 601 63.41 19.52 35.19
CA PHE F 601 63.04 18.47 34.24
C PHE F 601 61.63 18.67 33.71
N ASN F 602 60.87 19.59 34.30
CA ASN F 602 59.54 19.94 33.84
C ASN F 602 59.57 20.95 32.71
N ASN F 603 60.74 21.24 32.15
CA ASN F 603 60.90 22.22 31.09
C ASN F 603 61.78 21.69 29.96
N LYS F 604 62.02 20.39 29.91
CA LYS F 604 62.92 19.80 28.92
C LYS F 604 62.14 18.82 28.06
N VAL F 605 62.20 19.01 26.75
CA VAL F 605 61.45 18.21 25.79
C VAL F 605 62.39 17.77 24.68
N LEU F 606 62.03 16.67 24.01
CA LEU F 606 62.84 16.10 22.95
C LEU F 606 62.28 16.56 21.60
N VAL F 607 63.07 17.34 20.87
CA VAL F 607 62.66 17.85 19.57
C VAL F 607 63.73 17.50 18.53
N LEU F 608 63.35 17.60 17.27
CA LEU F 608 64.30 17.40 16.17
C LEU F 608 65.14 18.66 16.00
N GLY F 609 66.45 18.46 15.83
CA GLY F 609 67.33 19.58 15.52
C GLY F 609 66.81 20.43 14.38
N SER F 610 66.25 19.79 13.36
CA SER F 610 65.63 20.50 12.23
C SER F 610 64.69 21.60 12.71
N GLU F 611 63.69 21.23 13.51
CA GLU F 611 62.59 22.13 13.79
C GLU F 611 62.94 23.15 14.87
N ASN F 612 63.82 22.79 15.81
CA ASN F 612 64.26 23.73 16.86
C ASN F 612 65.40 24.57 16.31
N GLN F 613 65.03 25.47 15.40
CA GLN F 613 65.92 26.48 14.87
C GLN F 613 65.07 27.62 14.33
N ASN F 614 65.50 28.84 14.60
CA ASN F 614 64.73 30.08 14.49
C ASN F 614 63.71 30.21 15.62
N LYS F 615 63.69 29.27 16.57
CA LYS F 615 62.89 29.43 17.77
C LYS F 615 63.49 30.46 18.71
N GLY F 616 64.82 30.44 18.85
CA GLY F 616 65.50 31.46 19.65
C GLY F 616 65.03 31.47 21.09
N ASN F 617 64.76 32.67 21.59
CA ASN F 617 64.33 32.87 22.97
C ASN F 617 62.81 32.99 23.09
N GLN F 618 62.07 32.45 22.13
CA GLN F 618 60.62 32.45 22.19
C GLN F 618 60.13 31.27 23.04
N THR F 619 58.88 31.41 23.53
CA THR F 619 58.20 30.30 24.18
C THR F 619 57.34 29.56 23.16
N PRO F 620 56.97 28.30 23.43
CA PRO F 620 56.05 27.60 22.51
C PRO F 620 54.80 28.39 22.15
N TYR F 621 54.23 29.11 23.12
CA TYR F 621 53.06 29.95 22.86
C TYR F 621 53.41 31.08 21.89
N GLU F 622 54.61 31.65 22.04
CA GLU F 622 55.04 32.72 21.14
C GLU F 622 55.54 32.14 19.81
N TYR F 623 56.24 31.00 19.87
CA TYR F 623 56.76 30.38 18.65
C TYR F 623 55.62 29.95 17.74
N PHE F 624 54.62 29.29 18.29
CA PHE F 624 53.50 28.75 17.52
C PHE F 624 52.36 29.75 17.37
N ASN F 625 52.53 30.98 17.85
CA ASN F 625 51.53 32.04 17.71
C ASN F 625 50.19 31.62 18.31
N GLY F 626 50.24 31.08 19.53
CA GLY F 626 49.03 30.79 20.27
C GLY F 626 48.22 32.02 20.63
N LYS F 627 48.84 33.21 20.53
CA LYS F 627 48.08 34.45 20.72
C LYS F 627 46.89 34.53 19.78
N ASP F 628 47.05 34.03 18.56
CA ASP F 628 45.97 33.94 17.60
C ASP F 628 45.38 32.53 17.52
N ASN F 629 45.77 31.65 18.44
CA ASN F 629 45.24 30.29 18.54
C ASN F 629 45.28 29.57 17.19
N SER F 630 46.47 29.57 16.59
CA SER F 630 46.64 29.01 15.26
C SER F 630 46.51 27.48 15.31
N ARG F 631 46.40 26.88 14.12
CA ARG F 631 46.37 25.42 14.01
C ARG F 631 47.58 24.79 14.68
N GLU F 632 48.77 25.37 14.47
CA GLU F 632 49.99 24.81 15.04
C GLU F 632 49.95 24.78 16.56
N TRP F 633 49.45 25.86 17.19
CA TRP F 633 49.31 25.88 18.63
C TRP F 633 48.38 24.77 19.11
N GLN F 634 47.26 24.57 18.41
CA GLN F 634 46.31 23.53 18.79
C GLN F 634 46.94 22.14 18.66
N GLU F 635 47.65 21.90 17.57
CA GLU F 635 48.34 20.63 17.37
C GLU F 635 49.36 20.38 18.47
N PHE F 636 50.15 21.39 18.80
CA PHE F 636 51.16 21.28 19.85
C PHE F 636 50.52 20.98 21.19
N LYS F 637 49.44 21.70 21.52
CA LYS F 637 48.74 21.48 22.79
C LYS F 637 48.21 20.07 22.86
N ALA F 638 47.64 19.56 21.78
CA ALA F 638 47.18 18.18 21.73
C ALA F 638 48.34 17.20 21.94
N ARG F 639 49.47 17.47 21.30
CA ARG F 639 50.63 16.59 21.44
C ARG F 639 51.08 16.50 22.89
N VAL F 640 51.23 17.64 23.56
CA VAL F 640 51.69 17.60 24.95
C VAL F 640 50.63 17.00 25.86
N GLU F 641 49.34 17.20 25.54
CA GLU F 641 48.28 16.61 26.37
C GLU F 641 48.29 15.09 26.26
N THR F 642 48.53 14.56 25.06
CA THR F 642 48.55 13.12 24.85
C THR F 642 49.83 12.46 25.36
N SER F 643 50.87 13.23 25.66
CA SER F 643 52.14 12.67 26.08
C SER F 643 52.08 12.21 27.54
N ARG F 644 53.05 11.38 27.92
CA ARG F 644 53.15 10.88 29.30
C ARG F 644 53.94 11.87 30.18
N PHE F 645 53.39 13.07 30.31
CA PHE F 645 54.01 14.10 31.12
C PHE F 645 53.21 14.33 32.39
N PRO F 646 53.86 14.51 33.53
CA PRO F 646 53.14 14.98 34.72
C PRO F 646 52.42 16.30 34.43
N ARG F 647 51.35 16.55 35.18
CA ARG F 647 50.53 17.74 34.96
C ARG F 647 51.37 19.01 35.06
N SER F 648 52.36 19.03 35.97
CA SER F 648 53.22 20.20 36.12
C SER F 648 53.98 20.50 34.83
N LYS F 649 54.51 19.46 34.19
CA LYS F 649 55.25 19.65 32.94
C LYS F 649 54.34 20.19 31.84
N LYS F 650 53.15 19.59 31.69
CA LYS F 650 52.20 20.07 30.69
C LYS F 650 51.86 21.54 30.93
N GLN F 651 51.62 21.91 32.19
CA GLN F 651 51.28 23.28 32.50
C GLN F 651 52.44 24.23 32.20
N ARG F 652 53.68 23.79 32.50
CA ARG F 652 54.83 24.66 32.25
C ARG F 652 55.05 24.88 30.75
N ILE F 653 54.99 23.81 29.96
CA ILE F 653 55.29 23.92 28.53
C ILE F 653 54.34 24.87 27.84
N LEU F 654 53.05 24.72 28.13
CA LEU F 654 52.05 25.60 27.54
C LEU F 654 51.86 26.81 28.44
N LEU F 655 52.90 27.62 28.62
CA LEU F 655 52.75 28.54 29.73
C LEU F 655 51.70 29.60 29.44
N GLN F 656 52.04 30.72 28.77
CA GLN F 656 51.21 31.71 28.07
C GLN F 656 51.85 33.05 28.36
N LYS F 657 51.13 34.16 28.13
CA LYS F 657 51.41 35.40 28.84
C LYS F 657 51.96 35.12 30.24
N PHE F 658 53.10 35.73 30.57
CA PHE F 658 53.80 35.47 31.82
C PHE F 658 54.79 36.60 32.11
N ASP F 659 55.32 36.62 33.33
CA ASP F 659 56.27 37.65 33.77
C ASP F 659 57.70 37.12 33.69
N GLU F 660 58.55 37.81 32.93
CA GLU F 660 59.96 37.44 32.83
C GLU F 660 60.63 37.46 34.21
N ASP F 661 60.63 38.63 34.86
CA ASP F 661 61.31 38.79 36.15
C ASP F 661 60.70 37.89 37.21
N GLY F 662 59.37 37.80 37.26
CA GLY F 662 58.73 36.96 38.26
C GLY F 662 59.11 35.50 38.15
N PHE F 663 59.10 34.97 36.92
CA PHE F 663 59.47 33.57 36.72
C PHE F 663 60.94 33.34 37.05
N LYS F 664 61.81 34.26 36.61
CA LYS F 664 63.22 34.18 37.00
C LYS F 664 63.34 34.13 38.51
N GLU F 665 62.55 34.94 39.22
CA GLU F 665 62.62 35.02 40.67
C GLU F 665 62.18 33.71 41.31
N ARG F 666 61.05 33.16 40.86
CA ARG F 666 60.56 31.92 41.47
C ARG F 666 61.56 30.79 41.27
N ASN F 667 62.19 30.71 40.10
CA ASN F 667 63.16 29.64 39.90
C ASN F 667 64.46 29.90 40.66
N LEU F 668 64.88 31.16 40.78
CA LEU F 668 66.12 31.46 41.51
C LEU F 668 65.94 31.28 43.01
N ASN F 669 64.77 31.62 43.54
CA ASN F 669 64.57 31.72 44.98
C ASN F 669 63.98 30.43 45.54
N ASP F 670 64.43 30.08 46.75
CA ASP F 670 63.95 28.92 47.50
C ASP F 670 63.09 29.45 48.65
N THR F 671 61.79 29.21 48.59
CA THR F 671 60.81 29.80 49.51
C THR F 671 60.18 28.76 50.42
N ARG F 672 60.97 27.80 50.90
CA ARG F 672 60.51 26.94 51.99
C ARG F 672 60.44 27.75 53.28
N TYR F 673 59.68 27.22 54.26
CA TYR F 673 59.26 28.06 55.38
C TYR F 673 60.45 28.59 56.17
N VAL F 674 61.47 27.75 56.37
CA VAL F 674 62.65 28.21 57.11
C VAL F 674 63.35 29.33 56.36
N ASN F 675 63.50 29.19 55.04
CA ASN F 675 64.10 30.26 54.23
C ASN F 675 63.28 31.54 54.30
N ARG F 676 61.96 31.43 54.20
CA ARG F 676 61.10 32.60 54.29
C ARG F 676 61.32 33.33 55.61
N PHE F 677 61.20 32.59 56.72
CA PHE F 677 61.43 33.19 58.03
C PHE F 677 62.82 33.81 58.11
N LEU F 678 63.84 33.09 57.65
CA LEU F 678 65.22 33.57 57.76
C LEU F 678 65.40 34.88 57.02
N CYS F 679 64.98 34.94 55.76
CA CYS F 679 65.05 36.18 55.00
C CYS F 679 64.34 37.31 55.72
N GLN F 680 63.08 37.10 56.11
CA GLN F 680 62.31 38.13 56.80
C GLN F 680 63.05 38.63 58.04
N PHE F 681 63.44 37.69 58.91
CA PHE F 681 64.11 38.02 60.17
C PHE F 681 65.39 38.81 59.94
N VAL F 682 66.29 38.28 59.10
CA VAL F 682 67.58 38.92 58.92
C VAL F 682 67.41 40.30 58.30
N ALA F 683 66.52 40.44 57.31
CA ALA F 683 66.32 41.73 56.68
C ALA F 683 65.72 42.74 57.67
N ASP F 684 64.78 42.31 58.51
CA ASP F 684 64.07 43.22 59.39
C ASP F 684 64.82 43.55 60.68
N ARG F 685 65.82 42.74 61.05
CA ARG F 685 66.39 42.84 62.39
C ARG F 685 67.90 43.03 62.39
N MET F 686 68.51 43.28 61.23
CA MET F 686 69.96 43.34 61.15
C MET F 686 70.36 44.30 60.04
N ARG F 687 71.46 45.02 60.27
CA ARG F 687 71.87 46.10 59.37
C ARG F 687 72.65 45.53 58.19
N LEU F 688 72.15 45.81 56.99
CA LEU F 688 72.81 45.44 55.75
C LEU F 688 72.87 46.68 54.88
N THR F 689 74.07 46.99 54.39
CA THR F 689 74.31 48.27 53.76
C THR F 689 74.12 48.28 52.23
N GLY F 690 73.64 47.19 51.65
CA GLY F 690 73.69 47.13 50.19
C GLY F 690 72.41 46.99 49.40
N LYS F 691 72.27 47.78 48.33
CA LYS F 691 71.41 47.46 47.20
C LYS F 691 69.91 47.41 47.53
N GLY F 692 69.49 47.83 48.71
CA GLY F 692 68.05 47.99 48.89
C GLY F 692 67.16 46.76 48.96
N LYS F 693 66.38 46.53 47.90
CA LYS F 693 65.07 45.87 47.98
C LYS F 693 65.02 44.58 48.78
N LYS F 694 65.85 43.60 48.41
CA LYS F 694 65.93 42.33 49.14
C LYS F 694 67.41 42.08 49.37
N ARG F 695 67.90 42.41 50.57
CA ARG F 695 69.30 42.26 50.88
C ARG F 695 69.62 40.90 51.46
N VAL F 696 68.62 40.05 51.62
CA VAL F 696 68.80 38.66 52.00
C VAL F 696 68.14 37.82 50.93
N PHE F 697 68.85 36.81 50.46
CA PHE F 697 68.43 36.04 49.29
C PHE F 697 68.72 34.58 49.54
N ALA F 698 67.69 33.76 49.48
CA ALA F 698 67.82 32.33 49.68
C ALA F 698 67.76 31.67 48.32
N SER F 699 68.78 30.91 47.99
CA SER F 699 68.99 30.46 46.62
C SER F 699 68.40 29.06 46.41
N ASN F 700 67.92 28.84 45.19
CA ASN F 700 67.50 27.52 44.76
C ASN F 700 68.71 26.58 44.71
N GLY F 701 68.60 25.45 45.41
CA GLY F 701 69.71 24.51 45.44
C GLY F 701 70.06 23.99 44.06
N GLN F 702 69.06 23.76 43.22
CA GLN F 702 69.32 23.26 41.87
C GLN F 702 70.11 24.28 41.06
N ILE F 703 69.82 25.57 41.24
CA ILE F 703 70.56 26.60 40.52
C ILE F 703 71.96 26.76 41.11
N THR F 704 72.10 26.60 42.43
CA THR F 704 73.44 26.59 43.02
C THR F 704 74.29 25.47 42.44
N ASN F 705 73.72 24.27 42.30
CA ASN F 705 74.46 23.18 41.69
C ASN F 705 74.75 23.46 40.21
N LEU F 706 73.81 24.08 39.51
CA LEU F 706 74.03 24.44 38.11
C LEU F 706 75.24 25.36 37.98
N LEU F 707 75.27 26.43 38.77
CA LEU F 707 76.39 27.36 38.74
C LEU F 707 77.69 26.68 39.17
N ARG F 708 77.61 25.84 40.20
CA ARG F 708 78.79 25.09 40.65
C ARG F 708 79.37 24.27 39.50
N GLY F 709 78.51 23.60 38.74
CA GLY F 709 78.97 22.85 37.59
C GLY F 709 79.59 23.73 36.53
N PHE F 710 78.93 24.84 36.19
CA PHE F 710 79.43 25.68 35.10
C PHE F 710 80.66 26.48 35.50
N TRP F 711 80.85 26.75 36.80
CA TRP F 711 81.98 27.54 37.26
C TRP F 711 83.23 26.70 37.52
N GLY F 712 83.13 25.38 37.45
CA GLY F 712 84.30 24.54 37.48
C GLY F 712 84.53 23.75 38.75
N LEU F 713 83.58 23.74 39.68
CA LEU F 713 83.75 23.04 40.95
C LEU F 713 82.99 21.71 40.88
N ARG F 714 83.72 20.64 40.62
CA ARG F 714 83.13 19.31 40.57
C ARG F 714 82.76 18.84 41.98
N LYS F 715 81.95 17.78 42.03
CA LYS F 715 81.71 17.09 43.28
C LYS F 715 83.03 16.52 43.79
N VAL F 716 83.43 16.95 44.99
CA VAL F 716 84.79 16.70 45.46
C VAL F 716 85.02 15.20 45.65
N ARG F 717 86.25 14.77 45.35
CA ARG F 717 86.61 13.37 45.51
C ARG F 717 86.60 12.97 46.98
N ALA F 718 87.09 13.84 47.86
CA ALA F 718 87.35 13.53 49.25
C ALA F 718 86.07 13.60 50.09
N GLU F 719 86.10 12.89 51.22
CA GLU F 719 85.04 12.90 52.22
C GLU F 719 85.50 13.76 53.40
N ASN F 720 85.02 15.00 53.47
CA ASN F 720 85.30 15.84 54.63
C ASN F 720 84.29 16.97 54.69
N ASP F 721 84.33 17.73 55.78
CA ASP F 721 83.33 18.76 56.06
C ASP F 721 83.63 20.08 55.36
N ARG F 722 84.67 20.17 54.55
CA ARG F 722 85.04 21.46 53.99
C ARG F 722 84.19 21.85 52.80
N HIS F 723 83.59 20.88 52.10
CA HIS F 723 82.85 21.19 50.89
C HIS F 723 81.69 22.13 51.15
N HIS F 724 81.21 22.20 52.39
CA HIS F 724 80.14 23.13 52.72
C HIS F 724 80.55 24.56 52.41
N ALA F 725 81.76 24.94 52.82
CA ALA F 725 82.26 26.28 52.49
C ALA F 725 82.24 26.49 50.98
N LEU F 726 82.58 25.45 50.23
CA LEU F 726 82.55 25.54 48.78
C LEU F 726 81.17 26.01 48.32
N ASP F 727 80.12 25.33 48.79
CA ASP F 727 78.77 25.73 48.42
C ASP F 727 78.53 27.19 48.78
N ALA F 728 78.96 27.60 49.98
CA ALA F 728 78.74 28.97 50.41
C ALA F 728 79.38 29.95 49.44
N VAL F 729 80.61 29.63 48.98
CA VAL F 729 81.28 30.52 48.05
C VAL F 729 80.43 30.74 46.82
N VAL F 730 79.86 29.65 46.27
CA VAL F 730 79.06 29.78 45.06
C VAL F 730 77.86 30.67 45.33
N VAL F 731 77.21 30.48 46.48
CA VAL F 731 76.03 31.28 46.80
C VAL F 731 76.41 32.75 46.92
N ALA F 732 77.62 33.03 47.38
CA ALA F 732 78.04 34.42 47.53
C ALA F 732 78.19 35.12 46.18
N CYS F 733 78.43 34.36 45.11
CA CYS F 733 78.64 34.95 43.79
C CYS F 733 77.38 35.00 42.94
N SER F 734 76.23 34.61 43.49
CA SER F 734 74.96 34.73 42.79
C SER F 734 74.39 36.13 42.98
N THR F 735 75.10 37.10 42.40
CA THR F 735 74.70 38.50 42.49
C THR F 735 73.86 38.88 41.28
N VAL F 736 73.18 40.02 41.38
CA VAL F 736 72.36 40.47 40.26
C VAL F 736 73.19 40.67 39.00
N ALA F 737 74.38 41.26 39.13
CA ALA F 737 75.23 41.51 37.97
C ALA F 737 75.73 40.20 37.35
N MET F 738 76.17 39.26 38.20
CA MET F 738 76.59 37.97 37.68
C MET F 738 75.42 37.24 37.02
N GLN F 739 74.25 37.30 37.64
CA GLN F 739 73.05 36.68 37.07
C GLN F 739 72.73 37.26 35.71
N GLN F 740 72.86 38.58 35.55
CA GLN F 740 72.54 39.16 34.26
C GLN F 740 73.61 38.85 33.21
N LYS F 741 74.88 38.73 33.62
CA LYS F 741 75.89 38.23 32.69
C LYS F 741 75.51 36.85 32.16
N ILE F 742 75.07 35.96 33.07
CA ILE F 742 74.62 34.62 32.67
C ILE F 742 73.45 34.72 31.72
N THR F 743 72.47 35.56 32.06
CA THR F 743 71.28 35.73 31.23
C THR F 743 71.64 36.16 29.82
N ARG F 744 72.51 37.16 29.70
CA ARG F 744 72.92 37.66 28.38
C ARG F 744 73.62 36.56 27.58
N PHE F 745 74.54 35.84 28.23
CA PHE F 745 75.25 34.76 27.56
C PHE F 745 74.28 33.70 27.05
N VAL F 746 73.34 33.30 27.90
CA VAL F 746 72.39 32.26 27.50
C VAL F 746 71.45 32.75 26.41
N ARG F 747 71.10 34.04 26.42
CA ARG F 747 70.29 34.58 25.33
C ARG F 747 71.04 34.44 24.01
N TYR F 748 72.31 34.87 23.99
CA TYR F 748 73.11 34.72 22.77
C TYR F 748 73.19 33.25 22.34
N LYS F 749 73.44 32.36 23.30
CA LYS F 749 73.56 30.94 22.96
C LYS F 749 72.26 30.41 22.37
N GLU F 750 71.12 30.87 22.89
CA GLU F 750 69.83 30.48 22.32
C GLU F 750 69.69 30.94 20.87
N MET F 751 70.07 32.18 20.59
CA MET F 751 69.96 32.67 19.21
C MET F 751 71.09 32.21 18.31
N ASN F 752 72.01 31.36 18.82
CA ASN F 752 73.11 30.76 18.08
C ASN F 752 74.20 31.75 17.71
N ALA F 753 74.10 33.01 18.14
CA ALA F 753 75.14 34.00 17.88
C ALA F 753 76.38 33.72 18.73
N LEU F 767 82.32 39.42 19.64
CA LEU F 767 81.78 38.07 19.59
C LEU F 767 82.90 37.05 19.41
N HIS F 768 82.55 35.77 19.59
CA HIS F 768 83.49 34.68 19.41
C HIS F 768 82.73 33.39 19.21
N GLN F 769 83.34 32.45 18.49
CA GLN F 769 82.73 31.13 18.34
C GLN F 769 82.70 30.39 19.68
N LYS F 770 83.78 30.54 20.46
CA LYS F 770 83.93 29.86 21.74
C LYS F 770 84.05 30.92 22.82
N THR F 771 83.07 30.98 23.74
CA THR F 771 82.96 32.12 24.64
C THR F 771 82.81 31.75 26.13
N HIS F 772 82.48 30.49 26.48
CA HIS F 772 82.70 30.02 27.86
C HIS F 772 81.88 30.75 28.95
N PHE F 773 80.75 30.13 29.40
CA PHE F 773 79.89 30.62 30.49
C PHE F 773 80.61 31.60 31.40
N PRO F 774 79.96 32.70 31.78
CA PRO F 774 80.65 33.72 32.58
C PRO F 774 81.07 33.18 33.94
N GLN F 775 82.25 33.60 34.39
CA GLN F 775 82.80 33.23 35.68
C GLN F 775 82.92 34.45 36.56
N PRO F 776 82.88 34.28 37.88
CA PRO F 776 83.11 35.43 38.77
C PRO F 776 84.40 36.15 38.47
N TRP F 777 85.48 35.39 38.25
CA TRP F 777 86.75 35.93 37.78
C TRP F 777 87.54 34.78 37.17
N GLU F 778 88.55 35.14 36.39
CA GLU F 778 89.40 34.14 35.76
C GLU F 778 90.09 33.29 36.81
N PHE F 779 90.14 31.98 36.56
CA PHE F 779 90.73 31.00 37.49
C PHE F 779 89.98 30.99 38.83
N PHE F 780 88.66 31.18 38.76
CA PHE F 780 87.83 31.12 39.96
C PHE F 780 87.94 29.74 40.61
N ALA F 781 87.78 28.68 39.80
CA ALA F 781 87.79 27.31 40.31
C ALA F 781 89.08 27.02 41.08
N GLN F 782 90.23 27.33 40.49
CA GLN F 782 91.50 27.00 41.13
C GLN F 782 91.66 27.75 42.44
N GLU F 783 91.36 29.05 42.44
CA GLU F 783 91.46 29.82 43.68
C GLU F 783 90.58 29.23 44.78
N VAL F 784 89.32 28.94 44.44
CA VAL F 784 88.40 28.42 45.45
C VAL F 784 88.86 27.06 45.97
N MET F 785 89.27 26.17 45.07
CA MET F 785 89.75 24.86 45.49
C MET F 785 90.95 24.97 46.42
N ILE F 786 91.92 25.82 46.08
CA ILE F 786 93.10 25.95 46.91
C ILE F 786 92.75 26.56 48.26
N ARG F 787 91.88 27.58 48.27
CA ARG F 787 91.53 28.25 49.51
C ARG F 787 90.76 27.32 50.45
N VAL F 788 89.89 26.47 49.90
CA VAL F 788 89.07 25.60 50.75
C VAL F 788 89.86 24.38 51.21
N PHE F 789 90.60 23.74 50.30
CA PHE F 789 91.19 22.44 50.59
C PHE F 789 92.70 22.47 50.80
N GLY F 790 93.36 23.57 50.47
CA GLY F 790 94.80 23.65 50.64
C GLY F 790 95.61 22.85 49.64
N LYS F 791 94.98 22.37 48.58
CA LYS F 791 95.60 21.60 47.52
C LYS F 791 95.18 22.15 46.18
N PRO F 792 95.95 21.88 45.12
CA PRO F 792 95.54 22.28 43.78
C PRO F 792 94.23 21.63 43.39
N ASP F 793 93.64 22.16 42.31
CA ASP F 793 92.34 21.69 41.88
C ASP F 793 92.38 20.22 41.52
N GLY F 794 93.40 19.78 40.79
CA GLY F 794 93.47 18.38 40.40
C GLY F 794 93.75 17.36 41.49
N LYS F 795 94.97 17.37 42.03
CA LYS F 795 95.43 16.26 42.84
C LYS F 795 94.97 16.42 44.29
N PRO F 796 94.26 15.45 44.84
CA PRO F 796 93.99 15.42 46.29
C PRO F 796 95.04 14.67 47.08
N GLU F 797 96.06 14.12 46.42
CA GLU F 797 97.17 13.49 47.10
C GLU F 797 98.27 14.48 47.41
N PHE F 798 98.07 15.72 46.99
CA PHE F 798 98.96 16.82 47.34
C PHE F 798 98.95 17.03 48.84
N GLU F 799 100.11 17.36 49.40
CA GLU F 799 100.19 17.66 50.82
C GLU F 799 99.58 19.02 51.10
N GLU F 800 98.66 19.07 52.06
CA GLU F 800 97.92 20.30 52.29
C GLU F 800 98.85 21.42 52.74
N ALA F 801 98.56 22.63 52.26
CA ALA F 801 99.26 23.83 52.73
C ALA F 801 98.70 24.16 54.11
N ASP F 802 99.18 23.38 55.10
CA ASP F 802 98.66 23.44 56.45
C ASP F 802 98.80 24.83 57.08
N THR F 803 99.70 25.67 56.58
CA THR F 803 100.05 26.91 57.26
C THR F 803 99.76 28.10 56.37
N LEU F 804 99.68 29.27 57.01
CA LEU F 804 99.43 30.53 56.31
C LEU F 804 100.43 30.74 55.17
N GLU F 805 101.73 30.68 55.50
CA GLU F 805 102.76 31.00 54.51
C GLU F 805 102.76 30.00 53.35
N LYS F 806 102.57 28.72 53.66
CA LYS F 806 102.50 27.72 52.60
C LYS F 806 101.31 27.96 51.68
N LEU F 807 100.15 28.28 52.26
CA LEU F 807 98.97 28.58 51.44
C LEU F 807 99.19 29.78 50.54
N ARG F 808 99.78 30.85 51.09
CA ARG F 808 100.03 32.04 50.27
C ARG F 808 101.02 31.75 49.15
N THR F 809 102.10 31.01 49.45
CA THR F 809 103.02 30.62 48.40
C THR F 809 102.32 29.79 47.33
N LEU F 810 101.42 28.89 47.75
CA LEU F 810 100.72 28.04 46.80
C LEU F 810 99.85 28.87 45.87
N LEU F 811 99.12 29.85 46.43
CA LEU F 811 98.31 30.72 45.59
C LEU F 811 99.17 31.58 44.66
N ALA F 812 100.34 32.00 45.14
CA ALA F 812 101.22 32.79 44.28
C ALA F 812 101.74 31.96 43.11
N GLU F 813 102.14 30.71 43.38
CA GLU F 813 102.68 29.86 42.33
C GLU F 813 101.60 29.45 41.33
N LYS F 814 100.48 28.91 41.82
CA LYS F 814 99.47 28.36 40.93
C LYS F 814 98.60 29.43 40.28
N LEU F 815 98.53 30.63 40.87
CA LEU F 815 97.69 31.71 40.36
C LEU F 815 98.51 32.99 40.22
N SER F 816 99.63 32.90 39.49
CA SER F 816 100.50 34.05 39.31
C SER F 816 99.79 35.17 38.54
N SER F 817 98.89 34.81 37.63
CA SER F 817 98.16 35.84 36.87
C SER F 817 97.28 36.68 37.78
N ARG F 818 96.69 36.08 38.82
CA ARG F 818 95.77 36.78 39.71
C ARG F 818 96.48 37.23 40.98
N PRO F 819 96.92 38.48 41.07
CA PRO F 819 97.56 38.93 42.32
C PRO F 819 96.59 39.13 43.46
N GLU F 820 95.30 39.31 43.17
CA GLU F 820 94.33 39.51 44.24
C GLU F 820 93.94 38.21 44.93
N ALA F 821 94.53 37.09 44.51
CA ALA F 821 94.31 35.82 45.20
C ALA F 821 94.99 35.81 46.57
N VAL F 822 96.07 36.59 46.73
CA VAL F 822 96.81 36.66 47.98
C VAL F 822 96.54 38.01 48.63
N HIS F 823 96.17 37.99 49.91
CA HIS F 823 95.93 39.20 50.69
C HIS F 823 96.01 38.85 52.17
N GLU F 824 95.78 39.86 53.02
CA GLU F 824 96.07 39.73 54.44
C GLU F 824 95.09 38.84 55.18
N TYR F 825 93.98 38.46 54.56
CA TYR F 825 92.97 37.64 55.22
C TYR F 825 93.08 36.17 54.84
N VAL F 826 94.03 35.80 53.99
CA VAL F 826 94.15 34.44 53.50
C VAL F 826 94.79 33.58 54.59
N THR F 827 94.01 32.64 55.12
CA THR F 827 94.46 31.66 56.10
C THR F 827 93.84 30.32 55.74
N PRO F 828 94.51 29.21 56.07
CA PRO F 828 93.93 27.90 55.75
C PRO F 828 92.61 27.68 56.46
N LEU F 829 91.73 26.92 55.82
CA LEU F 829 90.43 26.58 56.42
C LEU F 829 90.63 25.58 57.55
N PHE F 830 90.31 26.01 58.76
CA PHE F 830 90.25 25.09 59.91
C PHE F 830 88.81 25.03 60.39
N VAL F 831 88.27 23.82 60.46
CA VAL F 831 86.86 23.66 60.77
C VAL F 831 86.64 23.94 62.26
N SER F 832 85.75 24.89 62.55
CA SER F 832 85.37 25.20 63.91
C SER F 832 84.26 24.28 64.36
N ARG F 833 84.44 23.64 65.52
CA ARG F 833 83.47 22.71 66.07
C ARG F 833 82.83 23.29 67.32
N ALA F 834 81.52 23.33 67.34
CA ALA F 834 80.77 23.87 68.47
C ALA F 834 81.17 23.14 69.74
N PRO F 835 81.73 23.83 70.74
CA PRO F 835 82.08 23.16 71.99
C PRO F 835 80.84 22.70 72.74
N ASN F 836 81.06 21.75 73.64
CA ASN F 836 80.01 21.19 74.50
C ASN F 836 80.65 20.96 75.86
N ARG F 837 80.60 21.98 76.71
CA ARG F 837 81.22 21.95 78.03
C ARG F 837 80.17 21.91 79.13
N LYS F 838 79.00 21.37 78.79
CA LYS F 838 77.93 21.18 79.75
C LYS F 838 78.38 20.20 80.83
N MET F 839 78.10 20.54 82.09
CA MET F 839 78.56 19.73 83.21
C MET F 839 77.51 18.75 83.70
N SER F 840 76.32 18.77 83.09
CA SER F 840 75.22 17.90 83.47
C SER F 840 75.01 16.85 82.39
N GLY F 841 74.55 15.68 82.80
CA GLY F 841 74.24 14.64 81.84
C GLY F 841 73.60 13.44 82.50
N GLN F 842 73.40 12.40 81.70
CA GLN F 842 72.89 11.14 82.22
C GLN F 842 73.81 10.63 83.32
N GLY F 843 73.23 10.22 84.45
CA GLY F 843 74.04 9.77 85.56
C GLY F 843 74.68 8.42 85.31
N HIS F 844 73.92 7.49 84.72
CA HIS F 844 74.33 6.12 84.57
C HIS F 844 73.37 5.45 83.58
N MET F 845 73.74 4.24 83.16
CA MET F 845 72.85 3.48 82.29
C MET F 845 71.66 2.99 83.10
N GLU F 846 70.55 2.77 82.40
CA GLU F 846 69.27 2.52 83.06
C GLU F 846 69.09 1.09 83.54
N THR F 847 69.89 0.14 83.08
CA THR F 847 69.82 -1.23 83.56
C THR F 847 70.63 -1.34 84.85
N VAL F 848 70.02 -1.90 85.89
CA VAL F 848 70.66 -2.05 87.20
C VAL F 848 71.11 -3.50 87.34
N LYS F 849 72.34 -3.69 87.80
CA LYS F 849 72.94 -5.01 87.93
C LYS F 849 73.25 -5.32 89.40
N SER F 850 73.16 -6.61 89.73
CA SER F 850 73.49 -7.07 91.07
C SER F 850 74.93 -6.74 91.43
N ALA F 851 75.12 -6.12 92.59
CA ALA F 851 76.45 -5.74 93.07
C ALA F 851 76.88 -6.53 94.29
N LYS F 852 76.24 -7.69 94.52
CA LYS F 852 76.64 -8.53 95.66
C LYS F 852 78.06 -9.04 95.49
N ARG F 853 78.41 -9.48 94.28
CA ARG F 853 79.69 -10.13 94.01
C ARG F 853 80.72 -9.16 93.45
N LEU F 854 80.61 -7.87 93.80
CA LEU F 854 81.46 -6.84 93.21
C LEU F 854 82.90 -6.91 93.72
N ASP F 855 83.16 -7.62 94.82
CA ASP F 855 84.53 -7.82 95.28
C ASP F 855 85.39 -8.38 94.15
N GLU F 856 84.97 -9.51 93.57
CA GLU F 856 85.46 -9.92 92.27
C GLU F 856 84.77 -9.08 91.20
N GLY F 857 85.47 -8.85 90.10
CA GLY F 857 84.96 -7.90 89.13
C GLY F 857 83.79 -8.42 88.31
N VAL F 858 82.63 -8.64 88.95
CA VAL F 858 81.48 -9.23 88.28
C VAL F 858 80.19 -8.56 88.75
N SER F 859 79.24 -8.49 87.83
CA SER F 859 77.85 -8.16 88.10
C SER F 859 76.98 -9.31 87.58
N VAL F 860 75.80 -9.44 88.14
CA VAL F 860 74.86 -10.48 87.72
C VAL F 860 73.59 -9.82 87.22
N LEU F 861 73.27 -10.02 85.95
CA LEU F 861 72.03 -9.53 85.37
C LEU F 861 71.17 -10.70 84.95
N ARG F 862 69.86 -10.57 85.12
CA ARG F 862 68.94 -11.66 84.85
C ARG F 862 68.35 -11.46 83.46
N VAL F 863 68.56 -12.43 82.58
CA VAL F 863 68.42 -12.29 81.14
C VAL F 863 67.27 -13.17 80.69
N PRO F 864 66.35 -12.66 79.87
CA PRO F 864 65.29 -13.52 79.31
C PRO F 864 65.86 -14.55 78.35
N LEU F 865 65.23 -15.73 78.34
CA LEU F 865 65.65 -16.79 77.42
C LEU F 865 65.55 -16.34 75.96
N THR F 866 64.55 -15.53 75.63
CA THR F 866 64.41 -15.05 74.26
C THR F 866 65.55 -14.13 73.83
N GLN F 867 66.51 -13.84 74.72
CA GLN F 867 67.67 -13.03 74.41
C GLN F 867 68.98 -13.78 74.67
N LEU F 868 68.91 -15.00 75.21
CA LEU F 868 70.11 -15.72 75.61
C LEU F 868 70.80 -16.37 74.42
N LYS F 869 72.14 -16.27 74.40
CA LYS F 869 72.97 -16.79 73.33
C LYS F 869 74.02 -17.71 73.95
N LEU F 870 74.69 -18.48 73.08
CA LEU F 870 75.78 -19.34 73.55
C LEU F 870 76.81 -18.54 74.34
N LYS F 871 77.26 -17.42 73.78
CA LYS F 871 78.25 -16.59 74.47
C LYS F 871 77.76 -16.18 75.85
N ASP F 872 76.47 -15.83 75.97
CA ASP F 872 75.92 -15.49 77.27
C ASP F 872 75.74 -16.73 78.13
N LEU F 873 75.29 -17.84 77.53
CA LEU F 873 75.08 -19.06 78.29
C LEU F 873 76.35 -19.53 78.96
N GLU F 874 77.50 -19.37 78.29
CA GLU F 874 78.78 -19.73 78.89
C GLU F 874 79.03 -18.99 80.21
N LYS F 875 78.37 -17.84 80.42
CA LYS F 875 78.58 -17.02 81.60
C LYS F 875 77.43 -17.13 82.61
N MET F 876 76.56 -18.14 82.48
CA MET F 876 75.51 -18.35 83.46
C MET F 876 76.11 -18.69 84.82
N VAL F 877 75.52 -18.13 85.89
CA VAL F 877 76.01 -18.37 87.24
C VAL F 877 75.93 -19.86 87.58
N ASN F 878 74.85 -20.52 87.17
CA ASN F 878 74.58 -21.89 87.55
C ASN F 878 75.01 -22.90 86.49
N ARG F 879 75.89 -22.49 85.57
CA ARG F 879 76.48 -23.45 84.64
C ARG F 879 77.09 -24.62 85.39
N GLU F 880 77.89 -24.33 86.42
CA GLU F 880 78.52 -25.39 87.19
C GLU F 880 77.50 -26.16 88.02
N ARG F 881 76.52 -25.46 88.56
CA ARG F 881 75.57 -26.10 89.48
C ARG F 881 74.63 -27.03 88.74
N GLU F 882 73.91 -26.52 87.75
CA GLU F 882 72.85 -27.28 87.14
C GLU F 882 73.26 -27.70 85.72
N PRO F 883 74.05 -28.78 85.58
CA PRO F 883 74.58 -29.11 84.24
C PRO F 883 73.51 -29.63 83.30
N LYS F 884 72.48 -30.31 83.80
CA LYS F 884 71.40 -30.69 82.89
C LYS F 884 70.71 -29.47 82.31
N LEU F 885 70.45 -28.45 83.14
CA LEU F 885 69.86 -27.21 82.63
C LEU F 885 70.77 -26.55 81.60
N TYR F 886 72.06 -26.45 81.93
CA TYR F 886 73.02 -25.84 81.02
C TYR F 886 73.09 -26.59 79.69
N GLU F 887 73.20 -27.92 79.75
CA GLU F 887 73.29 -28.73 78.55
C GLU F 887 72.00 -28.69 77.73
N ALA F 888 70.84 -28.73 78.39
CA ALA F 888 69.57 -28.67 77.67
C ALA F 888 69.42 -27.34 76.95
N LEU F 889 69.78 -26.24 77.61
CA LEU F 889 69.72 -24.92 76.98
C LEU F 889 70.68 -24.84 75.80
N LYS F 890 71.91 -25.34 75.98
CA LYS F 890 72.88 -25.37 74.90
C LYS F 890 72.38 -26.19 73.71
N ALA F 891 71.80 -27.36 73.99
CA ALA F 891 71.27 -28.21 72.92
C ALA F 891 70.12 -27.53 72.21
N ARG F 892 69.27 -26.83 72.97
CA ARG F 892 68.14 -26.14 72.37
C ARG F 892 68.61 -25.03 71.45
N LEU F 893 69.68 -24.35 71.85
CA LEU F 893 70.24 -23.30 71.01
C LEU F 893 70.92 -23.89 69.77
N GLU F 894 71.67 -24.98 69.93
CA GLU F 894 72.30 -25.64 68.77
C GLU F 894 71.25 -26.10 67.78
N ALA F 895 70.11 -26.59 68.26
CA ALA F 895 69.08 -27.11 67.37
C ALA F 895 68.56 -26.03 66.43
N HIS F 896 68.44 -24.79 66.91
CA HIS F 896 67.85 -23.70 66.14
C HIS F 896 68.89 -22.71 65.60
N LYS F 897 70.10 -23.18 65.33
CA LYS F 897 71.16 -22.36 64.75
C LYS F 897 71.44 -21.11 65.59
N ASP F 898 71.33 -21.26 66.91
CA ASP F 898 71.69 -20.21 67.87
C ASP F 898 70.87 -18.94 67.67
N ASP F 899 69.57 -19.11 67.45
CA ASP F 899 68.63 -17.99 67.44
C ASP F 899 67.75 -18.03 68.67
N PRO F 900 67.96 -17.13 69.65
CA PRO F 900 67.19 -17.22 70.90
C PRO F 900 65.70 -17.11 70.70
N ALA F 901 65.26 -16.28 69.76
CA ALA F 901 63.83 -16.08 69.51
C ALA F 901 63.14 -17.34 69.01
N LYS F 902 63.89 -18.26 68.39
CA LYS F 902 63.33 -19.49 67.85
C LYS F 902 63.55 -20.70 68.74
N ALA F 903 64.75 -20.85 69.31
CA ALA F 903 65.03 -21.98 70.19
C ALA F 903 64.12 -21.96 71.41
N PHE F 904 63.81 -20.76 71.92
CA PHE F 904 63.04 -20.63 73.14
C PHE F 904 61.65 -20.05 72.89
N ALA F 905 61.15 -20.17 71.66
CA ALA F 905 59.76 -19.83 71.38
C ALA F 905 58.83 -20.74 72.17
N GLU F 906 59.11 -22.05 72.13
CA GLU F 906 58.39 -23.00 72.98
C GLU F 906 58.81 -22.78 74.43
N PRO F 907 57.89 -22.92 75.38
CA PRO F 907 58.27 -22.79 76.79
C PRO F 907 59.33 -23.81 77.16
N PHE F 908 60.20 -23.43 78.10
CA PHE F 908 61.30 -24.25 78.55
C PHE F 908 61.07 -24.61 80.01
N TYR F 909 61.28 -25.87 80.36
CA TYR F 909 61.01 -26.34 81.70
C TYR F 909 62.22 -27.06 82.27
N LYS F 910 62.46 -26.87 83.56
CA LYS F 910 63.51 -27.57 84.27
C LYS F 910 63.01 -28.96 84.65
N TYR F 911 63.87 -29.95 84.44
CA TYR F 911 63.50 -31.33 84.65
C TYR F 911 64.04 -31.88 85.96
N ASP F 912 63.33 -32.87 86.49
CA ASP F 912 63.56 -33.52 87.76
C ASP F 912 64.46 -34.74 87.59
N LYS F 913 65.03 -35.19 88.71
CA LYS F 913 65.87 -36.38 88.71
C LYS F 913 65.22 -37.47 87.85
N ALA F 914 64.01 -37.90 88.18
CA ALA F 914 63.23 -38.69 87.23
C ALA F 914 62.65 -37.71 86.21
N GLY F 915 62.65 -38.09 84.94
CA GLY F 915 62.44 -37.10 83.89
C GLY F 915 61.03 -36.56 83.76
N ASN F 916 60.59 -35.82 84.77
CA ASN F 916 59.30 -35.14 84.78
C ASN F 916 59.58 -33.64 84.83
N ARG F 917 58.93 -32.88 83.95
CA ARG F 917 59.15 -31.44 83.93
C ARG F 917 58.46 -30.80 85.13
N THR F 918 59.17 -29.93 85.83
CA THR F 918 58.64 -29.31 87.05
C THR F 918 58.35 -27.82 86.87
N GLN F 919 59.36 -27.01 86.60
CA GLN F 919 59.20 -25.57 86.57
C GLN F 919 59.67 -25.01 85.25
N GLN F 920 59.09 -23.86 84.88
CA GLN F 920 59.46 -23.14 83.68
C GLN F 920 60.64 -22.23 83.97
N VAL F 921 61.39 -21.93 82.92
CA VAL F 921 62.49 -20.96 82.99
C VAL F 921 62.21 -19.91 81.94
N LYS F 922 62.25 -18.64 82.37
CA LYS F 922 62.04 -17.52 81.48
C LYS F 922 63.14 -16.49 81.57
N ALA F 923 63.97 -16.53 82.61
CA ALA F 923 65.13 -15.66 82.75
C ALA F 923 66.14 -16.36 83.65
N VAL F 924 67.42 -16.17 83.34
CA VAL F 924 68.49 -16.79 84.10
C VAL F 924 69.51 -15.73 84.48
N ARG F 925 70.11 -15.90 85.66
CA ARG F 925 71.16 -14.99 86.09
C ARG F 925 72.44 -15.25 85.30
N VAL F 926 72.98 -14.19 84.68
CA VAL F 926 74.17 -14.28 83.86
C VAL F 926 75.24 -13.37 84.44
N GLU F 927 76.49 -13.86 84.43
CA GLU F 927 77.63 -13.09 84.91
C GLU F 927 78.14 -12.14 83.83
N GLN F 928 78.57 -10.96 84.26
CA GLN F 928 79.13 -9.94 83.38
C GLN F 928 80.33 -9.31 84.07
N VAL F 929 81.28 -8.84 83.26
CA VAL F 929 82.43 -8.16 83.82
C VAL F 929 82.02 -6.77 84.31
N GLN F 930 82.51 -6.38 85.47
CA GLN F 930 82.18 -5.06 86.01
C GLN F 930 83.38 -4.55 86.81
N LYS F 931 84.27 -3.80 86.15
CA LYS F 931 85.41 -3.21 86.84
C LYS F 931 85.00 -1.98 87.65
N THR F 932 83.98 -1.24 87.20
CA THR F 932 83.57 -0.01 87.86
C THR F 932 82.08 0.18 87.62
N GLY F 933 81.53 1.24 88.21
CA GLY F 933 80.13 1.56 88.01
C GLY F 933 79.66 2.64 88.96
N VAL F 934 78.35 2.75 89.08
CA VAL F 934 77.69 3.76 89.89
C VAL F 934 76.68 3.07 90.79
N TRP F 935 76.75 3.36 92.08
CA TRP F 935 75.80 2.80 93.03
C TRP F 935 74.44 3.48 92.87
N VAL F 936 73.38 2.67 92.89
CA VAL F 936 72.03 3.15 92.70
C VAL F 936 71.08 2.35 93.59
N ARG F 937 69.85 2.85 93.68
CA ARG F 937 68.74 2.16 94.34
C ARG F 937 69.06 1.87 95.81
N ASN F 938 69.30 2.95 96.55
CA ASN F 938 69.64 2.89 97.96
C ASN F 938 70.89 2.05 98.19
N HIS F 939 71.84 2.19 97.26
CA HIS F 939 73.15 1.54 97.36
C HIS F 939 73.03 0.02 97.33
N ASN F 940 72.02 -0.50 96.64
CA ASN F 940 71.82 -1.94 96.51
C ASN F 940 71.88 -2.41 95.06
N GLY F 941 72.17 -1.52 94.11
CA GLY F 941 72.40 -1.92 92.74
C GLY F 941 73.54 -1.11 92.15
N ILE F 942 74.02 -1.54 90.99
CA ILE F 942 75.11 -0.85 90.31
C ILE F 942 74.80 -0.78 88.82
N ALA F 943 75.15 0.35 88.20
CA ALA F 943 74.94 0.55 86.78
C ALA F 943 76.22 1.10 86.14
N ASP F 944 76.31 0.95 84.82
CA ASP F 944 77.47 1.46 84.10
C ASP F 944 77.41 2.99 83.99
N ASN F 945 78.59 3.60 83.77
CA ASN F 945 78.62 5.03 83.56
C ASN F 945 77.95 5.41 82.24
N ALA F 946 77.52 6.66 82.17
CA ALA F 946 76.84 7.17 80.98
C ALA F 946 77.58 8.33 80.34
N THR F 947 77.98 9.33 81.13
CA THR F 947 78.58 10.54 80.57
C THR F 947 79.80 10.94 81.39
N MET F 948 80.96 10.99 80.73
CA MET F 948 82.16 11.56 81.30
C MET F 948 82.17 13.05 80.98
N VAL F 949 81.97 13.88 82.00
CA VAL F 949 81.82 15.31 81.73
C VAL F 949 83.17 16.01 81.65
N ARG F 950 84.21 15.50 82.31
CA ARG F 950 85.46 16.23 82.34
C ARG F 950 86.63 15.26 82.44
N VAL F 951 87.80 15.71 82.01
CA VAL F 951 89.07 15.03 82.27
C VAL F 951 90.07 16.07 82.74
N ASP F 952 90.52 15.97 83.98
CA ASP F 952 91.53 16.88 84.50
C ASP F 952 92.92 16.37 84.16
N VAL F 953 93.75 17.26 83.63
CA VAL F 953 95.07 16.92 83.12
C VAL F 953 96.13 17.55 84.02
N PHE F 954 96.97 16.70 84.60
CA PHE F 954 98.05 17.03 85.52
C PHE F 954 99.40 16.63 84.93
N GLU F 955 100.47 17.24 85.44
CA GLU F 955 101.84 16.88 85.07
C GLU F 955 102.68 16.64 86.31
N LYS F 956 103.48 15.58 86.31
CA LYS F 956 104.52 15.40 87.31
C LYS F 956 105.75 14.80 86.64
N GLY F 957 106.92 15.23 87.09
CA GLY F 957 108.13 15.00 86.32
C GLY F 957 107.94 15.64 84.95
N ASP F 958 108.05 14.85 83.91
CA ASP F 958 107.71 15.29 82.56
C ASP F 958 106.67 14.38 81.95
N LYS F 959 105.74 13.90 82.78
CA LYS F 959 104.73 12.93 82.35
C LYS F 959 103.34 13.40 82.77
N TYR F 960 102.35 13.12 81.91
CA TYR F 960 101.00 13.64 82.07
C TYR F 960 100.06 12.56 82.61
N TYR F 961 99.10 13.00 83.43
CA TYR F 961 98.15 12.12 84.10
C TYR F 961 96.74 12.65 83.92
N LEU F 962 95.79 11.73 83.73
CA LEU F 962 94.41 12.05 83.40
C LEU F 962 93.48 11.58 84.51
N VAL F 963 92.59 12.45 84.96
CA VAL F 963 91.61 12.13 85.99
C VAL F 963 90.20 12.29 85.42
N PRO F 964 89.45 11.21 85.22
CA PRO F 964 88.10 11.35 84.67
C PRO F 964 87.10 11.80 85.72
N ILE F 965 86.13 12.60 85.28
CA ILE F 965 85.03 13.08 86.12
C ILE F 965 83.74 12.81 85.36
N TYR F 966 82.86 12.00 85.96
CA TYR F 966 81.56 11.65 85.44
C TYR F 966 80.49 12.55 86.05
N SER F 967 79.28 12.47 85.49
CA SER F 967 78.23 13.40 85.91
C SER F 967 77.76 13.12 87.33
N TRP F 968 77.69 11.85 87.72
CA TRP F 968 77.25 11.52 89.07
C TRP F 968 78.22 12.05 90.11
N GLN F 969 79.51 12.06 89.79
CA GLN F 969 80.50 12.67 90.67
C GLN F 969 80.22 14.16 90.84
N VAL F 970 79.79 14.83 89.76
CA VAL F 970 79.42 16.24 89.87
C VAL F 970 78.18 16.39 90.75
N ALA F 971 77.21 15.49 90.59
CA ALA F 971 75.98 15.58 91.38
C ALA F 971 76.27 15.39 92.87
N LYS F 972 77.06 14.37 93.20
CA LYS F 972 77.40 14.14 94.60
C LYS F 972 78.42 15.14 95.13
N GLY F 973 79.05 15.92 94.25
CA GLY F 973 79.97 16.95 94.69
C GLY F 973 81.37 16.47 95.00
N ILE F 974 81.78 15.34 94.45
CA ILE F 974 83.08 14.76 94.76
C ILE F 974 84.06 15.15 93.66
N LEU F 975 85.25 15.59 94.07
CA LEU F 975 86.31 15.97 93.15
C LEU F 975 87.34 14.86 93.16
N PRO F 976 87.40 14.02 92.12
CA PRO F 976 88.26 12.84 92.16
C PRO F 976 89.73 13.19 92.34
N ASP F 977 90.48 12.25 92.92
CA ASP F 977 91.90 12.43 93.16
C ASP F 977 92.75 11.29 92.61
N ARG F 978 92.19 10.41 91.78
CA ARG F 978 92.90 9.26 91.26
C ARG F 978 92.98 9.35 89.74
N ALA F 979 94.18 9.22 89.19
CA ALA F 979 94.42 9.26 87.76
C ALA F 979 94.56 7.85 87.20
N VAL F 980 94.41 7.75 85.89
CA VAL F 980 94.30 6.44 85.24
C VAL F 980 95.69 5.79 85.12
N VAL F 981 95.76 4.50 85.43
CA VAL F 981 96.91 3.68 85.08
C VAL F 981 96.44 2.44 84.34
N GLN F 982 97.08 2.13 83.22
CA GLN F 982 96.59 1.07 82.34
C GLN F 982 96.76 -0.30 83.00
N GLY F 983 95.77 -1.17 82.79
CA GLY F 983 95.81 -2.50 83.35
C GLY F 983 95.69 -2.63 84.85
N LYS F 984 95.32 -1.56 85.54
CA LYS F 984 95.02 -1.61 86.97
C LYS F 984 93.61 -1.09 87.22
N ASP F 985 93.01 -1.54 88.32
CA ASP F 985 91.70 -1.05 88.69
C ASP F 985 91.83 0.27 89.43
N GLU F 986 90.68 0.92 89.67
CA GLU F 986 90.71 2.28 90.19
C GLU F 986 91.34 2.33 91.58
N GLU F 987 91.20 1.27 92.37
CA GLU F 987 91.76 1.28 93.71
C GLU F 987 93.28 1.30 93.68
N ASP F 988 93.88 0.76 92.63
CA ASP F 988 95.33 0.78 92.42
C ASP F 988 95.76 1.95 91.53
N TRP F 989 94.91 2.97 91.36
CA TRP F 989 95.24 4.09 90.49
C TRP F 989 96.15 5.09 91.20
N GLN F 990 96.78 5.94 90.39
CA GLN F 990 97.69 6.95 90.89
C GLN F 990 96.92 8.02 91.67
N LEU F 991 97.33 8.27 92.90
CA LEU F 991 96.73 9.33 93.68
C LEU F 991 97.35 10.68 93.32
N ILE F 992 96.54 11.72 93.34
CA ILE F 992 96.95 13.06 92.97
C ILE F 992 97.04 13.89 94.25
N ASP F 993 98.13 14.62 94.41
CA ASP F 993 98.38 15.45 95.58
C ASP F 993 99.07 16.74 95.14
N ASP F 994 99.62 17.48 96.11
CA ASP F 994 100.27 18.75 95.82
C ASP F 994 101.57 18.59 95.04
N SER F 995 102.10 17.38 94.93
CA SER F 995 103.31 17.14 94.15
C SER F 995 103.04 17.06 92.65
N PHE F 996 101.80 17.36 92.24
CA PHE F 996 101.39 17.26 90.84
C PHE F 996 100.98 18.65 90.39
N ASN F 997 101.54 19.09 89.27
CA ASN F 997 101.05 20.32 88.65
C ASN F 997 99.71 20.04 87.99
N PHE F 998 98.81 21.00 88.06
CA PHE F 998 97.54 20.90 87.38
C PHE F 998 97.64 21.72 86.10
N LYS F 999 97.32 21.09 84.97
CA LYS F 999 97.49 21.74 83.68
C LYS F 999 96.18 22.31 83.17
N PHE F 1000 95.15 21.48 83.02
CA PHE F 1000 93.89 22.02 82.51
C PHE F 1000 92.77 21.00 82.67
N SER F 1001 91.59 21.35 82.15
CA SER F 1001 90.41 20.50 82.16
C SER F 1001 89.88 20.38 80.74
N LEU F 1002 89.63 19.15 80.30
CA LEU F 1002 89.10 18.87 78.97
C LEU F 1002 87.63 18.51 79.07
N HIS F 1003 86.82 19.15 78.23
CA HIS F 1003 85.46 18.72 77.93
C HIS F 1003 85.43 18.14 76.52
N PRO F 1004 84.38 17.38 76.19
CA PRO F 1004 84.22 16.94 74.79
C PRO F 1004 84.28 18.11 73.82
N ASN F 1005 84.92 17.88 72.67
CA ASN F 1005 85.11 18.88 71.62
C ASN F 1005 85.95 20.06 72.08
N ASP F 1006 86.93 19.81 72.95
CA ASP F 1006 87.96 20.80 73.24
C ASP F 1006 89.15 20.59 72.32
N LEU F 1007 89.70 21.68 71.80
CA LEU F 1007 90.82 21.60 70.88
C LEU F 1007 92.09 21.30 71.68
N VAL F 1008 92.82 20.26 71.26
CA VAL F 1008 94.03 19.82 71.96
C VAL F 1008 95.16 19.61 70.98
N GLU F 1009 96.38 19.74 71.49
CA GLU F 1009 97.61 19.46 70.77
C GLU F 1009 98.43 18.45 71.55
N VAL F 1010 98.84 17.37 70.89
CA VAL F 1010 99.70 16.33 71.45
C VAL F 1010 100.93 16.19 70.57
N ILE F 1011 102.10 16.50 71.13
CA ILE F 1011 103.37 16.28 70.46
C ILE F 1011 104.09 15.17 71.21
N THR F 1012 104.31 14.04 70.53
CA THR F 1012 104.74 12.80 71.16
C THR F 1012 106.08 12.30 70.64
N LYS F 1013 106.84 13.11 69.92
CA LYS F 1013 108.13 12.75 69.33
C LYS F 1013 108.00 11.66 68.26
N LYS F 1014 106.77 11.26 67.94
CA LYS F 1014 106.47 10.41 66.80
C LYS F 1014 105.73 11.14 65.71
N ALA F 1015 104.83 12.05 66.09
CA ALA F 1015 104.12 12.96 65.18
C ALA F 1015 103.47 14.03 66.04
N ARG F 1016 103.04 15.10 65.38
CA ARG F 1016 102.24 16.12 66.03
C ARG F 1016 100.78 15.90 65.65
N MET F 1017 99.89 15.96 66.64
CA MET F 1017 98.48 15.72 66.42
C MET F 1017 97.70 16.88 67.02
N PHE F 1018 96.79 17.44 66.23
CA PHE F 1018 96.04 18.63 66.62
C PHE F 1018 94.58 18.38 66.27
N GLY F 1019 93.75 18.24 67.29
CA GLY F 1019 92.40 17.80 67.01
C GLY F 1019 91.44 18.25 68.09
N TYR F 1020 90.22 17.72 68.01
CA TYR F 1020 89.19 18.00 69.00
C TYR F 1020 89.03 16.79 69.90
N PHE F 1021 89.12 17.01 71.22
CA PHE F 1021 89.02 15.92 72.16
C PHE F 1021 87.63 15.29 72.10
N ALA F 1022 87.57 14.00 71.80
CA ALA F 1022 86.30 13.28 71.63
C ALA F 1022 85.97 12.39 72.80
N SER F 1023 86.89 11.50 73.18
CA SER F 1023 86.63 10.51 74.23
C SER F 1023 87.92 10.20 74.96
N CYS F 1024 87.80 9.90 76.25
CA CYS F 1024 88.90 9.38 77.05
C CYS F 1024 88.60 7.94 77.45
N HIS F 1025 89.62 7.10 77.41
CA HIS F 1025 89.45 5.66 77.62
C HIS F 1025 89.90 5.31 79.03
N ARG F 1026 88.94 4.91 79.87
CA ARG F 1026 89.23 4.58 81.26
C ARG F 1026 90.20 3.41 81.36
N GLY F 1027 90.00 2.37 80.56
CA GLY F 1027 90.85 1.19 80.67
C GLY F 1027 92.25 1.42 80.15
N THR F 1028 92.39 2.20 79.09
CA THR F 1028 93.67 2.37 78.43
C THR F 1028 94.43 3.59 78.91
N GLY F 1029 93.72 4.69 79.20
CA GLY F 1029 94.37 5.94 79.51
C GLY F 1029 94.71 6.79 78.31
N ASN F 1030 94.31 6.37 77.12
CA ASN F 1030 94.51 7.16 75.91
C ASN F 1030 93.31 8.07 75.68
N ILE F 1031 93.46 8.99 74.74
CA ILE F 1031 92.39 9.87 74.34
C ILE F 1031 92.10 9.66 72.86
N ASN F 1032 90.92 10.11 72.44
CA ASN F 1032 90.54 10.09 71.04
C ASN F 1032 90.35 11.53 70.57
N ILE F 1033 90.79 11.84 69.36
CA ILE F 1033 90.65 13.19 68.83
C ILE F 1033 90.11 13.11 67.40
N ARG F 1034 89.24 14.05 67.08
CA ARG F 1034 88.70 14.22 65.73
C ARG F 1034 89.53 15.25 64.98
N ILE F 1035 89.95 14.91 63.76
CA ILE F 1035 90.57 15.89 62.89
C ILE F 1035 89.52 16.91 62.49
N HIS F 1036 89.92 18.19 62.46
CA HIS F 1036 88.95 19.28 62.34
C HIS F 1036 87.95 19.05 61.21
N ASP F 1037 88.41 18.61 60.04
CA ASP F 1037 87.54 18.42 58.90
C ASP F 1037 87.01 16.99 58.77
N LEU F 1038 87.35 16.10 59.72
CA LEU F 1038 86.93 14.70 59.69
C LEU F 1038 87.27 14.05 58.35
N ASP F 1039 88.47 14.31 57.86
CA ASP F 1039 88.94 13.66 56.64
C ASP F 1039 89.06 12.16 56.87
N HIS F 1040 88.30 11.39 56.11
CA HIS F 1040 88.28 9.94 56.33
C HIS F 1040 89.61 9.30 56.00
N LYS F 1041 90.48 10.00 55.27
CA LYS F 1041 91.82 9.48 55.01
C LYS F 1041 92.61 9.33 56.31
N ILE F 1042 92.42 10.25 57.25
CA ILE F 1042 93.18 10.28 58.50
C ILE F 1042 92.36 9.58 59.58
N GLY F 1043 92.98 8.64 60.29
CA GLY F 1043 92.28 7.99 61.37
C GLY F 1043 91.25 6.99 60.86
N LYS F 1044 90.46 6.47 61.80
CA LYS F 1044 89.32 5.63 61.47
C LYS F 1044 88.12 6.55 61.30
N ASN F 1045 87.88 6.95 60.05
CA ASN F 1045 86.81 7.88 59.70
C ASN F 1045 87.00 9.23 60.38
N GLY F 1046 88.20 9.78 60.27
CA GLY F 1046 88.51 11.10 60.79
C GLY F 1046 88.82 11.17 62.27
N ILE F 1047 88.81 10.04 62.99
CA ILE F 1047 89.05 10.01 64.42
C ILE F 1047 90.34 9.24 64.68
N LEU F 1048 91.25 9.87 65.43
CA LEU F 1048 92.46 9.20 65.92
C LEU F 1048 92.13 8.53 67.24
N GLU F 1049 91.75 7.25 67.17
CA GLU F 1049 91.41 6.49 68.38
C GLU F 1049 92.68 5.95 69.03
N GLY F 1050 92.94 6.38 70.27
CA GLY F 1050 93.95 5.74 71.09
C GLY F 1050 95.29 6.43 71.14
N ILE F 1051 95.28 7.74 71.37
CA ILE F 1051 96.49 8.55 71.45
C ILE F 1051 96.97 8.56 72.90
N GLY F 1052 98.21 8.11 73.11
CA GLY F 1052 98.80 8.18 74.43
C GLY F 1052 99.35 9.57 74.74
N VAL F 1053 99.24 9.96 76.00
CA VAL F 1053 99.67 11.30 76.41
C VAL F 1053 100.61 11.24 77.61
N LYS F 1054 100.77 10.05 78.21
CA LYS F 1054 101.57 9.97 79.42
C LYS F 1054 103.04 10.26 79.16
N THR F 1055 103.56 9.87 78.00
CA THR F 1055 104.95 10.11 77.65
C THR F 1055 105.10 11.12 76.51
N ALA F 1056 104.14 12.03 76.37
CA ALA F 1056 104.18 13.00 75.29
C ALA F 1056 105.13 14.14 75.60
N LEU F 1057 105.82 14.63 74.56
CA LEU F 1057 106.66 15.80 74.74
C LEU F 1057 105.87 17.01 75.19
N SER F 1058 104.65 17.18 74.67
CA SER F 1058 103.81 18.30 75.08
C SER F 1058 102.34 17.94 74.88
N PHE F 1059 101.52 18.41 75.82
CA PHE F 1059 100.07 18.17 75.81
C PHE F 1059 99.41 19.47 76.24
N GLN F 1060 98.69 20.12 75.32
CA GLN F 1060 98.20 21.47 75.59
C GLN F 1060 96.78 21.63 75.07
N LYS F 1061 96.08 22.63 75.63
CA LYS F 1061 94.70 22.91 75.31
C LYS F 1061 94.59 24.27 74.63
N TYR F 1062 93.71 24.35 73.63
CA TYR F 1062 93.61 25.51 72.76
C TYR F 1062 92.19 26.05 72.74
N GLN F 1063 92.09 27.24 72.17
CA GLN F 1063 90.87 28.01 72.02
C GLN F 1063 90.72 28.37 70.56
N ILE F 1064 89.49 28.25 70.07
CA ILE F 1064 89.13 28.56 68.69
C ILE F 1064 87.76 29.21 68.71
N ASP F 1065 87.49 30.03 67.71
CA ASP F 1065 86.22 30.72 67.65
C ASP F 1065 85.42 30.19 66.47
N GLU F 1066 84.11 30.36 66.54
CA GLU F 1066 83.30 30.25 65.34
C GLU F 1066 83.91 31.19 64.32
N LEU F 1067 84.02 30.72 63.08
CA LEU F 1067 84.86 31.19 61.97
C LEU F 1067 86.20 30.46 61.92
N GLY F 1068 86.52 29.64 62.91
CA GLY F 1068 87.77 28.88 62.86
C GLY F 1068 89.01 29.75 62.80
N LYS F 1069 89.02 30.85 63.54
CA LYS F 1069 90.13 31.79 63.59
C LYS F 1069 90.50 32.00 65.06
N GLU F 1070 91.55 32.78 65.31
CA GLU F 1070 91.99 33.09 66.66
C GLU F 1070 92.24 31.82 67.46
N ILE F 1071 93.12 30.97 66.93
CA ILE F 1071 93.52 29.75 67.61
C ILE F 1071 94.67 30.09 68.55
N ARG F 1072 94.42 29.95 69.86
CA ARG F 1072 95.42 30.32 70.84
C ARG F 1072 95.56 29.22 71.88
N PRO F 1073 96.72 29.07 72.48
CA PRO F 1073 96.83 28.19 73.64
C PRO F 1073 96.26 28.88 74.87
N CYS F 1074 95.72 28.08 75.78
CA CYS F 1074 95.15 28.64 77.00
C CYS F 1074 95.60 27.83 78.20
N ARG F 1075 95.73 28.52 79.33
CA ARG F 1075 96.30 27.95 80.54
C ARG F 1075 95.43 28.32 81.74
N LEU F 1076 95.03 27.30 82.51
CA LEU F 1076 94.22 27.52 83.71
C LEU F 1076 95.12 27.75 84.92
N LYS F 1077 94.77 28.73 85.74
CA LYS F 1077 95.53 28.98 86.96
C LYS F 1077 95.26 27.91 88.02
N LYS F 1078 93.99 27.55 88.21
CA LYS F 1078 93.56 26.76 89.35
C LYS F 1078 92.57 25.69 88.89
N ARG F 1079 92.56 24.56 89.61
CA ARG F 1079 91.67 23.46 89.26
C ARG F 1079 90.21 23.84 89.49
N PRO F 1080 89.34 23.65 88.50
CA PRO F 1080 87.95 24.08 88.64
C PRO F 1080 87.17 23.14 89.53
N PRO F 1081 86.22 23.66 90.30
CA PRO F 1081 85.37 22.80 91.13
C PRO F 1081 84.31 22.09 90.29
N VAL F 1082 83.73 21.05 90.88
CA VAL F 1082 82.56 20.43 90.29
C VAL F 1082 81.28 21.15 90.71
N ARG F 1083 81.26 21.72 91.91
CA ARG F 1083 80.11 22.43 92.46
C ARG F 1083 78.81 21.64 92.30
N SER J 1 -14.14 35.51 44.38
CA SER J 1 -13.28 34.46 43.85
C SER J 1 -11.86 34.97 43.73
N MET J 2 -11.30 35.37 44.87
CA MET J 2 -9.91 35.79 44.94
C MET J 2 -9.09 34.61 45.42
N PHE J 3 -8.09 34.24 44.63
CA PHE J 3 -7.32 33.03 44.85
C PHE J 3 -6.00 33.35 45.53
N LYS J 4 -5.71 32.61 46.59
CA LYS J 4 -4.43 32.64 47.28
C LYS J 4 -3.73 31.30 47.12
N ARG J 5 -2.50 31.24 47.63
CA ARG J 5 -1.67 30.07 47.49
C ARG J 5 -0.88 29.92 48.78
N ALA J 6 -0.95 28.74 49.38
CA ALA J 6 -0.26 28.43 50.63
C ALA J 6 0.97 27.62 50.28
N ILE J 7 2.14 28.21 50.47
CA ILE J 7 3.40 27.52 50.21
C ILE J 7 3.88 26.93 51.52
N ILE J 8 4.12 25.62 51.51
CA ILE J 8 4.57 24.90 52.69
C ILE J 8 5.91 24.26 52.35
N PHE J 9 6.84 24.32 53.28
CA PHE J 9 8.11 23.63 53.16
C PHE J 9 8.24 22.68 54.35
N THR J 10 8.39 21.40 54.04
CA THR J 10 8.48 20.35 55.06
C THR J 10 9.89 19.78 55.09
N SER J 11 10.39 19.53 56.30
CA SER J 11 11.76 19.07 56.46
C SER J 11 11.90 18.34 57.78
N PHE J 12 12.94 17.52 57.87
CA PHE J 12 13.30 16.82 59.10
C PHE J 12 14.46 17.54 59.76
N ASN J 13 14.31 17.85 61.05
CA ASN J 13 15.27 18.69 61.76
C ASN J 13 16.37 17.88 62.44
N GLY J 14 16.25 16.55 62.50
CA GLY J 14 17.29 15.70 63.02
C GLY J 14 17.30 15.52 64.53
N PHE J 15 16.56 16.34 65.28
CA PHE J 15 16.60 16.26 66.74
C PHE J 15 16.05 14.92 67.23
N GLU J 16 14.91 14.50 66.70
CA GLU J 16 14.31 13.22 67.05
C GLU J 16 13.94 12.48 65.77
N LYS J 17 14.05 11.16 65.82
CA LYS J 17 13.71 10.35 64.65
C LYS J 17 12.21 10.43 64.35
N VAL J 18 11.89 10.33 63.06
CA VAL J 18 10.52 10.47 62.58
C VAL J 18 9.93 9.08 62.36
N SER J 19 8.85 8.78 63.08
CA SER J 19 8.20 7.47 62.97
C SER J 19 7.44 7.34 61.66
N ARG J 20 7.32 6.10 61.19
CA ARG J 20 6.46 5.82 60.03
C ARG J 20 5.04 6.32 60.27
N THR J 21 4.58 6.21 61.52
CA THR J 21 3.30 6.79 61.92
C THR J 21 3.20 8.26 61.53
N GLU J 22 4.15 9.08 62.00
CA GLU J 22 4.10 10.52 61.74
C GLU J 22 4.24 10.82 60.25
N LYS J 23 5.04 10.04 59.52
CA LYS J 23 5.14 10.21 58.08
C LYS J 23 3.78 10.01 57.42
N ARG J 24 3.09 8.94 57.79
CA ARG J 24 1.76 8.69 57.23
C ARG J 24 0.77 9.77 57.65
N ARG J 25 0.88 10.27 58.89
CA ARG J 25 0.01 11.34 59.36
C ARG J 25 0.15 12.59 58.49
N LEU J 26 1.40 13.04 58.30
CA LEU J 26 1.63 14.22 57.47
C LEU J 26 1.21 13.96 56.03
N ALA J 27 1.48 12.77 55.51
CA ALA J 27 1.07 12.44 54.15
C ALA J 27 -0.45 12.49 54.00
N LYS J 28 -1.17 12.01 55.01
CA LYS J 28 -2.63 12.10 54.98
C LYS J 28 -3.11 13.53 55.01
N ILE J 29 -2.49 14.36 55.86
CA ILE J 29 -2.87 15.77 55.91
C ILE J 29 -2.67 16.43 54.56
N ILE J 30 -1.54 16.15 53.91
CA ILE J 30 -1.27 16.77 52.61
C ILE J 30 -2.23 16.26 51.55
N ASN J 31 -2.35 14.95 51.43
CA ASN J 31 -3.09 14.34 50.32
C ASN J 31 -4.59 14.62 50.38
N ALA J 32 -5.10 15.05 51.54
CA ALA J 32 -6.49 15.50 51.61
C ALA J 32 -6.78 16.59 50.59
N ARG J 33 -5.78 17.40 50.25
CA ARG J 33 -5.95 18.53 49.34
C ARG J 33 -5.60 18.22 47.90
N VAL J 34 -4.86 17.14 47.64
CA VAL J 34 -4.44 16.82 46.27
C VAL J 34 -5.56 16.09 45.54
N SER J 35 -5.61 16.29 44.23
CA SER J 35 -6.51 15.55 43.35
C SER J 35 -5.80 15.36 42.01
N ILE J 36 -6.54 14.95 40.98
CA ILE J 36 -5.96 14.85 39.65
C ILE J 36 -5.60 16.22 39.10
N ILE J 37 -6.20 17.28 39.65
CA ILE J 37 -5.87 18.64 39.21
C ILE J 37 -4.41 18.96 39.52
N ASP J 38 -3.94 18.55 40.70
CA ASP J 38 -2.59 18.84 41.17
C ASP J 38 -1.95 17.58 41.74
N GLU J 39 -1.97 16.50 40.95
CA GLU J 39 -1.48 15.23 41.46
C GLU J 39 0.03 15.18 41.53
N TYR J 40 0.72 16.24 41.13
CA TYR J 40 2.14 16.33 41.34
C TYR J 40 2.47 16.68 42.79
N LEU J 41 1.47 17.03 43.58
CA LEU J 41 1.71 17.39 44.97
C LEU J 41 1.56 16.21 45.92
N ARG J 42 1.26 15.02 45.39
CA ARG J 42 0.90 13.89 46.25
C ARG J 42 2.05 13.54 47.18
N ALA J 43 1.69 13.13 48.40
CA ALA J 43 2.67 12.82 49.44
C ALA J 43 2.68 11.33 49.71
N LYS J 44 3.88 10.75 49.67
CA LYS J 44 4.09 9.40 50.16
C LYS J 44 4.76 9.46 51.52
N ASP J 45 4.77 8.32 52.21
CA ASP J 45 5.40 8.25 53.52
C ASP J 45 6.92 8.06 53.41
N THR J 46 7.47 8.21 52.22
CA THR J 46 8.91 8.14 52.03
C THR J 46 9.57 9.38 52.61
N ASN J 47 10.88 9.25 52.89
CA ASN J 47 11.66 10.43 53.25
C ASN J 47 11.80 11.39 52.09
N ALA J 48 11.88 10.86 50.86
CA ALA J 48 11.99 11.71 49.68
C ALA J 48 10.85 12.71 49.59
N SER J 49 9.61 12.22 49.63
CA SER J 49 8.45 13.09 49.46
C SER J 49 8.32 14.11 50.60
N LEU J 50 8.72 13.74 51.81
CA LEU J 50 8.45 14.60 52.96
C LEU J 50 9.61 15.53 53.30
N ASP J 51 10.84 15.01 53.35
CA ASP J 51 11.97 15.78 53.85
C ASP J 51 12.47 16.78 52.82
N GLY J 52 12.42 18.06 53.18
CA GLY J 52 12.89 19.12 52.31
C GLY J 52 12.09 19.23 51.02
N GLN J 53 10.83 19.63 51.11
CA GLN J 53 9.99 19.75 49.92
C GLN J 53 9.12 21.00 50.01
N TYR J 54 8.96 21.66 48.87
CA TYR J 54 8.08 22.80 48.69
C TYR J 54 6.79 22.35 48.02
N ARG J 55 5.66 22.74 48.59
CA ARG J 55 4.35 22.41 48.04
C ARG J 55 3.47 23.65 48.08
N ALA J 56 2.96 24.07 46.91
CA ALA J 56 2.12 25.25 46.79
C ALA J 56 0.67 24.79 46.58
N PHE J 57 -0.14 24.92 47.62
CA PHE J 57 -1.53 24.52 47.57
C PHE J 57 -2.41 25.69 47.14
N LEU J 58 -3.19 25.49 46.09
CA LEU J 58 -4.13 26.50 45.60
C LEU J 58 -5.35 26.56 46.51
N PHE J 59 -5.77 27.78 46.85
CA PHE J 59 -6.94 27.96 47.70
C PHE J 59 -7.77 29.12 47.22
N ASN J 60 -9.08 28.96 47.29
CA ASN J 60 -9.99 30.10 47.19
C ASN J 60 -10.24 30.58 48.61
N ASP J 61 -10.03 31.88 48.84
CA ASP J 61 -10.30 32.44 50.16
C ASP J 61 -11.78 32.85 50.22
N GLU J 62 -12.11 33.73 51.19
CA GLU J 62 -13.47 33.92 51.71
C GLU J 62 -14.10 32.55 51.99
N SER J 63 -13.24 31.60 52.37
CA SER J 63 -13.58 30.24 52.70
C SER J 63 -12.56 29.81 53.74
N PRO J 64 -12.99 29.16 54.82
CA PRO J 64 -12.04 28.82 55.91
C PRO J 64 -11.21 27.59 55.62
N ALA J 65 -11.17 27.17 54.36
CA ALA J 65 -10.41 25.98 53.99
C ALA J 65 -8.92 26.16 54.26
N MET J 66 -8.33 27.24 53.74
CA MET J 66 -6.91 27.50 53.95
C MET J 66 -6.57 27.56 55.43
N THR J 67 -7.38 28.27 56.22
CA THR J 67 -7.09 28.43 57.63
C THR J 67 -7.12 27.09 58.35
N GLU J 68 -8.11 26.25 58.06
CA GLU J 68 -8.18 24.92 58.68
C GLU J 68 -6.99 24.06 58.26
N PHE J 69 -6.62 24.10 56.98
CA PHE J 69 -5.46 23.37 56.50
C PHE J 69 -4.19 23.78 57.25
N LEU J 70 -3.93 25.09 57.31
CA LEU J 70 -2.74 25.58 57.97
C LEU J 70 -2.77 25.27 59.47
N ALA J 71 -3.95 25.33 60.09
CA ALA J 71 -4.06 24.98 61.50
C ALA J 71 -3.70 23.51 61.74
N LYS J 72 -4.19 22.61 60.87
CA LYS J 72 -3.85 21.20 61.02
C LYS J 72 -2.35 20.97 60.84
N LEU J 73 -1.75 21.65 59.85
CA LEU J 73 -0.31 21.54 59.64
C LEU J 73 0.47 22.03 60.86
N LYS J 74 0.07 23.19 61.40
CA LYS J 74 0.75 23.75 62.57
C LYS J 74 0.62 22.83 63.77
N ALA J 75 -0.58 22.30 64.01
CA ALA J 75 -0.78 21.37 65.12
C ALA J 75 0.11 20.14 64.98
N PHE J 76 0.14 19.55 63.77
CA PHE J 76 0.99 18.39 63.55
C PHE J 76 2.46 18.72 63.80
N ALA J 77 2.93 19.82 63.24
CA ALA J 77 4.33 20.19 63.38
C ALA J 77 4.71 20.40 64.84
N GLU J 78 3.86 21.10 65.59
CA GLU J 78 4.15 21.31 67.01
C GLU J 78 4.06 20.01 67.80
N SER J 79 3.19 19.10 67.38
CA SER J 79 3.07 17.81 68.06
C SER J 79 4.19 16.84 67.71
N CYS J 80 4.91 17.05 66.61
CA CYS J 80 5.82 16.04 66.10
C CYS J 80 7.23 16.14 66.65
N THR J 81 7.67 17.34 67.06
CA THR J 81 8.95 17.54 67.73
C THR J 81 10.07 16.76 67.05
N GLY J 82 10.42 17.13 65.83
CA GLY J 82 11.24 16.31 64.98
C GLY J 82 10.92 16.49 63.52
N ILE J 83 9.88 17.28 63.23
CA ILE J 83 9.55 17.71 61.88
C ILE J 83 9.32 19.22 61.91
N SER J 84 9.90 19.92 60.93
CA SER J 84 9.76 21.36 60.80
C SER J 84 8.94 21.67 59.56
N ILE J 85 7.94 22.54 59.72
CA ILE J 85 7.11 23.01 58.62
C ILE J 85 7.11 24.53 58.64
N ASP J 86 7.31 25.14 57.48
CA ASP J 86 7.23 26.59 57.32
C ASP J 86 6.16 26.92 56.29
N ALA J 87 5.28 27.86 56.63
CA ALA J 87 4.14 28.20 55.79
C ALA J 87 4.13 29.68 55.48
N TRP J 88 4.04 29.98 54.19
CA TRP J 88 3.92 31.29 53.58
C TRP J 88 2.62 31.37 52.79
N GLU J 89 2.21 32.60 52.49
CA GLU J 89 1.03 32.88 51.68
C GLU J 89 1.37 33.85 50.56
N ILE J 90 0.83 33.61 49.37
CA ILE J 90 1.05 34.51 48.24
C ILE J 90 -0.23 34.58 47.41
N GLU J 91 -0.46 35.73 46.78
CA GLU J 91 -1.62 35.86 45.92
C GLU J 91 -1.36 35.19 44.57
N GLU J 92 -2.41 34.60 43.99
CA GLU J 92 -2.24 33.82 42.77
C GLU J 92 -1.74 34.67 41.62
N SER J 93 -2.13 35.94 41.57
CA SER J 93 -1.56 36.87 40.60
C SER J 93 -0.04 36.83 40.70
N GLU J 94 0.48 37.21 41.86
CA GLU J 94 1.93 37.18 42.11
C GLU J 94 2.52 35.81 41.80
N TYR J 95 1.83 34.74 42.19
CA TYR J 95 2.39 33.40 42.03
C TYR J 95 2.62 33.07 40.56
N VAL J 96 1.61 33.29 39.71
CA VAL J 96 1.81 33.00 38.30
C VAL J 96 2.60 34.08 37.57
N ARG J 97 2.86 35.23 38.21
CA ARG J 97 3.77 36.19 37.63
C ARG J 97 5.24 35.84 37.90
N LEU J 98 5.49 34.83 38.73
CA LEU J 98 6.85 34.37 39.02
C LEU J 98 7.34 33.45 37.92
N PRO J 99 8.66 33.35 37.73
CA PRO J 99 9.19 32.38 36.77
C PRO J 99 8.91 30.95 37.21
N VAL J 100 8.86 30.05 36.23
CA VAL J 100 8.56 28.66 36.53
C VAL J 100 9.68 28.04 37.35
N GLU J 101 10.92 28.33 36.99
CA GLU J 101 12.06 27.70 37.63
C GLU J 101 12.32 28.32 39.00
N ARG J 102 12.42 27.46 40.01
CA ARG J 102 12.63 27.88 41.40
C ARG J 102 11.45 28.71 41.91
N ARG J 103 10.24 28.36 41.47
CA ARG J 103 9.07 29.18 41.74
C ARG J 103 8.70 29.20 43.22
N ASP J 104 8.80 28.06 43.90
CA ASP J 104 8.33 28.02 45.29
C ASP J 104 9.27 28.75 46.23
N PHE J 105 10.59 28.64 46.00
CA PHE J 105 11.55 29.43 46.76
C PHE J 105 11.25 30.93 46.59
N LEU J 106 11.07 31.36 45.34
CA LEU J 106 10.77 32.77 45.08
C LEU J 106 9.44 33.19 45.71
N ALA J 107 8.46 32.28 45.74
CA ALA J 107 7.17 32.61 46.34
C ALA J 107 7.27 32.74 47.85
N ALA J 108 8.04 31.85 48.49
CA ALA J 108 8.31 31.99 49.91
C ALA J 108 9.02 33.30 50.21
N ALA J 109 9.98 33.67 49.36
CA ALA J 109 10.69 34.93 49.55
C ALA J 109 9.75 36.12 49.35
N ASN J 110 8.88 36.06 48.35
CA ASN J 110 8.05 37.20 47.95
C ASN J 110 6.67 37.18 48.59
N GLY J 111 6.38 36.21 49.45
CA GLY J 111 5.09 36.10 50.09
C GLY J 111 5.11 36.60 51.53
N LYS J 112 3.99 36.38 52.20
CA LYS J 112 3.84 36.70 53.62
C LYS J 112 3.98 35.39 54.39
N GLU J 113 4.96 35.32 55.29
CA GLU J 113 5.14 34.09 56.04
C GLU J 113 4.07 34.00 57.11
N ILE J 114 3.52 32.81 57.26
CA ILE J 114 2.45 32.56 58.21
C ILE J 114 2.98 31.95 59.50
N PHE J 115 3.82 30.92 59.38
CA PHE J 115 4.46 30.41 60.59
C PHE J 115 5.71 29.62 60.23
N LYS J 116 6.73 29.73 61.08
CA LYS J 116 7.94 28.91 60.94
C LYS J 116 8.04 28.07 62.20
N ILE J 117 7.79 26.77 62.07
CA ILE J 117 7.87 25.84 63.19
C ILE J 117 8.56 24.57 62.67
N ALA K 3 19.89 -53.67 -40.29
CA ALA K 3 20.41 -54.97 -40.70
C ALA K 3 21.94 -55.01 -40.63
N ALA K 4 22.53 -53.96 -40.06
CA ALA K 4 24.00 -53.82 -39.99
C ALA K 4 24.47 -54.24 -38.61
N PHE K 5 24.69 -55.54 -38.45
CA PHE K 5 25.49 -56.10 -37.36
C PHE K 5 26.91 -56.40 -37.81
N LYS K 6 27.44 -55.60 -38.72
CA LYS K 6 28.69 -55.88 -39.40
C LYS K 6 29.64 -54.69 -39.30
N PRO K 7 30.95 -54.93 -39.32
CA PRO K 7 31.90 -53.83 -39.23
C PRO K 7 32.13 -53.11 -40.55
N ASN K 8 31.80 -53.73 -41.68
CA ASN K 8 32.03 -53.13 -42.99
C ASN K 8 30.81 -52.43 -43.55
N SER K 9 29.61 -52.91 -43.26
CA SER K 9 28.39 -52.18 -43.55
C SER K 9 28.04 -51.32 -42.34
N ILE K 10 27.52 -50.13 -42.59
CA ILE K 10 27.34 -49.13 -41.54
C ILE K 10 25.87 -48.71 -41.50
N ASN K 11 25.27 -48.79 -40.31
CA ASN K 11 23.89 -48.39 -40.06
C ASN K 11 23.86 -46.89 -39.77
N TYR K 12 23.23 -46.10 -40.64
CA TYR K 12 23.24 -44.66 -40.40
C TYR K 12 21.91 -44.01 -40.78
N ILE K 13 21.61 -42.94 -40.07
CA ILE K 13 20.53 -42.03 -40.42
C ILE K 13 21.14 -40.85 -41.16
N LEU K 14 20.54 -40.50 -42.30
CA LEU K 14 20.95 -39.35 -43.10
C LEU K 14 20.03 -38.17 -42.78
N GLY K 15 20.57 -37.17 -42.10
CA GLY K 15 19.85 -35.93 -41.89
C GLY K 15 20.13 -34.93 -43.01
N LEU K 16 19.08 -34.24 -43.43
CA LEU K 16 19.15 -33.23 -44.47
C LEU K 16 18.45 -31.97 -43.99
N ALA K 17 19.17 -30.86 -43.91
CA ALA K 17 18.59 -29.54 -43.77
C ALA K 17 18.48 -28.94 -45.17
N ILE K 18 17.27 -28.91 -45.71
CA ILE K 18 17.03 -28.47 -47.08
C ILE K 18 16.63 -27.00 -47.07
N GLY K 19 17.55 -26.14 -47.46
CA GLY K 19 17.26 -24.73 -47.63
C GLY K 19 16.94 -24.37 -49.06
N ILE K 20 16.78 -23.07 -49.29
CA ILE K 20 16.40 -22.59 -50.61
C ILE K 20 17.61 -22.44 -51.52
N ALA K 21 18.81 -22.43 -50.95
CA ALA K 21 20.05 -22.36 -51.71
C ALA K 21 21.12 -23.30 -51.18
N SER K 22 20.81 -24.13 -50.19
CA SER K 22 21.79 -25.02 -49.59
C SER K 22 21.11 -26.30 -49.14
N VAL K 23 21.86 -27.40 -49.19
CA VAL K 23 21.46 -28.67 -48.59
C VAL K 23 22.57 -29.07 -47.63
N GLY K 24 22.34 -28.91 -46.34
CA GLY K 24 23.24 -29.48 -45.34
C GLY K 24 22.89 -30.94 -45.10
N TRP K 25 23.91 -31.78 -44.97
CA TRP K 25 23.67 -33.20 -44.77
C TRP K 25 24.60 -33.74 -43.69
N ALA K 26 24.12 -34.77 -43.01
CA ALA K 26 24.88 -35.44 -41.97
C ALA K 26 24.51 -36.92 -41.97
N MET K 27 25.47 -37.75 -41.59
CA MET K 27 25.30 -39.18 -41.42
C MET K 27 25.71 -39.54 -40.00
N VAL K 28 24.74 -40.08 -39.24
CA VAL K 28 24.93 -40.48 -37.85
C VAL K 28 24.71 -41.99 -37.75
N GLU K 29 25.72 -42.72 -37.30
CA GLU K 29 25.57 -44.15 -37.10
C GLU K 29 24.63 -44.43 -35.92
N ILE K 30 23.90 -45.54 -36.00
CA ILE K 30 22.89 -45.85 -35.00
C ILE K 30 23.03 -47.30 -34.51
N ASP K 31 22.34 -47.55 -33.41
CA ASP K 31 22.27 -48.80 -32.68
C ASP K 31 21.34 -49.79 -33.36
N GLU K 32 21.12 -50.93 -32.71
CA GLU K 32 19.97 -51.75 -33.08
C GLU K 32 18.70 -51.26 -32.39
N GLU K 33 18.82 -50.30 -31.47
CA GLU K 33 17.69 -49.64 -30.81
C GLU K 33 17.51 -48.20 -31.30
N GLU K 34 18.01 -47.89 -32.49
CA GLU K 34 17.95 -46.55 -33.08
C GLU K 34 18.51 -45.50 -32.11
N ASN K 35 19.75 -45.74 -31.68
CA ASN K 35 20.44 -44.82 -30.80
C ASN K 35 21.52 -44.07 -31.56
N PRO K 36 21.64 -42.76 -31.44
CA PRO K 36 22.78 -42.08 -32.07
C PRO K 36 24.04 -42.41 -31.28
N ILE K 37 25.02 -43.01 -31.95
CA ILE K 37 26.21 -43.50 -31.25
C ILE K 37 27.47 -42.87 -31.80
N ARG K 38 27.46 -42.44 -33.07
CA ARG K 38 28.68 -41.97 -33.69
C ARG K 38 28.34 -41.03 -34.85
N LEU K 39 29.12 -39.95 -34.96
CA LEU K 39 28.94 -38.96 -36.02
C LEU K 39 29.83 -39.38 -37.18
N ILE K 40 29.23 -39.98 -38.21
CA ILE K 40 30.03 -40.54 -39.30
C ILE K 40 30.55 -39.44 -40.21
N ASP K 41 29.64 -38.68 -40.83
CA ASP K 41 30.14 -37.71 -41.79
C ASP K 41 29.14 -36.56 -41.94
N LEU K 42 29.60 -35.47 -42.56
CA LEU K 42 28.80 -34.27 -42.70
C LEU K 42 29.33 -33.40 -43.84
N GLY K 43 28.44 -32.60 -44.42
CA GLY K 43 28.84 -31.68 -45.47
C GLY K 43 27.71 -30.73 -45.81
N VAL K 44 27.97 -29.84 -46.77
CA VAL K 44 27.00 -28.83 -47.21
C VAL K 44 27.15 -28.62 -48.71
N ARG K 45 26.11 -28.91 -49.46
CA ARG K 45 26.03 -28.55 -50.88
C ARG K 45 25.39 -27.16 -50.98
N VAL K 46 25.95 -26.30 -51.81
CA VAL K 46 25.50 -24.92 -51.95
C VAL K 46 25.32 -24.59 -53.42
N PHE K 47 24.26 -23.86 -53.75
CA PHE K 47 23.89 -23.61 -55.14
C PHE K 47 23.13 -22.29 -55.25
N GLU K 48 22.77 -21.93 -56.47
CA GLU K 48 22.07 -20.69 -56.78
C GLU K 48 20.56 -20.92 -56.83
N ARG K 49 19.80 -20.07 -56.14
CA ARG K 49 18.35 -20.13 -56.24
C ARG K 49 17.90 -20.08 -57.69
N ALA K 50 16.92 -20.91 -58.03
CA ALA K 50 16.38 -20.99 -59.39
C ALA K 50 15.37 -19.88 -59.66
N GLU K 51 15.85 -18.64 -59.59
CA GLU K 51 15.02 -17.49 -59.85
C GLU K 51 15.92 -16.33 -60.28
N VAL K 52 15.31 -15.32 -60.87
CA VAL K 52 16.03 -14.11 -61.22
C VAL K 52 16.50 -13.47 -59.92
N PRO K 53 17.81 -13.28 -59.73
CA PRO K 53 18.29 -12.79 -58.42
C PRO K 53 17.76 -11.40 -58.08
N LYS K 54 17.73 -10.49 -59.05
CA LYS K 54 17.29 -9.13 -58.79
C LYS K 54 15.84 -9.08 -58.34
N THR K 55 14.94 -9.70 -59.12
CA THR K 55 13.52 -9.50 -58.92
C THR K 55 12.79 -10.69 -58.32
N GLY K 56 13.34 -11.89 -58.44
CA GLY K 56 12.62 -13.08 -58.04
C GLY K 56 11.69 -13.63 -59.09
N ASP K 57 11.63 -13.01 -60.27
CA ASP K 57 10.79 -13.48 -61.35
C ASP K 57 11.25 -14.85 -61.81
N SER K 58 10.32 -15.58 -62.45
CA SER K 58 10.65 -16.87 -63.00
C SER K 58 11.70 -16.75 -64.10
N LEU K 59 12.68 -17.65 -64.05
CA LEU K 59 13.66 -17.73 -65.12
C LEU K 59 12.99 -18.12 -66.43
N ALA K 60 12.14 -19.15 -66.37
CA ALA K 60 11.38 -19.55 -67.54
C ALA K 60 10.49 -18.43 -68.06
N MET K 61 9.98 -17.57 -67.16
CA MET K 61 9.13 -16.46 -67.62
C MET K 61 9.93 -15.44 -68.43
N ALA K 62 11.13 -15.10 -67.98
CA ALA K 62 11.96 -14.20 -68.77
C ALA K 62 12.33 -14.83 -70.11
N ARG K 63 12.70 -16.12 -70.08
CA ARG K 63 12.99 -16.81 -71.33
C ARG K 63 11.79 -16.79 -72.27
N ARG K 64 10.60 -17.04 -71.73
CA ARG K 64 9.39 -17.06 -72.55
C ARG K 64 9.08 -15.68 -73.13
N LEU K 65 9.29 -14.62 -72.35
CA LEU K 65 9.07 -13.28 -72.88
C LEU K 65 10.04 -12.98 -74.01
N ALA K 66 11.31 -13.35 -73.85
CA ALA K 66 12.27 -13.23 -74.94
C ALA K 66 11.81 -13.98 -76.18
N ARG K 67 11.35 -15.22 -76.00
CA ARG K 67 10.90 -16.03 -77.11
C ARG K 67 9.69 -15.40 -77.81
N SER K 68 8.78 -14.84 -77.01
CA SER K 68 7.57 -14.24 -77.59
C SER K 68 7.90 -12.98 -78.37
N VAL K 69 8.84 -12.17 -77.87
CA VAL K 69 9.22 -10.99 -78.66
C VAL K 69 9.99 -11.39 -79.91
N ARG K 70 10.76 -12.48 -79.84
CA ARG K 70 11.39 -13.00 -81.05
C ARG K 70 10.34 -13.35 -82.10
N ARG K 71 9.30 -14.08 -81.69
CA ARG K 71 8.24 -14.43 -82.63
C ARG K 71 7.51 -13.20 -83.15
N LEU K 72 7.21 -12.23 -82.29
CA LEU K 72 6.53 -11.03 -82.73
C LEU K 72 7.34 -10.28 -83.78
N THR K 73 8.63 -10.06 -83.50
CA THR K 73 9.50 -9.39 -84.45
C THR K 73 9.54 -10.13 -85.78
N ARG K 74 9.78 -11.44 -85.73
CA ARG K 74 9.83 -12.25 -86.94
C ARG K 74 8.55 -12.12 -87.75
N ARG K 75 7.39 -12.19 -87.08
CA ARG K 75 6.13 -12.20 -87.81
C ARG K 75 5.79 -10.83 -88.37
N ARG K 76 6.14 -9.75 -87.67
CA ARG K 76 5.91 -8.43 -88.25
C ARG K 76 6.78 -8.23 -89.49
N ALA K 77 8.06 -8.58 -89.40
CA ALA K 77 8.93 -8.46 -90.56
C ALA K 77 8.44 -9.31 -91.72
N HIS K 78 7.99 -10.53 -91.43
CA HIS K 78 7.48 -11.41 -92.49
C HIS K 78 6.22 -10.83 -93.11
N ARG K 79 5.33 -10.25 -92.28
CA ARG K 79 4.12 -9.61 -92.79
C ARG K 79 4.47 -8.50 -93.78
N LEU K 80 5.42 -7.64 -93.41
CA LEU K 80 5.77 -6.53 -94.30
C LEU K 80 6.46 -7.01 -95.56
N LEU K 81 7.35 -8.00 -95.45
CA LEU K 81 7.98 -8.58 -96.64
C LEU K 81 6.95 -9.19 -97.58
N ARG K 82 6.00 -9.94 -97.03
CA ARG K 82 4.93 -10.50 -97.84
C ARG K 82 4.12 -9.40 -98.52
N THR K 83 3.86 -8.31 -97.79
CA THR K 83 3.09 -7.22 -98.38
C THR K 83 3.85 -6.59 -99.55
N ARG K 84 5.17 -6.45 -99.42
CA ARG K 84 5.96 -5.93 -100.52
C ARG K 84 5.92 -6.87 -101.72
N ARG K 85 6.09 -8.18 -101.48
CA ARG K 85 5.99 -9.15 -102.57
C ARG K 85 4.65 -9.05 -103.27
N LEU K 86 3.57 -8.86 -102.50
CA LEU K 86 2.24 -8.72 -103.08
C LEU K 86 2.13 -7.44 -103.89
N LEU K 87 2.70 -6.35 -103.39
CA LEU K 87 2.69 -5.10 -104.15
C LEU K 87 3.40 -5.27 -105.49
N LYS K 88 4.49 -6.02 -105.51
CA LYS K 88 5.19 -6.27 -106.77
C LYS K 88 4.36 -7.14 -107.71
N ARG K 89 3.74 -8.20 -107.18
CA ARG K 89 2.99 -9.09 -108.06
C ARG K 89 1.70 -8.44 -108.56
N GLU K 90 1.09 -7.57 -107.76
CA GLU K 90 -0.17 -6.98 -108.18
C GLU K 90 0.01 -5.74 -109.03
N GLY K 91 1.19 -5.58 -109.65
CA GLY K 91 1.47 -4.49 -110.58
C GLY K 91 1.35 -3.09 -110.04
N VAL K 92 1.69 -2.91 -108.76
CA VAL K 92 1.71 -1.61 -108.12
C VAL K 92 3.10 -0.99 -108.19
N LEU K 93 4.14 -1.81 -108.03
CA LEU K 93 5.52 -1.35 -108.13
C LEU K 93 6.27 -2.25 -109.11
N GLN K 94 7.38 -1.73 -109.63
CA GLN K 94 8.15 -2.46 -110.62
C GLN K 94 9.51 -2.82 -110.04
N ALA K 95 10.19 -3.77 -110.68
CA ALA K 95 11.54 -4.15 -110.23
C ALA K 95 12.44 -2.92 -110.07
N ALA K 96 12.18 -1.85 -110.81
CA ALA K 96 12.95 -0.63 -110.64
C ALA K 96 12.75 -0.01 -109.27
N ASN K 97 11.61 -0.26 -108.62
CA ASN K 97 11.32 0.39 -107.35
C ASN K 97 12.05 -0.23 -106.17
N PHE K 98 12.73 -1.36 -106.33
CA PHE K 98 13.29 -2.08 -105.21
C PHE K 98 14.81 -2.06 -105.23
N ASP K 99 15.40 -1.87 -104.05
CA ASP K 99 16.85 -1.78 -103.89
C ASP K 99 17.46 -3.18 -103.75
N GLU K 100 18.76 -3.23 -103.48
CA GLU K 100 19.48 -4.49 -103.33
C GLU K 100 18.87 -5.35 -102.22
N ASN K 101 18.52 -4.75 -101.08
CA ASN K 101 17.96 -5.51 -99.96
C ASN K 101 16.55 -6.02 -100.29
N GLY K 102 15.74 -5.20 -100.95
CA GLY K 102 14.36 -5.55 -101.21
C GLY K 102 13.41 -4.54 -100.60
N LEU K 103 13.86 -3.29 -100.52
CA LEU K 103 13.09 -2.21 -99.94
C LEU K 103 12.73 -1.20 -101.03
N ILE K 104 11.66 -0.47 -100.79
CA ILE K 104 11.15 0.50 -101.76
C ILE K 104 12.03 1.74 -101.73
N LYS K 105 12.65 2.06 -102.87
CA LYS K 105 13.49 3.24 -102.97
C LYS K 105 12.64 4.50 -102.93
N SER K 106 13.06 5.46 -102.11
CA SER K 106 12.40 6.76 -101.97
C SER K 106 10.94 6.59 -101.56
N LEU K 107 10.74 5.88 -100.44
CA LEU K 107 9.38 5.77 -99.92
C LEU K 107 9.03 7.04 -99.14
N PRO K 108 7.81 7.58 -99.32
CA PRO K 108 7.44 8.79 -98.60
C PRO K 108 7.35 8.54 -97.10
N ASN K 109 7.93 9.43 -96.31
CA ASN K 109 7.91 9.31 -94.85
C ASN K 109 6.76 10.07 -94.21
N THR K 110 5.65 10.25 -94.93
CA THR K 110 4.47 10.96 -94.41
C THR K 110 3.20 10.15 -94.65
N PRO K 111 3.15 8.90 -94.19
CA PRO K 111 1.97 8.07 -94.48
C PRO K 111 0.72 8.53 -93.76
N TRP K 112 0.85 9.26 -92.65
CA TRP K 112 -0.32 9.83 -92.00
C TRP K 112 -0.96 10.89 -92.89
N GLN K 113 -0.13 11.81 -93.41
CA GLN K 113 -0.64 12.82 -94.34
C GLN K 113 -1.25 12.17 -95.58
N LEU K 114 -0.57 11.17 -96.14
CA LEU K 114 -1.09 10.50 -97.33
C LEU K 114 -2.38 9.74 -97.03
N ARG K 115 -2.52 9.22 -95.81
CA ARG K 115 -3.75 8.52 -95.42
C ARG K 115 -4.91 9.49 -95.29
N ALA K 116 -4.74 10.54 -94.48
CA ALA K 116 -5.83 11.48 -94.25
C ALA K 116 -6.15 12.30 -95.49
N ALA K 117 -5.22 12.41 -96.43
CA ALA K 117 -5.46 13.12 -97.68
C ALA K 117 -5.78 12.19 -98.83
N ALA K 118 -5.77 10.87 -98.60
CA ALA K 118 -6.29 9.95 -99.59
C ALA K 118 -7.81 9.94 -99.64
N LEU K 119 -8.46 10.72 -98.78
CA LEU K 119 -9.90 10.93 -98.82
C LEU K 119 -10.31 12.08 -99.73
N ASP K 120 -9.34 12.75 -100.35
CA ASP K 120 -9.60 13.92 -101.17
C ASP K 120 -8.92 13.87 -102.54
N ARG K 121 -8.01 12.92 -102.77
CA ARG K 121 -7.29 12.90 -104.04
C ARG K 121 -6.78 11.49 -104.31
N LYS K 122 -6.39 11.28 -105.56
CA LYS K 122 -5.76 10.04 -105.97
C LYS K 122 -4.32 9.99 -105.47
N LEU K 123 -3.79 8.78 -105.30
CA LEU K 123 -2.44 8.57 -104.81
C LEU K 123 -1.63 7.84 -105.86
N THR K 124 -0.34 8.13 -105.91
CA THR K 124 0.57 7.50 -106.85
C THR K 124 0.86 6.08 -106.38
N PRO K 125 1.56 5.27 -107.20
CA PRO K 125 1.99 3.95 -106.70
C PRO K 125 2.80 4.03 -105.41
N LEU K 126 3.76 4.96 -105.31
CA LEU K 126 4.56 5.07 -104.10
C LEU K 126 3.68 5.45 -102.90
N GLU K 127 2.86 6.49 -103.06
CA GLU K 127 2.01 6.93 -101.95
C GLU K 127 1.04 5.84 -101.50
N TRP K 128 0.42 5.15 -102.46
CA TRP K 128 -0.50 4.05 -102.13
C TRP K 128 0.23 2.93 -101.42
N SER K 129 1.40 2.52 -101.93
CA SER K 129 2.20 1.48 -101.30
C SER K 129 2.60 1.87 -99.89
N ALA K 130 3.01 3.12 -99.70
CA ALA K 130 3.40 3.57 -98.36
C ALA K 130 2.21 3.54 -97.41
N VAL K 131 1.03 3.96 -97.87
CA VAL K 131 -0.16 3.89 -97.04
C VAL K 131 -0.43 2.45 -96.62
N LEU K 132 -0.34 1.52 -97.57
CA LEU K 132 -0.64 0.12 -97.26
C LEU K 132 0.37 -0.48 -96.29
N LEU K 133 1.67 -0.25 -96.55
CA LEU K 133 2.71 -0.77 -95.66
C LEU K 133 2.57 -0.17 -94.27
N HIS K 134 2.21 1.11 -94.18
CA HIS K 134 2.07 1.74 -92.87
C HIS K 134 0.85 1.22 -92.14
N LEU K 135 -0.23 0.93 -92.87
CA LEU K 135 -1.42 0.35 -92.24
C LEU K 135 -1.12 -1.04 -91.70
N ILE K 136 -0.35 -1.84 -92.44
CA ILE K 136 -0.09 -3.20 -91.98
C ILE K 136 0.93 -3.22 -90.85
N LYS K 137 1.94 -2.35 -90.91
CA LYS K 137 2.93 -2.30 -89.84
C LYS K 137 2.31 -1.80 -88.54
N HIS K 138 1.42 -0.83 -88.63
CA HIS K 138 0.76 -0.24 -87.46
C HIS K 138 -0.73 -0.57 -87.59
N ARG K 139 -1.14 -1.71 -87.02
CA ARG K 139 -2.48 -2.22 -87.22
C ARG K 139 -3.31 -2.23 -85.94
N GLY K 140 -2.87 -1.54 -84.90
CA GLY K 140 -3.63 -1.42 -83.67
C GLY K 140 -3.90 -2.74 -82.98
N TYR K 141 -4.77 -2.66 -81.96
CA TYR K 141 -5.07 -3.80 -81.12
C TYR K 141 -6.39 -4.45 -81.55
N LEU K 142 -6.42 -5.78 -81.46
CA LEU K 142 -7.59 -6.58 -81.79
C LEU K 142 -8.11 -7.26 -80.54
N SER K 143 -9.38 -7.04 -80.23
CA SER K 143 -9.98 -7.65 -79.05
C SER K 143 -10.04 -9.17 -79.23
N GLN K 144 -9.34 -9.90 -78.36
CA GLN K 144 -9.30 -11.35 -78.44
C GLN K 144 -10.13 -12.03 -77.37
N ARG K 145 -10.89 -11.28 -76.58
CA ARG K 145 -11.71 -11.90 -75.55
C ARG K 145 -12.92 -12.59 -76.18
N LYS K 146 -13.45 -13.58 -75.46
CA LYS K 146 -14.62 -14.33 -75.91
C LYS K 146 -15.92 -13.82 -75.29
N ASN K 147 -15.90 -12.61 -74.72
CA ASN K 147 -17.07 -12.02 -74.06
C ASN K 147 -17.76 -12.99 -73.10
N GLU K 150 -19.43 -8.23 -72.81
CA GLU K 150 -20.84 -7.93 -72.72
C GLU K 150 -21.36 -8.27 -71.32
N THR K 151 -20.85 -9.34 -70.72
CA THR K 151 -21.38 -9.85 -69.44
C THR K 151 -20.53 -9.46 -68.22
N ALA K 152 -19.92 -8.25 -68.26
CA ALA K 152 -19.61 -7.30 -67.17
C ALA K 152 -18.66 -6.24 -67.73
N ASP K 153 -18.09 -5.39 -66.86
CA ASP K 153 -16.73 -4.90 -67.08
C ASP K 153 -15.88 -5.18 -65.85
N LYS K 154 -14.59 -4.93 -66.02
CA LYS K 154 -13.52 -4.82 -65.07
C LYS K 154 -13.07 -3.36 -65.17
N GLU K 155 -11.94 -3.04 -64.55
CA GLU K 155 -11.33 -1.72 -64.69
C GLU K 155 -10.36 -1.75 -65.86
N LEU K 156 -10.45 -0.72 -66.70
CA LEU K 156 -9.67 -0.64 -67.92
C LEU K 156 -8.33 0.04 -67.65
N GLY K 157 -7.31 -0.36 -68.39
CA GLY K 157 -6.00 0.24 -68.30
C GLY K 157 -5.81 1.30 -69.36
N ALA K 158 -4.57 1.82 -69.43
CA ALA K 158 -4.30 2.89 -70.38
C ALA K 158 -4.64 2.45 -71.81
N LEU K 159 -4.30 1.20 -72.17
CA LEU K 159 -4.56 0.72 -73.53
C LEU K 159 -6.06 0.72 -73.85
N LEU K 160 -6.85 0.06 -73.01
CA LEU K 160 -8.29 -0.03 -73.27
C LEU K 160 -8.93 1.35 -73.27
N LYS K 161 -8.55 2.20 -72.31
CA LYS K 161 -9.12 3.54 -72.25
C LYS K 161 -8.82 4.33 -73.51
N GLY K 162 -7.57 4.31 -73.96
CA GLY K 162 -7.21 5.02 -75.18
C GLY K 162 -7.91 4.48 -76.40
N VAL K 163 -7.93 3.15 -76.56
CA VAL K 163 -8.56 2.54 -77.73
C VAL K 163 -10.04 2.87 -77.76
N ALA K 164 -10.73 2.77 -76.62
CA ALA K 164 -12.15 3.07 -76.58
C ALA K 164 -12.41 4.56 -76.83
N GLY K 165 -11.57 5.43 -76.27
CA GLY K 165 -11.74 6.85 -76.54
C GLY K 165 -11.62 7.19 -78.00
N ASN K 166 -10.59 6.65 -78.66
CA ASN K 166 -10.40 6.90 -80.09
C ASN K 166 -11.53 6.29 -80.92
N ALA K 167 -11.98 5.07 -80.56
CA ALA K 167 -13.09 4.46 -81.30
C ALA K 167 -14.36 5.28 -81.16
N HIS K 168 -14.68 5.72 -79.93
CA HIS K 168 -15.84 6.57 -79.72
C HIS K 168 -15.72 7.89 -80.47
N ALA K 169 -14.52 8.47 -80.48
CA ALA K 169 -14.29 9.70 -81.24
C ALA K 169 -14.54 9.48 -82.72
N LEU K 170 -14.15 8.30 -83.24
CA LEU K 170 -14.39 8.00 -84.64
C LEU K 170 -15.87 7.76 -84.92
N GLN K 171 -16.60 7.19 -83.96
CA GLN K 171 -18.03 7.00 -84.16
C GLN K 171 -18.79 8.30 -84.02
N THR K 172 -18.30 9.22 -83.18
CA THR K 172 -18.84 10.57 -83.09
C THR K 172 -18.24 11.33 -84.28
N GLY K 173 -19.04 11.51 -85.32
CA GLY K 173 -18.50 11.84 -86.63
C GLY K 173 -17.87 13.19 -86.88
N ASP K 174 -16.91 13.59 -86.04
CA ASP K 174 -16.09 14.77 -86.35
C ASP K 174 -14.91 14.41 -87.23
N PHE K 175 -14.53 13.13 -87.23
CA PHE K 175 -13.45 12.59 -88.05
C PHE K 175 -13.95 11.33 -88.76
N ARG K 176 -13.53 11.17 -90.01
CA ARG K 176 -13.98 10.02 -90.79
C ARG K 176 -13.19 8.76 -90.42
N THR K 177 -11.88 8.81 -90.54
CA THR K 177 -11.01 7.65 -90.32
C THR K 177 -9.94 7.99 -89.29
N PRO K 178 -9.40 6.98 -88.61
CA PRO K 178 -8.38 7.25 -87.57
C PRO K 178 -7.22 8.10 -88.03
N ALA K 179 -6.85 8.08 -89.31
CA ALA K 179 -5.79 8.98 -89.78
C ALA K 179 -6.19 10.44 -89.60
N GLU K 180 -7.42 10.79 -89.94
CA GLU K 180 -7.88 12.18 -89.81
C GLU K 180 -7.90 12.62 -88.35
N LEU K 181 -8.58 11.85 -87.50
CA LEU K 181 -8.62 12.17 -86.07
C LEU K 181 -7.21 12.24 -85.50
N ALA K 182 -6.39 11.23 -85.80
CA ALA K 182 -5.03 11.20 -85.31
C ALA K 182 -4.28 12.47 -85.68
N LEU K 183 -4.26 12.79 -86.98
CA LEU K 183 -3.53 13.97 -87.43
C LEU K 183 -4.02 15.21 -86.70
N ASN K 184 -5.32 15.51 -86.84
CA ASN K 184 -5.83 16.78 -86.30
C ASN K 184 -5.61 16.87 -84.80
N LYS K 185 -6.18 15.93 -84.05
CA LYS K 185 -6.18 16.06 -82.59
C LYS K 185 -4.79 15.83 -82.03
N PHE K 186 -4.16 14.70 -82.35
CA PHE K 186 -2.90 14.37 -81.69
C PHE K 186 -1.84 15.39 -82.04
N GLU K 187 -1.68 15.74 -83.33
CA GLU K 187 -0.63 16.71 -83.64
C GLU K 187 -0.94 18.08 -83.05
N LYS K 188 -2.19 18.57 -83.16
CA LYS K 188 -2.49 19.90 -82.64
C LYS K 188 -2.27 19.98 -81.13
N GLU K 189 -2.80 19.01 -80.37
CA GLU K 189 -2.85 19.13 -78.92
C GLU K 189 -1.74 18.38 -78.18
N SER K 190 -0.86 17.66 -78.90
CA SER K 190 0.16 16.90 -78.23
C SER K 190 1.54 17.20 -78.80
N GLY K 191 1.59 17.45 -80.10
CA GLY K 191 2.84 17.67 -80.79
C GLY K 191 3.48 16.40 -81.33
N HIS K 192 2.74 15.30 -81.36
CA HIS K 192 3.22 14.04 -81.89
C HIS K 192 2.01 13.13 -82.12
N ILE K 193 2.12 12.27 -83.14
CA ILE K 193 1.03 11.37 -83.49
C ILE K 193 1.16 10.03 -82.76
N ARG K 194 2.36 9.46 -82.75
CA ARG K 194 2.59 8.15 -82.16
C ARG K 194 2.64 8.23 -80.63
N ASN K 195 2.52 7.06 -79.99
CA ASN K 195 2.57 7.03 -78.54
C ASN K 195 3.99 7.26 -78.03
N GLN K 196 4.08 7.83 -76.84
CA GLN K 196 5.34 8.18 -76.19
C GLN K 196 5.62 7.24 -75.02
N ARG K 197 6.59 7.63 -74.19
CA ARG K 197 7.18 6.77 -73.16
C ARG K 197 6.19 5.86 -72.44
N SER K 198 5.20 6.43 -71.77
CA SER K 198 4.20 5.64 -71.06
C SER K 198 2.80 5.91 -71.58
N ASP K 199 2.68 6.68 -72.66
CA ASP K 199 1.37 7.04 -73.20
C ASP K 199 0.74 5.87 -73.93
N TYR K 200 -0.58 5.80 -73.86
CA TYR K 200 -1.36 4.85 -74.64
C TYR K 200 -2.55 5.53 -75.31
N SER K 201 -2.58 6.87 -75.31
CA SER K 201 -3.74 7.61 -75.80
C SER K 201 -3.94 7.41 -77.29
N HIS K 202 -2.87 7.53 -78.08
CA HIS K 202 -2.97 7.52 -79.53
C HIS K 202 -2.92 6.08 -80.08
N THR K 203 -3.88 5.27 -79.64
CA THR K 203 -3.94 3.87 -80.04
C THR K 203 -5.33 3.53 -80.53
N PHE K 204 -5.42 2.79 -81.63
CA PHE K 204 -6.68 2.52 -82.29
C PHE K 204 -6.94 1.01 -82.32
N SER K 205 -8.21 0.65 -82.44
CA SER K 205 -8.60 -0.75 -82.60
C SER K 205 -8.35 -1.23 -84.02
N ARG K 206 -7.96 -2.51 -84.15
CA ARG K 206 -7.76 -3.08 -85.48
C ARG K 206 -9.02 -2.97 -86.33
N LYS K 207 -10.20 -3.04 -85.72
CA LYS K 207 -11.44 -2.89 -86.48
C LYS K 207 -11.53 -1.52 -87.14
N ASP K 208 -11.18 -0.46 -86.40
CA ASP K 208 -11.23 0.89 -86.97
C ASP K 208 -10.27 1.03 -88.15
N LEU K 209 -9.07 0.45 -88.05
CA LEU K 209 -8.13 0.54 -89.16
C LEU K 209 -8.57 -0.31 -90.35
N GLN K 210 -9.22 -1.45 -90.09
CA GLN K 210 -9.78 -2.23 -91.18
C GLN K 210 -10.86 -1.44 -91.91
N ALA K 211 -11.73 -0.76 -91.15
CA ALA K 211 -12.73 0.12 -91.76
C ALA K 211 -12.05 1.19 -92.62
N GLU K 212 -11.04 1.84 -92.07
CA GLU K 212 -10.27 2.82 -92.85
C GLU K 212 -9.71 2.19 -94.11
N LEU K 213 -9.20 0.96 -94.00
CA LEU K 213 -8.58 0.31 -95.16
C LEU K 213 -9.58 0.06 -96.27
N ILE K 214 -10.74 -0.51 -95.92
CA ILE K 214 -11.73 -0.81 -96.96
C ILE K 214 -12.30 0.49 -97.55
N LEU K 215 -12.51 1.51 -96.71
CA LEU K 215 -12.98 2.79 -97.23
C LEU K 215 -11.97 3.39 -98.19
N LEU K 216 -10.69 3.39 -97.80
CA LEU K 216 -9.63 3.87 -98.69
C LEU K 216 -9.64 3.13 -100.01
N PHE K 217 -9.77 1.79 -99.96
CA PHE K 217 -9.78 1.01 -101.19
C PHE K 217 -10.89 1.45 -102.12
N GLU K 218 -12.12 1.56 -101.61
CA GLU K 218 -13.22 1.90 -102.50
C GLU K 218 -13.16 3.36 -102.96
N LYS K 219 -12.81 4.27 -102.05
CA LYS K 219 -12.69 5.68 -102.42
C LYS K 219 -11.64 5.90 -103.48
N GLN K 220 -10.45 5.30 -103.31
CA GLN K 220 -9.44 5.37 -104.34
C GLN K 220 -9.88 4.65 -105.61
N LYS K 221 -10.74 3.63 -105.47
CA LYS K 221 -11.31 2.98 -106.64
C LYS K 221 -12.03 3.99 -107.52
N GLU K 222 -12.88 4.82 -106.92
CA GLU K 222 -13.51 5.87 -107.73
C GLU K 222 -12.47 6.89 -108.19
N PHE K 223 -11.50 7.23 -107.35
CA PHE K 223 -10.52 8.27 -107.67
C PHE K 223 -9.49 7.79 -108.69
N GLY K 224 -9.93 7.32 -109.86
CA GLY K 224 -8.98 6.72 -110.79
C GLY K 224 -8.27 5.54 -110.15
N ASN K 225 -6.95 5.66 -109.95
CA ASN K 225 -6.12 4.69 -109.22
C ASN K 225 -6.24 3.27 -109.75
N PRO K 226 -5.44 2.89 -110.75
CA PRO K 226 -5.56 1.54 -111.33
C PRO K 226 -5.55 0.41 -110.31
N HIS K 227 -4.83 0.55 -109.21
CA HIS K 227 -4.58 -0.57 -108.30
C HIS K 227 -5.55 -0.56 -107.12
N VAL K 228 -6.79 -0.94 -107.41
CA VAL K 228 -7.79 -1.25 -106.40
C VAL K 228 -8.29 -2.67 -106.68
N SER K 229 -7.39 -3.49 -107.23
CA SER K 229 -7.69 -4.87 -107.58
C SER K 229 -8.36 -5.60 -106.42
N GLY K 230 -9.27 -6.50 -106.76
CA GLY K 230 -9.84 -7.40 -105.76
C GLY K 230 -8.76 -8.22 -105.06
N GLY K 231 -7.86 -8.80 -105.84
CA GLY K 231 -6.75 -9.56 -105.26
C GLY K 231 -5.95 -8.75 -104.25
N LEU K 232 -5.57 -7.51 -104.63
CA LEU K 232 -4.80 -6.66 -103.74
C LEU K 232 -5.56 -6.37 -102.45
N LYS K 233 -6.82 -5.95 -102.56
CA LYS K 233 -7.62 -5.66 -101.38
C LYS K 233 -7.72 -6.88 -100.47
N GLU K 234 -8.05 -8.04 -101.04
CA GLU K 234 -8.16 -9.26 -100.25
C GLU K 234 -6.85 -9.59 -99.55
N GLY K 235 -5.74 -9.62 -100.30
CA GLY K 235 -4.45 -9.89 -99.70
C GLY K 235 -4.10 -8.93 -98.58
N ILE K 236 -4.25 -7.63 -98.83
CA ILE K 236 -3.87 -6.62 -97.84
C ILE K 236 -4.72 -6.76 -96.58
N GLU K 237 -6.04 -6.92 -96.76
CA GLU K 237 -6.91 -7.11 -95.60
C GLU K 237 -6.53 -8.37 -94.82
N THR K 238 -6.31 -9.47 -95.53
CA THR K 238 -5.89 -10.72 -94.88
C THR K 238 -4.62 -10.52 -94.07
N LEU K 239 -3.63 -9.82 -94.64
CA LEU K 239 -2.38 -9.59 -93.93
C LEU K 239 -2.60 -8.70 -92.71
N LEU K 240 -3.43 -7.67 -92.83
CA LEU K 240 -3.65 -6.77 -91.71
C LEU K 240 -4.46 -7.42 -90.60
N MET K 241 -5.34 -8.37 -90.93
CA MET K 241 -6.29 -8.90 -89.97
C MET K 241 -5.86 -10.24 -89.37
N THR K 242 -5.11 -11.06 -90.10
CA THR K 242 -4.82 -12.42 -89.66
C THR K 242 -3.72 -12.43 -88.60
N GLN K 243 -3.96 -13.23 -87.55
CA GLN K 243 -2.96 -13.56 -86.55
C GLN K 243 -3.29 -14.94 -86.02
N ARG K 244 -2.27 -15.65 -85.56
CA ARG K 244 -2.42 -17.05 -85.19
C ARG K 244 -3.35 -17.22 -83.99
N PRO K 245 -3.93 -18.41 -83.83
CA PRO K 245 -4.77 -18.66 -82.66
C PRO K 245 -3.91 -18.84 -81.43
N ALA K 246 -4.42 -18.34 -80.30
CA ALA K 246 -3.72 -18.51 -79.04
C ALA K 246 -3.62 -19.99 -78.66
N LEU K 247 -4.68 -20.76 -78.86
CA LEU K 247 -4.74 -22.18 -78.50
C LEU K 247 -4.69 -23.03 -79.76
N SER K 248 -3.64 -23.84 -79.86
CA SER K 248 -3.22 -24.45 -81.12
C SER K 248 -4.26 -25.40 -81.71
N GLY K 249 -5.02 -26.09 -80.87
CA GLY K 249 -5.84 -27.22 -81.29
C GLY K 249 -5.28 -28.53 -80.81
N ASP K 250 -4.15 -28.48 -80.13
CA ASP K 250 -3.61 -29.57 -79.33
C ASP K 250 -3.16 -29.04 -77.97
N ALA K 251 -3.07 -27.72 -77.83
CA ALA K 251 -2.59 -27.09 -76.60
C ALA K 251 -3.32 -27.59 -75.36
N VAL K 252 -4.66 -27.54 -75.37
CA VAL K 252 -5.42 -27.77 -74.15
C VAL K 252 -5.24 -29.20 -73.68
N GLN K 253 -5.35 -30.16 -74.60
CA GLN K 253 -5.16 -31.56 -74.25
C GLN K 253 -3.77 -31.79 -73.70
N LYS K 254 -2.78 -31.11 -74.27
CA LYS K 254 -1.39 -31.26 -73.85
C LYS K 254 -1.23 -31.08 -72.34
N MET K 255 -1.77 -29.97 -71.81
CA MET K 255 -1.62 -29.66 -70.40
C MET K 255 -2.74 -30.21 -69.53
N LEU K 256 -3.60 -31.08 -70.08
CA LEU K 256 -4.76 -31.54 -69.33
C LEU K 256 -4.34 -32.63 -68.34
N GLY K 257 -5.10 -32.75 -67.26
CA GLY K 257 -4.81 -33.71 -66.22
C GLY K 257 -5.66 -34.96 -66.33
N HIS K 258 -5.16 -36.04 -65.77
CA HIS K 258 -5.83 -37.33 -65.92
C HIS K 258 -6.93 -37.47 -64.88
N CYS K 259 -7.76 -38.51 -65.04
CA CYS K 259 -8.84 -38.73 -64.09
C CYS K 259 -8.32 -39.36 -62.80
N THR K 260 -9.08 -39.17 -61.73
CA THR K 260 -8.74 -39.74 -60.44
C THR K 260 -8.82 -41.26 -60.47
N PHE K 261 -9.89 -41.80 -61.03
CA PHE K 261 -10.19 -43.23 -60.99
C PHE K 261 -9.71 -43.98 -62.22
N GLU K 262 -9.76 -43.36 -63.39
CA GLU K 262 -9.33 -44.00 -64.65
C GLU K 262 -8.23 -43.15 -65.27
N PRO K 263 -6.97 -43.46 -65.00
CA PRO K 263 -5.88 -42.62 -65.53
C PRO K 263 -5.82 -42.58 -67.05
N ALA K 264 -6.32 -43.60 -67.73
CA ALA K 264 -6.36 -43.58 -69.19
C ALA K 264 -7.25 -42.45 -69.69
N GLU K 265 -8.41 -42.26 -69.08
CA GLU K 265 -9.39 -41.27 -69.53
C GLU K 265 -9.05 -39.89 -68.99
N PRO K 266 -9.27 -38.84 -69.77
CA PRO K 266 -9.07 -37.48 -69.28
C PRO K 266 -10.28 -36.95 -68.53
N LYS K 267 -10.03 -35.96 -67.68
CA LYS K 267 -11.10 -35.35 -66.90
C LYS K 267 -12.07 -34.59 -67.81
N ALA K 268 -13.31 -34.45 -67.34
CA ALA K 268 -14.39 -33.84 -68.11
C ALA K 268 -14.44 -32.33 -67.88
N ALA K 269 -14.99 -31.62 -68.86
CA ALA K 269 -15.15 -30.17 -68.75
C ALA K 269 -16.29 -29.80 -67.81
N LYS K 270 -16.17 -28.64 -67.14
CA LYS K 270 -17.24 -28.17 -66.27
C LYS K 270 -18.50 -27.90 -67.06
N ASN K 271 -18.37 -27.31 -68.24
CA ASN K 271 -19.54 -26.96 -69.05
C ASN K 271 -19.96 -28.18 -69.87
N THR K 272 -20.53 -29.15 -69.16
CA THR K 272 -20.86 -30.46 -69.71
C THR K 272 -22.03 -31.00 -68.92
N TYR K 273 -23.06 -31.46 -69.62
CA TYR K 273 -24.30 -31.88 -68.95
C TYR K 273 -24.00 -32.89 -67.83
N THR K 274 -23.14 -33.86 -68.11
CA THR K 274 -22.82 -34.86 -67.09
C THR K 274 -22.06 -34.22 -65.92
N ALA K 275 -21.03 -33.43 -66.21
CA ALA K 275 -20.24 -32.81 -65.14
C ALA K 275 -21.05 -31.75 -64.39
N GLU K 276 -21.85 -30.97 -65.10
CA GLU K 276 -22.68 -29.98 -64.41
C GLU K 276 -23.71 -30.67 -63.53
N ARG K 277 -24.30 -31.75 -64.03
CA ARG K 277 -25.21 -32.55 -63.21
C ARG K 277 -24.50 -33.12 -62.00
N PHE K 278 -23.24 -33.53 -62.16
CA PHE K 278 -22.46 -34.05 -61.05
C PHE K 278 -22.23 -32.98 -59.99
N ILE K 279 -21.85 -31.77 -60.42
CA ILE K 279 -21.66 -30.67 -59.49
C ILE K 279 -22.96 -30.35 -58.77
N TRP K 280 -24.07 -30.34 -59.50
CA TRP K 280 -25.36 -30.03 -58.89
C TRP K 280 -25.78 -31.12 -57.91
N LEU K 281 -25.52 -32.38 -58.24
CA LEU K 281 -25.85 -33.47 -57.33
C LEU K 281 -24.98 -33.42 -56.08
N THR K 282 -23.70 -33.07 -56.24
CA THR K 282 -22.85 -32.83 -55.08
C THR K 282 -23.44 -31.76 -54.18
N LYS K 283 -23.77 -30.60 -54.76
CA LYS K 283 -24.29 -29.50 -53.96
C LYS K 283 -25.60 -29.88 -53.28
N LEU K 284 -26.51 -30.52 -54.01
CA LEU K 284 -27.81 -30.86 -53.46
C LEU K 284 -27.70 -31.93 -52.38
N ASN K 285 -27.01 -33.03 -52.69
CA ASN K 285 -26.93 -34.14 -51.76
C ASN K 285 -26.15 -33.79 -50.51
N ASN K 286 -25.20 -32.86 -50.63
CA ASN K 286 -24.40 -32.45 -49.49
C ASN K 286 -25.02 -31.30 -48.73
N LEU K 287 -26.15 -30.77 -49.22
CA LEU K 287 -26.80 -29.66 -48.53
C LEU K 287 -27.32 -30.12 -47.18
N ARG K 288 -27.07 -29.31 -46.16
CA ARG K 288 -27.56 -29.57 -44.82
C ARG K 288 -28.37 -28.37 -44.36
N ILE K 289 -29.38 -28.63 -43.53
CA ILE K 289 -30.26 -27.60 -43.00
C ILE K 289 -30.28 -27.70 -41.48
N LEU K 290 -30.23 -26.53 -40.84
CA LEU K 290 -30.20 -26.38 -39.39
C LEU K 290 -31.54 -25.81 -38.94
N GLU K 291 -32.18 -26.47 -37.98
CA GLU K 291 -33.49 -26.02 -37.51
C GLU K 291 -33.44 -25.42 -36.11
N GLN K 292 -33.20 -26.22 -35.08
CA GLN K 292 -33.18 -25.72 -33.71
C GLN K 292 -32.02 -26.36 -32.96
N GLY K 293 -30.81 -26.11 -33.44
CA GLY K 293 -29.64 -26.77 -32.89
C GLY K 293 -29.42 -28.16 -33.41
N SER K 294 -30.11 -28.55 -34.49
CA SER K 294 -30.01 -29.87 -35.07
C SER K 294 -29.65 -29.71 -36.56
N GLU K 295 -29.20 -30.81 -37.15
CA GLU K 295 -28.67 -30.81 -38.51
C GLU K 295 -29.28 -31.97 -39.28
N ARG K 296 -29.75 -31.70 -40.50
CA ARG K 296 -30.35 -32.79 -41.27
C ARG K 296 -30.11 -32.58 -42.74
N PRO K 297 -30.01 -33.65 -43.53
CA PRO K 297 -29.97 -33.51 -44.98
C PRO K 297 -31.36 -33.31 -45.53
N LEU K 298 -31.43 -32.95 -46.81
CA LEU K 298 -32.71 -32.89 -47.50
C LEU K 298 -33.25 -34.29 -47.72
N THR K 299 -34.56 -34.44 -47.55
CA THR K 299 -35.21 -35.72 -47.76
C THR K 299 -35.35 -36.02 -49.24
N ASP K 300 -35.73 -37.26 -49.54
CA ASP K 300 -35.86 -37.69 -50.93
C ASP K 300 -36.86 -36.83 -51.69
N THR K 301 -37.99 -36.51 -51.07
CA THR K 301 -38.99 -35.68 -51.75
C THR K 301 -38.54 -34.23 -51.86
N GLU K 302 -37.82 -33.72 -50.85
CA GLU K 302 -37.28 -32.37 -50.94
C GLU K 302 -36.28 -32.27 -52.09
N ARG K 303 -35.42 -33.29 -52.23
CA ARG K 303 -34.45 -33.31 -53.31
C ARG K 303 -35.15 -33.44 -54.66
N ALA K 304 -36.16 -34.29 -54.74
CA ALA K 304 -36.92 -34.41 -55.98
C ALA K 304 -37.63 -33.10 -56.32
N THR K 305 -38.02 -32.34 -55.30
CA THR K 305 -38.57 -31.01 -55.54
C THR K 305 -37.55 -30.09 -56.21
N LEU K 306 -36.31 -30.11 -55.72
CA LEU K 306 -35.33 -29.15 -56.22
C LEU K 306 -34.60 -29.57 -57.49
N MET K 307 -34.52 -30.88 -57.77
CA MET K 307 -33.54 -31.37 -58.73
C MET K 307 -33.69 -30.73 -60.11
N ASP K 308 -34.91 -30.71 -60.65
CA ASP K 308 -35.11 -30.20 -62.01
C ASP K 308 -35.14 -28.68 -62.08
N GLU K 309 -35.11 -27.99 -60.94
CA GLU K 309 -35.35 -26.56 -60.90
C GLU K 309 -34.24 -25.74 -61.58
N PRO K 310 -32.95 -26.05 -61.40
CA PRO K 310 -31.92 -25.27 -62.11
C PRO K 310 -32.06 -25.32 -63.63
N TYR K 311 -32.64 -26.39 -64.17
CA TYR K 311 -32.91 -26.41 -65.60
C TYR K 311 -34.10 -25.52 -65.96
N ARG K 312 -35.07 -25.39 -65.06
CA ARG K 312 -36.29 -24.64 -65.31
C ARG K 312 -36.19 -23.16 -64.95
N LYS K 313 -35.12 -22.75 -64.30
CA LYS K 313 -34.93 -21.36 -63.90
C LYS K 313 -33.55 -20.88 -64.32
N SER K 314 -33.36 -19.56 -64.28
CA SER K 314 -32.04 -18.99 -64.49
C SER K 314 -31.05 -19.45 -63.42
N LYS K 315 -31.44 -19.33 -62.15
CA LYS K 315 -30.60 -19.64 -61.00
C LYS K 315 -31.45 -20.32 -59.94
N LEU K 316 -30.81 -21.10 -59.06
CA LEU K 316 -31.59 -21.75 -58.02
C LEU K 316 -31.81 -20.83 -56.82
N THR K 317 -30.74 -20.18 -56.30
CA THR K 317 -30.93 -19.16 -55.26
C THR K 317 -31.52 -19.70 -53.95
N TYR K 318 -30.65 -20.07 -52.99
CA TYR K 318 -31.05 -20.58 -51.68
C TYR K 318 -32.39 -20.05 -51.17
N ALA K 319 -32.65 -18.75 -51.32
CA ALA K 319 -33.94 -18.21 -50.89
C ALA K 319 -35.08 -18.81 -51.71
N GLN K 320 -34.87 -18.98 -53.01
CA GLN K 320 -35.87 -19.64 -53.84
C GLN K 320 -36.06 -21.09 -53.42
N ALA K 321 -34.97 -21.78 -53.07
CA ALA K 321 -35.08 -23.15 -52.57
C ALA K 321 -35.91 -23.19 -51.28
N ARG K 322 -35.67 -22.24 -50.38
CA ARG K 322 -36.49 -22.10 -49.18
C ARG K 322 -37.95 -21.99 -49.56
N LYS K 323 -38.24 -21.18 -50.59
CA LYS K 323 -39.62 -21.06 -51.04
C LYS K 323 -40.17 -22.39 -51.55
N LEU K 324 -39.42 -23.07 -52.43
CA LEU K 324 -39.92 -24.31 -53.03
C LEU K 324 -40.17 -25.39 -52.01
N LEU K 325 -39.35 -25.47 -50.97
CA LEU K 325 -39.57 -26.51 -49.97
C LEU K 325 -40.49 -26.06 -48.86
N GLY K 326 -40.97 -24.82 -48.93
CA GLY K 326 -41.81 -24.27 -47.88
C GLY K 326 -41.16 -24.30 -46.52
N LEU K 327 -39.88 -23.94 -46.45
CA LEU K 327 -39.13 -24.03 -45.21
C LEU K 327 -39.68 -23.02 -44.21
N GLU K 328 -39.52 -23.35 -42.92
CA GLU K 328 -39.96 -22.40 -41.90
C GLU K 328 -38.88 -21.36 -41.63
N ASP K 329 -39.23 -20.39 -40.80
CA ASP K 329 -38.29 -19.34 -40.48
C ASP K 329 -37.24 -19.80 -39.48
N THR K 330 -37.55 -20.84 -38.72
CA THR K 330 -36.57 -21.32 -37.75
C THR K 330 -35.47 -22.15 -38.41
N ALA K 331 -35.61 -22.47 -39.70
CA ALA K 331 -34.66 -23.32 -40.40
C ALA K 331 -33.73 -22.48 -41.27
N PHE K 332 -32.44 -22.76 -41.22
CA PHE K 332 -31.42 -22.07 -41.98
C PHE K 332 -30.53 -23.10 -42.69
N PHE K 333 -29.82 -22.63 -43.71
CA PHE K 333 -28.89 -23.47 -44.45
C PHE K 333 -27.52 -23.49 -43.79
N LYS K 334 -26.91 -24.67 -43.73
CA LYS K 334 -25.58 -24.79 -43.15
C LYS K 334 -24.54 -24.19 -44.08
N GLY K 335 -23.53 -23.56 -43.49
CA GLY K 335 -22.44 -23.00 -44.28
C GLY K 335 -22.82 -21.75 -45.04
N LEU K 336 -23.59 -20.86 -44.43
CA LEU K 336 -24.02 -19.63 -45.07
C LEU K 336 -23.78 -18.46 -44.13
N ARG K 337 -23.16 -17.40 -44.64
CA ARG K 337 -22.84 -16.22 -43.84
C ARG K 337 -24.10 -15.41 -43.64
N TYR K 338 -24.88 -15.80 -42.64
CA TYR K 338 -26.13 -15.12 -42.33
C TYR K 338 -25.92 -13.74 -41.69
N GLY K 339 -24.67 -13.32 -41.48
CA GLY K 339 -24.45 -11.97 -40.98
C GLY K 339 -24.76 -10.91 -42.02
N LYS K 340 -24.50 -11.20 -43.29
CA LYS K 340 -24.69 -10.24 -44.36
C LYS K 340 -26.17 -10.04 -44.67
N ASP K 341 -26.48 -8.97 -45.39
CA ASP K 341 -27.86 -8.69 -45.77
C ASP K 341 -28.35 -9.64 -46.87
N ASN K 342 -29.51 -10.23 -46.59
CA ASN K 342 -30.26 -11.19 -47.38
C ASN K 342 -29.52 -12.50 -47.59
N ALA K 343 -28.21 -12.46 -47.78
CA ALA K 343 -27.32 -13.61 -47.76
C ALA K 343 -27.78 -14.84 -48.53
N GLU K 344 -29.09 -15.02 -48.67
CA GLU K 344 -29.69 -16.17 -49.33
C GLU K 344 -29.89 -15.96 -50.81
N ALA K 345 -29.42 -14.84 -51.35
CA ALA K 345 -29.46 -14.62 -52.78
C ALA K 345 -28.37 -15.37 -53.51
N SER K 346 -27.51 -16.08 -52.77
CA SER K 346 -26.42 -16.82 -53.39
C SER K 346 -27.01 -17.88 -54.32
N THR K 347 -26.30 -18.09 -55.44
CA THR K 347 -26.92 -18.81 -56.53
C THR K 347 -27.24 -20.26 -56.17
N LEU K 348 -26.33 -20.95 -55.48
CA LEU K 348 -26.47 -22.34 -55.05
C LEU K 348 -26.40 -23.35 -56.21
N MET K 349 -26.82 -22.95 -57.41
CA MET K 349 -26.57 -23.74 -58.61
C MET K 349 -27.02 -22.96 -59.82
N GLU K 350 -26.27 -23.08 -60.92
CA GLU K 350 -26.63 -22.42 -62.17
C GLU K 350 -26.11 -23.32 -63.30
N MET K 351 -27.00 -23.94 -64.04
CA MET K 351 -26.57 -24.81 -65.15
C MET K 351 -26.06 -23.88 -66.25
N LYS K 352 -24.83 -23.42 -66.07
CA LYS K 352 -24.26 -22.41 -66.97
C LYS K 352 -24.19 -22.93 -68.40
N ALA K 353 -23.74 -24.16 -68.59
CA ALA K 353 -23.62 -24.71 -69.94
C ALA K 353 -24.99 -24.90 -70.58
N TYR K 354 -25.92 -25.52 -69.85
CA TYR K 354 -27.28 -25.72 -70.33
C TYR K 354 -27.89 -24.40 -70.80
N HIS K 355 -27.98 -23.43 -69.89
CA HIS K 355 -28.59 -22.15 -70.22
C HIS K 355 -27.79 -21.38 -71.26
N ALA K 356 -26.47 -21.59 -71.33
CA ALA K 356 -25.68 -20.91 -72.36
C ALA K 356 -26.04 -21.42 -73.75
N ILE K 357 -26.07 -22.75 -73.92
CA ILE K 357 -26.51 -23.33 -75.19
C ILE K 357 -27.94 -22.87 -75.51
N SER K 358 -28.81 -22.90 -74.50
CA SER K 358 -30.20 -22.49 -74.70
C SER K 358 -30.29 -21.06 -75.19
N ARG K 359 -29.60 -20.14 -74.51
CA ARG K 359 -29.63 -18.74 -74.90
C ARG K 359 -29.01 -18.51 -76.27
N ALA K 360 -27.97 -19.28 -76.61
CA ALA K 360 -27.39 -19.15 -77.95
C ALA K 360 -28.42 -19.51 -79.01
N LEU K 361 -29.09 -20.65 -78.85
CA LEU K 361 -30.08 -21.06 -79.84
C LEU K 361 -31.30 -20.13 -79.85
N GLU K 362 -31.65 -19.57 -78.68
CA GLU K 362 -32.77 -18.63 -78.61
C GLU K 362 -32.44 -17.32 -79.31
N LYS K 363 -31.21 -16.82 -79.15
CA LYS K 363 -30.83 -15.56 -79.77
C LYS K 363 -30.60 -15.73 -81.27
N GLU K 364 -30.25 -16.93 -81.71
CA GLU K 364 -30.06 -17.20 -83.13
C GLU K 364 -31.31 -17.77 -83.80
N GLY K 365 -32.41 -17.92 -83.06
CA GLY K 365 -33.69 -18.21 -83.66
C GLY K 365 -34.02 -19.66 -83.92
N LEU K 366 -33.32 -20.60 -83.30
CA LEU K 366 -33.65 -22.01 -83.44
C LEU K 366 -34.28 -22.61 -82.20
N LYS K 367 -34.42 -21.85 -81.12
CA LYS K 367 -35.07 -22.36 -79.92
C LYS K 367 -35.88 -21.23 -79.28
N ASP K 368 -37.04 -21.60 -78.72
CA ASP K 368 -37.93 -20.67 -78.06
C ASP K 368 -37.86 -20.82 -76.55
N LYS K 369 -37.98 -19.69 -75.84
CA LYS K 369 -38.02 -19.70 -74.38
C LYS K 369 -39.23 -20.52 -73.90
N LYS K 370 -39.14 -20.96 -72.64
CA LYS K 370 -40.10 -21.90 -72.04
C LYS K 370 -40.37 -23.07 -73.00
N SER K 371 -39.27 -23.67 -73.47
CA SER K 371 -39.29 -24.88 -74.23
C SER K 371 -37.97 -25.54 -73.89
N PRO K 372 -37.96 -26.85 -73.62
CA PRO K 372 -36.72 -27.50 -73.19
C PRO K 372 -35.69 -27.57 -74.31
N LEU K 373 -34.45 -27.85 -73.91
CA LEU K 373 -33.38 -28.09 -74.87
C LEU K 373 -33.60 -29.44 -75.54
N ASN K 374 -33.51 -29.46 -76.87
CA ASN K 374 -33.80 -30.66 -77.64
C ASN K 374 -32.55 -31.51 -77.90
N LEU K 375 -31.45 -31.26 -77.21
CA LEU K 375 -30.23 -31.99 -77.46
C LEU K 375 -30.06 -33.13 -76.45
N SER K 376 -29.48 -34.23 -76.94
CA SER K 376 -29.21 -35.36 -76.07
C SER K 376 -28.24 -34.96 -74.96
N PRO K 377 -28.31 -35.61 -73.80
CA PRO K 377 -27.23 -35.46 -72.82
C PRO K 377 -25.86 -35.68 -73.43
N GLU K 378 -25.70 -36.76 -74.21
CA GLU K 378 -24.42 -37.00 -74.88
C GLU K 378 -24.04 -35.85 -75.79
N LEU K 379 -25.01 -35.30 -76.54
CA LEU K 379 -24.69 -34.19 -77.43
C LEU K 379 -24.18 -32.98 -76.66
N GLN K 380 -24.80 -32.67 -75.52
CA GLN K 380 -24.33 -31.54 -74.73
C GLN K 380 -22.95 -31.80 -74.15
N ASP K 381 -22.69 -33.06 -73.75
CA ASP K 381 -21.35 -33.45 -73.35
C ASP K 381 -20.34 -33.15 -74.47
N GLU K 382 -20.64 -33.61 -75.68
CA GLU K 382 -19.74 -33.40 -76.80
C GLU K 382 -19.50 -31.92 -77.06
N ILE K 383 -20.57 -31.13 -77.03
CA ILE K 383 -20.46 -29.68 -77.23
C ILE K 383 -19.51 -29.07 -76.21
N GLY K 384 -19.76 -29.37 -74.92
CA GLY K 384 -18.92 -28.82 -73.87
C GLY K 384 -17.46 -29.21 -74.00
N THR K 385 -17.19 -30.50 -74.18
CA THR K 385 -15.80 -30.94 -74.28
C THR K 385 -15.11 -30.33 -75.50
N ALA K 386 -15.80 -30.28 -76.64
CA ALA K 386 -15.17 -29.71 -77.84
C ALA K 386 -14.86 -28.24 -77.65
N PHE K 387 -15.80 -27.47 -77.09
CA PHE K 387 -15.55 -26.05 -76.88
C PHE K 387 -14.46 -25.82 -75.83
N SER K 388 -14.37 -26.68 -74.81
CA SER K 388 -13.36 -26.52 -73.78
C SER K 388 -11.98 -27.00 -74.24
N LEU K 389 -11.93 -27.96 -75.15
CA LEU K 389 -10.68 -28.50 -75.70
C LEU K 389 -10.18 -27.75 -76.91
N PHE K 390 -11.05 -26.98 -77.57
CA PHE K 390 -10.75 -26.35 -78.85
C PHE K 390 -11.39 -24.97 -78.87
N LYS K 391 -10.63 -23.97 -79.31
CA LYS K 391 -11.11 -22.59 -79.28
C LYS K 391 -11.22 -21.95 -80.66
N THR K 392 -10.93 -22.67 -81.74
CA THR K 392 -11.01 -22.14 -83.09
C THR K 392 -12.18 -22.76 -83.82
N ASP K 393 -12.76 -21.99 -84.75
CA ASP K 393 -13.86 -22.49 -85.56
C ASP K 393 -13.46 -23.75 -86.31
N GLU K 394 -12.24 -23.78 -86.86
CA GLU K 394 -11.77 -24.94 -87.61
C GLU K 394 -11.78 -26.20 -86.76
N ASP K 395 -11.20 -26.12 -85.55
CA ASP K 395 -11.06 -27.31 -84.70
C ASP K 395 -12.42 -27.76 -84.15
N ILE K 396 -13.22 -26.83 -83.63
CA ILE K 396 -14.54 -27.17 -83.11
C ILE K 396 -15.40 -27.79 -84.21
N THR K 397 -15.36 -27.18 -85.41
CA THR K 397 -16.11 -27.71 -86.55
C THR K 397 -15.64 -29.11 -86.92
N GLY K 398 -14.34 -29.28 -87.18
CA GLY K 398 -13.82 -30.60 -87.48
C GLY K 398 -14.13 -31.62 -86.41
N ARG K 399 -14.33 -31.17 -85.16
CA ARG K 399 -14.61 -32.11 -84.08
C ARG K 399 -16.08 -32.52 -84.05
N LEU K 400 -17.01 -31.57 -84.23
CA LEU K 400 -18.41 -31.88 -84.02
C LEU K 400 -19.36 -31.38 -85.12
N LYS K 401 -18.84 -30.85 -86.24
CA LYS K 401 -19.76 -30.52 -87.33
C LYS K 401 -20.30 -31.76 -88.01
N ASP K 402 -19.81 -32.94 -87.64
CA ASP K 402 -20.32 -34.19 -88.17
C ASP K 402 -21.55 -34.67 -87.42
N ARG K 403 -21.62 -34.39 -86.11
CA ARG K 403 -22.62 -35.02 -85.24
C ARG K 403 -23.74 -34.08 -84.82
N ILE K 404 -23.73 -32.82 -85.23
CA ILE K 404 -24.83 -31.90 -84.97
C ILE K 404 -25.12 -31.11 -86.25
N GLN K 405 -26.29 -30.48 -86.26
CA GLN K 405 -26.74 -29.75 -87.44
C GLN K 405 -25.92 -28.48 -87.64
N PRO K 406 -25.58 -28.13 -88.88
CA PRO K 406 -24.76 -26.93 -89.12
C PRO K 406 -25.38 -25.64 -88.59
N GLU K 407 -26.71 -25.54 -88.58
CA GLU K 407 -27.37 -24.36 -88.06
C GLU K 407 -27.02 -24.16 -86.58
N ILE K 408 -27.20 -25.22 -85.79
CA ILE K 408 -26.86 -25.19 -84.37
C ILE K 408 -25.40 -24.85 -84.18
N LEU K 409 -24.52 -25.46 -84.98
CA LEU K 409 -23.09 -25.20 -84.88
C LEU K 409 -22.77 -23.74 -85.13
N GLU K 410 -23.40 -23.13 -86.14
CA GLU K 410 -23.17 -21.72 -86.41
C GLU K 410 -23.57 -20.87 -85.21
N ALA K 411 -24.73 -21.14 -84.64
CA ALA K 411 -25.17 -20.39 -83.46
C ALA K 411 -24.18 -20.54 -82.31
N LEU K 412 -23.75 -21.79 -82.05
CA LEU K 412 -22.87 -22.06 -80.92
C LEU K 412 -21.52 -21.38 -81.11
N LEU K 413 -20.95 -21.48 -82.31
CA LEU K 413 -19.71 -20.78 -82.59
C LEU K 413 -19.89 -19.28 -82.46
N LYS K 414 -21.10 -18.78 -82.69
CA LYS K 414 -21.35 -17.36 -82.50
C LYS K 414 -21.33 -16.98 -81.02
N HIS K 415 -21.82 -17.84 -80.13
CA HIS K 415 -22.14 -17.37 -78.78
C HIS K 415 -21.43 -18.04 -77.59
N ILE K 416 -20.71 -19.14 -77.75
CA ILE K 416 -20.30 -19.98 -76.62
C ILE K 416 -18.82 -19.82 -76.32
N SER K 417 -18.48 -19.84 -75.02
CA SER K 417 -17.09 -19.91 -74.55
C SER K 417 -17.02 -20.74 -73.27
N PHE K 418 -16.28 -21.86 -73.32
CA PHE K 418 -16.19 -22.81 -72.22
C PHE K 418 -14.74 -23.05 -71.78
N ASP K 419 -14.55 -23.26 -70.46
CA ASP K 419 -13.24 -23.57 -69.88
C ASP K 419 -13.42 -24.43 -68.63
N LYS K 420 -12.31 -24.72 -67.93
CA LYS K 420 -12.39 -25.29 -66.58
C LYS K 420 -12.92 -26.72 -66.44
N PHE K 421 -12.03 -27.71 -66.29
CA PHE K 421 -12.36 -29.12 -66.22
C PHE K 421 -12.59 -29.58 -64.76
N VAL K 422 -13.24 -30.75 -64.61
CA VAL K 422 -13.85 -31.17 -63.34
C VAL K 422 -13.13 -32.35 -62.67
N GLN K 423 -11.85 -32.59 -62.95
CA GLN K 423 -11.12 -33.60 -62.18
C GLN K 423 -11.60 -35.05 -62.26
N ILE K 424 -12.69 -35.35 -62.97
CA ILE K 424 -13.19 -36.73 -63.10
C ILE K 424 -13.54 -36.97 -64.56
N SER K 425 -13.24 -38.19 -65.04
CA SER K 425 -13.51 -38.56 -66.42
C SER K 425 -15.01 -38.67 -66.69
N LEU K 426 -15.38 -38.45 -67.95
CA LEU K 426 -16.78 -38.61 -68.35
C LEU K 426 -17.26 -40.04 -68.12
N LYS K 427 -16.41 -41.04 -68.40
CA LYS K 427 -16.75 -42.43 -68.15
C LYS K 427 -17.12 -42.65 -66.69
N ALA K 428 -16.20 -42.30 -65.79
CA ALA K 428 -16.46 -42.46 -64.36
C ALA K 428 -17.65 -41.63 -63.93
N LEU K 429 -17.77 -40.40 -64.43
CA LEU K 429 -18.90 -39.56 -64.06
C LEU K 429 -20.23 -40.17 -64.49
N ARG K 430 -20.26 -40.78 -65.68
CA ARG K 430 -21.51 -41.38 -66.15
C ARG K 430 -21.87 -42.61 -65.33
N ARG K 431 -20.89 -43.34 -64.82
CA ARG K 431 -21.24 -44.37 -63.84
C ARG K 431 -21.72 -43.75 -62.53
N ILE K 432 -21.09 -42.66 -62.10
CA ILE K 432 -21.28 -42.16 -60.73
C ILE K 432 -22.60 -41.38 -60.58
N VAL K 433 -23.00 -40.62 -61.61
CA VAL K 433 -24.12 -39.71 -61.46
C VAL K 433 -25.46 -40.44 -61.24
N PRO K 434 -25.71 -41.65 -61.78
CA PRO K 434 -26.95 -42.33 -61.38
C PRO K 434 -27.00 -42.63 -59.89
N LEU K 435 -25.89 -43.09 -59.32
CA LEU K 435 -25.85 -43.40 -57.90
C LEU K 435 -26.10 -42.16 -57.06
N MET K 436 -25.55 -41.02 -57.47
CA MET K 436 -25.80 -39.79 -56.73
C MET K 436 -27.23 -39.29 -56.96
N GLU K 437 -27.80 -39.59 -58.11
CA GLU K 437 -29.18 -39.20 -58.39
C GLU K 437 -30.15 -39.83 -57.40
N GLN K 438 -29.91 -41.09 -57.03
CA GLN K 438 -30.77 -41.78 -56.09
C GLN K 438 -30.42 -41.50 -54.63
N GLY K 439 -29.73 -40.40 -54.37
CA GLY K 439 -29.53 -39.90 -53.02
C GLY K 439 -28.24 -40.29 -52.33
N LYS K 440 -27.34 -40.98 -53.01
CA LYS K 440 -26.10 -41.41 -52.37
C LYS K 440 -25.07 -40.29 -52.42
N ARG K 441 -24.20 -40.25 -51.40
CA ARG K 441 -23.13 -39.27 -51.37
C ARG K 441 -22.03 -39.66 -52.36
N TYR K 442 -21.15 -38.69 -52.64
CA TYR K 442 -20.04 -38.94 -53.56
C TYR K 442 -19.18 -40.11 -53.11
N ASP K 443 -18.74 -40.08 -51.85
CA ASP K 443 -17.89 -41.17 -51.35
C ASP K 443 -18.60 -42.50 -51.46
N GLU K 444 -19.89 -42.54 -51.15
CA GLU K 444 -20.64 -43.78 -51.29
C GLU K 444 -20.67 -44.23 -52.74
N ALA K 445 -20.92 -43.31 -53.67
CA ALA K 445 -21.00 -43.66 -55.08
C ALA K 445 -19.69 -44.28 -55.58
N CYS K 446 -18.57 -43.60 -55.34
CA CYS K 446 -17.33 -44.14 -55.89
C CYS K 446 -16.76 -45.27 -55.05
N ALA K 447 -17.24 -45.46 -53.82
CA ALA K 447 -16.96 -46.70 -53.10
C ALA K 447 -17.70 -47.87 -53.76
N GLU K 448 -18.96 -47.65 -54.13
CA GLU K 448 -19.73 -48.71 -54.77
C GLU K 448 -19.15 -49.06 -56.14
N ILE K 449 -18.65 -48.05 -56.88
CA ILE K 449 -18.13 -48.32 -58.22
C ILE K 449 -16.68 -48.81 -58.16
N TYR K 450 -15.83 -48.14 -57.39
CA TYR K 450 -14.39 -48.42 -57.42
C TYR K 450 -13.90 -48.92 -56.06
N GLY K 451 -14.62 -49.86 -55.47
CA GLY K 451 -14.36 -50.29 -54.11
C GLY K 451 -13.09 -51.12 -53.94
N ASP K 452 -12.89 -51.55 -52.69
CA ASP K 452 -11.71 -52.26 -52.21
C ASP K 452 -11.10 -53.24 -53.19
N ASN K 458 1.55 -49.00 -58.59
CA ASN K 458 2.72 -49.15 -57.74
C ASN K 458 3.99 -48.79 -58.50
N THR K 459 5.11 -48.64 -57.78
CA THR K 459 6.39 -48.33 -58.40
C THR K 459 7.52 -49.00 -57.62
N GLU K 460 8.48 -49.54 -58.37
CA GLU K 460 9.63 -50.21 -57.76
C GLU K 460 10.49 -49.22 -57.00
N GLU K 461 11.06 -49.67 -55.88
CA GLU K 461 11.97 -48.85 -55.09
C GLU K 461 13.40 -49.21 -55.49
N LYS K 462 14.15 -48.22 -55.97
CA LYS K 462 15.52 -48.39 -56.44
C LYS K 462 16.52 -48.05 -55.35
N ILE K 463 17.80 -48.36 -55.61
CA ILE K 463 18.84 -48.00 -54.66
C ILE K 463 18.99 -46.48 -54.62
N TYR K 464 18.93 -45.85 -55.79
CA TYR K 464 19.16 -44.43 -55.93
C TYR K 464 17.85 -43.70 -56.23
N LEU K 465 17.69 -42.52 -55.65
CA LEU K 465 16.47 -41.76 -55.85
C LEU K 465 16.32 -41.39 -57.31
N PRO K 466 15.13 -41.54 -57.89
CA PRO K 466 14.92 -41.12 -59.27
C PRO K 466 14.77 -39.62 -59.36
N PRO K 467 14.75 -39.05 -60.57
CA PRO K 467 14.59 -37.59 -60.68
C PRO K 467 13.29 -37.11 -60.05
N ILE K 468 13.36 -35.95 -59.43
CA ILE K 468 12.16 -35.31 -58.86
C ILE K 468 11.18 -35.00 -59.98
N PRO K 469 9.91 -35.39 -59.89
CA PRO K 469 8.98 -35.15 -61.00
C PRO K 469 8.50 -33.70 -61.00
N ALA K 470 8.80 -32.99 -62.08
CA ALA K 470 8.39 -31.60 -62.19
C ALA K 470 6.87 -31.46 -62.22
N ASP K 471 6.15 -32.51 -62.60
CA ASP K 471 4.70 -32.46 -62.59
C ASP K 471 4.18 -32.19 -61.16
N GLU K 472 4.82 -32.82 -60.16
CA GLU K 472 4.39 -32.63 -58.78
C GLU K 472 4.86 -31.31 -58.20
N ILE K 473 6.11 -30.93 -58.46
CA ILE K 473 6.68 -29.70 -57.92
C ILE K 473 6.79 -28.68 -59.05
N ARG K 474 6.05 -27.59 -58.92
CA ARG K 474 6.03 -26.57 -59.96
C ARG K 474 6.83 -25.33 -59.59
N ASN K 475 7.17 -25.16 -58.32
CA ASN K 475 8.10 -24.12 -57.91
C ASN K 475 9.49 -24.45 -58.43
N PRO K 476 10.04 -23.71 -59.39
CA PRO K 476 11.38 -24.04 -59.87
C PRO K 476 12.42 -23.98 -58.77
N VAL K 477 12.23 -23.08 -57.80
CA VAL K 477 13.15 -22.98 -56.68
C VAL K 477 13.13 -24.27 -55.87
N VAL K 478 11.93 -24.75 -55.55
CA VAL K 478 11.80 -26.00 -54.81
C VAL K 478 12.30 -27.17 -55.66
N LEU K 479 12.07 -27.10 -56.98
CA LEU K 479 12.56 -28.16 -57.85
C LEU K 479 14.08 -28.27 -57.79
N ARG K 480 14.78 -27.13 -57.88
CA ARG K 480 16.24 -27.18 -57.79
C ARG K 480 16.70 -27.62 -56.41
N ALA K 481 16.08 -27.10 -55.35
CA ALA K 481 16.46 -27.53 -54.01
C ALA K 481 16.36 -29.04 -53.88
N LEU K 482 15.22 -29.60 -54.31
CA LEU K 482 15.01 -31.04 -54.20
C LEU K 482 15.99 -31.82 -55.09
N SER K 483 16.34 -31.26 -56.26
CA SER K 483 17.26 -31.95 -57.14
C SER K 483 18.66 -32.01 -56.54
N GLN K 484 19.11 -30.92 -55.93
CA GLN K 484 20.41 -30.95 -55.25
C GLN K 484 20.37 -31.85 -54.03
N ALA K 485 19.23 -31.90 -53.33
CA ALA K 485 19.09 -32.86 -52.25
C ALA K 485 19.20 -34.29 -52.77
N ARG K 486 18.61 -34.54 -53.94
CA ARG K 486 18.74 -35.85 -54.57
C ARG K 486 20.20 -36.16 -54.86
N LYS K 487 20.93 -35.18 -55.40
CA LYS K 487 22.35 -35.38 -55.66
C LYS K 487 23.09 -35.79 -54.39
N VAL K 488 22.82 -35.09 -53.28
CA VAL K 488 23.51 -35.39 -52.02
C VAL K 488 23.12 -36.77 -51.50
N ILE K 489 21.82 -37.10 -51.57
CA ILE K 489 21.35 -38.41 -51.13
C ILE K 489 22.06 -39.50 -51.91
N ASN K 490 22.03 -39.42 -53.24
CA ASN K 490 22.67 -40.43 -54.06
C ASN K 490 24.18 -40.47 -53.85
N GLY K 491 24.79 -39.32 -53.55
CA GLY K 491 26.20 -39.34 -53.19
C GLY K 491 26.48 -40.18 -51.96
N VAL K 492 25.74 -39.92 -50.87
CA VAL K 492 26.03 -40.68 -49.65
C VAL K 492 25.63 -42.13 -49.83
N VAL K 493 24.64 -42.44 -50.67
CA VAL K 493 24.29 -43.85 -50.89
C VAL K 493 25.39 -44.54 -51.68
N ARG K 494 25.89 -43.87 -52.73
CA ARG K 494 27.00 -44.39 -53.51
C ARG K 494 28.22 -44.65 -52.64
N ARG K 495 28.44 -43.81 -51.63
CA ARG K 495 29.66 -43.87 -50.83
C ARG K 495 29.55 -44.84 -49.65
N TYR K 496 28.38 -44.93 -49.02
CA TYR K 496 28.22 -45.62 -47.76
C TYR K 496 27.08 -46.65 -47.77
N GLY K 497 26.48 -46.92 -48.92
CA GLY K 497 25.38 -47.85 -48.99
C GLY K 497 24.04 -47.21 -48.63
N SER K 498 22.99 -48.04 -48.69
CA SER K 498 21.64 -47.56 -48.42
C SER K 498 21.51 -47.07 -46.99
N PRO K 499 20.94 -45.88 -46.77
CA PRO K 499 20.74 -45.40 -45.39
C PRO K 499 19.62 -46.18 -44.72
N ALA K 500 19.72 -46.31 -43.40
CA ALA K 500 18.65 -46.93 -42.64
C ALA K 500 17.40 -46.06 -42.63
N ARG K 501 17.58 -44.75 -42.46
CA ARG K 501 16.47 -43.82 -42.37
C ARG K 501 16.95 -42.44 -42.82
N ILE K 502 16.01 -41.62 -43.28
CA ILE K 502 16.30 -40.26 -43.73
C ILE K 502 15.44 -39.29 -42.93
N HIS K 503 16.09 -38.32 -42.29
CA HIS K 503 15.40 -37.28 -41.53
C HIS K 503 15.61 -35.95 -42.23
N ILE K 504 14.55 -35.15 -42.32
CA ILE K 504 14.53 -33.96 -43.16
C ILE K 504 14.05 -32.77 -42.35
N GLU K 505 14.64 -31.61 -42.60
CA GLU K 505 14.18 -30.34 -42.04
C GLU K 505 14.20 -29.34 -43.19
N THR K 506 13.04 -29.11 -43.79
CA THR K 506 12.88 -28.09 -44.82
C THR K 506 12.74 -26.71 -44.18
N ALA K 507 13.46 -25.73 -44.73
CA ALA K 507 13.40 -24.39 -44.20
C ALA K 507 12.00 -23.79 -44.38
N ARG K 508 11.69 -22.79 -43.56
CA ARG K 508 10.40 -22.11 -43.67
C ARG K 508 10.22 -21.41 -45.01
N GLU K 509 11.32 -21.14 -45.71
CA GLU K 509 11.27 -20.39 -46.96
C GLU K 509 11.08 -21.28 -48.18
N VAL K 510 11.27 -22.59 -48.04
CA VAL K 510 11.15 -23.49 -49.19
C VAL K 510 9.69 -23.84 -49.38
N GLY K 511 9.15 -23.50 -50.56
CA GLY K 511 7.76 -23.74 -50.88
C GLY K 511 6.91 -22.50 -50.87
N LYS K 512 7.47 -21.34 -50.52
CA LYS K 512 6.76 -20.08 -50.52
C LYS K 512 7.21 -19.23 -51.69
N SER K 513 6.34 -18.31 -52.09
CA SER K 513 6.64 -17.41 -53.19
C SER K 513 7.66 -16.36 -52.75
N PHE K 514 8.22 -15.65 -53.74
CA PHE K 514 9.18 -14.60 -53.46
C PHE K 514 8.61 -13.54 -52.54
N LYS K 515 7.38 -13.09 -52.82
CA LYS K 515 6.76 -12.08 -51.97
C LYS K 515 6.50 -12.61 -50.57
N ASP K 516 6.14 -13.89 -50.44
CA ASP K 516 5.94 -14.46 -49.11
C ASP K 516 7.23 -14.44 -48.31
N ARG K 517 8.36 -14.76 -48.95
CA ARG K 517 9.64 -14.73 -48.26
C ARG K 517 10.03 -13.31 -47.88
N LYS K 518 9.81 -12.35 -48.78
CA LYS K 518 10.07 -10.96 -48.44
C LYS K 518 9.19 -10.50 -47.29
N GLU K 519 7.95 -10.97 -47.25
CA GLU K 519 7.03 -10.63 -46.17
C GLU K 519 7.51 -11.20 -44.85
N ILE K 520 8.00 -12.45 -44.85
CA ILE K 520 8.45 -13.00 -43.58
C ILE K 520 9.75 -12.33 -43.12
N GLU K 521 10.59 -11.88 -44.06
CA GLU K 521 11.76 -11.08 -43.68
C GLU K 521 11.34 -9.77 -43.02
N LYS K 522 10.43 -9.04 -43.67
CA LYS K 522 9.94 -7.78 -43.10
C LYS K 522 9.31 -8.01 -41.74
N ARG K 523 8.53 -9.09 -41.60
CA ARG K 523 7.82 -9.34 -40.35
C ARG K 523 8.77 -9.76 -39.23
N GLN K 524 9.83 -10.50 -39.54
CA GLN K 524 10.79 -10.82 -38.49
C GLN K 524 11.60 -9.59 -38.09
N GLU K 525 11.87 -8.68 -39.03
CA GLU K 525 12.46 -7.39 -38.65
C GLU K 525 11.54 -6.63 -37.69
N GLU K 526 10.26 -6.52 -38.05
CA GLU K 526 9.31 -5.85 -37.18
C GLU K 526 9.20 -6.54 -35.83
N ASN K 527 9.31 -7.87 -35.80
CA ASN K 527 9.26 -8.59 -34.54
C ASN K 527 10.47 -8.29 -33.67
N ARG K 528 11.65 -8.17 -34.30
CA ARG K 528 12.84 -7.76 -33.55
C ARG K 528 12.63 -6.38 -32.94
N LYS K 529 12.11 -5.44 -33.72
CA LYS K 529 11.87 -4.10 -33.18
C LYS K 529 10.84 -4.13 -32.04
N ASP K 530 9.77 -4.91 -32.21
CA ASP K 530 8.76 -5.03 -31.17
C ASP K 530 9.34 -5.63 -29.89
N ARG K 531 10.20 -6.64 -30.01
CA ARG K 531 10.81 -7.23 -28.83
C ARG K 531 11.77 -6.26 -28.15
N GLU K 532 12.47 -5.44 -28.94
CA GLU K 532 13.29 -4.38 -28.34
C GLU K 532 12.43 -3.42 -27.53
N LYS K 533 11.33 -2.95 -28.12
CA LYS K 533 10.44 -2.03 -27.41
C LYS K 533 9.88 -2.68 -26.15
N ALA K 534 9.51 -3.97 -26.23
CA ALA K 534 8.96 -4.66 -25.07
C ALA K 534 9.99 -4.80 -23.96
N ALA K 535 11.23 -5.13 -24.31
CA ALA K 535 12.29 -5.20 -23.30
C ALA K 535 12.54 -3.83 -22.67
N ALA K 536 12.51 -2.77 -23.47
CA ALA K 536 12.65 -1.43 -22.90
C ALA K 536 11.57 -1.14 -21.89
N LYS K 537 10.32 -1.48 -22.24
CA LYS K 537 9.21 -1.29 -21.30
C LYS K 537 9.41 -2.13 -20.04
N PHE K 538 9.77 -3.40 -20.20
CA PHE K 538 10.01 -4.26 -19.04
C PHE K 538 11.05 -3.65 -18.11
N ARG K 539 12.11 -3.08 -18.67
CA ARG K 539 13.10 -2.40 -17.84
C ARG K 539 12.49 -1.20 -17.14
N GLU K 540 11.63 -0.45 -17.84
CA GLU K 540 10.97 0.68 -17.21
C GLU K 540 10.09 0.24 -16.03
N TYR K 541 9.33 -0.84 -16.20
CA TYR K 541 8.47 -1.33 -15.13
C TYR K 541 9.27 -1.87 -13.95
N PHE K 542 10.39 -2.55 -14.23
CA PHE K 542 11.20 -3.19 -13.21
C PHE K 542 12.60 -2.59 -13.27
N PRO K 543 12.80 -1.39 -12.71
CA PRO K 543 14.14 -0.80 -12.75
C PRO K 543 15.14 -1.59 -11.93
N ASN K 544 14.68 -2.30 -10.90
CA ASN K 544 15.53 -3.04 -9.98
C ASN K 544 15.56 -4.54 -10.30
N PHE K 545 15.14 -4.93 -11.50
CA PHE K 545 15.28 -6.32 -11.92
C PHE K 545 16.75 -6.67 -11.98
N VAL K 546 17.06 -7.97 -12.03
CA VAL K 546 18.47 -8.42 -11.97
C VAL K 546 18.97 -8.34 -13.40
N GLY K 547 19.29 -7.11 -13.82
CA GLY K 547 19.85 -6.91 -15.13
C GLY K 547 18.79 -6.74 -16.20
N GLU K 548 19.23 -6.91 -17.44
CA GLU K 548 18.34 -6.90 -18.58
C GLU K 548 17.59 -8.22 -18.66
N PRO K 549 16.32 -8.16 -19.01
CA PRO K 549 15.47 -9.36 -19.01
C PRO K 549 15.69 -10.29 -20.18
N LYS K 550 15.41 -11.56 -19.91
CA LYS K 550 15.39 -12.65 -20.87
C LYS K 550 13.99 -12.74 -21.46
N SER K 551 13.84 -13.58 -22.50
CA SER K 551 12.56 -13.68 -23.18
C SER K 551 11.46 -14.20 -22.25
N LYS K 552 11.83 -15.09 -21.32
CA LYS K 552 10.86 -15.65 -20.39
C LYS K 552 10.18 -14.57 -19.55
N ASP K 553 10.91 -13.50 -19.22
CA ASP K 553 10.36 -12.45 -18.38
C ASP K 553 9.41 -11.54 -19.16
N ILE K 554 9.78 -11.15 -20.38
CA ILE K 554 8.86 -10.39 -21.22
C ILE K 554 7.60 -11.21 -21.48
N LEU K 555 7.76 -12.52 -21.72
CA LEU K 555 6.60 -13.38 -21.91
C LEU K 555 5.74 -13.44 -20.65
N LYS K 556 6.39 -13.48 -19.48
CA LYS K 556 5.64 -13.46 -18.22
C LYS K 556 4.80 -12.20 -18.11
N LEU K 557 5.38 -11.04 -18.43
CA LEU K 557 4.64 -9.79 -18.34
C LEU K 557 3.50 -9.74 -19.35
N ARG K 558 3.77 -10.19 -20.58
CA ARG K 558 2.73 -10.21 -21.61
C ARG K 558 1.57 -11.11 -21.21
N LEU K 559 1.87 -12.30 -20.68
CA LEU K 559 0.83 -13.20 -20.22
C LEU K 559 0.06 -12.61 -19.05
N TYR K 560 0.76 -11.92 -18.15
CA TYR K 560 0.07 -11.22 -17.07
C TYR K 560 -0.99 -10.29 -17.61
N GLU K 561 -0.58 -9.34 -18.47
CA GLU K 561 -1.55 -8.36 -18.96
C GLU K 561 -2.62 -9.02 -19.83
N GLN K 562 -2.26 -10.05 -20.57
CA GLN K 562 -3.15 -10.73 -21.49
C GLN K 562 -4.11 -11.68 -20.78
N GLN K 563 -3.84 -12.02 -19.52
CA GLN K 563 -4.74 -12.79 -18.68
C GLN K 563 -5.48 -11.91 -17.67
N HIS K 564 -5.45 -10.59 -17.84
CA HIS K 564 -6.13 -9.63 -16.96
C HIS K 564 -5.60 -9.72 -15.53
N GLY K 565 -4.32 -10.02 -15.38
CA GLY K 565 -3.69 -10.03 -14.06
C GLY K 565 -4.21 -11.12 -13.13
N LYS K 566 -4.55 -12.28 -13.69
CA LYS K 566 -5.17 -13.34 -12.91
C LYS K 566 -4.48 -14.67 -13.19
N CYS K 567 -4.30 -15.46 -12.14
CA CYS K 567 -3.80 -16.83 -12.31
C CYS K 567 -4.81 -17.67 -13.09
N LEU K 568 -4.35 -18.31 -14.16
CA LEU K 568 -5.27 -19.08 -14.98
C LEU K 568 -5.78 -20.31 -14.24
N TYR K 569 -4.93 -20.96 -13.45
CA TYR K 569 -5.32 -22.20 -12.79
C TYR K 569 -6.21 -21.96 -11.57
N SER K 570 -5.98 -20.87 -10.83
CA SER K 570 -6.75 -20.59 -9.62
C SER K 570 -7.69 -19.40 -9.73
N GLY K 571 -7.38 -18.42 -10.56
CA GLY K 571 -8.17 -17.21 -10.62
C GLY K 571 -7.84 -16.19 -9.54
N LYS K 572 -6.89 -16.49 -8.67
CA LYS K 572 -6.48 -15.54 -7.67
C LYS K 572 -5.68 -14.42 -8.30
N GLU K 573 -5.88 -13.19 -7.81
CA GLU K 573 -5.13 -12.05 -8.31
C GLU K 573 -3.65 -12.26 -8.04
N ILE K 574 -2.82 -11.87 -8.99
CA ILE K 574 -1.36 -12.03 -8.90
C ILE K 574 -0.72 -10.65 -8.78
N ASN K 575 0.34 -10.59 -7.97
CA ASN K 575 0.98 -9.33 -7.58
C ASN K 575 2.09 -8.98 -8.56
N LEU K 576 1.81 -8.03 -9.46
CA LEU K 576 2.88 -7.39 -10.21
C LEU K 576 3.87 -6.77 -9.24
N GLY K 577 5.16 -6.91 -9.55
CA GLY K 577 6.19 -6.44 -8.66
C GLY K 577 6.88 -7.61 -8.00
N ARG K 578 6.10 -8.62 -7.63
CA ARG K 578 6.63 -9.93 -7.27
C ARG K 578 6.72 -10.85 -8.47
N LEU K 579 6.55 -10.33 -9.67
CA LEU K 579 6.49 -11.17 -10.87
C LEU K 579 7.76 -11.99 -11.04
N ASN K 580 8.90 -11.38 -10.75
CA ASN K 580 10.19 -12.04 -10.94
C ASN K 580 10.70 -12.73 -9.69
N GLU K 581 10.01 -12.58 -8.56
CA GLU K 581 10.28 -13.39 -7.37
C GLU K 581 10.25 -14.87 -7.75
N LYS K 582 11.38 -15.54 -7.55
CA LYS K 582 11.54 -16.93 -7.98
C LYS K 582 10.41 -17.81 -7.45
N GLY K 583 9.84 -18.62 -8.35
CA GLY K 583 8.79 -19.55 -8.00
C GLY K 583 7.44 -18.96 -7.67
N TYR K 584 7.31 -17.63 -7.65
CA TYR K 584 6.00 -17.01 -7.43
C TYR K 584 5.04 -17.35 -8.56
N VAL K 585 5.47 -17.12 -9.80
CA VAL K 585 4.67 -17.41 -10.98
C VAL K 585 5.51 -18.24 -11.94
N GLU K 586 4.86 -19.20 -12.59
CA GLU K 586 5.49 -20.07 -13.56
C GLU K 586 4.79 -19.93 -14.91
N ILE K 587 5.59 -19.94 -15.98
CA ILE K 587 5.09 -20.09 -17.34
C ILE K 587 4.90 -21.58 -17.56
N ASP K 588 3.70 -22.07 -17.28
CA ASP K 588 3.42 -23.49 -17.35
C ASP K 588 2.90 -23.86 -18.73
N ALA K 589 3.31 -25.04 -19.20
CA ALA K 589 2.69 -25.65 -20.37
C ALA K 589 1.37 -26.29 -19.95
N ALA K 590 0.26 -25.78 -20.48
CA ALA K 590 -1.04 -26.34 -20.15
C ALA K 590 -1.09 -27.82 -20.49
N LEU K 591 -0.86 -28.14 -21.76
CA LEU K 591 -0.69 -29.54 -22.15
C LEU K 591 0.73 -30.00 -21.86
N PRO K 592 0.91 -31.16 -21.23
CA PRO K 592 2.27 -31.58 -20.84
C PRO K 592 3.14 -31.89 -22.05
N PHE K 593 4.41 -31.46 -21.97
CA PHE K 593 5.35 -31.71 -23.06
C PHE K 593 5.63 -33.20 -23.23
N SER K 594 5.55 -33.96 -22.13
CA SER K 594 5.79 -35.39 -22.21
C SER K 594 4.75 -36.10 -23.07
N ARG K 595 3.55 -35.54 -23.18
CA ARG K 595 2.46 -36.18 -23.88
C ARG K 595 2.10 -35.52 -25.21
N THR K 596 2.62 -34.33 -25.49
CA THR K 596 2.23 -33.61 -26.69
C THR K 596 3.43 -33.19 -27.54
N TRP K 597 4.60 -33.04 -26.90
CA TRP K 597 5.77 -32.41 -27.51
C TRP K 597 5.41 -31.04 -28.06
N ASP K 598 4.58 -30.33 -27.31
CA ASP K 598 4.04 -29.03 -27.71
C ASP K 598 4.74 -27.97 -26.87
N ASP K 599 5.71 -27.29 -27.49
CA ASP K 599 6.39 -26.15 -26.87
C ASP K 599 5.97 -24.84 -27.52
N SER K 600 4.93 -24.88 -28.34
CA SER K 600 4.44 -23.70 -29.03
C SER K 600 3.87 -22.70 -28.04
N PHE K 601 3.81 -21.43 -28.45
CA PHE K 601 3.29 -20.40 -27.56
C PHE K 601 1.78 -20.52 -27.32
N ASN K 602 1.09 -21.37 -28.06
CA ASN K 602 -0.34 -21.57 -27.82
C ASN K 602 -0.59 -22.55 -26.68
N ASN K 603 0.46 -22.90 -25.93
CA ASN K 603 0.37 -23.87 -24.85
C ASN K 603 1.05 -23.35 -23.58
N LYS K 604 1.32 -22.06 -23.49
CA LYS K 604 2.04 -21.50 -22.35
C LYS K 604 1.14 -20.48 -21.65
N VAL K 605 0.93 -20.67 -20.34
CA VAL K 605 0.05 -19.84 -19.55
C VAL K 605 0.77 -19.44 -18.26
N LEU K 606 0.33 -18.32 -17.69
CA LEU K 606 0.93 -17.77 -16.49
C LEU K 606 0.11 -18.20 -15.27
N VAL K 607 0.72 -19.00 -14.40
CA VAL K 607 0.03 -19.49 -13.21
C VAL K 607 0.88 -19.19 -11.98
N LEU K 608 0.25 -19.26 -10.81
CA LEU K 608 0.96 -19.12 -9.55
C LEU K 608 1.69 -20.41 -9.21
N GLY K 609 2.95 -20.28 -8.78
CA GLY K 609 3.70 -21.43 -8.30
C GLY K 609 2.93 -22.26 -7.29
N SER K 610 2.19 -21.59 -6.40
CA SER K 610 1.34 -22.28 -5.43
C SER K 610 0.46 -23.32 -6.10
N GLU K 611 -0.33 -22.91 -7.08
CA GLU K 611 -1.40 -23.76 -7.60
C GLU K 611 -0.89 -24.79 -8.60
N ASN K 612 0.17 -24.48 -9.34
CA ASN K 612 0.77 -25.44 -10.28
C ASN K 612 1.73 -26.34 -9.51
N GLN K 613 1.14 -27.20 -8.70
CA GLN K 613 1.85 -28.26 -8.01
C GLN K 613 0.85 -29.34 -7.65
N ASN K 614 1.25 -30.60 -7.83
CA ASN K 614 0.41 -31.79 -7.87
C ASN K 614 -0.37 -31.86 -9.18
N LYS K 615 -0.16 -30.93 -10.11
CA LYS K 615 -0.73 -31.06 -11.45
C LYS K 615 0.01 -32.13 -12.25
N GLY K 616 1.33 -32.18 -12.13
CA GLY K 616 2.11 -33.21 -12.79
C GLY K 616 1.94 -33.22 -14.29
N ASN K 617 1.73 -34.41 -14.85
CA ASN K 617 1.56 -34.60 -16.28
C ASN K 617 0.10 -34.65 -16.71
N GLN K 618 -0.79 -34.07 -15.91
CA GLN K 618 -2.19 -33.98 -16.27
C GLN K 618 -2.46 -32.79 -17.17
N THR K 619 -3.57 -32.85 -17.89
CA THR K 619 -4.06 -31.71 -18.66
C THR K 619 -5.08 -30.93 -17.83
N PRO K 620 -5.32 -29.65 -18.16
CA PRO K 620 -6.37 -28.90 -17.44
C PRO K 620 -7.70 -29.64 -17.34
N TYR K 621 -8.11 -30.32 -18.41
CA TYR K 621 -9.35 -31.10 -18.39
C TYR K 621 -9.26 -32.24 -17.38
N GLU K 622 -8.10 -32.87 -17.29
CA GLU K 622 -7.89 -33.95 -16.32
C GLU K 622 -7.64 -33.40 -14.93
N TYR K 623 -6.89 -32.30 -14.84
CA TYR K 623 -6.59 -31.69 -13.54
C TYR K 623 -7.86 -31.19 -12.87
N PHE K 624 -8.70 -30.48 -13.61
CA PHE K 624 -9.91 -29.89 -13.07
C PHE K 624 -11.12 -30.81 -13.16
N ASN K 625 -10.92 -32.06 -13.59
CA ASN K 625 -11.97 -33.07 -13.65
C ASN K 625 -13.15 -32.59 -14.50
N GLY K 626 -12.84 -32.05 -15.68
CA GLY K 626 -13.87 -31.69 -16.63
C GLY K 626 -14.64 -32.89 -17.15
N LYS K 627 -14.12 -34.11 -16.95
CA LYS K 627 -14.87 -35.31 -17.30
C LYS K 627 -16.23 -35.34 -16.60
N ASP K 628 -16.29 -34.84 -15.37
CA ASP K 628 -17.53 -34.69 -14.63
C ASP K 628 -18.06 -33.26 -14.65
N ASN K 629 -17.46 -32.39 -15.48
CA ASN K 629 -17.90 -31.01 -15.67
C ASN K 629 -18.07 -30.30 -14.34
N SER K 630 -17.03 -30.35 -13.52
CA SER K 630 -17.10 -29.78 -12.19
C SER K 630 -17.13 -28.25 -12.25
N ARG K 631 -17.43 -27.63 -11.10
CA ARG K 631 -17.40 -26.18 -11.00
C ARG K 631 -16.05 -25.62 -11.43
N GLU K 632 -14.96 -26.26 -10.99
CA GLU K 632 -13.62 -25.76 -11.32
C GLU K 632 -13.37 -25.75 -12.82
N TRP K 633 -13.80 -26.81 -13.52
CA TRP K 633 -13.67 -26.83 -14.98
C TRP K 633 -14.43 -25.68 -15.61
N GLN K 634 -15.66 -25.42 -15.15
CA GLN K 634 -16.45 -24.34 -15.71
C GLN K 634 -15.80 -22.99 -15.47
N GLU K 635 -15.29 -22.76 -14.26
CA GLU K 635 -14.58 -21.53 -13.93
C GLU K 635 -13.36 -21.35 -14.81
N PHE K 636 -12.56 -22.41 -14.97
CA PHE K 636 -11.37 -22.37 -15.81
C PHE K 636 -11.71 -22.04 -17.25
N LYS K 637 -12.73 -22.71 -17.79
CA LYS K 637 -13.15 -22.47 -19.16
C LYS K 637 -13.59 -21.03 -19.35
N ALA K 638 -14.35 -20.50 -18.39
CA ALA K 638 -14.75 -19.09 -18.44
C ALA K 638 -13.53 -18.17 -18.41
N ARG K 639 -12.56 -18.47 -17.55
CA ARG K 639 -11.36 -17.64 -17.46
C ARG K 639 -10.63 -17.59 -18.79
N VAL K 640 -10.40 -18.75 -19.41
CA VAL K 640 -9.66 -18.74 -20.67
C VAL K 640 -10.50 -18.09 -21.78
N GLU K 641 -11.82 -18.23 -21.74
CA GLU K 641 -12.66 -17.59 -22.75
C GLU K 641 -12.61 -16.07 -22.63
N THR K 642 -12.57 -15.56 -21.40
CA THR K 642 -12.53 -14.12 -21.16
C THR K 642 -11.16 -13.52 -21.39
N SER K 643 -10.11 -14.34 -21.49
CA SER K 643 -8.76 -13.84 -21.64
C SER K 643 -8.50 -13.38 -23.08
N ARG K 644 -7.43 -12.61 -23.26
CA ARG K 644 -7.03 -12.12 -24.57
C ARG K 644 -6.14 -13.13 -25.29
N PHE K 645 -6.70 -14.31 -25.52
CA PHE K 645 -5.98 -15.37 -26.20
C PHE K 645 -6.53 -15.56 -27.60
N PRO K 646 -5.67 -15.78 -28.60
CA PRO K 646 -6.16 -16.23 -29.91
C PRO K 646 -7.00 -17.49 -29.77
N ARG K 647 -7.91 -17.68 -30.72
CA ARG K 647 -8.81 -18.84 -30.68
C ARG K 647 -8.03 -20.14 -30.62
N SER K 648 -6.89 -20.20 -31.31
CA SER K 648 -6.07 -21.42 -31.30
C SER K 648 -5.59 -21.75 -29.89
N LYS K 649 -5.17 -20.74 -29.14
CA LYS K 649 -4.70 -20.97 -27.78
C LYS K 649 -5.83 -21.46 -26.89
N LYS K 650 -6.99 -20.81 -26.96
CA LYS K 650 -8.14 -21.25 -26.18
C LYS K 650 -8.50 -22.69 -26.49
N GLN K 651 -8.49 -23.05 -27.78
CA GLN K 651 -8.83 -24.41 -28.17
C GLN K 651 -7.79 -25.41 -27.64
N ARG K 652 -6.51 -25.03 -27.68
CA ARG K 652 -5.47 -25.95 -27.20
C ARG K 652 -5.56 -26.17 -25.70
N ILE K 653 -5.72 -25.09 -24.93
CA ILE K 653 -5.71 -25.20 -23.46
C ILE K 653 -6.84 -26.09 -22.99
N LEU K 654 -8.03 -25.88 -23.54
CA LEU K 654 -9.19 -26.67 -23.17
C LEU K 654 -9.27 -27.90 -24.06
N LEU K 655 -8.26 -28.77 -24.01
CA LEU K 655 -8.26 -29.69 -25.13
C LEU K 655 -9.39 -30.70 -25.01
N GLN K 656 -9.20 -31.83 -24.30
CA GLN K 656 -10.21 -32.75 -23.74
C GLN K 656 -9.62 -34.14 -23.94
N LYS K 657 -10.46 -35.17 -23.96
CA LYS K 657 -10.04 -36.45 -24.55
C LYS K 657 -9.21 -36.21 -25.83
N PHE K 658 -8.05 -36.86 -25.92
CA PHE K 658 -7.10 -36.66 -27.02
C PHE K 658 -6.15 -37.84 -27.11
N ASP K 659 -5.40 -37.91 -28.21
CA ASP K 659 -4.45 -39.00 -28.45
C ASP K 659 -3.02 -38.54 -28.11
N GLU K 660 -2.38 -39.27 -27.20
CA GLU K 660 -0.99 -38.97 -26.84
C GLU K 660 -0.07 -39.05 -28.05
N ASP K 661 0.00 -40.22 -28.69
CA ASP K 661 0.91 -40.43 -29.81
C ASP K 661 0.59 -39.51 -30.97
N GLY K 662 -0.70 -39.36 -31.30
CA GLY K 662 -1.09 -38.50 -32.40
C GLY K 662 -0.66 -37.05 -32.20
N PHE K 663 -0.88 -36.52 -31.00
CA PHE K 663 -0.50 -35.14 -30.73
C PHE K 663 1.01 -34.98 -30.76
N LYS K 664 1.73 -35.93 -30.16
CA LYS K 664 3.19 -35.92 -30.25
C LYS K 664 3.63 -35.89 -31.71
N GLU K 665 2.96 -36.69 -32.55
CA GLU K 665 3.33 -36.77 -33.96
C GLU K 665 3.08 -35.46 -34.68
N ARG K 666 1.90 -34.86 -34.47
CA ARG K 666 1.59 -33.60 -35.17
C ARG K 666 2.58 -32.51 -34.78
N ASN K 667 2.97 -32.45 -33.51
CA ASN K 667 3.93 -31.42 -33.11
C ASN K 667 5.35 -31.74 -33.59
N LEU K 668 5.72 -33.02 -33.63
CA LEU K 668 7.06 -33.38 -34.09
C LEU K 668 7.21 -33.20 -35.60
N ASN K 669 6.15 -33.49 -36.36
CA ASN K 669 6.23 -33.59 -37.81
C ASN K 669 5.83 -32.29 -38.48
N ASP K 670 6.51 -31.96 -39.56
CA ASP K 670 6.23 -30.78 -40.39
C ASP K 670 5.62 -31.27 -41.70
N THR K 671 4.33 -30.99 -41.91
CA THR K 671 3.54 -31.54 -43.00
C THR K 671 3.15 -30.47 -44.02
N ARG K 672 4.06 -29.56 -44.33
CA ARG K 672 3.85 -28.67 -45.46
C ARG K 672 4.00 -29.46 -46.76
N TYR K 673 3.48 -28.90 -47.85
CA TYR K 673 3.25 -29.71 -49.05
C TYR K 673 4.55 -30.31 -49.59
N VAL K 674 5.62 -29.52 -49.58
CA VAL K 674 6.91 -30.03 -50.06
C VAL K 674 7.38 -31.19 -49.20
N ASN K 675 7.27 -31.06 -47.87
CA ASN K 675 7.64 -32.14 -46.96
C ASN K 675 6.80 -33.39 -47.20
N ARG K 676 5.48 -33.21 -47.38
CA ARG K 676 4.61 -34.35 -47.63
C ARG K 676 5.05 -35.10 -48.89
N PHE K 677 5.21 -34.36 -49.99
CA PHE K 677 5.68 -34.96 -51.23
C PHE K 677 7.02 -35.65 -51.04
N LEU K 678 7.95 -34.97 -50.35
CA LEU K 678 9.29 -35.52 -50.19
C LEU K 678 9.27 -36.83 -49.44
N CYS K 679 8.59 -36.86 -48.30
CA CYS K 679 8.45 -38.10 -47.53
C CYS K 679 7.84 -39.20 -48.40
N GLN K 680 6.70 -38.93 -49.03
CA GLN K 680 6.04 -39.94 -49.86
C GLN K 680 6.98 -40.47 -50.93
N PHE K 681 7.57 -39.57 -51.72
CA PHE K 681 8.46 -39.93 -52.81
C PHE K 681 9.63 -40.77 -52.33
N VAL K 682 10.37 -40.28 -51.33
CA VAL K 682 11.58 -40.97 -50.91
C VAL K 682 11.23 -42.35 -50.35
N ALA K 683 10.15 -42.44 -49.56
CA ALA K 683 9.76 -43.73 -49.00
C ALA K 683 9.33 -44.70 -50.08
N ASP K 684 8.60 -44.22 -51.09
CA ASP K 684 8.02 -45.11 -52.09
C ASP K 684 8.99 -45.49 -53.20
N ARG K 685 10.07 -44.74 -53.40
CA ARG K 685 10.88 -44.89 -54.60
C ARG K 685 12.35 -45.15 -54.32
N MET K 686 12.72 -45.40 -53.06
CA MET K 686 14.13 -45.53 -52.70
C MET K 686 14.25 -46.49 -51.54
N ARG K 687 15.32 -47.30 -51.56
CA ARG K 687 15.49 -48.39 -50.60
C ARG K 687 16.06 -47.86 -49.30
N LEU K 688 15.34 -48.08 -48.20
CA LEU K 688 15.79 -47.71 -46.86
C LEU K 688 15.65 -48.93 -45.94
N THR K 689 16.74 -49.28 -45.27
CA THR K 689 16.78 -50.51 -44.47
C THR K 689 16.42 -50.27 -43.00
N GLY K 690 15.34 -49.53 -42.74
CA GLY K 690 15.06 -49.10 -41.38
C GLY K 690 13.77 -49.60 -40.78
N LYS K 691 13.41 -49.07 -39.60
CA LYS K 691 12.14 -49.39 -38.95
C LYS K 691 11.01 -48.88 -39.81
N GLY K 692 10.24 -49.80 -40.40
CA GLY K 692 9.44 -49.56 -41.60
C GLY K 692 8.24 -48.63 -41.45
N LYS K 693 7.87 -48.20 -40.25
CA LYS K 693 6.65 -47.41 -40.10
C LYS K 693 6.78 -46.08 -40.86
N LYS K 694 7.85 -45.34 -40.61
CA LYS K 694 8.10 -44.10 -41.34
C LYS K 694 9.62 -43.98 -41.39
N ARG K 695 10.20 -44.39 -42.51
CA ARG K 695 11.65 -44.35 -42.65
C ARG K 695 12.12 -43.03 -43.23
N VAL K 696 11.19 -42.14 -43.53
CA VAL K 696 11.48 -40.76 -43.90
C VAL K 696 10.66 -39.88 -42.97
N PHE K 697 11.32 -38.90 -42.37
CA PHE K 697 10.70 -38.11 -41.30
C PHE K 697 11.09 -36.66 -41.48
N ALA K 698 10.08 -35.80 -41.63
CA ALA K 698 10.32 -34.36 -41.79
C ALA K 698 10.01 -33.70 -40.45
N SER K 699 10.98 -32.99 -39.91
CA SER K 699 10.93 -32.54 -38.54
C SER K 699 10.39 -31.12 -38.44
N ASN K 700 9.68 -30.87 -37.35
CA ASN K 700 9.27 -29.52 -37.00
C ASN K 700 10.49 -28.65 -36.71
N GLY K 701 10.58 -27.51 -37.40
CA GLY K 701 11.73 -26.65 -37.22
C GLY K 701 11.85 -26.12 -35.79
N GLN K 702 10.71 -25.82 -35.16
CA GLN K 702 10.75 -25.32 -33.79
C GLN K 702 11.30 -26.38 -32.84
N ILE K 703 10.96 -27.65 -33.08
CA ILE K 703 11.48 -28.72 -32.24
C ILE K 703 12.95 -28.96 -32.53
N THR K 704 13.35 -28.81 -33.80
CA THR K 704 14.77 -28.88 -34.11
C THR K 704 15.56 -27.81 -33.36
N ASN K 705 15.04 -26.59 -33.33
CA ASN K 705 15.72 -25.53 -32.57
C ASN K 705 15.69 -25.82 -31.07
N LEU K 706 14.59 -26.37 -30.56
CA LEU K 706 14.51 -26.73 -29.15
C LEU K 706 15.61 -27.73 -28.79
N LEU K 707 15.73 -28.81 -29.57
CA LEU K 707 16.76 -29.80 -29.34
C LEU K 707 18.15 -29.20 -29.52
N ARG K 708 18.32 -28.33 -30.51
CA ARG K 708 19.59 -27.66 -30.72
C ARG K 708 20.01 -26.88 -29.49
N GLY K 709 19.06 -26.16 -28.89
CA GLY K 709 19.36 -25.44 -27.66
C GLY K 709 19.71 -26.36 -26.51
N PHE K 710 18.92 -27.41 -26.31
CA PHE K 710 19.13 -28.27 -25.15
C PHE K 710 20.37 -29.16 -25.30
N TRP K 711 20.78 -29.44 -26.53
CA TRP K 711 21.92 -30.30 -26.81
C TRP K 711 23.24 -29.56 -26.83
N GLY K 712 23.22 -28.22 -26.77
CA GLY K 712 24.43 -27.45 -26.58
C GLY K 712 24.93 -26.66 -27.77
N LEU K 713 24.17 -26.57 -28.86
CA LEU K 713 24.62 -25.84 -30.05
C LEU K 713 23.89 -24.50 -30.11
N ARG K 714 24.58 -23.45 -29.67
CA ARG K 714 24.00 -22.10 -29.73
C ARG K 714 23.98 -21.60 -31.16
N LYS K 715 23.27 -20.49 -31.37
CA LYS K 715 23.33 -19.80 -32.66
C LYS K 715 24.74 -19.29 -32.89
N VAL K 716 25.41 -19.83 -33.91
CA VAL K 716 26.82 -19.51 -34.13
C VAL K 716 26.98 -18.02 -34.42
N ARG K 717 28.06 -17.44 -33.91
CA ARG K 717 28.31 -16.02 -34.13
C ARG K 717 28.79 -15.75 -35.55
N ALA K 718 29.52 -16.70 -36.14
CA ALA K 718 30.12 -16.49 -37.44
C ALA K 718 29.08 -16.51 -38.56
N GLU K 719 29.40 -15.83 -39.66
CA GLU K 719 28.58 -15.82 -40.87
C GLU K 719 29.28 -16.69 -41.92
N ASN K 720 28.80 -17.92 -42.08
CA ASN K 720 29.28 -18.79 -43.16
C ASN K 720 28.25 -19.87 -43.40
N ASP K 721 28.47 -20.64 -44.46
CA ASP K 721 27.50 -21.62 -44.92
C ASP K 721 27.56 -22.95 -44.19
N ARG K 722 28.41 -23.08 -43.18
CA ARG K 722 28.61 -24.38 -42.56
C ARG K 722 27.52 -24.71 -41.55
N HIS K 723 26.85 -23.69 -40.98
CA HIS K 723 25.85 -23.95 -39.95
C HIS K 723 24.71 -24.82 -40.47
N HIS K 724 24.54 -24.90 -41.79
CA HIS K 724 23.51 -25.77 -42.33
C HIS K 724 23.75 -27.22 -41.94
N ALA K 725 25.01 -27.65 -41.97
CA ALA K 725 25.34 -28.99 -41.51
C ALA K 725 24.91 -29.19 -40.06
N LEU K 726 25.05 -28.15 -39.22
CA LEU K 726 24.66 -28.24 -37.82
C LEU K 726 23.24 -28.74 -37.69
N ASP K 727 22.32 -28.04 -38.35
CA ASP K 727 20.92 -28.43 -38.32
C ASP K 727 20.77 -29.87 -38.76
N ALA K 728 21.46 -30.25 -39.85
CA ALA K 728 21.31 -31.60 -40.34
C ALA K 728 21.70 -32.61 -39.27
N VAL K 729 22.81 -32.34 -38.57
CA VAL K 729 23.26 -33.25 -37.53
C VAL K 729 22.16 -33.41 -36.49
N VAL K 730 21.56 -32.29 -36.08
CA VAL K 730 20.53 -32.37 -35.04
C VAL K 730 19.36 -33.20 -35.56
N VAL K 731 18.96 -32.97 -36.81
CA VAL K 731 17.82 -33.70 -37.35
C VAL K 731 18.14 -35.19 -37.39
N ALA K 732 19.41 -35.55 -37.62
CA ALA K 732 19.75 -36.96 -37.68
C ALA K 732 19.61 -37.65 -36.33
N CYS K 733 19.69 -36.89 -35.23
CA CYS K 733 19.63 -37.49 -33.90
C CYS K 733 18.23 -37.47 -33.30
N SER K 734 17.22 -37.03 -34.06
CA SER K 734 15.83 -37.08 -33.61
C SER K 734 15.25 -38.46 -33.93
N THR K 735 15.78 -39.45 -33.22
CA THR K 735 15.35 -40.82 -33.40
C THR K 735 14.26 -41.16 -32.38
N VAL K 736 13.57 -42.27 -32.62
CA VAL K 736 12.52 -42.69 -31.69
C VAL K 736 13.06 -42.89 -30.28
N ALA K 737 14.22 -43.54 -30.17
CA ALA K 737 14.79 -43.84 -28.85
C ALA K 737 15.22 -42.56 -28.13
N MET K 738 15.88 -41.67 -28.86
CA MET K 738 16.25 -40.38 -28.26
C MET K 738 15.00 -39.61 -27.85
N GLN K 739 13.97 -39.64 -28.69
CA GLN K 739 12.69 -39.02 -28.36
C GLN K 739 12.12 -39.60 -27.07
N GLN K 740 12.24 -40.91 -26.87
CA GLN K 740 11.70 -41.52 -25.66
C GLN K 740 12.51 -41.13 -24.43
N LYS K 741 13.82 -41.00 -24.58
CA LYS K 741 14.63 -40.48 -23.49
C LYS K 741 14.17 -39.08 -23.09
N ILE K 742 13.96 -38.21 -24.09
CA ILE K 742 13.48 -36.87 -23.80
C ILE K 742 12.12 -36.91 -23.11
N THR K 743 11.21 -37.73 -23.63
CA THR K 743 9.87 -37.85 -23.05
C THR K 743 9.93 -38.27 -21.59
N ARG K 744 10.70 -39.32 -21.29
CA ARG K 744 10.80 -39.82 -19.92
C ARG K 744 11.39 -38.76 -18.99
N PHE K 745 12.45 -38.10 -19.44
CA PHE K 745 13.06 -37.05 -18.64
C PHE K 745 12.07 -35.93 -18.34
N VAL K 746 11.33 -35.48 -19.36
CA VAL K 746 10.38 -34.40 -19.16
C VAL K 746 9.21 -34.84 -18.28
N ARG K 747 8.81 -36.11 -18.36
CA ARG K 747 7.78 -36.60 -17.45
C ARG K 747 8.25 -36.48 -16.01
N TYR K 748 9.47 -36.98 -15.73
CA TYR K 748 10.01 -36.87 -14.38
C TYR K 748 10.08 -35.41 -13.94
N LYS K 749 10.57 -34.53 -14.82
CA LYS K 749 10.69 -33.12 -14.46
C LYS K 749 9.32 -32.51 -14.14
N GLU K 750 8.28 -32.92 -14.88
CA GLU K 750 6.93 -32.46 -14.57
C GLU K 750 6.48 -32.93 -13.19
N MET K 751 6.76 -34.18 -12.85
CA MET K 751 6.33 -34.66 -11.53
C MET K 751 7.28 -34.25 -10.41
N ASN K 752 8.32 -33.46 -10.70
CA ASN K 752 9.28 -32.91 -9.73
C ASN K 752 10.20 -33.98 -9.15
N ALA K 753 10.10 -35.22 -9.59
CA ALA K 753 10.99 -36.28 -9.11
C ALA K 753 12.39 -36.09 -9.68
N HIS K 768 18.70 -40.69 -9.76
CA HIS K 768 17.68 -39.69 -9.50
C HIS K 768 18.26 -38.48 -8.74
N GLN K 769 18.52 -37.41 -9.47
CA GLN K 769 19.11 -36.18 -8.94
C GLN K 769 18.81 -35.06 -9.94
N LYS K 770 19.51 -33.92 -9.81
CA LYS K 770 19.49 -32.89 -10.85
C LYS K 770 20.38 -33.37 -11.99
N THR K 771 19.77 -33.80 -13.11
CA THR K 771 20.50 -34.62 -14.08
C THR K 771 20.47 -34.21 -15.55
N HIS K 772 20.05 -32.99 -15.89
CA HIS K 772 20.46 -32.38 -17.16
C HIS K 772 20.09 -33.14 -18.46
N PHE K 773 19.03 -32.68 -19.16
CA PHE K 773 18.46 -33.17 -20.43
C PHE K 773 19.30 -34.18 -21.20
N PRO K 774 18.68 -35.23 -21.75
CA PRO K 774 19.44 -36.26 -22.46
C PRO K 774 20.14 -35.72 -23.69
N GLN K 775 21.35 -36.23 -23.92
CA GLN K 775 22.17 -35.89 -25.08
C GLN K 775 22.39 -37.14 -25.93
N PRO K 776 22.62 -36.97 -27.24
CA PRO K 776 22.94 -38.15 -28.06
C PRO K 776 24.11 -38.94 -27.52
N TRP K 777 25.16 -38.23 -27.10
CA TRP K 777 26.29 -38.83 -26.42
C TRP K 777 27.01 -37.73 -25.66
N GLU K 778 27.82 -38.13 -24.69
CA GLU K 778 28.59 -37.17 -23.90
C GLU K 778 29.51 -36.37 -24.80
N PHE K 779 29.58 -35.06 -24.53
CA PHE K 779 30.39 -34.13 -25.33
C PHE K 779 29.92 -34.08 -26.78
N PHE K 780 28.60 -34.20 -26.98
CA PHE K 780 28.03 -34.10 -28.32
C PHE K 780 28.32 -32.73 -28.93
N ALA K 781 28.06 -31.68 -28.17
CA ALA K 781 28.24 -30.32 -28.66
C ALA K 781 29.67 -30.09 -29.15
N GLN K 782 30.66 -30.45 -28.34
CA GLN K 782 32.05 -30.19 -28.71
C GLN K 782 32.44 -30.95 -29.97
N GLU K 783 32.09 -32.23 -30.04
CA GLU K 783 32.41 -33.02 -31.23
C GLU K 783 31.80 -32.39 -32.47
N VAL K 784 30.51 -32.04 -32.40
CA VAL K 784 29.83 -31.51 -33.57
C VAL K 784 30.43 -30.17 -33.98
N MET K 785 30.69 -29.29 -33.01
CA MET K 785 31.29 -27.99 -33.33
C MET K 785 32.65 -28.15 -34.00
N ILE K 786 33.50 -29.04 -33.47
CA ILE K 786 34.83 -29.21 -34.06
C ILE K 786 34.72 -29.82 -35.44
N ARG K 787 33.82 -30.79 -35.62
CA ARG K 787 33.69 -31.46 -36.91
C ARG K 787 33.17 -30.50 -37.98
N VAL K 788 32.26 -29.60 -37.62
CA VAL K 788 31.67 -28.71 -38.61
C VAL K 788 32.58 -27.53 -38.89
N PHE K 789 33.15 -26.91 -37.85
CA PHE K 789 33.85 -25.64 -37.99
C PHE K 789 35.37 -25.76 -37.90
N GLY K 790 35.91 -26.90 -37.45
CA GLY K 790 37.35 -27.06 -37.34
C GLY K 790 37.99 -26.32 -36.19
N LYS K 791 37.20 -25.79 -35.28
CA LYS K 791 37.66 -25.04 -34.11
C LYS K 791 36.95 -25.56 -32.87
N PRO K 792 37.55 -25.38 -31.70
CA PRO K 792 36.85 -25.76 -30.47
C PRO K 792 35.59 -24.94 -30.27
N ASP K 793 34.72 -25.46 -29.43
CA ASP K 793 33.44 -24.80 -29.17
C ASP K 793 33.71 -23.47 -28.46
N GLY K 794 33.27 -22.37 -29.07
CA GLY K 794 33.42 -21.05 -28.48
C GLY K 794 34.60 -20.23 -28.94
N LYS K 795 35.64 -20.84 -29.50
CA LYS K 795 36.74 -20.00 -29.97
C LYS K 795 36.64 -19.86 -31.48
N PRO K 796 36.17 -18.73 -32.01
CA PRO K 796 36.15 -18.55 -33.46
C PRO K 796 37.38 -17.83 -33.97
N GLU K 797 38.26 -17.41 -33.07
CA GLU K 797 39.54 -16.84 -33.45
C GLU K 797 40.61 -17.91 -33.51
N PHE K 798 40.24 -19.14 -33.15
CA PHE K 798 41.13 -20.28 -33.29
C PHE K 798 41.40 -20.54 -34.77
N GLU K 799 42.62 -20.96 -35.08
CA GLU K 799 42.97 -21.28 -36.44
C GLU K 799 42.35 -22.62 -36.83
N GLU K 800 41.63 -22.65 -37.94
CA GLU K 800 40.89 -23.85 -38.31
C GLU K 800 41.83 -25.02 -38.58
N ALA K 801 41.39 -26.22 -38.19
CA ALA K 801 42.09 -27.45 -38.52
C ALA K 801 41.83 -27.75 -39.99
N ASP K 802 42.55 -27.02 -40.85
CA ASP K 802 42.31 -27.08 -42.28
C ASP K 802 42.47 -28.46 -42.88
N THR K 803 43.22 -29.35 -42.22
CA THR K 803 43.62 -30.63 -42.82
C THR K 803 43.10 -31.81 -42.01
N LEU K 804 43.09 -32.97 -42.67
CA LEU K 804 42.65 -34.21 -42.04
C LEU K 804 43.41 -34.46 -40.74
N GLU K 805 44.74 -34.47 -40.80
CA GLU K 805 45.55 -34.83 -39.65
C GLU K 805 45.37 -33.84 -38.51
N LYS K 806 45.32 -32.54 -38.84
CA LYS K 806 45.11 -31.54 -37.81
C LYS K 806 43.74 -31.69 -37.16
N LEU K 807 42.71 -31.96 -37.95
CA LEU K 807 41.38 -32.18 -37.39
C LEU K 807 41.35 -33.39 -36.45
N ARG K 808 41.97 -34.49 -36.87
CA ARG K 808 41.98 -35.69 -36.04
C ARG K 808 42.75 -35.45 -34.74
N THR K 809 43.90 -34.77 -34.83
CA THR K 809 44.63 -34.41 -33.62
C THR K 809 43.77 -33.52 -32.72
N LEU K 810 43.03 -32.59 -33.31
CA LEU K 810 42.21 -31.68 -32.51
C LEU K 810 41.12 -32.46 -31.77
N LEU K 811 40.47 -33.40 -32.45
CA LEU K 811 39.44 -34.19 -31.79
C LEU K 811 40.04 -35.11 -30.72
N ALA K 812 41.24 -35.64 -30.97
CA ALA K 812 41.88 -36.49 -29.96
C ALA K 812 42.24 -35.70 -28.72
N GLU K 813 42.78 -34.49 -28.90
CA GLU K 813 43.16 -33.66 -27.77
C GLU K 813 41.93 -33.17 -27.00
N LYS K 814 40.95 -32.60 -27.71
CA LYS K 814 39.82 -31.98 -27.04
C LYS K 814 38.78 -32.98 -26.56
N LEU K 815 38.71 -34.17 -27.14
CA LEU K 815 37.76 -35.18 -26.70
C LEU K 815 38.52 -36.48 -26.47
N SER K 816 39.37 -36.48 -25.44
CA SER K 816 40.12 -37.68 -25.10
C SER K 816 39.21 -38.77 -24.55
N SER K 817 38.14 -38.38 -23.84
CA SER K 817 37.23 -39.36 -23.28
C SER K 817 36.51 -40.16 -24.36
N ARG K 818 36.19 -39.52 -25.49
CA ARG K 818 35.43 -40.16 -26.56
C ARG K 818 36.36 -40.68 -27.65
N PRO K 819 36.70 -41.98 -27.66
CA PRO K 819 37.56 -42.50 -28.73
C PRO K 819 36.85 -42.62 -30.07
N GLU K 820 35.52 -42.70 -30.07
CA GLU K 820 34.77 -42.82 -31.31
C GLU K 820 34.63 -41.49 -32.04
N ALA K 821 35.21 -40.41 -31.52
CA ALA K 821 35.21 -39.14 -32.23
C ALA K 821 36.14 -39.17 -33.43
N VAL K 822 37.18 -40.01 -33.39
CA VAL K 822 38.15 -40.14 -34.47
C VAL K 822 37.93 -41.48 -35.16
N HIS K 823 37.82 -41.45 -36.49
CA HIS K 823 37.68 -42.67 -37.29
C HIS K 823 38.07 -42.34 -38.74
N GLU K 824 37.95 -43.35 -39.60
CA GLU K 824 38.52 -43.25 -40.94
C GLU K 824 37.74 -42.31 -41.85
N TYR K 825 36.55 -41.87 -41.46
CA TYR K 825 35.74 -41.00 -42.29
C TYR K 825 35.84 -39.53 -41.88
N VAL K 826 36.63 -39.22 -40.86
CA VAL K 826 36.72 -37.85 -40.34
C VAL K 826 37.60 -37.04 -41.29
N THR K 827 37.01 -36.06 -41.97
CA THR K 827 37.69 -35.12 -42.84
C THR K 827 37.09 -33.75 -42.61
N PRO K 828 37.86 -32.68 -42.82
CA PRO K 828 37.33 -31.33 -42.62
C PRO K 828 36.16 -31.04 -43.56
N LEU K 829 35.22 -30.22 -43.08
CA LEU K 829 34.07 -29.81 -43.90
C LEU K 829 34.54 -28.83 -44.98
N PHE K 830 34.43 -29.24 -46.24
CA PHE K 830 34.65 -28.34 -47.35
C PHE K 830 33.34 -28.20 -48.11
N VAL K 831 32.88 -26.96 -48.28
CA VAL K 831 31.57 -26.72 -48.86
C VAL K 831 31.62 -27.00 -50.35
N SER K 832 30.76 -27.91 -50.81
CA SER K 832 30.64 -28.25 -52.22
C SER K 832 29.69 -27.26 -52.90
N ARG K 833 30.13 -26.66 -54.00
CA ARG K 833 29.37 -25.67 -54.74
C ARG K 833 28.96 -26.23 -56.09
N ALA K 834 27.67 -26.17 -56.38
CA ALA K 834 27.14 -26.66 -57.63
C ALA K 834 27.81 -25.98 -58.81
N PRO K 835 28.49 -26.72 -59.67
CA PRO K 835 29.13 -26.10 -60.85
C PRO K 835 28.09 -25.56 -61.83
N ASN K 836 28.56 -24.64 -62.67
CA ASN K 836 27.75 -24.00 -63.70
C ASN K 836 28.65 -23.82 -64.92
N ARG K 837 28.67 -24.82 -65.80
CA ARG K 837 29.54 -24.83 -66.96
C ARG K 837 28.75 -24.71 -68.26
N LYS K 838 27.57 -24.12 -68.18
CA LYS K 838 26.73 -23.89 -69.35
C LYS K 838 27.42 -22.93 -70.32
N MET K 839 27.36 -23.26 -71.61
CA MET K 839 28.04 -22.48 -72.63
C MET K 839 27.14 -21.42 -73.25
N SER K 840 25.88 -21.39 -72.86
CA SER K 840 24.91 -20.44 -73.39
C SER K 840 24.58 -19.38 -72.36
N GLY K 841 24.26 -18.19 -72.83
CA GLY K 841 23.84 -17.14 -71.94
C GLY K 841 23.41 -15.91 -72.71
N GLN K 842 23.11 -14.85 -71.97
CA GLN K 842 22.79 -13.58 -72.59
C GLN K 842 23.95 -13.14 -73.47
N GLY K 843 23.62 -12.73 -74.70
CA GLY K 843 24.67 -12.35 -75.64
C GLY K 843 25.32 -11.03 -75.27
N HIS K 844 24.51 -10.07 -74.85
CA HIS K 844 24.97 -8.70 -74.62
C HIS K 844 23.89 -7.97 -73.84
N MET K 845 24.24 -6.78 -73.35
CA MET K 845 23.27 -5.96 -72.65
C MET K 845 22.27 -5.37 -73.65
N GLU K 846 21.07 -5.08 -73.17
CA GLU K 846 19.97 -4.74 -74.06
C GLU K 846 19.97 -3.28 -74.52
N THR K 847 20.72 -2.40 -73.89
CA THR K 847 20.81 -1.04 -74.38
C THR K 847 21.85 -0.98 -75.50
N VAL K 848 21.46 -0.40 -76.63
CA VAL K 848 22.33 -0.30 -77.80
C VAL K 848 22.89 1.11 -77.85
N LYS K 849 24.19 1.23 -78.07
CA LYS K 849 24.86 2.52 -78.08
C LYS K 849 25.48 2.80 -79.45
N SER K 850 25.53 4.07 -79.81
CA SER K 850 26.14 4.50 -81.07
C SER K 850 27.61 4.08 -81.12
N ALA K 851 27.98 3.43 -82.22
CA ALA K 851 29.36 2.98 -82.41
C ALA K 851 30.06 3.73 -83.53
N LYS K 852 29.54 4.91 -83.90
CA LYS K 852 30.18 5.71 -84.93
C LYS K 852 31.56 6.18 -84.49
N ARG K 853 31.68 6.61 -83.24
CA ARG K 853 32.90 7.20 -82.72
C ARG K 853 33.75 6.19 -81.96
N LEU K 854 33.65 4.91 -82.35
CA LEU K 854 34.33 3.85 -81.60
C LEU K 854 35.84 3.82 -81.83
N ASP K 855 36.33 4.52 -82.87
CA ASP K 855 37.77 4.64 -83.07
C ASP K 855 38.44 5.16 -81.80
N GLU K 856 37.97 6.31 -81.31
CA GLU K 856 38.22 6.71 -79.94
C GLU K 856 37.31 5.92 -79.02
N GLY K 857 37.78 5.67 -77.80
CA GLY K 857 37.04 4.75 -76.95
C GLY K 857 35.75 5.32 -76.37
N VAL K 858 34.75 5.59 -77.21
CA VAL K 858 33.51 6.21 -76.76
C VAL K 858 32.31 5.60 -77.48
N SER K 859 31.19 5.55 -76.76
CA SER K 859 29.87 5.28 -77.30
C SER K 859 28.97 6.46 -76.94
N VAL K 860 27.91 6.65 -77.71
CA VAL K 860 26.97 7.74 -77.47
C VAL K 860 25.58 7.18 -77.22
N LEU K 861 25.03 7.45 -76.04
CA LEU K 861 23.66 7.04 -75.73
C LEU K 861 22.80 8.27 -75.50
N ARG K 862 21.55 8.23 -75.93
CA ARG K 862 20.67 9.37 -75.84
C ARG K 862 19.80 9.20 -74.60
N VAL K 863 19.88 10.16 -73.70
CA VAL K 863 19.45 10.02 -72.30
C VAL K 863 18.26 10.95 -72.07
N PRO K 864 17.18 10.50 -71.44
CA PRO K 864 16.08 11.40 -71.10
C PRO K 864 16.51 12.42 -70.04
N LEU K 865 15.96 13.64 -70.15
CA LEU K 865 16.25 14.67 -69.16
C LEU K 865 15.84 14.23 -67.76
N THR K 866 14.74 13.49 -67.64
CA THR K 866 14.30 13.04 -66.33
C THR K 866 15.27 12.05 -65.68
N GLN K 867 16.36 11.70 -66.36
CA GLN K 867 17.39 10.84 -65.82
C GLN K 867 18.77 11.51 -65.83
N LEU K 868 18.88 12.72 -66.36
CA LEU K 868 20.17 13.38 -66.51
C LEU K 868 20.66 14.00 -65.21
N LYS K 869 21.94 13.82 -64.92
CA LYS K 869 22.58 14.32 -63.71
C LYS K 869 23.79 15.17 -64.11
N LEU K 870 24.32 15.92 -63.13
CA LEU K 870 25.52 16.70 -63.37
C LEU K 870 26.65 15.85 -63.94
N LYS K 871 26.91 14.70 -63.30
CA LYS K 871 27.97 13.81 -63.78
C LYS K 871 27.75 13.42 -65.24
N ASP K 872 26.50 13.13 -65.60
CA ASP K 872 26.20 12.82 -67.00
C ASP K 872 26.25 14.06 -67.86
N LEU K 873 25.76 15.19 -67.34
CA LEU K 873 25.76 16.43 -68.11
C LEU K 873 27.16 16.82 -68.54
N GLU K 874 28.15 16.60 -67.67
CA GLU K 874 29.54 16.88 -68.02
C GLU K 874 29.99 16.12 -69.26
N LYS K 875 29.33 15.00 -69.59
CA LYS K 875 29.73 14.17 -70.72
C LYS K 875 28.81 14.33 -71.92
N MET K 876 27.99 15.38 -71.96
CA MET K 876 27.17 15.65 -73.13
C MET K 876 28.05 15.97 -74.34
N VAL K 877 27.67 15.43 -75.50
CA VAL K 877 28.44 15.65 -76.72
C VAL K 877 28.49 17.14 -77.06
N ASN K 878 27.37 17.83 -76.88
CA ASN K 878 27.21 19.21 -77.31
C ASN K 878 27.46 20.21 -76.17
N ARG K 879 28.14 19.77 -75.10
CA ARG K 879 28.56 20.71 -74.07
C ARG K 879 29.32 21.88 -74.67
N GLU K 880 30.30 21.58 -75.52
CA GLU K 880 31.12 22.62 -76.13
C GLU K 880 30.34 23.39 -77.19
N ARG K 881 29.50 22.72 -77.95
CA ARG K 881 28.81 23.38 -79.06
C ARG K 881 27.75 24.35 -78.57
N GLU K 882 26.83 23.89 -77.73
CA GLU K 882 25.72 24.73 -77.33
C GLU K 882 25.90 25.13 -75.87
N PRO K 883 26.72 26.15 -75.59
CA PRO K 883 27.03 26.46 -74.19
C PRO K 883 25.84 27.04 -73.44
N LYS K 884 24.96 27.77 -74.12
CA LYS K 884 23.75 28.24 -73.46
C LYS K 884 22.91 27.08 -72.97
N LEU K 885 22.74 26.06 -73.82
CA LEU K 885 21.98 24.87 -73.43
C LEU K 885 22.62 24.17 -72.24
N TYR K 886 23.94 23.98 -72.30
CA TYR K 886 24.67 23.33 -71.23
C TYR K 886 24.51 24.09 -69.92
N GLU K 887 24.70 25.41 -69.96
CA GLU K 887 24.59 26.22 -68.76
C GLU K 887 23.16 26.25 -68.22
N ALA K 888 22.17 26.33 -69.10
CA ALA K 888 20.78 26.33 -68.66
C ALA K 888 20.41 25.02 -67.97
N LEU K 889 20.83 23.90 -68.55
CA LEU K 889 20.56 22.60 -67.92
C LEU K 889 21.27 22.48 -66.57
N LYS K 890 22.54 22.91 -66.51
CA LYS K 890 23.27 22.89 -65.25
C LYS K 890 22.59 23.75 -64.19
N ALA K 891 22.13 24.95 -64.57
CA ALA K 891 21.46 25.83 -63.63
C ALA K 891 20.14 25.22 -63.16
N ARG K 892 19.43 24.55 -64.08
CA ARG K 892 18.16 23.94 -63.71
C ARG K 892 18.39 22.81 -62.72
N LEU K 893 19.47 22.07 -62.90
CA LEU K 893 19.79 20.99 -61.96
C LEU K 893 20.25 21.55 -60.61
N GLU K 894 21.08 22.60 -60.62
CA GLU K 894 21.49 23.23 -59.37
C GLU K 894 20.30 23.77 -58.59
N ALA K 895 19.31 24.31 -59.30
CA ALA K 895 18.15 24.88 -58.60
C ALA K 895 17.40 23.84 -57.79
N HIS K 896 17.32 22.60 -58.28
CA HIS K 896 16.53 21.55 -57.63
C HIS K 896 17.39 20.51 -56.93
N LYS K 897 18.56 20.93 -56.41
CA LYS K 897 19.45 20.06 -55.65
C LYS K 897 19.81 18.80 -56.42
N ASP K 898 19.94 18.94 -57.74
CA ASP K 898 20.43 17.86 -58.61
C ASP K 898 19.52 16.63 -58.58
N ASP K 899 18.21 16.88 -58.62
CA ASP K 899 17.23 15.80 -58.78
C ASP K 899 16.62 15.89 -60.18
N PRO K 900 16.96 14.97 -61.09
CA PRO K 900 16.45 15.08 -62.46
C PRO K 900 14.95 15.05 -62.56
N ALA K 901 14.30 14.24 -61.72
CA ALA K 901 12.84 14.11 -61.76
C ALA K 901 12.13 15.41 -61.39
N LYS K 902 12.78 16.28 -60.63
CA LYS K 902 12.18 17.54 -60.21
C LYS K 902 12.64 18.73 -61.04
N ALA K 903 13.92 18.78 -61.41
CA ALA K 903 14.44 19.89 -62.19
C ALA K 903 13.77 19.97 -63.56
N PHE K 904 13.49 18.82 -64.15
CA PHE K 904 12.96 18.77 -65.51
C PHE K 904 11.52 18.30 -65.55
N ALA K 905 10.80 18.44 -64.43
CA ALA K 905 9.35 18.18 -64.45
C ALA K 905 8.65 19.14 -65.39
N GLU K 906 8.94 20.44 -65.27
CA GLU K 906 8.48 21.39 -66.27
C GLU K 906 9.21 21.14 -67.58
N PRO K 907 8.52 21.29 -68.72
CA PRO K 907 9.20 21.09 -70.01
C PRO K 907 10.38 22.03 -70.16
N PHE K 908 11.39 21.57 -70.88
CA PHE K 908 12.62 22.31 -71.08
C PHE K 908 12.75 22.65 -72.56
N TYR K 909 13.13 23.90 -72.84
CA TYR K 909 13.17 24.38 -74.20
C TYR K 909 14.50 25.08 -74.50
N LYS K 910 14.96 24.88 -75.73
CA LYS K 910 16.12 25.58 -76.25
C LYS K 910 15.71 26.98 -76.72
N TYR K 911 16.51 27.97 -76.35
CA TYR K 911 16.22 29.36 -76.66
C TYR K 911 17.08 29.87 -77.80
N ASP K 912 16.54 30.88 -78.50
CA ASP K 912 17.14 31.47 -79.69
C ASP K 912 18.04 32.63 -79.30
N LYS K 913 18.82 33.11 -80.28
CA LYS K 913 19.67 34.28 -80.08
C LYS K 913 18.91 35.36 -79.33
N ALA K 914 17.78 35.82 -79.87
CA ALA K 914 16.85 36.62 -79.10
C ALA K 914 16.01 35.71 -78.20
N GLY K 915 15.74 36.17 -76.99
CA GLY K 915 15.25 35.25 -75.96
C GLY K 915 13.85 34.75 -76.21
N ASN K 916 13.72 34.01 -77.30
CA ASN K 916 12.47 33.37 -77.69
C ASN K 916 12.68 31.87 -77.71
N ARG K 917 11.79 31.16 -77.02
CA ARG K 917 11.83 29.71 -76.93
C ARG K 917 11.35 29.07 -78.22
N THR K 918 12.14 28.14 -78.75
CA THR K 918 11.84 27.49 -80.02
C THR K 918 11.42 26.03 -79.85
N GLN K 919 12.30 25.16 -79.37
CA GLN K 919 12.04 23.71 -79.38
C GLN K 919 12.17 23.09 -78.00
N GLN K 920 11.50 21.97 -77.81
CA GLN K 920 11.60 21.22 -76.56
C GLN K 920 12.79 20.27 -76.62
N VAL K 921 13.33 19.96 -75.44
CA VAL K 921 14.38 18.97 -75.29
C VAL K 921 13.88 17.92 -74.32
N LYS K 922 13.95 16.66 -74.73
CA LYS K 922 13.52 15.55 -73.90
C LYS K 922 14.59 14.47 -73.74
N ALA K 923 15.61 14.47 -74.60
CA ALA K 923 16.71 13.54 -74.51
C ALA K 923 17.92 14.16 -75.18
N VAL K 924 19.09 13.92 -74.63
CA VAL K 924 20.34 14.48 -75.16
C VAL K 924 21.36 13.37 -75.32
N ARG K 925 22.19 13.51 -76.36
CA ARG K 925 23.25 12.53 -76.59
C ARG K 925 24.36 12.73 -75.55
N VAL K 926 24.74 11.65 -74.87
CA VAL K 926 25.75 11.66 -73.83
C VAL K 926 26.87 10.71 -74.22
N GLU K 927 28.11 11.13 -73.95
CA GLU K 927 29.29 10.31 -74.20
C GLU K 927 29.54 9.34 -73.06
N GLN K 928 29.99 8.14 -73.41
CA GLN K 928 30.31 7.12 -72.43
C GLN K 928 31.57 6.40 -72.86
N VAL K 929 32.33 5.89 -71.89
CA VAL K 929 33.52 5.12 -72.24
C VAL K 929 33.11 3.77 -72.80
N GLN K 930 33.79 3.35 -73.87
CA GLN K 930 33.49 2.04 -74.47
C GLN K 930 34.79 1.48 -75.04
N LYS K 931 35.49 0.71 -74.21
CA LYS K 931 36.72 0.06 -74.67
C LYS K 931 36.44 -1.18 -75.51
N THR K 932 35.33 -1.87 -75.26
CA THR K 932 35.01 -3.11 -75.96
C THR K 932 33.48 -3.22 -76.02
N GLY K 933 33.01 -4.25 -76.71
CA GLY K 933 31.58 -4.49 -76.78
C GLY K 933 31.25 -5.53 -77.83
N VAL K 934 29.97 -5.58 -78.18
CA VAL K 934 29.40 -6.56 -79.10
C VAL K 934 28.63 -5.82 -80.18
N TRP K 935 28.94 -6.12 -81.44
CA TRP K 935 28.22 -5.51 -82.55
C TRP K 935 26.83 -6.10 -82.68
N VAL K 936 25.85 -5.23 -82.90
CA VAL K 936 24.45 -5.63 -82.97
C VAL K 936 23.75 -4.78 -84.03
N ARG K 937 22.53 -5.20 -84.37
CA ARG K 937 21.61 -4.45 -85.23
C ARG K 937 22.23 -4.21 -86.60
N ASN K 938 22.54 -5.32 -87.29
CA ASN K 938 23.14 -5.30 -88.61
C ASN K 938 24.46 -4.54 -88.59
N HIS K 939 25.21 -4.70 -87.49
CA HIS K 939 26.54 -4.13 -87.32
C HIS K 939 26.50 -2.60 -87.31
N ASN K 940 25.40 -2.02 -86.82
CA ASN K 940 25.25 -0.58 -86.71
C ASN K 940 25.07 -0.10 -85.28
N GLY K 941 25.12 -1.00 -84.30
CA GLY K 941 25.10 -0.60 -82.90
C GLY K 941 26.07 -1.47 -82.11
N ILE K 942 26.33 -1.06 -80.87
CA ILE K 942 27.23 -1.80 -79.99
C ILE K 942 26.63 -1.84 -78.59
N ALA K 943 26.79 -2.99 -77.93
CA ALA K 943 26.30 -3.17 -76.57
C ALA K 943 27.38 -3.78 -75.70
N ASP K 944 27.24 -3.65 -74.38
CA ASP K 944 28.19 -4.21 -73.45
C ASP K 944 28.04 -5.73 -73.37
N ASN K 945 29.10 -6.40 -72.92
CA ASN K 945 29.02 -7.84 -72.72
C ASN K 945 28.08 -8.18 -71.57
N ALA K 946 27.58 -9.41 -71.60
CA ALA K 946 26.65 -9.88 -70.57
C ALA K 946 27.18 -11.08 -69.81
N THR K 947 27.67 -12.10 -70.51
CA THR K 947 28.09 -13.33 -69.84
C THR K 947 29.43 -13.80 -70.40
N MET K 948 30.41 -13.89 -69.52
CA MET K 948 31.68 -14.53 -69.84
C MET K 948 31.55 -16.02 -69.53
N VAL K 949 31.52 -16.84 -70.57
CA VAL K 949 31.26 -18.27 -70.36
C VAL K 949 32.53 -19.02 -70.01
N ARG K 950 33.70 -18.57 -70.46
CA ARG K 950 34.91 -19.35 -70.25
C ARG K 950 36.12 -18.44 -70.12
N VAL K 951 37.15 -18.96 -69.46
CA VAL K 951 38.48 -18.34 -69.48
C VAL K 951 39.50 -19.44 -69.73
N ASP K 952 40.18 -19.37 -70.87
CA ASP K 952 41.22 -20.34 -71.19
C ASP K 952 42.54 -19.90 -70.57
N VAL K 953 43.21 -20.81 -69.88
CA VAL K 953 44.42 -20.52 -69.11
C VAL K 953 45.59 -21.21 -69.79
N PHE K 954 46.58 -20.40 -70.19
CA PHE K 954 47.80 -20.79 -70.87
C PHE K 954 49.02 -20.44 -70.02
N GLU K 955 50.15 -21.10 -70.31
CA GLU K 955 51.41 -20.78 -69.65
C GLU K 955 52.51 -20.60 -70.69
N LYS K 956 53.28 -19.51 -70.56
CA LYS K 956 54.51 -19.33 -71.32
C LYS K 956 55.63 -18.92 -70.37
N GLY K 957 56.81 -19.49 -70.59
CA GLY K 957 57.85 -19.37 -69.59
C GLY K 957 57.33 -20.00 -68.31
N ASP K 958 57.30 -19.21 -67.25
CA ASP K 958 56.69 -19.61 -65.99
C ASP K 958 55.61 -18.61 -65.59
N LYS K 959 54.90 -18.06 -66.59
CA LYS K 959 53.89 -17.04 -66.37
C LYS K 959 52.60 -17.42 -67.06
N TYR K 960 51.48 -17.07 -66.43
CA TYR K 960 50.15 -17.51 -66.87
C TYR K 960 49.41 -16.40 -67.58
N TYR K 961 48.61 -16.79 -68.59
CA TYR K 961 47.85 -15.87 -69.43
C TYR K 961 46.41 -16.34 -69.54
N LEU K 962 45.48 -15.37 -69.53
CA LEU K 962 44.06 -15.63 -69.48
C LEU K 962 43.38 -15.12 -70.75
N VAL K 963 42.57 -15.96 -71.37
CA VAL K 963 41.83 -15.59 -72.58
C VAL K 963 40.33 -15.69 -72.30
N PRO K 964 39.61 -14.57 -72.25
CA PRO K 964 38.18 -14.64 -71.99
C PRO K 964 37.39 -15.04 -73.22
N ILE K 965 36.31 -15.78 -72.98
CA ILE K 965 35.37 -16.21 -74.01
C ILE K 965 33.98 -15.86 -73.53
N TYR K 966 33.29 -15.02 -74.29
CA TYR K 966 31.92 -14.59 -74.03
C TYR K 966 30.94 -15.45 -74.84
N SER K 967 29.66 -15.30 -74.52
CA SER K 967 28.65 -16.16 -75.14
C SER K 967 28.49 -15.87 -76.62
N TRP K 968 28.56 -14.60 -77.01
CA TRP K 968 28.41 -14.25 -78.41
C TRP K 968 29.55 -14.82 -79.25
N GLN K 969 30.74 -14.89 -78.68
CA GLN K 969 31.85 -15.56 -79.35
C GLN K 969 31.54 -17.03 -79.58
N VAL K 970 30.87 -17.67 -78.62
CA VAL K 970 30.46 -19.05 -78.81
C VAL K 970 29.41 -19.16 -79.91
N ALA K 971 28.47 -18.21 -79.95
CA ALA K 971 27.42 -18.24 -80.96
C ALA K 971 28.00 -18.07 -82.36
N LYS K 972 28.91 -17.10 -82.53
CA LYS K 972 29.54 -16.88 -83.82
C LYS K 972 30.58 -17.94 -84.16
N GLY K 973 30.97 -18.76 -83.19
CA GLY K 973 31.90 -19.85 -83.47
C GLY K 973 33.36 -19.46 -83.49
N ILE K 974 33.72 -18.35 -82.85
CA ILE K 974 35.10 -17.86 -82.88
C ILE K 974 35.80 -18.29 -81.61
N LEU K 975 37.04 -18.79 -81.78
CA LEU K 975 37.87 -19.21 -80.66
C LEU K 975 38.93 -18.14 -80.46
N PRO K 976 38.83 -17.31 -79.42
CA PRO K 976 39.74 -16.16 -79.29
C PRO K 976 41.19 -16.59 -79.17
N ASP K 977 42.09 -15.70 -79.58
CA ASP K 977 43.53 -15.96 -79.55
C ASP K 977 44.31 -14.86 -78.84
N ARG K 978 43.64 -13.95 -78.14
CA ARG K 978 44.31 -12.84 -77.47
C ARG K 978 44.08 -12.92 -75.96
N ALA K 979 45.17 -12.85 -75.20
CA ALA K 979 45.12 -12.89 -73.75
C ALA K 979 45.24 -11.49 -73.18
N VAL K 980 44.87 -11.35 -71.91
CA VAL K 980 44.70 -10.04 -71.29
C VAL K 980 46.04 -9.44 -70.91
N VAL K 981 46.20 -8.14 -71.19
CA VAL K 981 47.27 -7.31 -70.65
C VAL K 981 46.61 -6.11 -69.98
N GLN K 982 47.08 -5.76 -68.79
CA GLN K 982 46.33 -4.86 -67.92
C GLN K 982 46.13 -3.47 -68.55
N GLY K 983 47.25 -2.78 -68.86
CA GLY K 983 47.14 -1.42 -69.33
C GLY K 983 46.57 -1.26 -70.73
N LYS K 984 46.61 -2.32 -71.54
CA LYS K 984 46.31 -2.18 -72.96
C LYS K 984 44.84 -2.44 -73.26
N ASP K 985 44.43 -2.05 -74.46
CA ASP K 985 43.17 -2.46 -75.06
C ASP K 985 43.36 -3.78 -75.80
N GLU K 986 42.24 -4.35 -76.26
CA GLU K 986 42.29 -5.71 -76.80
C GLU K 986 43.18 -5.82 -78.03
N GLU K 987 43.27 -4.75 -78.83
CA GLU K 987 44.08 -4.81 -80.04
C GLU K 987 45.56 -4.93 -79.69
N ASP K 988 45.97 -4.39 -78.54
CA ASP K 988 47.33 -4.49 -78.04
C ASP K 988 47.53 -5.67 -77.10
N TRP K 989 46.62 -6.65 -77.10
CA TRP K 989 46.71 -7.77 -76.18
C TRP K 989 47.69 -8.83 -76.70
N GLN K 990 48.10 -9.71 -75.79
CA GLN K 990 49.05 -10.76 -76.12
C GLN K 990 48.40 -11.79 -77.04
N LEU K 991 49.02 -12.03 -78.19
CA LEU K 991 48.53 -13.04 -79.11
C LEU K 991 49.02 -14.42 -78.69
N ILE K 992 48.17 -15.43 -78.91
CA ILE K 992 48.46 -16.80 -78.50
C ILE K 992 48.72 -17.64 -79.74
N ASP K 993 49.80 -18.42 -79.71
CA ASP K 993 50.18 -19.29 -80.81
C ASP K 993 50.74 -20.58 -80.22
N ASP K 994 51.42 -21.37 -81.04
CA ASP K 994 51.96 -22.65 -80.60
C ASP K 994 53.09 -22.51 -79.59
N SER K 995 53.60 -21.31 -79.37
CA SER K 995 54.63 -21.09 -78.36
C SER K 995 54.06 -21.03 -76.94
N PHE K 996 52.77 -21.31 -76.79
CA PHE K 996 52.09 -21.21 -75.51
C PHE K 996 51.55 -22.59 -75.14
N ASN K 997 51.85 -23.05 -73.92
CA ASN K 997 51.19 -24.23 -73.40
C ASN K 997 49.77 -23.88 -73.00
N PHE K 998 48.85 -24.80 -73.24
CA PHE K 998 47.47 -24.63 -72.79
C PHE K 998 47.29 -25.45 -71.53
N LYS K 999 46.77 -24.80 -70.49
CA LYS K 999 46.64 -25.45 -69.19
C LYS K 999 45.23 -25.95 -68.94
N PHE K 1000 44.23 -25.07 -69.00
CA PHE K 1000 42.87 -25.54 -68.75
C PHE K 1000 41.86 -24.47 -69.13
N SER K 1001 40.58 -24.76 -68.85
CA SER K 1001 39.49 -23.84 -69.09
C SER K 1001 38.68 -23.68 -67.82
N LEU K 1002 38.42 -22.43 -67.42
CA LEU K 1002 37.65 -22.12 -66.23
C LEU K 1002 36.25 -21.68 -66.60
N HIS K 1003 35.26 -22.27 -65.95
CA HIS K 1003 33.88 -21.81 -65.91
C HIS K 1003 33.59 -21.22 -64.53
N PRO K 1004 32.53 -20.44 -64.40
CA PRO K 1004 32.11 -19.99 -63.07
C PRO K 1004 31.93 -21.17 -62.11
N ASN K 1005 32.35 -20.96 -60.86
CA ASN K 1005 32.28 -21.98 -59.80
C ASN K 1005 33.13 -23.21 -60.12
N ASP K 1006 34.27 -23.00 -60.78
CA ASP K 1006 35.29 -24.05 -60.89
C ASP K 1006 36.28 -23.91 -59.74
N LEU K 1007 36.65 -25.04 -59.14
CA LEU K 1007 37.57 -25.01 -58.02
C LEU K 1007 38.98 -24.74 -58.53
N VAL K 1008 39.66 -23.73 -57.97
CA VAL K 1008 40.99 -23.35 -58.42
C VAL K 1008 41.91 -23.17 -57.23
N GLU K 1009 43.21 -23.36 -57.50
CA GLU K 1009 44.29 -23.13 -56.55
C GLU K 1009 45.30 -22.17 -57.16
N VAL K 1010 45.62 -21.10 -56.41
CA VAL K 1010 46.63 -20.12 -56.80
C VAL K 1010 47.67 -20.05 -55.68
N ILE K 1011 48.91 -20.43 -56.00
CA ILE K 1011 50.03 -20.27 -55.08
C ILE K 1011 50.94 -19.21 -55.66
N THR K 1012 51.06 -18.09 -54.93
CA THR K 1012 51.70 -16.88 -55.43
C THR K 1012 52.90 -16.47 -54.57
N LYS K 1013 53.39 -17.38 -53.71
CA LYS K 1013 54.52 -17.17 -52.80
C LYS K 1013 54.35 -15.94 -51.91
N LYS K 1014 53.14 -15.39 -51.88
CA LYS K 1014 52.69 -14.48 -50.84
C LYS K 1014 51.68 -15.14 -49.92
N ALA K 1015 50.83 -16.01 -50.49
CA ALA K 1015 49.90 -16.85 -49.76
C ALA K 1015 49.39 -17.91 -50.72
N ARG K 1016 48.79 -18.96 -50.17
CA ARG K 1016 48.10 -19.96 -50.97
C ARG K 1016 46.61 -19.68 -50.87
N MET K 1017 45.91 -19.71 -52.02
CA MET K 1017 44.49 -19.41 -52.08
C MET K 1017 43.78 -20.53 -52.82
N PHE K 1018 42.71 -21.02 -52.23
CA PHE K 1018 41.99 -22.18 -52.77
C PHE K 1018 40.49 -21.86 -52.72
N GLY K 1019 39.89 -21.67 -53.89
CA GLY K 1019 38.53 -21.18 -53.89
C GLY K 1019 37.78 -21.58 -55.13
N TYR K 1020 36.61 -20.98 -55.30
CA TYR K 1020 35.80 -21.19 -56.49
C TYR K 1020 35.88 -19.95 -57.36
N PHE K 1021 36.28 -20.14 -58.62
CA PHE K 1021 36.42 -19.03 -59.56
C PHE K 1021 35.05 -18.39 -59.80
N ALA K 1022 34.93 -17.11 -59.48
CA ALA K 1022 33.67 -16.38 -59.58
C ALA K 1022 33.63 -15.45 -60.78
N SER K 1023 34.63 -14.59 -60.93
CA SER K 1023 34.64 -13.57 -61.97
C SER K 1023 36.06 -13.35 -62.42
N CYS K 1024 36.22 -13.04 -63.71
CA CYS K 1024 37.49 -12.63 -64.29
C CYS K 1024 37.37 -11.18 -64.74
N HIS K 1025 38.43 -10.40 -64.51
CA HIS K 1025 38.41 -8.97 -64.75
C HIS K 1025 39.15 -8.66 -66.05
N ARG K 1026 38.38 -8.22 -67.06
CA ARG K 1026 38.96 -7.93 -68.37
C ARG K 1026 40.00 -6.82 -68.29
N GLY K 1027 39.70 -5.75 -67.55
CA GLY K 1027 40.62 -4.62 -67.49
C GLY K 1027 41.88 -4.93 -66.70
N THR K 1028 41.75 -5.68 -65.62
CA THR K 1028 42.87 -5.90 -64.72
C THR K 1028 43.65 -7.17 -65.03
N GLY K 1029 42.96 -8.22 -65.46
CA GLY K 1029 43.59 -9.52 -65.62
C GLY K 1029 43.63 -10.37 -64.37
N ASN K 1030 43.01 -9.90 -63.29
CA ASN K 1030 42.91 -10.70 -62.07
C ASN K 1030 41.65 -11.54 -62.09
N ILE K 1031 41.57 -12.47 -61.16
CA ILE K 1031 40.40 -13.31 -60.99
C ILE K 1031 39.82 -13.08 -59.60
N ASN K 1032 38.57 -13.45 -59.43
CA ASN K 1032 37.93 -13.41 -58.12
C ASN K 1032 37.57 -14.83 -57.72
N ILE K 1033 37.76 -15.17 -56.44
CA ILE K 1033 37.44 -16.50 -55.95
C ILE K 1033 36.63 -16.40 -54.66
N ARG K 1034 35.66 -17.29 -54.53
CA ARG K 1034 34.85 -17.41 -53.32
C ARG K 1034 35.46 -18.48 -52.43
N ILE K 1035 35.65 -18.15 -51.14
CA ILE K 1035 36.03 -19.15 -50.17
C ILE K 1035 34.87 -20.12 -49.99
N HIS K 1036 35.19 -21.42 -49.90
CA HIS K 1036 34.16 -22.46 -49.98
C HIS K 1036 32.97 -22.17 -49.06
N ASP K 1037 33.22 -21.75 -47.84
CA ASP K 1037 32.13 -21.51 -46.89
C ASP K 1037 31.66 -20.06 -46.86
N LEU K 1038 32.22 -19.21 -47.73
CA LEU K 1038 31.88 -17.78 -47.76
C LEU K 1038 31.98 -17.15 -46.38
N ASP K 1039 33.06 -17.48 -45.68
CA ASP K 1039 33.32 -16.86 -44.38
C ASP K 1039 33.57 -15.37 -44.59
N HIS K 1040 32.71 -14.55 -43.97
CA HIS K 1040 32.83 -13.11 -44.19
C HIS K 1040 34.11 -12.55 -43.60
N LYS K 1041 34.80 -13.30 -42.75
CA LYS K 1041 36.09 -12.84 -42.22
C LYS K 1041 37.14 -12.69 -43.32
N ILE K 1042 37.14 -13.61 -44.29
CA ILE K 1042 38.15 -13.64 -45.35
C ILE K 1042 37.57 -12.94 -46.58
N GLY K 1043 38.34 -12.02 -47.14
CA GLY K 1043 37.91 -11.33 -48.36
C GLY K 1043 36.83 -10.31 -48.12
N LYS K 1044 36.27 -9.82 -49.22
CA LYS K 1044 35.12 -8.91 -49.17
C LYS K 1044 33.87 -9.77 -49.14
N ASN K 1045 33.38 -10.04 -47.92
CA ASN K 1045 32.20 -10.88 -47.71
C ASN K 1045 32.40 -12.26 -48.32
N GLY K 1046 33.54 -12.88 -48.00
CA GLY K 1046 33.86 -14.22 -48.44
C GLY K 1046 34.44 -14.33 -49.83
N ILE K 1047 34.64 -13.22 -50.54
CA ILE K 1047 35.17 -13.24 -51.90
C ILE K 1047 36.52 -12.55 -51.90
N LEU K 1048 37.52 -13.22 -52.47
CA LEU K 1048 38.84 -12.62 -52.71
C LEU K 1048 38.80 -11.93 -54.07
N GLU K 1049 38.51 -10.63 -54.05
CA GLU K 1049 38.45 -9.85 -55.28
C GLU K 1049 39.85 -9.39 -55.69
N GLY K 1050 40.30 -9.83 -56.86
CA GLY K 1050 41.48 -9.26 -57.46
C GLY K 1050 42.78 -10.01 -57.25
N ILE K 1051 42.75 -11.32 -57.48
CA ILE K 1051 43.91 -12.18 -57.33
C ILE K 1051 44.67 -12.22 -58.65
N GLY K 1052 45.95 -11.84 -58.61
CA GLY K 1052 46.78 -11.94 -59.80
C GLY K 1052 47.30 -13.36 -59.99
N VAL K 1053 47.43 -13.75 -61.26
CA VAL K 1053 47.87 -15.11 -61.58
C VAL K 1053 49.02 -15.11 -62.57
N LYS K 1054 49.36 -13.93 -63.11
CA LYS K 1054 50.38 -13.90 -64.15
C LYS K 1054 51.76 -14.27 -63.61
N THR K 1055 52.07 -13.90 -62.36
CA THR K 1055 53.34 -14.21 -61.75
C THR K 1055 53.21 -15.22 -60.60
N ALA K 1056 52.21 -16.08 -60.68
CA ALA K 1056 51.97 -17.06 -59.63
C ALA K 1056 52.90 -18.24 -59.77
N LEU K 1057 53.35 -18.77 -58.63
CA LEU K 1057 54.16 -19.99 -58.65
C LEU K 1057 53.38 -21.16 -59.26
N SER K 1058 52.10 -21.25 -58.97
CA SER K 1058 51.29 -22.34 -59.53
C SER K 1058 49.84 -21.90 -59.63
N PHE K 1059 49.19 -22.34 -60.71
CA PHE K 1059 47.79 -22.03 -60.98
C PHE K 1059 47.15 -23.28 -61.53
N GLN K 1060 46.24 -23.89 -60.78
CA GLN K 1060 45.74 -25.21 -61.13
C GLN K 1060 44.23 -25.29 -60.91
N LYS K 1061 43.60 -26.24 -61.60
CA LYS K 1061 42.17 -26.45 -61.54
C LYS K 1061 41.87 -27.82 -60.92
N TYR K 1062 40.82 -27.86 -60.11
CA TYR K 1062 40.50 -29.00 -59.29
C TYR K 1062 39.08 -29.47 -59.54
N GLN K 1063 38.80 -30.65 -59.00
CA GLN K 1063 37.55 -31.36 -59.10
C GLN K 1063 37.07 -31.70 -57.70
N ILE K 1064 35.76 -31.52 -57.48
CA ILE K 1064 35.12 -31.81 -56.21
C ILE K 1064 33.75 -32.39 -56.52
N ASP K 1065 33.23 -33.19 -55.61
CA ASP K 1065 31.95 -33.85 -55.81
C ASP K 1065 30.92 -33.27 -54.85
N GLU K 1066 29.66 -33.43 -55.20
CA GLU K 1066 28.62 -33.27 -54.21
C GLU K 1066 28.98 -34.19 -53.05
N LEU K 1067 28.84 -33.69 -51.82
CA LEU K 1067 29.43 -34.15 -50.56
C LEU K 1067 30.76 -33.48 -50.25
N GLY K 1068 31.31 -32.69 -51.17
CA GLY K 1068 32.55 -31.98 -50.90
C GLY K 1068 33.73 -32.90 -50.58
N LYS K 1069 33.83 -34.02 -51.28
CA LYS K 1069 34.90 -34.99 -51.10
C LYS K 1069 35.55 -35.25 -52.45
N GLU K 1070 36.59 -36.07 -52.45
CA GLU K 1070 37.31 -36.44 -53.67
C GLU K 1070 37.79 -35.19 -54.42
N ILE K 1071 38.56 -34.38 -53.72
CA ILE K 1071 39.14 -33.18 -54.30
C ILE K 1071 40.44 -33.58 -55.01
N ARG K 1072 40.46 -33.45 -56.32
CA ARG K 1072 41.63 -33.87 -57.08
C ARG K 1072 42.05 -32.78 -58.05
N PRO K 1073 43.32 -32.69 -58.40
CA PRO K 1073 43.71 -31.82 -59.51
C PRO K 1073 43.36 -32.48 -60.83
N CYS K 1074 43.05 -31.66 -61.83
CA CYS K 1074 42.69 -32.20 -63.12
C CYS K 1074 43.40 -31.43 -64.22
N ARG K 1075 43.69 -32.13 -65.32
CA ARG K 1075 44.50 -31.60 -66.40
C ARG K 1075 43.85 -31.93 -67.74
N LEU K 1076 43.64 -30.91 -68.56
CA LEU K 1076 43.08 -31.08 -69.89
C LEU K 1076 44.18 -31.32 -70.90
N LYS K 1077 43.94 -32.28 -71.80
CA LYS K 1077 44.90 -32.54 -72.87
C LYS K 1077 44.90 -31.42 -73.91
N LYS K 1078 43.76 -31.19 -74.57
CA LYS K 1078 43.65 -30.24 -75.66
C LYS K 1078 42.68 -29.12 -75.31
N ARG K 1079 42.85 -27.99 -76.01
CA ARG K 1079 41.97 -26.85 -75.81
C ARG K 1079 40.57 -27.16 -76.33
N PRO K 1080 39.53 -26.96 -75.53
CA PRO K 1080 38.18 -27.35 -75.94
C PRO K 1080 37.61 -26.39 -76.97
N PRO K 1081 36.80 -26.90 -77.90
CA PRO K 1081 36.17 -26.01 -78.89
C PRO K 1081 35.04 -25.21 -78.28
N VAL K 1082 34.64 -24.16 -78.99
CA VAL K 1082 33.43 -23.45 -78.62
C VAL K 1082 32.19 -24.09 -79.25
N ARG K 1083 32.34 -24.68 -80.44
CA ARG K 1083 31.26 -25.32 -81.18
C ARG K 1083 30.01 -24.44 -81.26
N LYS O 6 -94.46 6.94 -3.19
CA LYS O 6 -94.69 7.02 -4.63
C LYS O 6 -96.02 7.68 -4.97
N PRO O 7 -96.20 8.96 -4.61
CA PRO O 7 -97.40 9.67 -5.07
C PRO O 7 -97.34 10.02 -6.54
N ASN O 8 -96.21 10.56 -6.98
CA ASN O 8 -95.98 10.79 -8.40
C ASN O 8 -94.54 10.44 -8.72
N SER O 9 -93.67 10.53 -7.71
CA SER O 9 -92.25 10.30 -7.87
C SER O 9 -92.02 8.86 -8.32
N ILE O 10 -91.49 8.71 -9.53
CA ILE O 10 -91.44 7.43 -10.23
C ILE O 10 -89.98 7.08 -10.52
N ASN O 11 -89.60 5.83 -10.23
CA ASN O 11 -88.25 5.34 -10.46
C ASN O 11 -88.06 4.96 -11.92
N TYR O 12 -87.17 5.67 -12.62
CA TYR O 12 -86.95 5.37 -14.02
C TYR O 12 -85.48 5.53 -14.39
N ILE O 13 -85.06 4.70 -15.34
CA ILE O 13 -83.76 4.82 -15.98
C ILE O 13 -83.95 5.55 -17.31
N LEU O 14 -83.09 6.54 -17.56
CA LEU O 14 -83.07 7.28 -18.81
C LEU O 14 -81.99 6.70 -19.71
N GLY O 15 -82.41 6.02 -20.78
CA GLY O 15 -81.49 5.58 -21.81
C GLY O 15 -81.34 6.63 -22.88
N LEU O 16 -80.09 6.81 -23.33
CA LEU O 16 -79.75 7.76 -24.38
C LEU O 16 -78.89 7.06 -25.42
N ALA O 17 -79.37 7.01 -26.66
CA ALA O 17 -78.54 6.66 -27.82
C ALA O 17 -78.06 7.97 -28.42
N ILE O 18 -76.79 8.30 -28.19
CA ILE O 18 -76.22 9.58 -28.60
C ILE O 18 -75.52 9.38 -29.94
N GLY O 19 -76.14 9.87 -31.01
CA GLY O 19 -75.53 9.88 -32.32
C GLY O 19 -74.88 11.22 -32.65
N ILE O 20 -74.39 11.30 -33.88
CA ILE O 20 -73.68 12.50 -34.32
C ILE O 20 -74.65 13.57 -34.82
N ALA O 21 -75.90 13.20 -35.09
CA ALA O 21 -76.92 14.15 -35.49
C ALA O 21 -78.26 13.86 -34.81
N SER O 22 -78.32 12.89 -33.91
CA SER O 22 -79.56 12.52 -33.25
C SER O 22 -79.26 12.05 -31.83
N VAL O 23 -80.21 12.32 -30.94
CA VAL O 23 -80.21 11.76 -29.59
C VAL O 23 -81.54 11.06 -29.41
N GLY O 24 -81.53 9.74 -29.44
CA GLY O 24 -82.70 8.98 -29.04
C GLY O 24 -82.73 8.81 -27.52
N TRP O 25 -83.91 8.94 -26.94
CA TRP O 25 -84.04 8.82 -25.50
C TRP O 25 -85.24 7.97 -25.13
N ALA O 26 -85.12 7.31 -23.98
CA ALA O 26 -86.17 6.45 -23.45
C ALA O 26 -86.17 6.52 -21.93
N MET O 27 -87.35 6.36 -21.34
CA MET O 27 -87.54 6.29 -19.90
C MET O 27 -88.24 4.99 -19.58
N VAL O 28 -87.59 4.15 -18.79
CA VAL O 28 -88.09 2.85 -18.38
C VAL O 28 -88.22 2.83 -16.86
N GLU O 29 -89.44 2.59 -16.37
CA GLU O 29 -89.65 2.48 -14.93
C GLU O 29 -88.99 1.20 -14.40
N ILE O 30 -88.51 1.25 -13.16
CA ILE O 30 -87.77 0.14 -12.59
C ILE O 30 -88.32 -0.22 -11.21
N ASP O 31 -87.89 -1.40 -10.75
CA ASP O 31 -88.28 -2.03 -9.50
C ASP O 31 -87.55 -1.39 -8.32
N GLU O 32 -87.74 -1.97 -7.14
CA GLU O 32 -86.83 -1.75 -6.04
C GLU O 32 -85.59 -2.62 -6.17
N GLU O 33 -85.61 -3.55 -7.12
CA GLU O 33 -84.48 -4.42 -7.43
C GLU O 33 -83.84 -4.03 -8.75
N GLU O 34 -84.09 -2.80 -9.21
CA GLU O 34 -83.58 -2.29 -10.48
C GLU O 34 -83.91 -3.24 -11.63
N ASN O 35 -85.22 -3.56 -11.75
CA ASN O 35 -85.83 -4.41 -12.78
C ASN O 35 -86.67 -3.57 -13.74
N PRO O 36 -86.53 -3.78 -15.05
CA PRO O 36 -87.39 -3.04 -16.00
C PRO O 36 -88.81 -3.59 -15.93
N ILE O 37 -89.76 -2.72 -15.63
CA ILE O 37 -91.13 -3.15 -15.39
C ILE O 37 -92.12 -2.47 -16.34
N ARG O 38 -91.77 -1.28 -16.82
CA ARG O 38 -92.73 -0.51 -17.60
C ARG O 38 -91.99 0.50 -18.47
N LEU O 39 -92.45 0.64 -19.71
CA LEU O 39 -91.87 1.59 -20.66
C LEU O 39 -92.62 2.90 -20.51
N ILE O 40 -92.00 3.87 -19.84
CA ILE O 40 -92.69 5.13 -19.56
C ILE O 40 -92.79 5.98 -20.81
N ASP O 41 -91.64 6.35 -21.39
CA ASP O 41 -91.74 7.29 -22.51
C ASP O 41 -90.52 7.15 -23.41
N LEU O 42 -90.61 7.74 -24.60
CA LEU O 42 -89.52 7.67 -25.59
C LEU O 42 -89.66 8.80 -26.60
N GLY O 43 -88.52 9.16 -27.20
CA GLY O 43 -88.50 10.17 -28.24
C GLY O 43 -87.15 10.24 -28.92
N VAL O 44 -87.04 11.15 -29.88
CA VAL O 44 -85.81 11.36 -30.65
C VAL O 44 -85.66 12.84 -30.97
N ARG O 45 -84.58 13.44 -30.48
CA ARG O 45 -84.18 14.79 -30.88
C ARG O 45 -83.24 14.67 -32.08
N VAL O 46 -83.45 15.50 -33.11
CA VAL O 46 -82.69 15.42 -34.34
C VAL O 46 -82.20 16.83 -34.71
N PHE O 47 -80.96 16.93 -35.17
CA PHE O 47 -80.34 18.23 -35.40
C PHE O 47 -79.28 18.12 -36.50
N GLU O 48 -78.61 19.25 -36.76
CA GLU O 48 -77.61 19.37 -37.82
C GLU O 48 -76.20 19.17 -37.25
N ARG O 49 -75.42 18.27 -37.87
CA ARG O 49 -74.02 18.12 -37.47
C ARG O 49 -73.32 19.47 -37.52
N ALA O 50 -72.50 19.74 -36.49
CA ALA O 50 -71.79 21.01 -36.38
C ALA O 50 -70.52 21.03 -37.24
N GLU O 51 -70.74 20.92 -38.56
CA GLU O 51 -69.65 20.94 -39.52
C GLU O 51 -70.19 21.39 -40.86
N VAL O 52 -69.28 21.78 -41.75
CA VAL O 52 -69.66 22.11 -43.12
C VAL O 52 -70.19 20.85 -43.77
N PRO O 53 -71.44 20.84 -44.24
CA PRO O 53 -72.02 19.59 -44.77
C PRO O 53 -71.29 19.04 -45.97
N LYS O 54 -70.90 19.90 -46.91
CA LYS O 54 -70.24 19.43 -48.12
C LYS O 54 -68.90 18.77 -47.81
N THR O 55 -68.04 19.45 -47.05
CA THR O 55 -66.66 19.02 -46.91
C THR O 55 -66.33 18.41 -45.56
N GLY O 56 -67.11 18.69 -44.52
CA GLY O 56 -66.75 18.26 -43.19
C GLY O 56 -65.79 19.19 -42.48
N ASP O 57 -65.41 20.30 -43.11
CA ASP O 57 -64.53 21.29 -42.51
C ASP O 57 -65.21 21.92 -41.29
N SER O 58 -64.38 22.47 -40.41
CA SER O 58 -64.89 23.19 -39.25
C SER O 58 -65.66 24.43 -39.68
N LEU O 59 -66.82 24.64 -39.06
CA LEU O 59 -67.57 25.87 -39.28
C LEU O 59 -66.77 27.08 -38.83
N ALA O 60 -66.19 26.99 -37.62
CA ALA O 60 -65.34 28.05 -37.12
C ALA O 60 -64.16 28.30 -38.04
N MET O 61 -63.64 27.26 -38.69
CA MET O 61 -62.51 27.47 -39.60
C MET O 61 -62.91 28.31 -40.81
N ALA O 62 -64.06 28.01 -41.41
CA ALA O 62 -64.53 28.82 -42.53
C ALA O 62 -64.79 30.26 -42.09
N ARG O 63 -65.42 30.43 -40.92
CA ARG O 63 -65.64 31.76 -40.39
C ARG O 63 -64.34 32.52 -40.20
N ARG O 64 -63.34 31.85 -39.64
CA ARG O 64 -62.04 32.47 -39.40
C ARG O 64 -61.33 32.82 -40.70
N LEU O 65 -61.46 31.97 -41.72
CA LEU O 65 -60.86 32.28 -43.01
C LEU O 65 -61.51 33.51 -43.63
N ALA O 66 -62.83 33.60 -43.54
CA ALA O 66 -63.53 34.81 -43.98
C ALA O 66 -63.02 36.03 -43.24
N ARG O 67 -62.87 35.91 -41.91
CA ARG O 67 -62.39 37.03 -41.10
C ARG O 67 -60.99 37.44 -41.50
N SER O 68 -60.12 36.46 -41.77
CA SER O 68 -58.74 36.76 -42.12
C SER O 68 -58.63 37.41 -43.49
N VAL O 69 -59.44 36.97 -44.46
CA VAL O 69 -59.39 37.64 -45.75
C VAL O 69 -59.98 39.05 -45.64
N ARG O 70 -60.98 39.25 -44.77
CA ARG O 70 -61.46 40.60 -44.49
C ARG O 70 -60.33 41.48 -43.99
N ARG O 71 -59.57 40.99 -43.01
CA ARG O 71 -58.45 41.76 -42.47
C ARG O 71 -57.39 42.03 -43.54
N LEU O 72 -57.06 41.04 -44.35
CA LEU O 72 -56.06 41.23 -45.40
C LEU O 72 -56.49 42.31 -46.39
N THR O 73 -57.73 42.22 -46.88
CA THR O 73 -58.23 43.23 -47.80
C THR O 73 -58.20 44.61 -47.17
N ARG O 74 -58.73 44.73 -45.95
CA ARG O 74 -58.77 46.02 -45.26
C ARG O 74 -57.37 46.61 -45.12
N ARG O 75 -56.39 45.79 -44.73
CA ARG O 75 -55.06 46.30 -44.45
C ARG O 75 -54.31 46.66 -45.73
N ARG O 76 -54.52 45.91 -46.81
CA ARG O 76 -53.92 46.28 -48.10
C ARG O 76 -54.48 47.61 -48.59
N ALA O 77 -55.81 47.76 -48.56
CA ALA O 77 -56.41 49.03 -48.97
C ALA O 77 -55.92 50.18 -48.10
N HIS O 78 -55.81 49.95 -46.78
CA HIS O 78 -55.31 50.98 -45.87
C HIS O 78 -53.86 51.34 -46.18
N ARG O 79 -53.04 50.33 -46.47
CA ARG O 79 -51.65 50.58 -46.86
C ARG O 79 -51.57 51.49 -48.07
N LEU O 80 -52.37 51.19 -49.09
CA LEU O 80 -52.31 51.99 -50.31
C LEU O 80 -52.83 53.41 -50.08
N LEU O 81 -53.92 53.54 -49.31
CA LEU O 81 -54.44 54.88 -49.00
C LEU O 81 -53.42 55.70 -48.21
N ARG O 82 -52.77 55.08 -47.23
CA ARG O 82 -51.72 55.75 -46.47
C ARG O 82 -50.59 56.17 -47.38
N THR O 83 -50.22 55.32 -48.35
CA THR O 83 -49.15 55.66 -49.28
C THR O 83 -49.52 56.86 -50.14
N ARG O 84 -50.78 56.93 -50.57
CA ARG O 84 -51.25 58.10 -51.32
C ARG O 84 -51.18 59.36 -50.46
N ARG O 85 -51.65 59.26 -49.21
CA ARG O 85 -51.56 60.41 -48.30
C ARG O 85 -50.12 60.87 -48.14
N LEU O 86 -49.19 59.92 -48.04
CA LEU O 86 -47.79 60.28 -47.91
C LEU O 86 -47.25 60.94 -49.18
N LEU O 87 -47.65 60.42 -50.34
CA LEU O 87 -47.24 61.04 -51.60
C LEU O 87 -47.75 62.47 -51.70
N LYS O 88 -48.95 62.73 -51.19
CA LYS O 88 -49.48 64.08 -51.17
C LYS O 88 -48.70 64.97 -50.19
N ARG O 89 -48.36 64.43 -49.01
CA ARG O 89 -47.71 65.25 -47.99
C ARG O 89 -46.26 65.55 -48.34
N GLU O 90 -45.56 64.64 -49.01
CA GLU O 90 -44.16 64.84 -49.35
C GLU O 90 -43.97 65.61 -50.65
N GLY O 91 -45.00 66.33 -51.09
CA GLY O 91 -44.91 67.17 -52.26
C GLY O 91 -44.58 66.43 -53.54
N VAL O 92 -45.09 65.22 -53.71
CA VAL O 92 -44.88 64.46 -54.94
C VAL O 92 -46.03 64.69 -55.90
N LEU O 93 -47.25 64.79 -55.37
CA LEU O 93 -48.43 65.10 -56.13
C LEU O 93 -49.20 66.21 -55.42
N GLN O 94 -50.06 66.88 -56.18
CA GLN O 94 -50.86 67.98 -55.67
C GLN O 94 -52.33 67.59 -55.66
N ALA O 95 -53.13 68.37 -54.92
CA ALA O 95 -54.56 68.15 -54.86
C ALA O 95 -55.18 68.03 -56.25
N ALA O 96 -54.55 68.64 -57.26
CA ALA O 96 -55.05 68.55 -58.63
C ALA O 96 -55.01 67.11 -59.16
N ASN O 97 -54.08 66.29 -58.65
CA ASN O 97 -53.91 64.94 -59.17
C ASN O 97 -54.93 63.94 -58.64
N PHE O 98 -55.77 64.33 -57.68
CA PHE O 98 -56.66 63.40 -57.00
C PHE O 98 -58.11 63.70 -57.36
N ASP O 99 -58.86 62.63 -57.62
CA ASP O 99 -60.27 62.74 -58.00
C ASP O 99 -61.16 62.83 -56.75
N GLU O 100 -62.47 62.83 -56.97
CA GLU O 100 -63.43 62.96 -55.88
C GLU O 100 -63.27 61.83 -54.86
N ASN O 101 -63.06 60.60 -55.32
CA ASN O 101 -62.92 59.48 -54.40
C ASN O 101 -61.61 59.55 -53.62
N GLY O 102 -60.53 59.96 -54.28
CA GLY O 102 -59.23 59.97 -53.65
C GLY O 102 -58.21 59.13 -54.38
N LEU O 103 -58.39 59.03 -55.70
CA LEU O 103 -57.51 58.25 -56.56
C LEU O 103 -56.78 59.17 -57.53
N ILE O 104 -55.64 58.70 -58.01
CA ILE O 104 -54.80 59.49 -58.90
C ILE O 104 -55.39 59.45 -60.30
N LYS O 105 -55.75 60.64 -60.82
CA LYS O 105 -56.30 60.72 -62.17
C LYS O 105 -55.22 60.43 -63.21
N SER O 106 -55.56 59.57 -64.17
CA SER O 106 -54.66 59.19 -65.27
C SER O 106 -53.34 58.64 -64.75
N LEU O 107 -53.44 57.58 -63.95
CA LEU O 107 -52.22 56.90 -63.51
C LEU O 107 -51.70 56.01 -64.63
N PRO O 108 -50.38 55.99 -64.85
CA PRO O 108 -49.86 55.13 -65.93
C PRO O 108 -50.07 53.66 -65.59
N ASN O 109 -50.58 52.91 -66.57
CA ASN O 109 -50.87 51.48 -66.38
C ASN O 109 -49.73 50.58 -66.83
N THR O 110 -48.50 51.06 -66.79
CA THR O 110 -47.32 50.27 -67.16
C THR O 110 -46.23 50.41 -66.10
N PRO O 111 -46.54 50.10 -64.83
CA PRO O 111 -45.54 50.29 -63.77
C PRO O 111 -44.39 49.31 -63.84
N TRP O 112 -44.55 48.15 -64.50
CA TRP O 112 -43.42 47.27 -64.72
C TRP O 112 -42.42 47.91 -65.68
N GLN O 113 -42.92 48.44 -66.80
CA GLN O 113 -42.06 49.17 -67.72
C GLN O 113 -41.40 50.36 -67.04
N LEU O 114 -42.16 51.12 -66.25
CA LEU O 114 -41.60 52.27 -65.55
C LEU O 114 -40.58 51.85 -64.50
N ARG O 115 -40.75 50.67 -63.90
CA ARG O 115 -39.79 50.17 -62.93
C ARG O 115 -38.49 49.75 -63.61
N ALA O 116 -38.57 48.89 -64.62
CA ALA O 116 -37.38 48.40 -65.29
C ALA O 116 -36.69 49.49 -66.12
N ALA O 117 -37.40 50.55 -66.49
CA ALA O 117 -36.82 51.65 -67.23
C ALA O 117 -36.49 52.85 -66.35
N ALA O 118 -36.78 52.77 -65.05
CA ALA O 118 -36.30 53.77 -64.11
C ALA O 118 -34.83 53.59 -63.78
N LEU O 119 -34.20 52.56 -64.34
CA LEU O 119 -32.76 52.36 -64.25
C LEU O 119 -31.99 53.08 -65.34
N ASP O 120 -32.69 53.80 -66.23
CA ASP O 120 -32.06 54.51 -67.33
C ASP O 120 -32.49 55.96 -67.45
N ARG O 121 -33.51 56.41 -66.72
CA ARG O 121 -33.97 57.78 -66.86
C ARG O 121 -34.71 58.22 -65.60
N LYS O 122 -34.90 59.53 -65.49
CA LYS O 122 -35.69 60.14 -64.44
C LYS O 122 -37.18 59.92 -64.70
N LEU O 123 -37.98 59.95 -63.62
CA LEU O 123 -39.41 59.71 -63.72
C LEU O 123 -40.19 60.96 -63.30
N THR O 124 -41.35 61.14 -63.92
CA THR O 124 -42.21 62.29 -63.68
C THR O 124 -42.93 62.10 -62.33
N PRO O 125 -43.70 63.08 -61.86
CA PRO O 125 -44.49 62.84 -60.63
C PRO O 125 -45.40 61.62 -60.73
N LEU O 126 -46.16 61.51 -61.83
CA LEU O 126 -47.09 60.39 -61.97
C LEU O 126 -46.34 59.06 -62.03
N GLU O 127 -45.30 58.98 -62.86
CA GLU O 127 -44.56 57.72 -63.00
C GLU O 127 -43.92 57.27 -61.69
N TRP O 128 -43.30 58.21 -60.95
CA TRP O 128 -42.71 57.84 -59.67
C TRP O 128 -43.77 57.38 -58.68
N SER O 129 -44.89 58.13 -58.61
CA SER O 129 -45.97 57.72 -57.71
C SER O 129 -46.52 56.36 -58.09
N ALA O 130 -46.69 56.09 -59.39
CA ALA O 130 -47.20 54.81 -59.85
C ALA O 130 -46.26 53.67 -59.51
N VAL O 131 -44.96 53.88 -59.71
CA VAL O 131 -43.97 52.86 -59.36
C VAL O 131 -44.07 52.52 -57.88
N LEU O 132 -44.16 53.55 -57.03
CA LEU O 132 -44.20 53.28 -55.59
C LEU O 132 -45.50 52.56 -55.21
N LEU O 133 -46.64 53.03 -55.73
CA LEU O 133 -47.91 52.38 -55.43
C LEU O 133 -47.92 50.93 -55.90
N HIS O 134 -47.33 50.67 -57.06
CA HIS O 134 -47.31 49.31 -57.61
C HIS O 134 -46.40 48.41 -56.79
N LEU O 135 -45.29 48.96 -56.28
CA LEU O 135 -44.43 48.17 -55.41
C LEU O 135 -45.13 47.83 -54.10
N ILE O 136 -45.89 48.77 -53.54
CA ILE O 136 -46.52 48.50 -52.25
C ILE O 136 -47.71 47.56 -52.41
N LYS O 137 -48.46 47.70 -53.51
CA LYS O 137 -49.59 46.80 -53.72
C LYS O 137 -49.11 45.37 -53.95
N HIS O 138 -48.01 45.19 -54.67
CA HIS O 138 -47.45 43.88 -54.99
C HIS O 138 -46.09 43.82 -54.31
N ARG O 139 -46.06 43.33 -53.08
CA ARG O 139 -44.87 43.38 -52.24
C ARG O 139 -44.30 42.00 -51.94
N GLY O 140 -44.74 40.97 -52.65
CA GLY O 140 -44.21 39.63 -52.53
C GLY O 140 -44.37 39.04 -51.13
N TYR O 141 -43.72 37.90 -50.95
CA TYR O 141 -43.80 37.15 -49.71
C TYR O 141 -42.57 37.42 -48.84
N LEU O 142 -42.79 37.50 -47.54
CA LEU O 142 -41.72 37.70 -46.58
C LEU O 142 -41.63 36.42 -45.76
N SER O 143 -40.47 35.78 -45.75
CA SER O 143 -40.31 34.54 -45.02
C SER O 143 -40.43 34.80 -43.52
N GLN O 144 -41.41 34.18 -42.88
CA GLN O 144 -41.64 34.32 -41.44
C GLN O 144 -41.16 33.11 -40.66
N ARG O 145 -40.42 32.20 -41.30
CA ARG O 145 -39.98 31.01 -40.60
C ARG O 145 -38.98 31.40 -39.52
N LYS O 146 -38.83 30.50 -38.53
CA LYS O 146 -37.94 30.76 -37.42
C LYS O 146 -36.52 30.26 -37.67
N ASN O 147 -36.37 29.21 -38.46
CA ASN O 147 -35.06 28.65 -38.81
C ASN O 147 -34.13 28.53 -37.60
N GLU O 155 -40.30 18.53 -48.47
CA GLU O 155 -40.49 19.07 -49.82
C GLU O 155 -40.74 20.58 -49.79
N LEU O 156 -40.94 21.15 -50.97
CA LEU O 156 -41.29 22.56 -51.13
C LEU O 156 -42.45 22.64 -52.11
N GLY O 157 -43.30 23.65 -51.93
CA GLY O 157 -44.42 23.86 -52.82
C GLY O 157 -44.11 24.87 -53.90
N ALA O 158 -45.13 25.16 -54.71
CA ALA O 158 -44.95 26.07 -55.86
C ALA O 158 -44.47 27.45 -55.41
N LEU O 159 -44.99 27.95 -54.29
CA LEU O 159 -44.60 29.28 -53.82
C LEU O 159 -43.10 29.34 -53.52
N LEU O 160 -42.61 28.43 -52.67
CA LEU O 160 -41.20 28.46 -52.31
C LEU O 160 -40.30 28.23 -53.51
N LYS O 161 -40.66 27.27 -54.37
CA LYS O 161 -39.84 26.97 -55.54
C LYS O 161 -39.76 28.16 -56.48
N GLY O 162 -40.90 28.80 -56.76
CA GLY O 162 -40.89 29.99 -57.61
C GLY O 162 -40.10 31.14 -57.00
N VAL O 163 -40.32 31.40 -55.71
CA VAL O 163 -39.63 32.49 -55.03
C VAL O 163 -38.13 32.27 -55.06
N ALA O 164 -37.69 31.05 -54.76
CA ALA O 164 -36.26 30.75 -54.74
C ALA O 164 -35.67 30.82 -56.15
N GLY O 165 -36.41 30.34 -57.15
CA GLY O 165 -35.94 30.44 -58.52
C GLY O 165 -35.73 31.88 -58.95
N ASN O 166 -36.70 32.74 -58.66
CA ASN O 166 -36.56 34.16 -59.03
C ASN O 166 -35.42 34.82 -58.26
N ALA O 167 -35.29 34.51 -56.96
CA ALA O 167 -34.18 35.08 -56.19
C ALA O 167 -32.83 34.65 -56.75
N HIS O 168 -32.70 33.36 -57.08
CA HIS O 168 -31.47 32.86 -57.68
C HIS O 168 -31.20 33.52 -59.03
N ALA O 169 -32.24 33.69 -59.83
CA ALA O 169 -32.08 34.37 -61.12
C ALA O 169 -31.59 35.80 -60.93
N LEU O 170 -32.10 36.48 -59.89
CA LEU O 170 -31.65 37.83 -59.62
C LEU O 170 -30.21 37.86 -59.10
N GLN O 171 -29.80 36.83 -58.35
CA GLN O 171 -28.44 36.80 -57.86
C GLN O 171 -27.45 36.43 -58.96
N THR O 172 -27.89 35.65 -59.95
CA THR O 172 -27.07 35.35 -61.12
C THR O 172 -27.16 36.59 -61.98
N GLY O 173 -26.07 37.36 -62.04
CA GLY O 173 -26.14 38.72 -62.50
C GLY O 173 -26.44 38.95 -63.97
N ASP O 174 -27.56 38.41 -64.45
CA ASP O 174 -28.05 38.72 -65.78
C ASP O 174 -29.18 39.74 -65.76
N PHE O 175 -29.86 39.90 -64.62
CA PHE O 175 -30.91 40.87 -64.40
C PHE O 175 -30.61 41.64 -63.12
N ARG O 176 -30.85 42.95 -63.14
CA ARG O 176 -30.55 43.79 -61.98
C ARG O 176 -31.65 43.70 -60.92
N THR O 177 -32.88 44.01 -61.31
CA THR O 177 -33.99 44.08 -60.37
C THR O 177 -35.13 43.16 -60.83
N PRO O 178 -35.96 42.69 -59.89
CA PRO O 178 -37.06 41.79 -60.28
C PRO O 178 -37.96 42.33 -61.39
N ALA O 179 -38.10 43.64 -61.53
CA ALA O 179 -38.87 44.19 -62.65
C ALA O 179 -38.21 43.86 -63.99
N GLU O 180 -36.89 44.00 -64.09
CA GLU O 180 -36.19 43.70 -65.35
C GLU O 180 -36.30 42.23 -65.70
N LEU O 181 -35.96 41.35 -64.76
CA LEU O 181 -36.09 39.91 -64.97
C LEU O 181 -37.52 39.56 -65.32
N ALA O 182 -38.48 40.10 -64.57
CA ALA O 182 -39.89 39.83 -64.82
C ALA O 182 -40.25 40.16 -66.26
N LEU O 183 -39.98 41.40 -66.69
CA LEU O 183 -40.33 41.79 -68.05
C LEU O 183 -39.69 40.86 -69.05
N ASN O 184 -38.36 40.78 -69.05
CA ASN O 184 -37.67 40.04 -70.10
C ASN O 184 -38.11 38.57 -70.11
N LYS O 185 -37.88 37.85 -69.01
CA LYS O 185 -38.10 36.41 -69.01
C LYS O 185 -39.59 36.10 -69.07
N PHE O 186 -40.37 36.65 -68.14
CA PHE O 186 -41.76 36.22 -68.05
C PHE O 186 -42.53 36.59 -69.30
N GLU O 187 -42.38 37.84 -69.79
CA GLU O 187 -43.13 38.22 -70.98
C GLU O 187 -42.67 37.41 -72.19
N LYS O 188 -41.35 37.27 -72.39
CA LYS O 188 -40.87 36.56 -73.57
C LYS O 188 -41.33 35.10 -73.58
N GLU O 189 -41.20 34.42 -72.45
CA GLU O 189 -41.38 32.96 -72.40
C GLU O 189 -42.77 32.53 -71.92
N SER O 190 -43.62 33.45 -71.50
CA SER O 190 -44.95 33.10 -71.00
C SER O 190 -46.06 33.91 -71.64
N GLY O 191 -45.81 35.17 -71.96
CA GLY O 191 -46.84 36.05 -72.47
C GLY O 191 -47.61 36.80 -71.40
N HIS O 192 -47.11 36.81 -70.16
CA HIS O 192 -47.75 37.50 -69.06
C HIS O 192 -46.74 37.65 -67.92
N ILE O 193 -46.88 38.73 -67.16
CA ILE O 193 -45.98 38.99 -66.04
C ILE O 193 -46.55 38.43 -64.73
N ARG O 194 -47.83 38.67 -64.47
CA ARG O 194 -48.43 38.24 -63.22
C ARG O 194 -48.71 36.74 -63.27
N ASN O 195 -48.95 36.15 -62.10
CA ASN O 195 -49.21 34.72 -62.00
C ASN O 195 -50.59 34.39 -62.56
N GLN O 196 -50.72 33.14 -63.01
CA GLN O 196 -51.94 32.64 -63.63
C GLN O 196 -52.74 31.82 -62.61
N ARG O 197 -53.75 31.10 -63.11
CA ARG O 197 -54.75 30.43 -62.27
C ARG O 197 -54.13 29.75 -61.05
N SER O 198 -53.21 28.81 -61.29
CA SER O 198 -52.55 28.09 -60.21
C SER O 198 -51.03 28.28 -60.23
N ASP O 199 -50.53 29.17 -61.09
CA ASP O 199 -49.10 29.37 -61.23
C ASP O 199 -48.55 30.13 -60.02
N TYR O 200 -47.29 29.81 -59.67
CA TYR O 200 -46.55 30.54 -58.65
C TYR O 200 -45.17 30.93 -59.12
N SER O 201 -44.88 30.80 -60.41
CA SER O 201 -43.53 31.04 -60.91
C SER O 201 -43.14 32.50 -60.71
N HIS O 202 -44.04 33.42 -61.03
CA HIS O 202 -43.70 34.84 -61.03
C HIS O 202 -43.94 35.46 -59.66
N THR O 203 -43.24 34.94 -58.67
CA THR O 203 -43.39 35.40 -57.29
C THR O 203 -42.04 35.74 -56.71
N PHE O 204 -41.95 36.86 -56.02
CA PHE O 204 -40.67 37.38 -55.57
C PHE O 204 -40.63 37.48 -54.05
N SER O 205 -39.41 37.49 -53.51
CA SER O 205 -39.21 37.72 -52.09
C SER O 205 -39.38 39.20 -51.78
N ARG O 206 -39.96 39.50 -50.62
CA ARG O 206 -40.04 40.88 -50.19
C ARG O 206 -38.66 41.51 -50.05
N LYS O 207 -37.65 40.72 -49.68
CA LYS O 207 -36.30 41.25 -49.62
C LYS O 207 -35.84 41.72 -51.00
N ASP O 208 -36.13 40.95 -52.05
CA ASP O 208 -35.75 41.36 -53.40
C ASP O 208 -36.40 42.67 -53.81
N LEU O 209 -37.69 42.84 -53.49
CA LEU O 209 -38.36 44.09 -53.84
C LEU O 209 -37.89 45.26 -52.98
N GLN O 210 -37.55 45.00 -51.72
CA GLN O 210 -36.96 46.05 -50.89
C GLN O 210 -35.62 46.51 -51.46
N ALA O 211 -34.79 45.56 -51.89
CA ALA O 211 -33.54 45.91 -52.56
C ALA O 211 -33.81 46.75 -53.80
N GLU O 212 -34.77 46.31 -54.64
CA GLU O 212 -35.15 47.10 -55.80
C GLU O 212 -35.60 48.50 -55.39
N LEU O 213 -36.35 48.61 -54.29
CA LEU O 213 -36.88 49.89 -53.86
C LEU O 213 -35.77 50.84 -53.47
N ILE O 214 -34.83 50.39 -52.64
CA ILE O 214 -33.75 51.27 -52.19
C ILE O 214 -32.84 51.63 -53.36
N LEU O 215 -32.57 50.67 -54.26
CA LEU O 215 -31.77 50.97 -55.44
C LEU O 215 -32.46 52.02 -56.30
N LEU O 216 -33.77 51.84 -56.55
CA LEU O 216 -34.54 52.82 -57.31
C LEU O 216 -34.43 54.20 -56.67
N PHE O 217 -34.58 54.26 -55.34
CA PHE O 217 -34.52 55.55 -54.66
C PHE O 217 -33.18 56.24 -54.89
N GLU O 218 -32.07 55.53 -54.69
CA GLU O 218 -30.77 56.19 -54.84
C GLU O 218 -30.44 56.49 -56.31
N LYS O 219 -30.77 55.58 -57.21
CA LYS O 219 -30.52 55.82 -58.63
C LYS O 219 -31.30 57.02 -59.13
N GLN O 220 -32.59 57.10 -58.78
CA GLN O 220 -33.37 58.28 -59.14
C GLN O 220 -32.85 59.52 -58.42
N LYS O 221 -32.27 59.35 -57.23
CA LYS O 221 -31.64 60.46 -56.53
C LYS O 221 -30.57 61.09 -57.40
N GLU O 222 -29.68 60.28 -57.97
CA GLU O 222 -28.68 60.87 -58.87
C GLU O 222 -29.34 61.44 -60.13
N PHE O 223 -30.39 60.79 -60.64
CA PHE O 223 -31.01 61.25 -61.87
C PHE O 223 -31.88 62.47 -61.61
N GLY O 224 -31.33 63.53 -61.02
CA GLY O 224 -32.19 64.64 -60.63
C GLY O 224 -33.25 64.16 -59.65
N ASN O 225 -34.52 64.18 -60.10
CA ASN O 225 -35.69 63.64 -59.42
C ASN O 225 -35.83 64.23 -58.02
N PRO O 226 -36.48 65.39 -57.90
CA PRO O 226 -36.58 66.09 -56.61
C PRO O 226 -37.08 65.21 -55.46
N HIS O 227 -37.95 64.24 -55.74
CA HIS O 227 -38.62 63.51 -54.66
C HIS O 227 -37.88 62.22 -54.35
N VAL O 228 -36.71 62.36 -53.74
CA VAL O 228 -35.98 61.24 -53.16
C VAL O 228 -35.72 61.59 -51.70
N SER O 229 -36.66 62.35 -51.11
CA SER O 229 -36.57 62.77 -49.72
C SER O 229 -36.30 61.58 -48.80
N GLY O 230 -35.56 61.85 -47.73
CA GLY O 230 -35.40 60.85 -46.67
C GLY O 230 -36.73 60.43 -46.09
N GLY O 231 -37.60 61.40 -45.78
CA GLY O 231 -38.92 61.09 -45.27
C GLY O 231 -39.71 60.17 -46.18
N LEU O 232 -39.73 60.49 -47.48
CA LEU O 232 -40.46 59.66 -48.44
C LEU O 232 -39.91 58.24 -48.48
N LYS O 233 -38.58 58.11 -48.60
CA LYS O 233 -37.97 56.78 -48.63
C LYS O 233 -38.31 55.98 -47.38
N GLU O 234 -38.13 56.60 -46.20
CA GLU O 234 -38.43 55.91 -44.95
C GLU O 234 -39.88 55.48 -44.89
N GLY O 235 -40.81 56.40 -45.16
CA GLY O 235 -42.22 56.05 -45.15
C GLY O 235 -42.56 54.92 -46.10
N ILE O 236 -42.09 55.00 -47.34
CA ILE O 236 -42.41 54.00 -48.35
C ILE O 236 -41.86 52.64 -47.93
N GLU O 237 -40.60 52.61 -47.49
CA GLU O 237 -40.01 51.35 -47.03
C GLU O 237 -40.76 50.78 -45.85
N THR O 238 -41.08 51.62 -44.86
CA THR O 238 -41.86 51.18 -43.71
C THR O 238 -43.19 50.57 -44.13
N LEU O 239 -43.89 51.22 -45.08
CA LEU O 239 -45.17 50.70 -45.53
C LEU O 239 -45.00 49.37 -46.27
N LEU O 240 -43.96 49.26 -47.09
CA LEU O 240 -43.74 48.03 -47.85
C LEU O 240 -43.32 46.86 -46.95
N MET O 241 -42.64 47.14 -45.85
CA MET O 241 -42.02 46.09 -45.04
C MET O 241 -42.83 45.69 -43.82
N THR O 242 -43.61 46.62 -43.24
CA THR O 242 -44.25 46.37 -41.95
C THR O 242 -45.49 45.51 -42.09
N GLN O 243 -45.62 44.54 -41.18
CA GLN O 243 -46.83 43.76 -41.02
C GLN O 243 -46.91 43.33 -39.55
N ARG O 244 -48.14 43.15 -39.06
CA ARG O 244 -48.33 42.89 -37.64
C ARG O 244 -47.76 41.53 -37.24
N PRO O 245 -47.42 41.35 -35.96
CA PRO O 245 -46.88 40.07 -35.51
C PRO O 245 -47.95 39.01 -35.39
N ALA O 246 -47.57 37.77 -35.71
CA ALA O 246 -48.51 36.64 -35.57
C ALA O 246 -48.96 36.47 -34.13
N LEU O 247 -48.03 36.57 -33.18
CA LEU O 247 -48.32 36.38 -31.77
C LEU O 247 -48.28 37.73 -31.05
N SER O 248 -49.43 38.12 -30.49
CA SER O 248 -49.66 39.50 -30.08
C SER O 248 -48.73 39.95 -28.95
N GLY O 249 -48.30 39.03 -28.10
CA GLY O 249 -47.64 39.36 -26.85
C GLY O 249 -48.51 39.09 -25.64
N ASP O 250 -49.72 38.62 -25.88
CA ASP O 250 -50.59 38.06 -24.86
C ASP O 250 -51.21 36.75 -25.34
N ALA O 251 -51.11 36.45 -26.65
CA ALA O 251 -51.70 35.26 -27.24
C ALA O 251 -51.33 33.98 -26.51
N VAL O 252 -50.03 33.76 -26.30
CA VAL O 252 -49.57 32.45 -25.84
C VAL O 252 -50.11 32.16 -24.44
N GLN O 253 -50.02 33.14 -23.53
CA GLN O 253 -50.49 32.93 -22.17
C GLN O 253 -51.99 32.63 -22.13
N LYS O 254 -52.76 33.24 -23.04
CA LYS O 254 -54.21 33.04 -23.03
C LYS O 254 -54.60 31.62 -23.41
N MET O 255 -53.70 30.87 -24.06
CA MET O 255 -53.96 29.50 -24.50
C MET O 255 -53.22 28.46 -23.67
N LEU O 256 -52.62 28.85 -22.55
CA LEU O 256 -51.58 28.00 -21.97
C LEU O 256 -52.15 26.78 -21.26
N GLY O 257 -52.92 26.99 -20.20
CA GLY O 257 -53.40 25.84 -19.45
C GLY O 257 -52.67 25.67 -18.13
N HIS O 258 -53.34 24.99 -17.20
CA HIS O 258 -52.88 24.93 -15.83
C HIS O 258 -51.85 23.82 -15.64
N CYS O 259 -51.21 23.83 -14.46
CA CYS O 259 -50.30 22.80 -14.04
C CYS O 259 -51.07 21.60 -13.49
N THR O 260 -50.41 20.45 -13.46
CA THR O 260 -51.01 19.24 -12.91
C THR O 260 -51.24 19.39 -11.40
N PHE O 261 -50.23 19.84 -10.67
CA PHE O 261 -50.25 19.84 -9.21
C PHE O 261 -50.69 21.17 -8.60
N GLU O 262 -50.33 22.29 -9.21
CA GLU O 262 -50.64 23.62 -8.68
C GLU O 262 -51.43 24.41 -9.69
N PRO O 263 -52.77 24.44 -9.59
CA PRO O 263 -53.58 25.09 -10.63
C PRO O 263 -53.29 26.57 -10.81
N ALA O 264 -52.81 27.25 -9.77
CA ALA O 264 -52.44 28.65 -9.92
C ALA O 264 -51.27 28.81 -10.89
N GLU O 265 -50.29 27.94 -10.82
CA GLU O 265 -49.06 28.11 -11.59
C GLU O 265 -49.25 27.57 -13.00
N PRO O 266 -48.70 28.26 -14.01
CA PRO O 266 -48.76 27.74 -15.38
C PRO O 266 -47.62 26.77 -15.66
N LYS O 267 -47.84 25.93 -16.67
CA LYS O 267 -46.83 24.94 -17.05
C LYS O 267 -45.58 25.63 -17.60
N ALA O 268 -44.44 24.96 -17.47
CA ALA O 268 -43.15 25.50 -17.88
C ALA O 268 -42.84 25.15 -19.34
N ALA O 269 -42.01 25.97 -19.97
CA ALA O 269 -41.59 25.73 -21.35
C ALA O 269 -40.58 24.57 -21.40
N LYS O 270 -40.60 23.83 -22.52
CA LYS O 270 -39.66 22.73 -22.69
C LYS O 270 -38.22 23.24 -22.75
N ASN O 271 -38.01 24.36 -23.43
CA ASN O 271 -36.66 24.90 -23.58
C ASN O 271 -36.32 25.73 -22.34
N THR O 272 -36.08 25.02 -21.26
CA THR O 272 -35.89 25.61 -19.94
C THR O 272 -34.99 24.67 -19.15
N TYR O 273 -33.94 25.21 -18.54
CA TYR O 273 -32.97 24.38 -17.84
C TYR O 273 -33.66 23.44 -16.86
N THR O 274 -34.61 23.95 -16.10
CA THR O 274 -35.32 23.11 -15.13
C THR O 274 -36.16 22.04 -15.83
N ALA O 275 -36.93 22.44 -16.84
CA ALA O 275 -37.78 21.49 -17.54
C ALA O 275 -36.96 20.49 -18.35
N GLU O 276 -35.90 20.96 -19.02
CA GLU O 276 -35.04 20.06 -19.78
C GLU O 276 -34.33 19.08 -18.85
N ARG O 277 -33.86 19.57 -17.71
CA ARG O 277 -33.30 18.70 -16.68
C ARG O 277 -34.33 17.67 -16.22
N PHE O 278 -35.59 18.09 -16.09
CA PHE O 278 -36.64 17.17 -15.67
C PHE O 278 -36.85 16.08 -16.70
N ILE O 279 -36.91 16.45 -17.99
CA ILE O 279 -37.08 15.44 -19.04
C ILE O 279 -35.91 14.47 -19.05
N TRP O 280 -34.68 15.00 -18.90
CA TRP O 280 -33.50 14.15 -18.91
C TRP O 280 -33.47 13.22 -17.70
N LEU O 281 -33.87 13.73 -16.52
CA LEU O 281 -33.92 12.89 -15.33
C LEU O 281 -34.99 11.82 -15.45
N THR O 282 -36.14 12.16 -16.03
CA THR O 282 -37.16 11.16 -16.30
C THR O 282 -36.61 10.06 -17.20
N LYS O 283 -35.99 10.45 -18.32
CA LYS O 283 -35.47 9.45 -19.26
C LYS O 283 -34.41 8.57 -18.61
N LEU O 284 -33.50 9.19 -17.86
CA LEU O 284 -32.41 8.43 -17.24
C LEU O 284 -32.92 7.48 -16.17
N ASN O 285 -33.74 8.00 -15.25
CA ASN O 285 -34.20 7.20 -14.12
C ASN O 285 -35.15 6.09 -14.58
N ASN O 286 -35.86 6.30 -15.68
CA ASN O 286 -36.78 5.30 -16.21
C ASN O 286 -36.12 4.35 -17.19
N LEU O 287 -34.85 4.57 -17.53
CA LEU O 287 -34.17 3.68 -18.47
C LEU O 287 -33.97 2.30 -17.85
N ARG O 288 -34.29 1.27 -18.61
CA ARG O 288 -34.08 -0.11 -18.19
C ARG O 288 -33.21 -0.83 -19.20
N ILE O 289 -32.42 -1.79 -18.71
CA ILE O 289 -31.52 -2.58 -19.54
C ILE O 289 -31.81 -4.07 -19.33
N LEU O 290 -31.80 -4.81 -20.43
CA LEU O 290 -32.08 -6.24 -20.47
C LEU O 290 -30.79 -6.99 -20.74
N GLU O 291 -30.45 -7.95 -19.88
CA GLU O 291 -29.19 -8.66 -20.09
C GLU O 291 -29.37 -10.08 -20.63
N GLN O 292 -29.83 -11.01 -19.78
CA GLN O 292 -30.05 -12.41 -20.18
C GLN O 292 -31.37 -12.88 -19.56
N GLY O 293 -32.47 -12.46 -20.16
CA GLY O 293 -33.74 -12.81 -19.54
C GLY O 293 -34.03 -12.03 -18.27
N SER O 294 -33.25 -10.99 -18.00
CA SER O 294 -33.40 -10.21 -16.79
C SER O 294 -33.54 -8.73 -17.14
N GLU O 295 -34.03 -7.96 -16.18
CA GLU O 295 -34.32 -6.56 -16.35
C GLU O 295 -33.75 -5.80 -15.16
N ARG O 296 -33.10 -4.67 -15.43
CA ARG O 296 -32.56 -3.91 -14.30
C ARG O 296 -32.50 -2.43 -14.65
N PRO O 297 -32.61 -1.55 -13.67
CA PRO O 297 -32.37 -0.13 -13.91
C PRO O 297 -30.88 0.18 -13.97
N LEU O 298 -30.56 1.39 -14.39
CA LEU O 298 -29.18 1.86 -14.30
C LEU O 298 -28.82 2.07 -12.84
N THR O 299 -27.60 1.67 -12.47
CA THR O 299 -27.14 1.83 -11.10
C THR O 299 -26.79 3.30 -10.84
N ASP O 300 -26.55 3.60 -9.56
CA ASP O 300 -26.23 4.97 -9.16
C ASP O 300 -24.96 5.45 -9.86
N THR O 301 -23.95 4.58 -9.96
CA THR O 301 -22.72 4.97 -10.64
C THR O 301 -22.96 5.10 -12.14
N GLU O 302 -23.81 4.24 -12.70
CA GLU O 302 -24.15 4.34 -14.11
C GLU O 302 -24.83 5.68 -14.42
N ARG O 303 -25.77 6.08 -13.56
CA ARG O 303 -26.48 7.34 -13.73
C ARG O 303 -25.54 8.52 -13.57
N ALA O 304 -24.65 8.46 -12.58
CA ALA O 304 -23.67 9.53 -12.38
C ALA O 304 -22.71 9.63 -13.55
N THR O 305 -22.39 8.50 -14.18
CA THR O 305 -21.58 8.53 -15.40
C THR O 305 -22.28 9.30 -16.50
N LEU O 306 -23.59 9.06 -16.68
CA LEU O 306 -24.27 9.65 -17.82
C LEU O 306 -24.80 11.07 -17.60
N MET O 307 -25.03 11.48 -16.35
CA MET O 307 -25.87 12.65 -16.10
C MET O 307 -25.36 13.91 -16.79
N ASP O 308 -24.07 14.23 -16.61
CA ASP O 308 -23.55 15.48 -17.15
C ASP O 308 -23.25 15.42 -18.65
N GLU O 309 -23.39 14.25 -19.28
CA GLU O 309 -22.94 14.05 -20.65
C GLU O 309 -23.73 14.86 -21.68
N PRO O 310 -25.08 14.94 -21.60
CA PRO O 310 -25.80 15.76 -22.57
C PRO O 310 -25.38 17.22 -22.58
N TYR O 311 -24.88 17.73 -21.45
CA TYR O 311 -24.30 19.07 -21.45
C TYR O 311 -22.94 19.09 -22.12
N ARG O 312 -22.22 17.97 -22.07
CA ARG O 312 -20.85 17.88 -22.57
C ARG O 312 -20.80 17.47 -24.04
N LYS O 313 -21.91 17.02 -24.62
CA LYS O 313 -21.96 16.56 -26.00
C LYS O 313 -23.16 17.18 -26.71
N SER O 314 -23.13 17.09 -28.04
CA SER O 314 -24.29 17.48 -28.82
C SER O 314 -25.51 16.64 -28.46
N LYS O 315 -25.35 15.30 -28.47
CA LYS O 315 -26.45 14.38 -28.22
C LYS O 315 -25.92 13.23 -27.37
N LEU O 316 -26.83 12.56 -26.64
CA LEU O 316 -26.35 11.45 -25.81
C LEU O 316 -26.22 10.15 -26.61
N THR O 317 -27.23 9.80 -27.42
CA THR O 317 -27.09 8.67 -28.35
C THR O 317 -26.89 7.31 -27.69
N TYR O 318 -28.00 6.58 -27.46
CA TYR O 318 -27.98 5.24 -26.86
C TYR O 318 -26.70 4.47 -27.14
N ALA O 319 -26.19 4.54 -28.38
CA ALA O 319 -24.92 3.88 -28.67
C ALA O 319 -23.76 4.51 -27.90
N GLN O 320 -23.73 5.84 -27.81
CA GLN O 320 -22.70 6.49 -27.00
C GLN O 320 -22.85 6.12 -25.53
N ALA O 321 -24.10 6.01 -25.05
CA ALA O 321 -24.33 5.55 -23.68
C ALA O 321 -23.78 4.14 -23.49
N ARG O 322 -24.05 3.25 -24.43
CA ARG O 322 -23.47 1.91 -24.36
C ARG O 322 -21.95 1.95 -24.28
N LYS O 323 -21.32 2.81 -25.09
CA LYS O 323 -19.87 2.94 -25.06
C LYS O 323 -19.40 3.42 -23.68
N LEU O 324 -20.07 4.45 -23.15
CA LEU O 324 -19.61 5.09 -21.91
C LEU O 324 -19.61 4.10 -20.75
N LEU O 325 -20.57 3.19 -20.71
CA LEU O 325 -20.62 2.24 -19.62
C LEU O 325 -19.93 0.94 -19.92
N GLY O 326 -19.37 0.79 -21.12
CA GLY O 326 -18.78 -0.45 -21.52
C GLY O 326 -19.81 -1.56 -21.34
N LEU O 327 -21.03 -1.39 -21.86
CA LEU O 327 -22.14 -2.22 -21.36
C LEU O 327 -21.89 -3.71 -21.54
N GLU O 328 -22.10 -4.26 -22.75
CA GLU O 328 -21.40 -5.40 -23.34
C GLU O 328 -22.32 -5.79 -24.48
N ASP O 329 -21.97 -6.76 -25.34
CA ASP O 329 -22.89 -7.11 -26.42
C ASP O 329 -24.10 -7.90 -25.95
N THR O 330 -24.03 -8.54 -24.78
CA THR O 330 -25.17 -9.31 -24.27
C THR O 330 -26.28 -8.44 -23.68
N ALA O 331 -26.03 -7.16 -23.44
CA ALA O 331 -27.00 -6.28 -22.81
C ALA O 331 -27.59 -5.33 -23.85
N PHE O 332 -28.92 -5.16 -23.80
CA PHE O 332 -29.63 -4.26 -24.71
C PHE O 332 -30.54 -3.34 -23.91
N PHE O 333 -30.95 -2.25 -24.55
CA PHE O 333 -31.86 -1.30 -23.91
C PHE O 333 -33.30 -1.71 -24.13
N LYS O 334 -34.12 -1.56 -23.08
CA LYS O 334 -35.52 -1.91 -23.16
C LYS O 334 -36.28 -0.87 -24.01
N GLY O 335 -37.26 -1.36 -24.76
CA GLY O 335 -38.10 -0.48 -25.55
C GLY O 335 -37.43 0.11 -26.76
N LEU O 336 -36.60 -0.67 -27.46
CA LEU O 336 -35.88 -0.21 -28.64
C LEU O 336 -36.06 -1.22 -29.75
N ARG O 337 -36.43 -0.74 -30.94
CA ARG O 337 -36.68 -1.62 -32.08
C ARG O 337 -35.33 -2.08 -32.63
N TYR O 338 -34.78 -3.11 -31.99
CA TYR O 338 -33.51 -3.68 -32.41
C TYR O 338 -33.63 -4.46 -33.70
N GLY O 339 -34.84 -4.76 -34.17
CA GLY O 339 -35.01 -5.43 -35.45
C GLY O 339 -34.49 -4.60 -36.60
N LYS O 340 -34.62 -3.28 -36.51
CA LYS O 340 -34.10 -2.39 -37.54
C LYS O 340 -32.62 -2.12 -37.30
N ASP O 341 -31.90 -1.91 -38.40
CA ASP O 341 -30.46 -1.70 -38.36
C ASP O 341 -30.12 -0.26 -37.92
N ASN O 342 -29.04 -0.16 -37.15
CA ASN O 342 -28.60 1.11 -36.56
C ASN O 342 -29.68 1.68 -35.65
N ALA O 343 -30.20 0.82 -34.79
CA ALA O 343 -31.24 1.20 -33.83
C ALA O 343 -30.71 2.10 -32.72
N GLU O 344 -29.47 1.92 -32.29
CA GLU O 344 -28.93 2.68 -31.17
C GLU O 344 -28.44 4.06 -31.57
N ALA O 345 -28.67 4.49 -32.80
CA ALA O 345 -28.35 5.85 -33.22
C ALA O 345 -29.35 6.86 -32.72
N SER O 346 -30.41 6.41 -32.03
CA SER O 346 -31.43 7.31 -31.50
C SER O 346 -30.81 8.26 -30.49
N THR O 347 -31.35 9.48 -30.48
CA THR O 347 -30.71 10.56 -29.75
C THR O 347 -30.70 10.30 -28.24
N LEU O 348 -31.84 9.92 -27.67
CA LEU O 348 -32.02 9.59 -26.26
C LEU O 348 -32.00 10.80 -25.32
N MET O 349 -31.27 11.87 -25.68
CA MET O 349 -31.35 13.14 -24.96
C MET O 349 -30.55 14.16 -25.72
N GLU O 350 -31.07 15.39 -25.76
CA GLU O 350 -30.35 16.50 -26.39
C GLU O 350 -30.81 17.75 -25.68
N MET O 351 -29.92 18.37 -24.90
CA MET O 351 -30.28 19.59 -24.19
C MET O 351 -30.37 20.71 -25.22
N LYS O 352 -31.52 20.74 -25.92
CA LYS O 352 -31.68 21.66 -27.04
C LYS O 352 -31.56 23.11 -26.59
N ALA O 353 -32.17 23.47 -25.46
CA ALA O 353 -32.12 24.86 -25.01
C ALA O 353 -30.70 25.26 -24.60
N TYR O 354 -30.05 24.43 -23.79
CA TYR O 354 -28.67 24.68 -23.37
C TYR O 354 -27.76 24.90 -24.56
N HIS O 355 -27.67 23.89 -25.45
CA HIS O 355 -26.79 23.99 -26.60
C HIS O 355 -27.23 25.09 -27.57
N ALA O 356 -28.53 25.41 -27.61
CA ALA O 356 -28.99 26.48 -28.48
C ALA O 356 -28.49 27.84 -27.99
N ILE O 357 -28.65 28.12 -26.70
CA ILE O 357 -28.10 29.35 -26.11
C ILE O 357 -26.59 29.39 -26.32
N SER O 358 -25.92 28.26 -26.06
CA SER O 358 -24.47 28.19 -26.21
C SER O 358 -24.06 28.51 -27.64
N ARG O 359 -24.68 27.87 -28.63
CA ARG O 359 -24.34 28.09 -30.02
C ARG O 359 -24.68 29.51 -30.46
N ALA O 360 -25.75 30.09 -29.93
CA ALA O 360 -26.07 31.48 -30.23
C ALA O 360 -24.94 32.40 -29.79
N LEU O 361 -24.50 32.24 -28.54
CA LEU O 361 -23.42 33.08 -28.04
C LEU O 361 -22.09 32.76 -28.71
N GLU O 362 -21.87 31.50 -29.10
CA GLU O 362 -20.63 31.13 -29.80
C GLU O 362 -20.58 31.76 -31.18
N LYS O 363 -21.68 31.68 -31.94
CA LYS O 363 -21.72 32.23 -33.28
C LYS O 363 -21.64 33.76 -33.28
N GLU O 364 -21.89 34.40 -32.16
CA GLU O 364 -21.79 35.85 -32.04
C GLU O 364 -20.57 36.30 -31.23
N GLY O 365 -19.76 35.37 -30.74
CA GLY O 365 -18.47 35.74 -30.18
C GLY O 365 -18.49 36.19 -28.74
N LEU O 366 -19.56 35.91 -28.00
CA LEU O 366 -19.69 36.25 -26.60
C LEU O 366 -19.53 35.03 -25.71
N LYS O 367 -19.20 33.89 -26.31
CA LYS O 367 -19.06 32.59 -25.66
C LYS O 367 -17.79 31.94 -26.17
N ASP O 368 -17.12 31.19 -25.30
CA ASP O 368 -15.93 30.48 -25.73
C ASP O 368 -16.38 29.11 -26.22
N LYS O 369 -15.84 28.70 -27.37
CA LYS O 369 -16.21 27.41 -27.93
C LYS O 369 -15.79 26.28 -26.98
N LYS O 370 -16.70 25.34 -26.78
CA LYS O 370 -16.47 24.17 -25.91
C LYS O 370 -16.05 24.61 -24.50
N SER O 371 -16.86 25.49 -23.91
CA SER O 371 -16.66 26.08 -22.60
C SER O 371 -18.04 26.19 -21.98
N PRO O 372 -18.18 25.95 -20.68
CA PRO O 372 -19.52 25.91 -20.07
C PRO O 372 -20.24 27.26 -20.16
N LEU O 373 -21.56 27.19 -20.03
CA LEU O 373 -22.40 28.37 -19.99
C LEU O 373 -22.27 29.09 -18.66
N ASN O 374 -22.08 30.41 -18.70
CA ASN O 374 -21.86 31.21 -17.49
C ASN O 374 -23.16 31.78 -16.94
N LEU O 375 -24.32 31.31 -17.39
CA LEU O 375 -25.60 31.84 -16.96
C LEU O 375 -26.20 30.96 -15.87
N SER O 376 -26.89 31.62 -14.94
CA SER O 376 -27.54 30.92 -13.84
C SER O 376 -28.60 29.95 -14.37
N PRO O 377 -28.87 28.86 -13.66
CA PRO O 377 -30.05 28.05 -13.99
C PRO O 377 -31.33 28.88 -14.09
N GLU O 378 -31.57 29.75 -13.11
CA GLU O 378 -32.73 30.62 -13.17
C GLU O 378 -32.71 31.49 -14.42
N LEU O 379 -31.53 32.02 -14.77
CA LEU O 379 -31.45 32.85 -15.97
C LEU O 379 -31.83 32.08 -17.23
N GLN O 380 -31.40 30.82 -17.33
CA GLN O 380 -31.78 30.02 -18.49
C GLN O 380 -33.27 29.72 -18.49
N ASP O 381 -33.83 29.48 -17.30
CA ASP O 381 -35.28 29.35 -17.18
C ASP O 381 -35.99 30.59 -17.71
N GLU O 382 -35.57 31.77 -17.25
CA GLU O 382 -36.20 33.02 -17.68
C GLU O 382 -36.10 33.19 -19.20
N ILE O 383 -34.93 32.92 -19.76
CA ILE O 383 -34.73 33.02 -21.20
C ILE O 383 -35.72 32.11 -21.93
N GLY O 384 -35.77 30.85 -21.52
CA GLY O 384 -36.66 29.90 -22.17
C GLY O 384 -38.12 30.31 -22.11
N THR O 385 -38.60 30.65 -20.91
CA THR O 385 -40.00 31.02 -20.77
C THR O 385 -40.33 32.28 -21.56
N ALA O 386 -39.46 33.29 -21.52
CA ALA O 386 -39.73 34.52 -22.25
C ALA O 386 -39.78 34.27 -23.76
N PHE O 387 -38.82 33.52 -24.29
CA PHE O 387 -38.83 33.25 -25.72
C PHE O 387 -40.02 32.38 -26.13
N SER O 388 -40.43 31.46 -25.26
CA SER O 388 -41.54 30.57 -25.58
C SER O 388 -42.90 31.28 -25.44
N LEU O 389 -42.99 32.27 -24.55
CA LEU O 389 -44.21 33.02 -24.32
C LEU O 389 -44.33 34.24 -25.23
N PHE O 390 -43.22 34.69 -25.82
CA PHE O 390 -43.18 35.95 -26.55
C PHE O 390 -42.29 35.76 -27.77
N LYS O 391 -42.76 36.22 -28.92
CA LYS O 391 -42.04 36.02 -30.17
C LYS O 391 -41.59 37.30 -30.86
N THR O 392 -41.81 38.46 -30.26
CA THR O 392 -41.38 39.73 -30.83
C THR O 392 -40.23 40.31 -30.03
N ASP O 393 -39.35 41.04 -30.72
CA ASP O 393 -38.23 41.69 -30.04
C ASP O 393 -38.72 42.63 -28.94
N GLU O 394 -39.79 43.37 -29.20
CA GLU O 394 -40.32 44.30 -28.20
C GLU O 394 -40.71 43.57 -26.92
N ASP O 395 -41.47 42.48 -27.04
CA ASP O 395 -41.97 41.78 -25.85
C ASP O 395 -40.84 41.07 -25.11
N ILE O 396 -39.99 40.33 -25.83
CA ILE O 396 -38.89 39.62 -25.19
C ILE O 396 -37.97 40.62 -24.49
N THR O 397 -37.67 41.74 -25.14
CA THR O 397 -36.84 42.77 -24.55
C THR O 397 -37.49 43.33 -23.28
N GLY O 398 -38.72 43.84 -23.39
CA GLY O 398 -39.43 44.33 -22.22
C GLY O 398 -39.51 43.31 -21.09
N ARG O 399 -39.48 42.02 -21.44
CA ARG O 399 -39.59 40.99 -20.41
C ARG O 399 -38.26 40.74 -19.70
N LEU O 400 -37.14 40.67 -20.44
CA LEU O 400 -35.90 40.23 -19.84
C LEU O 400 -34.69 41.10 -20.18
N LYS O 401 -34.86 42.25 -20.84
CA LYS O 401 -33.72 43.13 -21.01
C LYS O 401 -33.30 43.80 -19.70
N ASP O 402 -34.04 43.54 -18.63
CA ASP O 402 -33.71 44.08 -17.32
C ASP O 402 -32.69 43.20 -16.60
N ARG O 403 -32.72 41.88 -16.84
CA ARG O 403 -31.97 40.92 -16.04
C ARG O 403 -30.76 40.32 -16.75
N ILE O 404 -30.48 40.69 -18.00
CA ILE O 404 -29.29 40.20 -18.70
C ILE O 404 -28.62 41.36 -19.44
N GLN O 405 -27.38 41.12 -19.85
CA GLN O 405 -26.60 42.14 -20.55
C GLN O 405 -27.14 42.33 -21.97
N PRO O 406 -27.17 43.56 -22.48
CA PRO O 406 -27.74 43.81 -23.82
C PRO O 406 -27.05 43.05 -24.96
N GLU O 407 -25.75 42.81 -24.89
CA GLU O 407 -25.09 42.05 -25.95
C GLU O 407 -25.67 40.64 -26.07
N ILE O 408 -25.78 39.96 -24.93
CA ILE O 408 -26.38 38.62 -24.91
C ILE O 408 -27.79 38.66 -25.45
N LEU O 409 -28.58 39.67 -25.06
CA LEU O 409 -29.94 39.80 -25.56
C LEU O 409 -29.96 39.95 -27.07
N GLU O 410 -29.06 40.77 -27.62
CA GLU O 410 -29.00 40.92 -29.08
C GLU O 410 -28.70 39.60 -29.76
N ALA O 411 -27.70 38.87 -29.26
CA ALA O 411 -27.36 37.58 -29.84
C ALA O 411 -28.55 36.61 -29.78
N LEU O 412 -29.21 36.53 -28.62
CA LEU O 412 -30.31 35.60 -28.44
C LEU O 412 -31.47 35.94 -29.36
N LEU O 413 -31.82 37.23 -29.45
CA LEU O 413 -32.85 37.65 -30.38
C LEU O 413 -32.45 37.34 -31.82
N LYS O 414 -31.14 37.32 -32.10
CA LYS O 414 -30.69 36.97 -33.43
C LYS O 414 -30.91 35.49 -33.74
N HIS O 415 -30.73 34.60 -32.75
CA HIS O 415 -30.57 33.18 -33.08
C HIS O 415 -31.56 32.19 -32.46
N ILE O 416 -32.41 32.58 -31.51
CA ILE O 416 -33.15 31.61 -30.69
C ILE O 416 -34.62 31.55 -31.11
N SER O 417 -35.19 30.33 -31.07
CA SER O 417 -36.64 30.14 -31.24
C SER O 417 -37.10 28.96 -30.40
N PHE O 418 -38.02 29.22 -29.45
CA PHE O 418 -38.50 28.22 -28.48
C PHE O 418 -40.03 28.10 -28.51
N ASP O 419 -40.52 26.86 -28.28
CA ASP O 419 -41.95 26.57 -28.21
C ASP O 419 -42.18 25.39 -27.25
N LYS O 420 -43.45 24.94 -27.15
CA LYS O 420 -43.76 23.65 -26.53
C LYS O 420 -43.52 23.49 -25.03
N PHE O 421 -44.57 23.60 -24.21
CA PHE O 421 -44.54 23.56 -22.75
C PHE O 421 -44.66 22.13 -22.20
N VAL O 422 -44.31 21.98 -20.92
CA VAL O 422 -44.01 20.67 -20.32
C VAL O 422 -45.07 20.19 -19.32
N GLN O 423 -46.29 20.73 -19.35
CA GLN O 423 -47.37 20.20 -18.50
C GLN O 423 -47.18 20.33 -16.99
N ILE O 424 -46.05 20.85 -16.51
CA ILE O 424 -45.80 21.01 -15.08
C ILE O 424 -45.19 22.39 -14.84
N SER O 425 -45.62 23.02 -13.74
CA SER O 425 -45.16 24.35 -13.38
C SER O 425 -43.69 24.37 -12.96
N LEU O 426 -43.06 25.53 -13.14
CA LEU O 426 -41.68 25.72 -12.70
C LEU O 426 -41.54 25.53 -11.19
N LYS O 427 -42.50 26.04 -10.42
CA LYS O 427 -42.49 25.86 -8.96
C LYS O 427 -42.42 24.38 -8.59
N ALA O 428 -43.40 23.61 -9.06
CA ALA O 428 -43.44 22.19 -8.77
C ALA O 428 -42.20 21.49 -9.33
N LEU O 429 -41.77 21.89 -10.53
CA LEU O 429 -40.59 21.26 -11.12
C LEU O 429 -39.35 21.49 -10.27
N ARG O 430 -39.20 22.70 -9.72
CA ARG O 430 -38.04 23.00 -8.90
C ARG O 430 -38.08 22.23 -7.59
N ARG O 431 -39.28 21.98 -7.07
CA ARG O 431 -39.38 21.09 -5.93
C ARG O 431 -39.01 19.65 -6.30
N ILE O 432 -39.45 19.21 -7.49
CA ILE O 432 -39.42 17.80 -7.84
C ILE O 432 -38.03 17.36 -8.33
N VAL O 433 -37.31 18.22 -9.05
CA VAL O 433 -36.07 17.78 -9.71
C VAL O 433 -34.95 17.40 -8.74
N PRO O 434 -34.80 18.02 -7.55
CA PRO O 434 -33.80 17.47 -6.61
C PRO O 434 -34.09 16.04 -6.20
N LEU O 435 -35.35 15.73 -5.92
CA LEU O 435 -35.72 14.36 -5.53
C LEU O 435 -35.40 13.36 -6.63
N MET O 436 -35.64 13.74 -7.89
CA MET O 436 -35.31 12.85 -9.00
C MET O 436 -33.80 12.78 -9.21
N GLU O 437 -33.08 13.84 -8.88
CA GLU O 437 -31.62 13.84 -9.02
C GLU O 437 -30.99 12.79 -8.13
N GLN O 438 -31.52 12.59 -6.92
CA GLN O 438 -30.98 11.61 -5.99
C GLN O 438 -31.52 10.20 -6.21
N GLY O 439 -32.01 9.90 -7.42
CA GLY O 439 -32.35 8.55 -7.81
C GLY O 439 -33.80 8.15 -7.63
N LYS O 440 -34.67 9.05 -7.21
CA LYS O 440 -36.07 8.69 -7.03
C LYS O 440 -36.83 8.80 -8.35
N ARG O 441 -37.84 7.94 -8.51
CA ARG O 441 -38.68 7.99 -9.69
C ARG O 441 -39.62 9.20 -9.62
N TYR O 442 -40.24 9.51 -10.77
CA TYR O 442 -41.19 10.62 -10.83
C TYR O 442 -42.32 10.43 -9.84
N ASP O 443 -42.97 9.25 -9.89
CA ASP O 443 -44.10 9.00 -9.00
C ASP O 443 -43.70 9.13 -7.54
N GLU O 444 -42.51 8.61 -7.19
CA GLU O 444 -42.03 8.75 -5.82
C GLU O 444 -41.83 10.21 -5.43
N ALA O 445 -41.20 10.98 -6.32
CA ALA O 445 -40.94 12.38 -6.02
C ALA O 445 -42.24 13.16 -5.79
N CYS O 446 -43.18 13.07 -6.71
CA CYS O 446 -44.38 13.89 -6.57
C CYS O 446 -45.39 13.30 -5.59
N ALA O 447 -45.25 12.01 -5.23
CA ALA O 447 -46.00 11.47 -4.11
C ALA O 447 -45.50 12.01 -2.77
N GLU O 448 -44.17 12.04 -2.57
CA GLU O 448 -43.63 12.54 -1.31
C GLU O 448 -43.84 14.05 -1.17
N ILE O 449 -43.77 14.80 -2.28
CA ILE O 449 -43.94 16.24 -2.13
C ILE O 449 -45.41 16.62 -1.99
N TYR O 450 -46.28 16.00 -2.78
CA TYR O 450 -47.67 16.43 -2.84
C TYR O 450 -48.65 15.39 -2.29
N GLY O 451 -48.51 14.12 -2.67
CA GLY O 451 -49.46 13.12 -2.23
C GLY O 451 -50.75 13.10 -3.02
N ASP O 452 -51.23 11.90 -3.35
CA ASP O 452 -52.44 11.68 -4.15
C ASP O 452 -53.60 12.61 -3.80
N ASN O 458 -66.41 16.43 -6.24
CA ASN O 458 -65.62 17.60 -5.84
C ASN O 458 -66.41 18.89 -6.05
N THR O 459 -67.52 18.78 -6.79
CA THR O 459 -68.35 19.91 -7.16
C THR O 459 -69.79 19.62 -6.77
N GLU O 460 -70.52 20.66 -6.36
CA GLU O 460 -71.89 20.46 -5.95
C GLU O 460 -72.69 19.91 -7.13
N GLU O 461 -73.58 18.97 -6.84
CA GLU O 461 -74.41 18.35 -7.86
C GLU O 461 -75.77 19.04 -7.90
N LYS O 462 -76.12 19.56 -9.07
CA LYS O 462 -77.38 20.26 -9.26
C LYS O 462 -78.46 19.31 -9.76
N ILE O 463 -79.70 19.79 -9.72
CA ILE O 463 -80.81 18.99 -10.23
C ILE O 463 -80.74 18.89 -11.75
N TYR O 464 -80.37 19.98 -12.43
CA TYR O 464 -80.29 20.03 -13.88
C TYR O 464 -78.84 20.07 -14.32
N LEU O 465 -78.54 19.36 -15.40
CA LEU O 465 -77.17 19.27 -15.91
C LEU O 465 -76.69 20.65 -16.36
N PRO O 466 -75.46 21.03 -16.01
CA PRO O 466 -74.93 22.31 -16.45
C PRO O 466 -74.47 22.23 -17.90
N PRO O 467 -74.14 23.38 -18.52
CA PRO O 467 -73.69 23.35 -19.91
C PRO O 467 -72.41 22.52 -20.08
N ILE O 468 -72.33 21.81 -21.20
CA ILE O 468 -71.12 21.05 -21.52
C ILE O 468 -69.96 22.01 -21.68
N PRO O 469 -68.82 21.79 -21.00
CA PRO O 469 -67.71 22.75 -21.08
C PRO O 469 -66.94 22.55 -22.38
N ALA O 470 -66.90 23.61 -23.21
CA ALA O 470 -66.19 23.53 -24.48
C ALA O 470 -64.69 23.31 -24.31
N ASP O 471 -64.14 23.68 -23.15
CA ASP O 471 -62.73 23.43 -22.89
C ASP O 471 -62.41 21.94 -22.92
N GLU O 472 -63.31 21.11 -22.40
CA GLU O 472 -63.04 19.68 -22.32
C GLU O 472 -63.20 18.99 -23.67
N ILE O 473 -64.26 19.32 -24.41
CA ILE O 473 -64.55 18.72 -25.70
C ILE O 473 -64.25 19.74 -26.77
N ARG O 474 -63.30 19.43 -27.65
CA ARG O 474 -62.89 20.35 -28.68
C ARG O 474 -63.47 20.00 -30.04
N ASN O 475 -64.00 18.80 -30.21
CA ASN O 475 -64.77 18.45 -31.39
C ASN O 475 -66.09 19.21 -31.38
N PRO O 476 -66.29 20.18 -32.27
CA PRO O 476 -67.57 20.90 -32.26
C PRO O 476 -68.76 20.00 -32.50
N VAL O 477 -68.58 18.95 -33.30
CA VAL O 477 -69.66 18.01 -33.57
C VAL O 477 -70.06 17.29 -32.28
N VAL O 478 -69.06 16.81 -31.54
CA VAL O 478 -69.35 16.15 -30.26
C VAL O 478 -69.92 17.16 -29.28
N LEU O 479 -69.46 18.41 -29.35
CA LEU O 479 -70.02 19.45 -28.48
C LEU O 479 -71.52 19.61 -28.71
N ARG O 480 -71.93 19.71 -29.98
CA ARG O 480 -73.36 19.84 -30.26
C ARG O 480 -74.14 18.60 -29.87
N ALA O 481 -73.61 17.42 -30.18
CA ALA O 481 -74.28 16.19 -29.78
C ALA O 481 -74.52 16.16 -28.27
N LEU O 482 -73.49 16.46 -27.49
CA LEU O 482 -73.62 16.46 -26.04
C LEU O 482 -74.56 17.56 -25.56
N SER O 483 -74.55 18.72 -26.23
CA SER O 483 -75.43 19.80 -25.80
C SER O 483 -76.89 19.43 -26.02
N GLN O 484 -77.20 18.83 -27.16
CA GLN O 484 -78.57 18.38 -27.39
C GLN O 484 -78.94 17.24 -26.44
N ALA O 485 -77.98 16.38 -26.11
CA ALA O 485 -78.24 15.36 -25.09
C ALA O 485 -78.56 16.02 -23.75
N ARG O 486 -77.87 17.11 -23.43
CA ARG O 486 -78.18 17.88 -22.24
C ARG O 486 -79.60 18.44 -22.29
N LYS O 487 -79.98 18.98 -23.45
CA LYS O 487 -81.35 19.49 -23.63
C LYS O 487 -82.36 18.39 -23.33
N VAL O 488 -82.14 17.20 -23.88
CA VAL O 488 -83.09 16.10 -23.70
C VAL O 488 -83.12 15.66 -22.24
N ILE O 489 -81.94 15.53 -21.62
CA ILE O 489 -81.86 15.15 -20.21
C ILE O 489 -82.64 16.13 -19.34
N ASN O 490 -82.36 17.42 -19.50
CA ASN O 490 -83.04 18.42 -18.70
C ASN O 490 -84.53 18.43 -18.97
N GLY O 491 -84.94 18.16 -20.22
CA GLY O 491 -86.36 18.02 -20.51
C GLY O 491 -87.00 16.90 -19.70
N VAL O 492 -86.41 15.71 -19.74
CA VAL O 492 -87.04 14.59 -19.05
C VAL O 492 -87.00 14.81 -17.53
N VAL O 493 -85.99 15.53 -17.03
CA VAL O 493 -85.96 15.82 -15.59
C VAL O 493 -87.02 16.83 -15.22
N ARG O 494 -87.17 17.89 -16.02
CA ARG O 494 -88.21 18.88 -15.80
C ARG O 494 -89.58 18.23 -15.81
N ARG O 495 -89.78 17.23 -16.66
CA ARG O 495 -91.09 16.64 -16.85
C ARG O 495 -91.40 15.52 -15.84
N TYR O 496 -90.39 14.73 -15.46
CA TYR O 496 -90.62 13.52 -14.68
C TYR O 496 -89.76 13.45 -13.43
N GLY O 497 -89.03 14.51 -13.09
CA GLY O 497 -88.17 14.49 -11.93
C GLY O 497 -86.82 13.86 -12.21
N SER O 498 -86.01 13.82 -11.16
CA SER O 498 -84.65 13.28 -11.28
C SER O 498 -84.69 11.80 -11.66
N PRO O 499 -83.93 11.38 -12.66
CA PRO O 499 -83.88 9.95 -12.99
C PRO O 499 -83.11 9.15 -11.96
N ALA O 500 -83.48 7.89 -11.83
CA ALA O 500 -82.74 6.99 -10.93
C ALA O 500 -81.34 6.70 -11.47
N ARG O 501 -81.22 6.49 -12.78
CA ARG O 501 -79.95 6.17 -13.41
C ARG O 501 -80.00 6.63 -14.86
N ILE O 502 -78.82 6.87 -15.43
CA ILE O 502 -78.69 7.27 -16.83
C ILE O 502 -77.78 6.27 -17.53
N HIS O 503 -78.30 5.66 -18.59
CA HIS O 503 -77.56 4.70 -19.40
C HIS O 503 -77.34 5.31 -20.78
N ILE O 504 -76.13 5.14 -21.32
CA ILE O 504 -75.71 5.84 -22.54
C ILE O 504 -75.13 4.83 -23.53
N GLU O 505 -75.39 5.08 -24.81
CA GLU O 505 -74.78 4.33 -25.91
C GLU O 505 -74.37 5.38 -26.94
N THR O 506 -73.10 5.76 -26.90
CA THR O 506 -72.54 6.66 -27.90
C THR O 506 -72.21 5.92 -29.18
N ALA O 507 -72.60 6.48 -30.33
CA ALA O 507 -72.33 5.84 -31.60
C ALA O 507 -70.81 5.77 -31.86
N ARG O 508 -70.43 4.82 -32.72
CA ARG O 508 -69.02 4.67 -33.08
C ARG O 508 -68.47 5.90 -33.79
N GLU O 509 -69.34 6.74 -34.34
CA GLU O 509 -68.93 7.89 -35.13
C GLU O 509 -68.75 9.14 -34.31
N VAL O 510 -69.20 9.15 -33.07
CA VAL O 510 -69.09 10.35 -32.23
C VAL O 510 -67.71 10.35 -31.59
N GLY O 511 -66.93 11.39 -31.90
CA GLY O 511 -65.58 11.50 -31.40
C GLY O 511 -64.51 11.25 -32.42
N LYS O 512 -64.88 10.88 -33.64
CA LYS O 512 -63.93 10.63 -34.72
C LYS O 512 -63.97 11.79 -35.70
N SER O 513 -62.86 11.97 -36.41
CA SER O 513 -62.78 13.03 -37.40
C SER O 513 -63.62 12.67 -38.62
N PHE O 514 -63.85 13.68 -39.47
CA PHE O 514 -64.61 13.45 -40.70
C PHE O 514 -63.95 12.39 -41.57
N LYS O 515 -62.63 12.45 -41.69
CA LYS O 515 -61.91 11.48 -42.51
C LYS O 515 -62.07 10.08 -41.96
N ASP O 516 -62.03 9.92 -40.64
CA ASP O 516 -62.23 8.60 -40.03
C ASP O 516 -63.64 8.07 -40.28
N ARG O 517 -64.65 8.94 -40.19
CA ARG O 517 -66.01 8.49 -40.44
C ARG O 517 -66.20 8.06 -41.89
N LYS O 518 -65.65 8.83 -42.82
CA LYS O 518 -65.71 8.42 -44.22
C LYS O 518 -64.95 7.11 -44.44
N GLU O 519 -63.85 6.90 -43.72
CA GLU O 519 -63.11 5.65 -43.85
C GLU O 519 -63.92 4.47 -43.35
N ILE O 520 -64.64 4.64 -42.24
CA ILE O 520 -65.44 3.51 -41.74
C ILE O 520 -66.65 3.27 -42.65
N GLU O 521 -67.18 4.32 -43.29
CA GLU O 521 -68.21 4.09 -44.30
C GLU O 521 -67.68 3.25 -45.45
N LYS O 522 -66.51 3.64 -45.98
CA LYS O 522 -65.89 2.88 -47.06
C LYS O 522 -65.63 1.45 -46.64
N ARG O 523 -65.16 1.23 -45.41
CA ARG O 523 -64.79 -0.10 -44.97
C ARG O 523 -66.03 -0.97 -44.76
N GLN O 524 -67.13 -0.39 -44.28
CA GLN O 524 -68.34 -1.19 -44.13
C GLN O 524 -68.97 -1.50 -45.48
N GLU O 525 -68.86 -0.59 -46.46
CA GLU O 525 -69.30 -0.93 -47.81
C GLU O 525 -68.47 -2.09 -48.38
N GLU O 526 -67.14 -2.01 -48.25
CA GLU O 526 -66.29 -3.09 -48.73
C GLU O 526 -66.59 -4.39 -48.01
N ASN O 527 -66.96 -4.31 -46.73
CA ASN O 527 -67.31 -5.51 -45.98
C ASN O 527 -68.63 -6.11 -46.49
N ARG O 528 -69.59 -5.25 -46.85
CA ARG O 528 -70.82 -5.76 -47.47
C ARG O 528 -70.52 -6.49 -48.77
N LYS O 529 -69.68 -5.91 -49.62
CA LYS O 529 -69.31 -6.58 -50.87
C LYS O 529 -68.59 -7.89 -50.61
N ASP O 530 -67.68 -7.90 -49.63
CA ASP O 530 -66.96 -9.12 -49.26
C ASP O 530 -67.92 -10.19 -48.76
N ARG O 531 -68.92 -9.79 -47.98
CA ARG O 531 -69.89 -10.74 -47.45
C ARG O 531 -70.74 -11.32 -48.59
N GLU O 532 -71.05 -10.50 -49.58
CA GLU O 532 -71.75 -11.00 -50.76
C GLU O 532 -70.93 -12.07 -51.46
N LYS O 533 -69.65 -11.78 -51.72
CA LYS O 533 -68.79 -12.78 -52.36
C LYS O 533 -68.65 -14.03 -51.49
N ALA O 534 -68.54 -13.87 -50.18
CA ALA O 534 -68.39 -15.03 -49.29
C ALA O 534 -69.65 -15.89 -49.31
N ALA O 535 -70.83 -15.27 -49.33
CA ALA O 535 -72.06 -16.04 -49.44
C ALA O 535 -72.12 -16.77 -50.78
N ALA O 536 -71.65 -16.12 -51.86
CA ALA O 536 -71.62 -16.80 -53.16
C ALA O 536 -70.75 -18.04 -53.09
N LYS O 537 -69.55 -17.91 -52.51
CA LYS O 537 -68.66 -19.06 -52.38
C LYS O 537 -69.31 -20.15 -51.53
N PHE O 538 -69.88 -19.77 -50.40
CA PHE O 538 -70.55 -20.74 -49.54
C PHE O 538 -71.63 -21.50 -50.30
N ARG O 539 -72.39 -20.79 -51.13
CA ARG O 539 -73.40 -21.44 -51.96
C ARG O 539 -72.77 -22.41 -52.95
N GLU O 540 -71.64 -22.00 -53.53
CA GLU O 540 -70.93 -22.88 -54.46
C GLU O 540 -70.49 -24.16 -53.78
N TYR O 541 -69.96 -24.06 -52.56
CA TYR O 541 -69.51 -25.24 -51.84
C TYR O 541 -70.68 -26.14 -51.45
N PHE O 542 -71.80 -25.53 -51.03
CA PHE O 542 -72.95 -26.25 -50.52
C PHE O 542 -74.15 -25.92 -51.38
N PRO O 543 -74.30 -26.57 -52.53
CA PRO O 543 -75.43 -26.25 -53.42
C PRO O 543 -76.78 -26.57 -52.82
N ASN O 544 -76.85 -27.56 -51.93
CA ASN O 544 -78.14 -27.98 -51.39
C ASN O 544 -78.41 -27.41 -50.01
N PHE O 545 -77.67 -26.38 -49.59
CA PHE O 545 -77.94 -25.73 -48.32
C PHE O 545 -79.32 -25.05 -48.37
N VAL O 546 -80.06 -25.13 -47.28
CA VAL O 546 -81.45 -24.70 -47.25
C VAL O 546 -81.54 -23.23 -46.82
N GLY O 547 -81.89 -22.38 -47.77
CA GLY O 547 -82.15 -20.98 -47.47
C GLY O 547 -80.95 -20.09 -47.67
N GLU O 548 -81.10 -18.87 -47.17
CA GLU O 548 -80.03 -17.89 -47.31
C GLU O 548 -78.90 -18.23 -46.34
N PRO O 549 -77.65 -18.14 -46.77
CA PRO O 549 -76.54 -18.43 -45.85
C PRO O 549 -76.40 -17.27 -44.89
N LYS O 550 -76.54 -17.56 -43.60
CA LYS O 550 -76.49 -16.52 -42.58
C LYS O 550 -75.05 -16.33 -42.11
N SER O 551 -74.86 -15.31 -41.27
CA SER O 551 -73.51 -14.99 -40.81
C SER O 551 -72.89 -16.14 -40.04
N LYS O 552 -73.70 -16.89 -39.29
CA LYS O 552 -73.16 -18.03 -38.54
C LYS O 552 -72.53 -19.06 -39.46
N ASP O 553 -73.11 -19.26 -40.65
CA ASP O 553 -72.61 -20.28 -41.56
C ASP O 553 -71.34 -19.84 -42.27
N ILE O 554 -71.31 -18.59 -42.76
CA ILE O 554 -70.09 -18.05 -43.34
C ILE O 554 -68.99 -18.05 -42.30
N LEU O 555 -69.32 -17.70 -41.06
CA LEU O 555 -68.32 -17.73 -39.99
C LEU O 555 -67.82 -19.14 -39.72
N LYS O 556 -68.72 -20.13 -39.75
CA LYS O 556 -68.26 -21.51 -39.59
C LYS O 556 -67.26 -21.90 -40.67
N LEU O 557 -67.56 -21.55 -41.92
CA LEU O 557 -66.66 -21.93 -43.00
C LEU O 557 -65.33 -21.20 -42.89
N ARG O 558 -65.37 -19.91 -42.55
CA ARG O 558 -64.15 -19.14 -42.37
C ARG O 558 -63.31 -19.69 -41.24
N LEU O 559 -63.94 -20.03 -40.11
CA LEU O 559 -63.22 -20.61 -38.98
C LEU O 559 -62.64 -21.98 -39.33
N TYR O 560 -63.38 -22.77 -40.11
CA TYR O 560 -62.83 -24.04 -40.60
C TYR O 560 -61.53 -23.80 -41.34
N GLU O 561 -61.56 -22.95 -42.37
CA GLU O 561 -60.35 -22.75 -43.17
C GLU O 561 -59.25 -22.07 -42.38
N GLN O 562 -59.62 -21.17 -41.48
CA GLN O 562 -58.67 -20.39 -40.69
C GLN O 562 -58.09 -21.19 -39.52
N GLN O 563 -58.70 -22.32 -39.19
CA GLN O 563 -58.15 -23.28 -38.22
C GLN O 563 -57.52 -24.49 -38.91
N HIS O 564 -57.27 -24.40 -40.21
CA HIS O 564 -56.66 -25.49 -40.99
C HIS O 564 -57.50 -26.76 -40.95
N GLY O 565 -58.82 -26.60 -40.88
CA GLY O 565 -59.71 -27.74 -40.92
C GLY O 565 -59.60 -28.66 -39.74
N LYS O 566 -59.31 -28.11 -38.55
CA LYS O 566 -59.06 -28.92 -37.36
C LYS O 566 -59.87 -28.38 -36.20
N CYS O 567 -60.41 -29.29 -35.39
CA CYS O 567 -61.08 -28.90 -34.16
C CYS O 567 -60.08 -28.30 -33.19
N LEU O 568 -60.37 -27.10 -32.69
CA LEU O 568 -59.42 -26.43 -31.81
C LEU O 568 -59.27 -27.16 -30.48
N TYR O 569 -60.37 -27.72 -29.97
CA TYR O 569 -60.34 -28.32 -28.64
C TYR O 569 -59.70 -29.70 -28.66
N SER O 570 -59.91 -30.48 -29.72
CA SER O 570 -59.42 -31.85 -29.80
C SER O 570 -58.31 -32.06 -30.81
N GLY O 571 -58.25 -31.29 -31.88
CA GLY O 571 -57.29 -31.52 -32.94
C GLY O 571 -57.72 -32.55 -33.96
N LYS O 572 -58.91 -33.11 -33.83
CA LYS O 572 -59.41 -34.06 -34.82
C LYS O 572 -59.78 -33.34 -36.12
N GLU O 573 -59.53 -34.00 -37.24
CA GLU O 573 -59.91 -33.45 -38.54
C GLU O 573 -61.42 -33.24 -38.60
N ILE O 574 -61.82 -32.17 -39.28
CA ILE O 574 -63.24 -31.82 -39.42
C ILE O 574 -63.67 -32.07 -40.85
N ASN O 575 -64.85 -32.64 -41.02
CA ASN O 575 -65.35 -33.07 -42.33
C ASN O 575 -66.18 -31.93 -42.93
N LEU O 576 -65.59 -31.19 -43.85
CA LEU O 576 -66.38 -30.31 -44.70
C LEU O 576 -67.44 -31.12 -45.43
N GLY O 577 -68.64 -30.57 -45.52
CA GLY O 577 -69.73 -31.29 -46.13
C GLY O 577 -70.71 -31.72 -45.07
N ARG O 578 -70.19 -32.11 -43.90
CA ARG O 578 -71.00 -32.23 -42.71
C ARG O 578 -71.00 -30.95 -41.88
N LEU O 579 -70.51 -29.85 -42.44
CA LEU O 579 -70.33 -28.62 -41.68
C LEU O 579 -71.66 -28.12 -41.12
N ASN O 580 -72.73 -28.22 -41.90
CA ASN O 580 -74.03 -27.73 -41.49
C ASN O 580 -74.92 -28.80 -40.89
N GLU O 581 -74.48 -30.06 -40.89
CA GLU O 581 -75.14 -31.10 -40.12
C GLU O 581 -75.31 -30.63 -38.67
N LYS O 582 -76.56 -30.53 -38.22
CA LYS O 582 -76.86 -29.95 -36.92
C LYS O 582 -76.06 -30.61 -35.81
N GLY O 583 -75.45 -29.78 -34.97
CA GLY O 583 -74.68 -30.23 -33.83
C GLY O 583 -73.34 -30.86 -34.14
N TYR O 584 -73.00 -31.04 -35.42
CA TYR O 584 -71.68 -31.59 -35.74
C TYR O 584 -70.57 -30.67 -35.26
N VAL O 585 -70.65 -29.38 -35.61
CA VAL O 585 -69.67 -28.38 -35.21
C VAL O 585 -70.40 -27.20 -34.59
N GLU O 586 -69.81 -26.63 -33.55
CA GLU O 586 -70.35 -25.46 -32.88
C GLU O 586 -69.35 -24.32 -32.92
N ILE O 587 -69.88 -23.10 -33.10
CA ILE O 587 -69.10 -21.88 -32.91
C ILE O 587 -69.12 -21.58 -31.41
N ASP O 588 -68.12 -22.07 -30.69
CA ASP O 588 -68.07 -21.95 -29.24
C ASP O 588 -67.36 -20.66 -28.84
N ALA O 589 -67.84 -20.06 -27.75
CA ALA O 589 -67.08 -19.00 -27.11
C ALA O 589 -66.01 -19.63 -26.24
N ALA O 590 -64.74 -19.40 -26.58
CA ALA O 590 -63.64 -19.97 -25.81
C ALA O 590 -63.74 -19.56 -24.35
N LEU O 591 -63.75 -18.25 -24.12
CA LEU O 591 -64.04 -17.75 -22.78
C LEU O 591 -65.56 -17.74 -22.58
N PRO O 592 -66.06 -18.25 -21.46
CA PRO O 592 -67.51 -18.34 -21.27
C PRO O 592 -68.16 -16.97 -21.18
N PHE O 593 -69.32 -16.85 -21.84
CA PHE O 593 -70.03 -15.58 -21.82
C PHE O 593 -70.54 -15.24 -20.43
N SER O 594 -70.84 -16.25 -19.62
CA SER O 594 -71.32 -16.01 -18.26
C SER O 594 -70.27 -15.30 -17.41
N ARG O 595 -69.00 -15.48 -17.74
CA ARG O 595 -67.92 -14.94 -16.94
C ARG O 595 -67.19 -13.77 -17.59
N THR O 596 -67.44 -13.49 -18.87
CA THR O 596 -66.68 -12.45 -19.57
C THR O 596 -67.57 -11.43 -20.24
N TRP O 597 -68.79 -11.83 -20.61
CA TRP O 597 -69.67 -11.03 -21.48
C TRP O 597 -68.95 -10.64 -22.76
N ASP O 598 -68.19 -11.57 -23.30
CA ASP O 598 -67.36 -11.35 -24.49
C ASP O 598 -68.01 -12.06 -25.68
N ASP O 599 -68.65 -11.29 -26.54
CA ASP O 599 -69.20 -11.82 -27.79
C ASP O 599 -68.41 -11.38 -29.00
N SER O 600 -67.21 -10.84 -28.80
CA SER O 600 -66.38 -10.37 -29.89
C SER O 600 -65.94 -11.53 -30.77
N PHE O 601 -65.59 -11.21 -32.01
CA PHE O 601 -65.11 -12.24 -32.94
C PHE O 601 -63.77 -12.80 -32.52
N ASN O 602 -63.11 -12.18 -31.56
CA ASN O 602 -61.85 -12.64 -31.01
C ASN O 602 -62.04 -13.72 -29.94
N ASN O 603 -63.27 -14.22 -29.78
CA ASN O 603 -63.59 -15.19 -28.73
C ASN O 603 -64.41 -16.35 -29.29
N LYS O 604 -64.41 -16.53 -30.60
CA LYS O 604 -65.24 -17.55 -31.25
C LYS O 604 -64.35 -18.54 -31.98
N VAL O 605 -64.54 -19.83 -31.69
CA VAL O 605 -63.72 -20.88 -32.26
C VAL O 605 -64.64 -21.97 -32.77
N LEU O 606 -64.15 -22.73 -33.75
CA LEU O 606 -64.93 -23.80 -34.37
C LEU O 606 -64.52 -25.11 -33.75
N VAL O 607 -65.44 -25.76 -33.02
CA VAL O 607 -65.13 -27.02 -32.36
C VAL O 607 -66.14 -28.08 -32.76
N LEU O 608 -65.77 -29.33 -32.52
CA LEU O 608 -66.69 -30.43 -32.75
C LEU O 608 -67.69 -30.52 -31.59
N GLY O 609 -68.97 -30.72 -31.94
CA GLY O 609 -69.98 -30.95 -30.92
C GLY O 609 -69.59 -32.02 -29.93
N SER O 610 -68.96 -33.09 -30.41
CA SER O 610 -68.45 -34.16 -29.56
C SER O 610 -67.61 -33.60 -28.42
N GLU O 611 -66.59 -32.82 -28.75
CA GLU O 611 -65.56 -32.46 -27.78
C GLU O 611 -65.98 -31.30 -26.88
N ASN O 612 -66.81 -30.38 -27.39
CA ASN O 612 -67.31 -29.27 -26.57
C ASN O 612 -68.53 -29.76 -25.80
N GLN O 613 -68.26 -30.63 -24.83
CA GLN O 613 -69.25 -31.12 -23.87
C GLN O 613 -68.49 -31.60 -22.65
N ASN O 614 -69.02 -31.27 -21.48
CA ASN O 614 -68.35 -31.33 -20.18
C ASN O 614 -67.33 -30.21 -20.03
N LYS O 615 -67.21 -29.31 -21.01
CA LYS O 615 -66.41 -28.10 -20.84
C LYS O 615 -67.13 -27.09 -19.94
N GLY O 616 -68.44 -26.96 -20.11
CA GLY O 616 -69.22 -26.11 -19.23
C GLY O 616 -68.76 -24.67 -19.26
N ASN O 617 -68.63 -24.07 -18.08
CA ASN O 617 -68.23 -22.68 -17.94
C ASN O 617 -66.74 -22.52 -17.66
N GLN O 618 -65.93 -23.51 -18.01
CA GLN O 618 -64.49 -23.41 -17.84
C GLN O 618 -63.85 -22.65 -19.00
N THR O 619 -62.65 -22.13 -18.75
CA THR O 619 -61.85 -21.56 -19.82
C THR O 619 -60.89 -22.62 -20.35
N PRO O 620 -60.37 -22.45 -21.57
CA PRO O 620 -59.38 -23.40 -22.08
C PRO O 620 -58.25 -23.68 -21.12
N TYR O 621 -57.76 -22.66 -20.41
CA TYR O 621 -56.70 -22.85 -19.43
C TYR O 621 -57.19 -23.71 -18.27
N GLU O 622 -58.46 -23.53 -17.87
CA GLU O 622 -59.02 -24.34 -16.81
C GLU O 622 -59.46 -25.71 -17.31
N TYR O 623 -60.03 -25.77 -18.51
CA TYR O 623 -60.49 -27.03 -19.07
C TYR O 623 -59.31 -28.00 -19.27
N PHE O 624 -58.23 -27.50 -19.85
CA PHE O 624 -57.07 -28.32 -20.18
C PHE O 624 -56.04 -28.38 -19.06
N ASN O 625 -56.36 -27.81 -17.90
CA ASN O 625 -55.47 -27.84 -16.72
C ASN O 625 -54.10 -27.25 -17.05
N GLY O 626 -54.11 -26.08 -17.68
CA GLY O 626 -52.87 -25.34 -17.90
C GLY O 626 -52.22 -24.88 -16.61
N LYS O 627 -52.96 -24.88 -15.50
CA LYS O 627 -52.37 -24.56 -14.21
C LYS O 627 -51.21 -25.49 -13.89
N ASP O 628 -51.31 -26.76 -14.27
CA ASP O 628 -50.25 -27.73 -14.13
C ASP O 628 -49.48 -27.96 -15.42
N ASN O 629 -49.72 -27.13 -16.44
CA ASN O 629 -49.00 -27.17 -17.71
C ASN O 629 -48.99 -28.58 -18.31
N SER O 630 -50.19 -29.16 -18.42
CA SER O 630 -50.33 -30.53 -18.90
C SER O 630 -50.03 -30.62 -20.40
N ARG O 631 -49.89 -31.85 -20.88
CA ARG O 631 -49.71 -32.10 -22.30
C ARG O 631 -50.83 -31.47 -23.13
N GLU O 632 -52.07 -31.62 -22.67
CA GLU O 632 -53.21 -31.10 -23.42
C GLU O 632 -53.13 -29.58 -23.57
N TRP O 633 -52.74 -28.88 -22.51
CA TRP O 633 -52.58 -27.43 -22.60
C TRP O 633 -51.54 -27.05 -23.64
N GLN O 634 -50.40 -27.76 -23.65
CA GLN O 634 -49.35 -27.45 -24.63
C GLN O 634 -49.83 -27.70 -26.06
N GLU O 635 -50.53 -28.82 -26.27
CA GLU O 635 -51.07 -29.12 -27.59
C GLU O 635 -52.05 -28.05 -28.05
N PHE O 636 -52.96 -27.65 -27.15
CA PHE O 636 -53.93 -26.60 -27.46
C PHE O 636 -53.25 -25.27 -27.79
N LYS O 637 -52.27 -24.89 -26.98
CA LYS O 637 -51.53 -23.65 -27.21
C LYS O 637 -50.84 -23.67 -28.57
N ALA O 638 -50.21 -24.81 -28.91
CA ALA O 638 -49.60 -24.94 -30.23
C ALA O 638 -50.63 -24.81 -31.34
N ARG O 639 -51.79 -25.44 -31.17
CA ARG O 639 -52.84 -25.36 -32.19
C ARG O 639 -53.26 -23.91 -32.43
N VAL O 640 -53.55 -23.17 -31.35
CA VAL O 640 -53.99 -21.80 -31.56
C VAL O 640 -52.86 -20.93 -32.08
N GLU O 641 -51.61 -21.23 -31.71
CA GLU O 641 -50.49 -20.43 -32.20
C GLU O 641 -50.29 -20.63 -33.70
N THR O 642 -50.48 -21.85 -34.18
CA THR O 642 -50.30 -22.15 -35.60
C THR O 642 -51.45 -21.68 -36.48
N SER O 643 -52.59 -21.31 -35.88
CA SER O 643 -53.78 -20.93 -36.62
C SER O 643 -53.63 -19.53 -37.19
N ARG O 644 -54.52 -19.21 -38.13
CA ARG O 644 -54.56 -17.88 -38.74
C ARG O 644 -55.41 -16.93 -37.89
N PHE O 645 -55.00 -16.76 -36.65
CA PHE O 645 -55.75 -15.87 -35.79
C PHE O 645 -54.97 -14.59 -35.56
N PRO O 646 -55.63 -13.43 -35.55
CA PRO O 646 -54.94 -12.21 -35.10
C PRO O 646 -54.36 -12.41 -33.70
N ARG O 647 -53.28 -11.68 -33.41
CA ARG O 647 -52.62 -11.83 -32.11
C ARG O 647 -53.59 -11.61 -30.96
N SER O 648 -54.55 -10.69 -31.14
CA SER O 648 -55.54 -10.43 -30.11
C SER O 648 -56.36 -11.68 -29.79
N LYS O 649 -56.78 -12.41 -30.83
CA LYS O 649 -57.57 -13.61 -30.63
C LYS O 649 -56.77 -14.69 -29.90
N LYS O 650 -55.52 -14.90 -30.33
CA LYS O 650 -54.65 -15.87 -29.66
C LYS O 650 -54.47 -15.50 -28.19
N GLN O 651 -54.24 -14.22 -27.91
CA GLN O 651 -54.07 -13.80 -26.52
C GLN O 651 -55.35 -13.99 -25.71
N ARG O 652 -56.51 -13.72 -26.33
CA ARG O 652 -57.78 -13.89 -25.61
C ARG O 652 -58.04 -15.34 -25.28
N ILE O 653 -57.87 -16.23 -26.26
CA ILE O 653 -58.14 -17.64 -26.01
C ILE O 653 -57.19 -18.16 -24.93
N LEU O 654 -55.93 -17.78 -25.02
CA LEU O 654 -54.94 -18.21 -24.03
C LEU O 654 -54.86 -17.25 -22.85
N LEU O 655 -56.00 -17.05 -22.19
CA LEU O 655 -56.11 -16.17 -21.04
C LEU O 655 -56.03 -17.07 -19.82
N GLN O 656 -54.98 -16.90 -19.00
CA GLN O 656 -54.83 -17.82 -17.88
C GLN O 656 -55.49 -17.33 -16.58
N LYS O 657 -54.84 -16.40 -15.90
CA LYS O 657 -55.43 -15.78 -14.72
C LYS O 657 -56.16 -14.51 -15.11
N PHE O 658 -57.37 -14.34 -14.60
CA PHE O 658 -58.18 -13.18 -14.99
C PHE O 658 -59.22 -12.92 -13.92
N ASP O 659 -59.81 -11.73 -14.00
CA ASP O 659 -60.84 -11.29 -13.08
C ASP O 659 -62.19 -11.43 -13.78
N GLU O 660 -63.09 -12.22 -13.18
CA GLU O 660 -64.43 -12.37 -13.71
C GLU O 660 -65.12 -11.01 -13.85
N ASP O 661 -65.25 -10.30 -12.72
CA ASP O 661 -65.96 -9.02 -12.69
C ASP O 661 -65.27 -7.98 -13.57
N GLY O 662 -63.95 -7.90 -13.51
CA GLY O 662 -63.23 -6.93 -14.33
C GLY O 662 -63.44 -7.14 -15.81
N PHE O 663 -63.35 -8.40 -16.24
CA PHE O 663 -63.55 -8.70 -17.66
C PHE O 663 -64.99 -8.42 -18.08
N LYS O 664 -65.95 -8.82 -17.25
CA LYS O 664 -67.33 -8.45 -17.51
C LYS O 664 -67.48 -6.95 -17.66
N GLU O 665 -66.83 -6.17 -16.79
CA GLU O 665 -66.96 -4.72 -16.83
C GLU O 665 -66.38 -4.15 -18.12
N ARG O 666 -65.16 -4.57 -18.47
CA ARG O 666 -64.54 -4.01 -19.67
C ARG O 666 -65.36 -4.33 -20.90
N ASN O 667 -65.92 -5.55 -20.98
CA ASN O 667 -66.73 -5.89 -22.15
C ASN O 667 -68.08 -5.18 -22.13
N LEU O 668 -68.66 -4.96 -20.95
CA LEU O 668 -69.96 -4.28 -20.90
C LEU O 668 -69.82 -2.78 -21.16
N ASN O 669 -68.75 -2.16 -20.69
CA ASN O 669 -68.61 -0.70 -20.70
C ASN O 669 -67.83 -0.24 -21.93
N ASP O 670 -68.18 0.96 -22.40
CA ASP O 670 -67.52 1.61 -23.52
C ASP O 670 -66.73 2.80 -23.01
N THR O 671 -65.40 2.71 -23.07
CA THR O 671 -64.55 3.71 -22.44
C THR O 671 -63.80 4.57 -23.44
N ARG O 672 -64.46 4.97 -24.53
CA ARG O 672 -63.88 6.01 -25.38
C ARG O 672 -63.97 7.36 -24.67
N TYR O 673 -63.15 8.32 -25.13
CA TYR O 673 -62.91 9.53 -24.34
C TYR O 673 -64.20 10.30 -24.11
N VAL O 674 -65.07 10.38 -25.13
CA VAL O 674 -66.34 11.08 -24.96
C VAL O 674 -67.20 10.39 -23.91
N ASN O 675 -67.29 9.06 -23.95
CA ASN O 675 -68.05 8.33 -22.92
C ASN O 675 -67.46 8.53 -21.53
N ARG O 676 -66.13 8.47 -21.41
CA ARG O 676 -65.50 8.68 -20.11
C ARG O 676 -65.87 10.04 -19.55
N PHE O 677 -65.65 11.09 -20.35
CA PHE O 677 -66.03 12.44 -19.92
C PHE O 677 -67.50 12.51 -19.55
N LEU O 678 -68.37 11.94 -20.39
CA LEU O 678 -69.81 12.04 -20.17
C LEU O 678 -70.20 11.41 -18.84
N CYS O 679 -69.75 10.18 -18.60
CA CYS O 679 -70.00 9.52 -17.32
C CYS O 679 -69.52 10.38 -16.16
N GLN O 680 -68.25 10.80 -16.20
CA GLN O 680 -67.71 11.62 -15.11
C GLN O 680 -68.55 12.86 -14.88
N PHE O 681 -68.79 13.64 -15.94
CA PHE O 681 -69.54 14.89 -15.85
C PHE O 681 -70.92 14.68 -15.26
N VAL O 682 -71.70 13.77 -15.87
CA VAL O 682 -73.09 13.60 -15.44
C VAL O 682 -73.15 13.12 -14.00
N ALA O 683 -72.29 12.15 -13.64
CA ALA O 683 -72.31 11.64 -12.27
C ALA O 683 -71.91 12.72 -11.27
N ASP O 684 -70.92 13.54 -11.61
CA ASP O 684 -70.38 14.50 -10.64
C ASP O 684 -71.18 15.80 -10.55
N ARG O 685 -72.02 16.11 -11.55
CA ARG O 685 -72.62 17.43 -11.63
C ARG O 685 -74.14 17.42 -11.71
N MET O 686 -74.78 16.27 -11.50
CA MET O 686 -76.21 16.15 -11.68
C MET O 686 -76.79 15.12 -10.73
N ARG O 687 -77.99 15.39 -10.23
CA ARG O 687 -78.58 14.57 -9.16
C ARG O 687 -79.22 13.32 -9.74
N LEU O 688 -78.78 12.16 -9.28
CA LEU O 688 -79.34 10.88 -9.67
C LEU O 688 -79.67 10.06 -8.43
N THR O 689 -80.90 9.57 -8.35
CA THR O 689 -81.43 8.90 -7.15
C THR O 689 -81.25 7.38 -7.25
N GLY O 690 -80.03 6.95 -7.49
CA GLY O 690 -79.77 5.55 -7.84
C GLY O 690 -78.98 4.80 -6.79
N LYS O 691 -79.21 3.49 -6.76
CA LYS O 691 -78.51 2.61 -5.85
C LYS O 691 -77.17 2.22 -6.46
N GLY O 692 -76.14 2.22 -5.63
CA GLY O 692 -74.82 1.79 -6.05
C GLY O 692 -73.97 2.89 -6.66
N LYS O 693 -72.71 2.53 -6.88
CA LYS O 693 -71.68 3.48 -7.30
C LYS O 693 -71.99 4.07 -8.67
N LYS O 694 -72.34 3.22 -9.65
CA LYS O 694 -72.47 3.64 -11.04
C LYS O 694 -73.90 4.04 -11.35
N ARG O 695 -74.18 5.34 -11.29
CA ARG O 695 -75.45 5.92 -11.67
C ARG O 695 -75.42 6.47 -13.09
N VAL O 696 -74.26 6.42 -13.75
CA VAL O 696 -74.13 6.69 -15.18
C VAL O 696 -73.35 5.53 -15.76
N PHE O 697 -73.86 4.97 -16.86
CA PHE O 697 -73.29 3.76 -17.43
C PHE O 697 -73.33 3.87 -18.95
N ALA O 698 -72.17 3.76 -19.57
CA ALA O 698 -72.04 3.85 -21.02
C ALA O 698 -71.84 2.44 -21.56
N SER O 699 -72.71 2.03 -22.49
CA SER O 699 -72.79 0.64 -22.88
C SER O 699 -71.96 0.35 -24.13
N ASN O 700 -71.41 -0.85 -24.16
CA ASN O 700 -70.74 -1.37 -25.35
C ASN O 700 -71.75 -1.56 -26.47
N GLY O 701 -71.46 -0.99 -27.64
CA GLY O 701 -72.38 -1.09 -28.76
C GLY O 701 -72.63 -2.52 -29.18
N GLN O 702 -71.59 -3.36 -29.12
CA GLN O 702 -71.75 -4.76 -29.51
C GLN O 702 -72.71 -5.48 -28.58
N ILE O 703 -72.66 -5.18 -27.29
CA ILE O 703 -73.56 -5.83 -26.34
C ILE O 703 -74.97 -5.28 -26.50
N THR O 704 -75.09 -3.99 -26.80
CA THR O 704 -76.41 -3.43 -27.10
C THR O 704 -77.04 -4.13 -28.29
N ASN O 705 -76.26 -4.38 -29.36
CA ASN O 705 -76.80 -5.10 -30.50
C ASN O 705 -77.13 -6.55 -30.15
N LEU O 706 -76.30 -7.18 -29.32
CA LEU O 706 -76.57 -8.54 -28.88
C LEU O 706 -77.91 -8.62 -28.14
N LEU O 707 -78.12 -7.73 -27.18
CA LEU O 707 -79.37 -7.69 -26.43
C LEU O 707 -80.53 -7.35 -27.34
N ARG O 708 -80.33 -6.41 -28.27
CA ARG O 708 -81.38 -6.08 -29.23
C ARG O 708 -81.83 -7.30 -30.01
N GLY O 709 -80.87 -8.12 -30.46
CA GLY O 709 -81.21 -9.33 -31.16
C GLY O 709 -81.96 -10.32 -30.30
N PHE O 710 -81.47 -10.55 -29.08
CA PHE O 710 -82.07 -11.58 -28.23
C PHE O 710 -83.41 -11.15 -27.65
N TRP O 711 -83.67 -9.85 -27.53
CA TRP O 711 -84.92 -9.37 -26.95
C TRP O 711 -86.04 -9.25 -27.96
N GLY O 712 -85.77 -9.46 -29.25
CA GLY O 712 -86.81 -9.57 -30.25
C GLY O 712 -86.94 -8.40 -31.18
N LEU O 713 -86.03 -7.43 -31.15
CA LEU O 713 -86.12 -6.23 -31.97
C LEU O 713 -85.16 -6.39 -33.15
N ARG O 714 -85.71 -6.71 -34.31
CA ARG O 714 -84.91 -6.84 -35.52
C ARG O 714 -84.43 -5.46 -35.97
N LYS O 715 -83.43 -5.45 -36.84
CA LYS O 715 -83.07 -4.23 -37.53
C LYS O 715 -84.18 -3.87 -38.50
N VAL O 716 -84.81 -2.70 -38.28
CA VAL O 716 -85.96 -2.33 -39.08
C VAL O 716 -85.56 -2.17 -40.55
N ARG O 717 -86.45 -2.62 -41.43
CA ARG O 717 -86.27 -2.40 -42.85
C ARG O 717 -86.60 -0.96 -43.26
N ALA O 718 -87.41 -0.27 -42.46
CA ALA O 718 -87.81 1.09 -42.78
C ALA O 718 -86.64 2.06 -42.70
N GLU O 719 -86.74 3.14 -43.47
CA GLU O 719 -85.75 4.23 -43.45
C GLU O 719 -86.39 5.42 -42.74
N ASN O 720 -86.07 5.60 -41.45
CA ASN O 720 -86.49 6.80 -40.73
C ASN O 720 -85.64 6.94 -39.47
N ASP O 721 -85.82 8.08 -38.80
CA ASP O 721 -85.01 8.46 -37.65
C ASP O 721 -85.49 7.87 -36.34
N ARG O 722 -86.53 7.04 -36.35
CA ARG O 722 -87.13 6.57 -35.11
C ARG O 722 -86.35 5.43 -34.47
N HIS O 723 -85.57 4.68 -35.25
CA HIS O 723 -84.87 3.52 -34.69
C HIS O 723 -83.92 3.92 -33.58
N HIS O 724 -83.50 5.19 -33.55
CA HIS O 724 -82.62 5.64 -32.47
C HIS O 724 -83.29 5.46 -31.12
N ALA O 725 -84.57 5.85 -31.01
CA ALA O 725 -85.29 5.63 -29.77
C ALA O 725 -85.26 4.15 -29.42
N LEU O 726 -85.39 3.28 -30.42
CA LEU O 726 -85.33 1.85 -30.17
C LEU O 726 -84.04 1.49 -29.44
N ASP O 727 -82.90 1.94 -29.97
CA ASP O 727 -81.63 1.67 -29.31
C ASP O 727 -81.66 2.17 -27.87
N ALA O 728 -82.17 3.38 -27.65
CA ALA O 728 -82.20 3.94 -26.31
C ALA O 728 -82.98 3.04 -25.37
N VAL O 729 -84.12 2.51 -25.84
CA VAL O 729 -84.92 1.64 -24.98
C VAL O 729 -84.08 0.46 -24.50
N VAL O 730 -83.34 -0.16 -25.42
CA VAL O 730 -82.54 -1.31 -25.06
C VAL O 730 -81.51 -0.93 -24.01
N VAL O 731 -80.87 0.24 -24.19
CA VAL O 731 -79.85 0.68 -23.25
C VAL O 731 -80.47 0.89 -21.87
N ALA O 732 -81.74 1.30 -21.83
CA ALA O 732 -82.39 1.52 -20.54
C ALA O 732 -82.63 0.21 -19.80
N CYS O 733 -82.71 -0.91 -20.51
CA CYS O 733 -82.98 -2.19 -19.86
C CYS O 733 -81.72 -2.97 -19.54
N SER O 734 -80.54 -2.39 -19.76
CA SER O 734 -79.27 -3.03 -19.39
C SER O 734 -78.97 -2.70 -17.92
N THR O 735 -79.81 -3.24 -17.04
CA THR O 735 -79.68 -3.04 -15.61
C THR O 735 -78.88 -4.16 -14.97
N VAL O 736 -78.35 -3.90 -13.77
CA VAL O 736 -77.58 -4.91 -13.06
C VAL O 736 -78.39 -6.18 -12.86
N ALA O 737 -79.66 -6.04 -12.48
CA ALA O 737 -80.50 -7.21 -12.26
C ALA O 737 -80.75 -7.96 -13.57
N MET O 738 -81.07 -7.23 -14.64
CA MET O 738 -81.25 -7.87 -15.93
C MET O 738 -79.95 -8.54 -16.40
N GLN O 739 -78.82 -7.86 -16.20
CA GLN O 739 -77.53 -8.43 -16.56
C GLN O 739 -77.29 -9.74 -15.83
N GLN O 740 -77.62 -9.79 -14.53
CA GLN O 740 -77.36 -11.03 -13.79
C GLN O 740 -78.35 -12.14 -14.17
N LYS O 741 -79.59 -11.78 -14.53
CA LYS O 741 -80.48 -12.79 -15.10
C LYS O 741 -79.87 -13.40 -16.35
N ILE O 742 -79.33 -12.55 -17.24
CA ILE O 742 -78.67 -13.05 -18.45
C ILE O 742 -77.50 -13.95 -18.09
N THR O 743 -76.67 -13.51 -17.14
CA THR O 743 -75.50 -14.29 -16.72
C THR O 743 -75.92 -15.68 -16.24
N ARG O 744 -76.94 -15.73 -15.38
CA ARG O 744 -77.42 -17.02 -14.86
C ARG O 744 -77.94 -17.91 -15.98
N PHE O 745 -78.73 -17.33 -16.89
CA PHE O 745 -79.24 -18.10 -18.02
C PHE O 745 -78.11 -18.69 -18.86
N VAL O 746 -77.10 -17.87 -19.18
CA VAL O 746 -75.99 -18.35 -20.00
C VAL O 746 -75.17 -19.38 -19.26
N ARG O 747 -75.03 -19.23 -17.94
CA ARG O 747 -74.34 -20.25 -17.15
C ARG O 747 -75.05 -21.59 -17.25
N TYR O 748 -76.37 -21.58 -17.04
CA TYR O 748 -77.13 -22.83 -17.19
C TYR O 748 -77.00 -23.41 -18.58
N LYS O 749 -77.10 -22.56 -19.61
CA LYS O 749 -77.00 -23.05 -20.98
C LYS O 749 -75.64 -23.69 -21.27
N GLU O 750 -74.57 -23.13 -20.69
CA GLU O 750 -73.25 -23.71 -20.87
C GLU O 750 -73.17 -25.13 -20.32
N MET O 751 -73.75 -25.36 -19.14
CA MET O 751 -73.73 -26.69 -18.53
C MET O 751 -74.82 -27.60 -19.08
N ASN O 752 -75.59 -27.15 -20.07
CA ASN O 752 -76.62 -27.89 -20.78
C ASN O 752 -77.87 -28.16 -19.94
N ALA O 753 -77.95 -27.66 -18.71
CA ALA O 753 -79.15 -27.81 -17.89
C ALA O 753 -80.28 -26.94 -18.41
N THR O 771 -86.68 -22.91 -22.64
CA THR O 771 -86.40 -22.05 -21.50
C THR O 771 -86.39 -20.56 -21.89
N HIS O 772 -85.96 -20.28 -23.13
CA HIS O 772 -86.16 -18.99 -23.80
C HIS O 772 -85.52 -17.77 -23.12
N PHE O 773 -84.29 -17.36 -23.57
CA PHE O 773 -83.53 -16.18 -23.10
C PHE O 773 -84.36 -15.12 -22.38
N PRO O 774 -83.83 -14.54 -21.30
CA PRO O 774 -84.59 -13.56 -20.51
C PRO O 774 -84.90 -12.29 -21.27
N GLN O 775 -86.10 -11.77 -21.03
CA GLN O 775 -86.62 -10.51 -21.57
C GLN O 775 -86.94 -9.54 -20.43
N PRO O 776 -86.93 -8.24 -20.69
CA PRO O 776 -87.34 -7.29 -19.64
C PRO O 776 -88.74 -7.57 -19.09
N TRP O 777 -89.68 -7.87 -19.98
CA TRP O 777 -91.02 -8.31 -19.60
C TRP O 777 -91.63 -9.03 -20.79
N GLU O 778 -92.68 -9.80 -20.51
CA GLU O 778 -93.35 -10.54 -21.57
C GLU O 778 -93.90 -9.58 -22.64
N PHE O 779 -93.72 -9.97 -23.90
CA PHE O 779 -94.14 -9.16 -25.06
C PHE O 779 -93.43 -7.81 -25.09
N PHE O 780 -92.15 -7.81 -24.70
CA PHE O 780 -91.35 -6.60 -24.75
C PHE O 780 -91.20 -6.09 -26.18
N ALA O 781 -90.84 -6.98 -27.10
CA ALA O 781 -90.60 -6.60 -28.49
C ALA O 781 -91.82 -5.90 -29.10
N GLN O 782 -93.00 -6.51 -28.96
CA GLN O 782 -94.19 -5.93 -29.58
C GLN O 782 -94.52 -4.56 -28.99
N GLU O 783 -94.47 -4.43 -27.66
CA GLU O 783 -94.73 -3.15 -27.02
C GLU O 783 -93.78 -2.08 -27.54
N VAL O 784 -92.48 -2.40 -27.58
CA VAL O 784 -91.49 -1.40 -27.99
C VAL O 784 -91.71 -1.02 -29.46
N MET O 785 -91.92 -2.01 -30.32
CA MET O 785 -92.15 -1.72 -31.74
C MET O 785 -93.37 -0.83 -31.94
N ILE O 786 -94.48 -1.14 -31.26
CA ILE O 786 -95.69 -0.35 -31.44
C ILE O 786 -95.48 1.06 -30.90
N ARG O 787 -94.79 1.18 -29.75
CA ARG O 787 -94.58 2.50 -29.17
C ARG O 787 -93.68 3.35 -30.05
N VAL O 788 -92.69 2.75 -30.70
CA VAL O 788 -91.75 3.52 -31.50
C VAL O 788 -92.33 3.86 -32.86
N PHE O 789 -92.95 2.90 -33.53
CA PHE O 789 -93.32 3.06 -34.93
C PHE O 789 -94.82 3.23 -35.17
N GLY O 790 -95.66 2.96 -34.18
CA GLY O 790 -97.09 3.09 -34.34
C GLY O 790 -97.75 2.00 -35.15
N LYS O 791 -97.05 0.93 -35.45
CA LYS O 791 -97.53 -0.21 -36.22
C LYS O 791 -97.16 -1.49 -35.48
N PRO O 792 -97.84 -2.59 -35.76
CA PRO O 792 -97.42 -3.87 -35.18
C PRO O 792 -96.01 -4.23 -35.61
N ASP O 793 -95.43 -5.19 -34.90
CA ASP O 793 -94.04 -5.54 -35.15
C ASP O 793 -93.87 -6.09 -36.56
N GLY O 794 -94.71 -7.06 -36.93
CA GLY O 794 -94.58 -7.69 -38.22
C GLY O 794 -94.85 -6.76 -39.39
N LYS O 795 -95.95 -6.00 -39.33
CA LYS O 795 -96.44 -5.28 -40.49
C LYS O 795 -95.92 -3.85 -40.51
N PRO O 796 -95.07 -3.48 -41.46
CA PRO O 796 -94.75 -2.05 -41.67
C PRO O 796 -95.62 -1.35 -42.70
N GLU O 797 -96.54 -2.06 -43.35
CA GLU O 797 -97.50 -1.44 -44.25
C GLU O 797 -98.78 -1.06 -43.52
N PHE O 798 -98.83 -1.35 -42.22
CA PHE O 798 -99.94 -0.98 -41.36
C PHE O 798 -100.03 0.54 -41.31
N GLU O 799 -101.25 1.05 -41.24
CA GLU O 799 -101.44 2.49 -41.13
C GLU O 799 -101.08 2.95 -39.71
N GLU O 800 -100.18 3.92 -39.61
CA GLU O 800 -99.65 4.29 -38.31
C GLU O 800 -100.74 4.86 -37.41
N ALA O 801 -100.64 4.54 -36.11
CA ALA O 801 -101.52 5.12 -35.09
C ALA O 801 -101.08 6.55 -34.84
N ASP O 802 -101.48 7.43 -35.76
CA ASP O 802 -101.02 8.82 -35.73
C ASP O 802 -101.40 9.55 -34.45
N THR O 803 -102.41 9.09 -33.72
CA THR O 803 -102.96 9.84 -32.60
C THR O 803 -102.86 9.04 -31.30
N LEU O 804 -102.99 9.78 -30.20
CA LEU O 804 -102.94 9.18 -28.86
C LEU O 804 -103.94 8.03 -28.73
N GLU O 805 -105.21 8.30 -29.02
CA GLU O 805 -106.26 7.31 -28.81
C GLU O 805 -106.05 6.08 -29.69
N LYS O 806 -105.65 6.29 -30.95
CA LYS O 806 -105.39 5.17 -31.85
C LYS O 806 -104.25 4.30 -31.35
N LEU O 807 -103.17 4.93 -30.87
CA LEU O 807 -102.04 4.18 -30.32
C LEU O 807 -102.44 3.38 -29.10
N ARG O 808 -103.22 3.99 -28.20
CA ARG O 808 -103.65 3.27 -27.00
C ARG O 808 -104.55 2.09 -27.36
N THR O 809 -105.46 2.29 -28.32
CA THR O 809 -106.28 1.17 -28.81
C THR O 809 -105.41 0.07 -29.40
N LEU O 810 -104.37 0.44 -30.15
CA LEU O 810 -103.51 -0.55 -30.78
C LEU O 810 -102.77 -1.38 -29.73
N LEU O 811 -102.21 -0.71 -28.72
CA LEU O 811 -101.54 -1.45 -27.65
C LEU O 811 -102.54 -2.31 -26.86
N ALA O 812 -103.76 -1.82 -26.68
CA ALA O 812 -104.77 -2.59 -25.96
C ALA O 812 -105.13 -3.87 -26.71
N GLU O 813 -105.32 -3.78 -28.02
CA GLU O 813 -105.66 -4.99 -28.77
C GLU O 813 -104.49 -5.95 -28.85
N LYS O 814 -103.32 -5.45 -29.27
CA LYS O 814 -102.23 -6.37 -29.53
C LYS O 814 -101.56 -6.85 -28.25
N LEU O 815 -101.73 -6.13 -27.14
CA LEU O 815 -101.13 -6.47 -25.86
C LEU O 815 -102.18 -6.48 -24.76
N SER O 816 -103.25 -7.25 -24.97
CA SER O 816 -104.29 -7.33 -23.95
C SER O 816 -103.77 -8.01 -22.69
N SER O 817 -102.84 -8.96 -22.83
CA SER O 817 -102.29 -9.63 -21.66
C SER O 817 -101.54 -8.65 -20.76
N ARG O 818 -100.88 -7.65 -21.36
CA ARG O 818 -100.10 -6.69 -20.58
C ARG O 818 -100.95 -5.45 -20.30
N PRO O 819 -101.52 -5.37 -19.10
CA PRO O 819 -102.35 -4.20 -18.76
C PRO O 819 -101.52 -2.95 -18.55
N GLU O 820 -100.25 -3.10 -18.20
CA GLU O 820 -99.33 -2.00 -17.96
C GLU O 820 -98.74 -1.39 -19.23
N ALA O 821 -99.13 -1.88 -20.42
CA ALA O 821 -98.67 -1.27 -21.66
C ALA O 821 -99.32 0.08 -21.91
N VAL O 822 -100.52 0.31 -21.37
CA VAL O 822 -101.26 1.54 -21.54
C VAL O 822 -101.23 2.34 -20.24
N HIS O 823 -100.89 3.62 -20.34
CA HIS O 823 -100.88 4.50 -19.18
C HIS O 823 -100.94 5.95 -19.67
N GLU O 824 -100.91 6.89 -18.74
CA GLU O 824 -101.20 8.29 -19.05
C GLU O 824 -100.08 8.97 -19.82
N TYR O 825 -98.90 8.36 -19.94
CA TYR O 825 -97.78 8.98 -20.64
C TYR O 825 -97.61 8.47 -22.05
N VAL O 826 -98.46 7.55 -22.50
CA VAL O 826 -98.31 6.93 -23.81
C VAL O 826 -98.80 7.91 -24.87
N THR O 827 -97.87 8.38 -25.71
CA THR O 827 -98.16 9.24 -26.84
C THR O 827 -97.31 8.77 -28.01
N PRO O 828 -97.78 8.98 -29.24
CA PRO O 828 -96.99 8.55 -30.41
C PRO O 828 -95.66 9.28 -30.46
N LEU O 829 -94.66 8.60 -31.02
CA LEU O 829 -93.34 9.22 -31.18
C LEU O 829 -93.41 10.27 -32.27
N PHE O 830 -93.20 11.52 -31.90
CA PHE O 830 -93.04 12.60 -32.86
C PHE O 830 -91.61 13.11 -32.75
N VAL O 831 -90.89 13.12 -33.88
CA VAL O 831 -89.48 13.45 -33.85
C VAL O 831 -89.32 14.95 -33.64
N SER O 832 -88.60 15.32 -32.59
CA SER O 832 -88.31 16.73 -32.33
C SER O 832 -87.09 17.15 -33.12
N ARG O 833 -87.20 18.22 -33.88
CA ARG O 833 -86.11 18.72 -34.71
C ARG O 833 -85.64 20.07 -34.18
N ALA O 834 -84.34 20.17 -33.93
CA ALA O 834 -83.73 21.38 -33.39
C ALA O 834 -84.03 22.56 -34.31
N PRO O 835 -84.72 23.59 -33.84
CA PRO O 835 -84.98 24.76 -34.68
C PRO O 835 -83.69 25.52 -35.00
N ASN O 836 -83.78 26.32 -36.05
CA ASN O 836 -82.66 27.17 -36.49
C ASN O 836 -83.27 28.49 -36.96
N ARG O 837 -83.42 29.43 -36.02
CA ARG O 837 -84.06 30.71 -36.27
C ARG O 837 -83.03 31.85 -36.24
N LYS O 838 -81.78 31.52 -36.51
CA LYS O 838 -80.72 32.50 -36.60
C LYS O 838 -80.99 33.45 -37.76
N MET O 839 -80.79 34.75 -37.51
CA MET O 839 -81.11 35.78 -38.48
C MET O 839 -79.90 36.21 -39.31
N SER O 840 -78.73 35.66 -39.01
CA SER O 840 -77.51 35.99 -39.71
C SER O 840 -77.08 34.83 -40.58
N GLY O 841 -76.44 35.15 -41.70
CA GLY O 841 -75.92 34.11 -42.57
C GLY O 841 -75.14 34.70 -43.72
N GLN O 842 -74.75 33.82 -44.64
CA GLN O 842 -74.10 34.27 -45.87
C GLN O 842 -75.02 35.22 -46.61
N GLY O 843 -74.46 36.35 -47.05
CA GLY O 843 -75.26 37.34 -47.75
C GLY O 843 -75.60 36.92 -49.17
N HIS O 844 -74.65 36.28 -49.85
CA HIS O 844 -74.80 35.99 -51.26
C HIS O 844 -73.75 34.96 -51.64
N MET O 845 -73.89 34.42 -52.85
CA MET O 845 -72.87 33.52 -53.35
C MET O 845 -71.61 34.32 -53.71
N GLU O 846 -70.46 33.65 -53.67
CA GLU O 846 -69.18 34.34 -53.71
C GLU O 846 -68.78 34.78 -55.12
N THR O 847 -69.40 34.23 -56.18
CA THR O 847 -69.07 34.64 -57.54
C THR O 847 -69.90 35.86 -57.96
N VAL O 848 -69.23 36.85 -58.53
CA VAL O 848 -69.86 38.09 -58.96
C VAL O 848 -70.08 38.04 -60.47
N LYS O 849 -71.29 38.41 -60.92
CA LYS O 849 -71.64 38.35 -62.33
C LYS O 849 -71.93 39.76 -62.86
N SER O 850 -71.65 39.96 -64.15
CA SER O 850 -71.92 41.22 -64.82
C SER O 850 -73.41 41.56 -64.75
N ALA O 851 -73.72 42.78 -64.30
CA ALA O 851 -75.09 43.26 -64.19
C ALA O 851 -75.41 44.38 -65.17
N LYS O 852 -74.61 44.51 -66.24
CA LYS O 852 -74.88 45.55 -67.23
C LYS O 852 -76.20 45.30 -67.95
N ARG O 853 -76.46 44.04 -68.32
CA ARG O 853 -77.59 43.66 -69.14
C ARG O 853 -78.75 43.13 -68.32
N LEU O 854 -78.90 43.61 -67.07
CA LEU O 854 -79.90 43.04 -66.19
C LEU O 854 -81.33 43.43 -66.56
N ASP O 855 -81.51 44.44 -67.41
CA ASP O 855 -82.86 44.77 -67.89
C ASP O 855 -83.54 43.55 -68.49
N GLU O 856 -82.88 42.90 -69.45
CA GLU O 856 -83.24 41.55 -69.82
C GLU O 856 -82.72 40.59 -68.76
N GLY O 857 -83.43 39.49 -68.57
CA GLY O 857 -83.12 38.64 -67.43
C GLY O 857 -81.85 37.82 -67.60
N VAL O 858 -80.69 38.48 -67.64
CA VAL O 858 -79.42 37.80 -67.89
C VAL O 858 -78.32 38.40 -67.04
N SER O 859 -77.37 37.54 -66.68
CA SER O 859 -76.07 37.91 -66.14
C SER O 859 -75.01 37.34 -67.07
N VAL O 860 -73.82 37.95 -67.06
CA VAL O 860 -72.72 37.51 -67.90
C VAL O 860 -71.56 37.12 -66.98
N LEU O 861 -71.18 35.84 -67.02
CA LEU O 861 -70.03 35.35 -66.28
C LEU O 861 -68.97 34.86 -67.25
N ARG O 862 -67.70 35.11 -66.94
CA ARG O 862 -66.63 34.76 -67.86
C ARG O 862 -66.03 33.44 -67.42
N VAL O 863 -66.06 32.47 -68.34
CA VAL O 863 -65.88 31.05 -68.01
C VAL O 863 -64.58 30.58 -68.67
N PRO O 864 -63.74 29.84 -67.95
CA PRO O 864 -62.55 29.25 -68.59
C PRO O 864 -62.94 28.17 -69.59
N LEU O 865 -62.15 28.06 -70.67
CA LEU O 865 -62.39 27.03 -71.68
C LEU O 865 -62.35 25.63 -71.09
N THR O 866 -61.48 25.40 -70.10
CA THR O 866 -61.37 24.08 -69.46
C THR O 866 -62.62 23.71 -68.67
N GLN O 867 -63.61 24.59 -68.63
CA GLN O 867 -64.89 24.33 -67.98
C GLN O 867 -66.07 24.48 -68.93
N LEU O 868 -65.85 24.88 -70.16
CA LEU O 868 -66.93 25.20 -71.07
C LEU O 868 -67.56 23.93 -71.64
N LYS O 869 -68.89 23.93 -71.71
CA LYS O 869 -69.66 22.79 -72.18
C LYS O 869 -70.57 23.21 -73.33
N LEU O 870 -71.09 22.21 -74.05
CA LEU O 870 -72.02 22.47 -75.14
C LEU O 870 -73.20 23.32 -74.67
N LYS O 871 -73.84 22.90 -73.58
CA LYS O 871 -74.96 23.65 -73.03
C LYS O 871 -74.57 25.08 -72.68
N ASP O 872 -73.36 25.27 -72.13
CA ASP O 872 -72.88 26.61 -71.83
C ASP O 872 -72.55 27.37 -73.11
N LEU O 873 -71.92 26.67 -74.06
CA LEU O 873 -71.50 27.31 -75.31
C LEU O 873 -72.71 27.87 -76.06
N GLU O 874 -73.86 27.18 -76.00
CA GLU O 874 -75.08 27.71 -76.60
C GLU O 874 -75.45 29.09 -76.06
N LYS O 875 -74.98 29.45 -74.87
CA LYS O 875 -75.33 30.71 -74.23
C LYS O 875 -74.17 31.73 -74.25
N MET O 876 -73.15 31.50 -75.08
CA MET O 876 -72.09 32.49 -75.21
C MET O 876 -72.62 33.78 -75.81
N VAL O 877 -72.14 34.91 -75.27
CA VAL O 877 -72.59 36.22 -75.77
C VAL O 877 -72.23 36.38 -77.24
N ASN O 878 -71.04 35.92 -77.63
CA ASN O 878 -70.50 36.15 -78.96
C ASN O 878 -70.80 35.01 -79.93
N ARG O 879 -71.78 34.16 -79.61
CA ARG O 879 -72.25 33.17 -80.56
C ARG O 879 -72.68 33.82 -81.86
N GLU O 880 -73.47 34.88 -81.76
CA GLU O 880 -73.97 35.56 -82.96
C GLU O 880 -72.85 36.30 -83.69
N ARG O 881 -71.94 36.92 -82.94
CA ARG O 881 -70.90 37.75 -83.56
C ARG O 881 -69.85 36.91 -84.27
N GLU O 882 -69.17 36.04 -83.52
CA GLU O 882 -68.02 35.30 -84.04
C GLU O 882 -68.31 33.81 -84.20
N PRO O 883 -68.92 33.38 -85.31
CA PRO O 883 -69.31 31.97 -85.41
C PRO O 883 -68.13 31.01 -85.56
N LYS O 884 -67.01 31.47 -86.13
CA LYS O 884 -65.84 30.60 -86.32
C LYS O 884 -65.31 30.03 -85.01
N LEU O 885 -65.16 30.89 -83.99
CA LEU O 885 -64.69 30.42 -82.69
C LEU O 885 -65.66 29.40 -82.11
N TYR O 886 -66.96 29.69 -82.20
CA TYR O 886 -67.99 28.79 -81.69
C TYR O 886 -67.90 27.43 -82.38
N GLU O 887 -67.76 27.42 -83.71
CA GLU O 887 -67.70 26.15 -84.44
C GLU O 887 -66.45 25.36 -84.09
N ALA O 888 -65.30 26.01 -84.00
CA ALA O 888 -64.08 25.30 -83.64
C ALA O 888 -64.17 24.75 -82.21
N LEU O 889 -64.73 25.54 -81.29
CA LEU O 889 -64.90 25.09 -79.91
C LEU O 889 -65.84 23.89 -79.83
N LYS O 890 -66.98 23.95 -80.56
CA LYS O 890 -67.90 22.83 -80.58
C LYS O 890 -67.22 21.59 -81.14
N ALA O 891 -66.42 21.76 -82.20
CA ALA O 891 -65.73 20.62 -82.79
C ALA O 891 -64.75 20.00 -81.82
N ARG O 892 -64.05 20.83 -81.04
CA ARG O 892 -63.09 20.29 -80.09
C ARG O 892 -63.77 19.59 -78.92
N LEU O 893 -64.91 20.12 -78.46
CA LEU O 893 -65.64 19.46 -77.39
C LEU O 893 -66.21 18.13 -77.85
N GLU O 894 -66.78 18.09 -79.06
CA GLU O 894 -67.24 16.84 -79.64
C GLU O 894 -66.08 15.86 -79.81
N ALA O 895 -64.90 16.38 -80.19
CA ALA O 895 -63.73 15.54 -80.46
C ALA O 895 -63.29 14.75 -79.23
N HIS O 896 -63.37 15.36 -78.05
CA HIS O 896 -62.92 14.75 -76.81
C HIS O 896 -64.08 14.23 -75.96
N LYS O 897 -65.19 13.87 -76.60
CA LYS O 897 -66.36 13.31 -75.91
C LYS O 897 -66.85 14.24 -74.81
N ASP O 898 -66.72 15.54 -75.04
CA ASP O 898 -67.27 16.57 -74.16
C ASP O 898 -66.67 16.55 -72.75
N ASP O 899 -65.36 16.35 -72.67
CA ASP O 899 -64.61 16.59 -71.43
C ASP O 899 -63.73 17.81 -71.65
N PRO O 900 -64.09 18.99 -71.15
CA PRO O 900 -63.35 20.21 -71.50
C PRO O 900 -61.88 20.21 -71.14
N ALA O 901 -61.49 19.60 -70.02
CA ALA O 901 -60.10 19.63 -69.58
C ALA O 901 -59.20 18.92 -70.59
N LYS O 902 -59.60 17.72 -71.03
CA LYS O 902 -58.87 17.06 -72.11
C LYS O 902 -59.02 17.85 -73.41
N ALA O 903 -60.23 18.30 -73.72
CA ALA O 903 -60.49 18.98 -74.98
C ALA O 903 -59.60 20.20 -75.15
N PHE O 904 -59.35 20.94 -74.07
CA PHE O 904 -58.61 22.19 -74.13
C PHE O 904 -57.27 22.12 -73.39
N ALA O 905 -56.71 20.92 -73.28
CA ALA O 905 -55.33 20.79 -72.79
C ALA O 905 -54.37 21.53 -73.72
N GLU O 906 -54.54 21.36 -75.03
CA GLU O 906 -53.74 22.12 -75.99
C GLU O 906 -54.35 23.51 -76.21
N PRO O 907 -53.53 24.55 -76.32
CA PRO O 907 -54.06 25.91 -76.39
C PRO O 907 -54.95 26.14 -77.60
N PHE O 908 -55.91 27.05 -77.43
CA PHE O 908 -56.88 27.39 -78.47
C PHE O 908 -56.67 28.83 -78.90
N TYR O 909 -56.74 29.07 -80.21
CA TYR O 909 -56.45 30.37 -80.79
C TYR O 909 -57.54 30.82 -81.76
N LYS O 910 -57.80 32.13 -81.76
CA LYS O 910 -58.66 32.74 -82.77
C LYS O 910 -57.86 32.97 -84.04
N TYR O 911 -58.45 32.62 -85.19
CA TYR O 911 -57.78 32.66 -86.48
C TYR O 911 -58.29 33.86 -87.30
N ASP O 912 -57.47 34.33 -88.22
CA ASP O 912 -57.76 35.55 -88.96
C ASP O 912 -58.58 35.27 -90.22
N LYS O 913 -58.94 36.35 -90.94
CA LYS O 913 -59.71 36.26 -92.18
C LYS O 913 -59.03 35.33 -93.17
N ALA O 914 -57.83 35.66 -93.61
CA ALA O 914 -57.00 34.66 -94.25
C ALA O 914 -56.40 33.85 -93.11
N GLY O 915 -56.40 32.54 -93.24
CA GLY O 915 -56.27 31.69 -92.06
C GLY O 915 -54.95 31.74 -91.32
N ASN O 916 -54.69 32.89 -90.71
CA ASN O 916 -53.50 33.12 -89.92
C ASN O 916 -53.88 33.28 -88.45
N ARG O 917 -53.18 32.53 -87.59
CA ARG O 917 -53.47 32.52 -86.16
C ARG O 917 -52.98 33.81 -85.52
N THR O 918 -53.83 34.41 -84.69
CA THR O 918 -53.51 35.68 -84.05
C THR O 918 -53.34 35.57 -82.54
N GLN O 919 -54.39 35.24 -81.79
CA GLN O 919 -54.34 35.33 -80.34
C GLN O 919 -54.90 34.07 -79.67
N GLN O 920 -54.48 33.87 -78.42
CA GLN O 920 -54.96 32.77 -77.58
C GLN O 920 -56.26 33.15 -76.88
N VAL O 921 -57.06 32.13 -76.57
CA VAL O 921 -58.30 32.30 -75.80
C VAL O 921 -58.26 31.37 -74.59
N LYS O 922 -58.60 31.91 -73.43
CA LYS O 922 -58.64 31.14 -72.19
C LYS O 922 -59.95 31.29 -71.42
N ALA O 923 -60.78 32.29 -71.73
CA ALA O 923 -62.07 32.46 -71.09
C ALA O 923 -63.01 33.24 -72.01
N VAL O 924 -64.29 32.90 -71.96
CA VAL O 924 -65.30 33.54 -72.79
C VAL O 924 -66.49 33.96 -71.93
N ARG O 925 -67.10 35.08 -72.29
CA ARG O 925 -68.29 35.55 -71.59
C ARG O 925 -69.50 34.70 -71.96
N VAL O 926 -70.20 34.18 -70.94
CA VAL O 926 -71.36 33.33 -71.12
C VAL O 926 -72.56 33.96 -70.44
N GLU O 927 -73.73 33.84 -71.09
CA GLU O 927 -74.99 34.33 -70.55
C GLU O 927 -75.61 33.31 -69.60
N GLN O 928 -76.25 33.82 -68.55
CA GLN O 928 -76.97 33.00 -67.57
C GLN O 928 -78.27 33.72 -67.22
N VAL O 929 -79.28 32.95 -66.83
CA VAL O 929 -80.54 33.55 -66.41
C VAL O 929 -80.37 34.19 -65.04
N GLN O 930 -80.97 35.36 -64.85
CA GLN O 930 -80.89 36.05 -63.56
C GLN O 930 -82.18 36.84 -63.34
N LYS O 931 -83.14 36.21 -62.66
CA LYS O 931 -84.38 36.90 -62.29
C LYS O 931 -84.17 37.82 -61.09
N THR O 932 -83.24 37.48 -60.19
CA THR O 932 -83.03 38.27 -58.98
C THR O 932 -81.57 38.15 -58.57
N GLY O 933 -81.21 38.88 -57.51
CA GLY O 933 -79.86 38.81 -56.99
C GLY O 933 -79.60 39.88 -55.96
N VAL O 934 -78.32 40.06 -55.66
CA VAL O 934 -77.85 41.00 -54.63
C VAL O 934 -76.76 41.86 -55.26
N TRP O 935 -76.90 43.18 -55.11
CA TRP O 935 -75.89 44.11 -55.60
C TRP O 935 -74.67 44.09 -54.69
N VAL O 936 -73.49 44.07 -55.32
CA VAL O 936 -72.21 44.00 -54.61
C VAL O 936 -71.18 44.84 -55.35
N ARG O 937 -70.05 45.05 -54.68
CA ARG O 937 -68.86 45.67 -55.27
C ARG O 937 -69.17 47.07 -55.78
N ASN O 938 -69.60 47.93 -54.84
CA ASN O 938 -69.95 49.32 -55.14
C ASN O 938 -71.08 49.40 -56.17
N HIS O 939 -72.01 48.46 -56.08
CA HIS O 939 -73.21 48.41 -56.93
C HIS O 939 -72.84 48.24 -58.41
N ASN O 940 -71.74 47.54 -58.67
CA ASN O 940 -71.31 47.26 -60.03
C ASN O 940 -71.26 45.76 -60.33
N GLY O 941 -71.66 44.91 -59.39
CA GLY O 941 -71.79 43.49 -59.65
C GLY O 941 -73.03 42.94 -58.99
N ILE O 942 -73.39 41.72 -59.36
CA ILE O 942 -74.56 41.05 -58.81
C ILE O 942 -74.25 39.60 -58.55
N ALA O 943 -74.76 39.07 -57.44
CA ALA O 943 -74.56 37.67 -57.07
C ALA O 943 -75.89 37.03 -56.69
N ASP O 944 -75.93 35.70 -56.71
CA ASP O 944 -77.14 34.99 -56.31
C ASP O 944 -77.31 35.02 -54.79
N ASN O 945 -78.54 34.81 -54.34
CA ASN O 945 -78.82 34.73 -52.91
C ASN O 945 -78.16 33.49 -52.31
N ALA O 946 -77.96 33.54 -50.99
CA ALA O 946 -77.34 32.44 -50.27
C ALA O 946 -78.24 31.89 -49.17
N THR O 947 -78.83 32.74 -48.34
CA THR O 947 -79.60 32.28 -47.19
C THR O 947 -80.90 33.06 -47.09
N MET O 948 -82.02 32.35 -47.18
CA MET O 948 -83.35 32.90 -46.88
C MET O 948 -83.59 32.72 -45.39
N VAL O 949 -83.55 33.82 -44.64
CA VAL O 949 -83.64 33.70 -43.18
C VAL O 949 -85.09 33.65 -42.70
N ARG O 950 -86.04 34.25 -43.42
CA ARG O 950 -87.39 34.30 -42.91
C ARG O 950 -88.40 34.28 -44.06
N VAL O 951 -89.62 33.84 -43.74
CA VAL O 951 -90.77 33.97 -44.63
C VAL O 951 -91.95 34.48 -43.80
N ASP O 952 -92.41 35.69 -44.10
CA ASP O 952 -93.57 36.24 -43.42
C ASP O 952 -94.84 35.82 -44.14
N VAL O 953 -95.85 35.37 -43.37
CA VAL O 953 -97.06 34.79 -43.92
C VAL O 953 -98.23 35.73 -43.65
N PHE O 954 -98.91 36.16 -44.72
CA PHE O 954 -100.05 37.06 -44.64
C PHE O 954 -101.29 36.37 -45.17
N GLU O 955 -102.45 36.89 -44.78
CA GLU O 955 -103.73 36.40 -45.27
C GLU O 955 -104.57 37.57 -45.79
N LYS O 956 -105.09 37.42 -47.00
CA LYS O 956 -106.03 38.37 -47.57
C LYS O 956 -107.22 37.60 -48.11
N GLY O 957 -108.43 38.07 -47.80
CA GLY O 957 -109.59 37.27 -48.10
C GLY O 957 -109.47 35.96 -47.34
N ASP O 958 -109.47 34.85 -48.07
CA ASP O 958 -109.19 33.55 -47.50
C ASP O 958 -108.01 32.89 -48.20
N LYS O 959 -107.01 33.70 -48.58
CA LYS O 959 -105.87 33.25 -49.35
C LYS O 959 -104.57 33.70 -48.68
N TYR O 960 -103.54 32.85 -48.76
CA TYR O 960 -102.29 33.07 -48.05
C TYR O 960 -101.18 33.53 -49.01
N TYR O 961 -100.33 34.43 -48.51
CA TYR O 961 -99.25 35.04 -49.28
C TYR O 961 -97.94 34.99 -48.50
N LEU O 962 -96.84 34.77 -49.20
CA LEU O 962 -95.53 34.55 -48.60
C LEU O 962 -94.57 35.65 -49.01
N VAL O 963 -93.85 36.21 -48.03
CA VAL O 963 -92.86 37.26 -48.27
C VAL O 963 -91.49 36.77 -47.82
N PRO O 964 -90.56 36.53 -48.74
CA PRO O 964 -89.22 36.06 -48.35
C PRO O 964 -88.34 37.19 -47.84
N ILE O 965 -87.50 36.87 -46.85
CA ILE O 965 -86.53 37.79 -46.29
C ILE O 965 -85.18 37.08 -46.27
N TYR O 966 -84.21 37.64 -46.99
CA TYR O 966 -82.85 37.13 -47.08
C TYR O 966 -81.95 37.86 -46.08
N SER O 967 -80.74 37.33 -45.91
CA SER O 967 -79.83 37.85 -44.90
C SER O 967 -79.34 39.26 -45.24
N TRP O 968 -79.09 39.53 -46.52
CA TRP O 968 -78.63 40.86 -46.91
C TRP O 968 -79.69 41.91 -46.64
N GLN O 969 -80.96 41.53 -46.80
CA GLN O 969 -82.05 42.43 -46.42
C GLN O 969 -82.02 42.74 -44.93
N VAL O 970 -81.68 41.75 -44.11
CA VAL O 970 -81.53 41.99 -42.67
C VAL O 970 -80.35 42.92 -42.42
N ALA O 971 -79.25 42.72 -43.15
CA ALA O 971 -78.07 43.56 -42.95
C ALA O 971 -78.38 45.00 -43.33
N LYS O 972 -79.03 45.20 -44.46
CA LYS O 972 -79.42 46.55 -44.86
C LYS O 972 -80.58 47.08 -44.03
N GLY O 973 -81.26 46.21 -43.28
CA GLY O 973 -82.33 46.64 -42.40
C GLY O 973 -83.66 46.87 -43.08
N ILE O 974 -83.87 46.28 -44.24
CA ILE O 974 -85.07 46.55 -45.03
C ILE O 974 -86.10 45.46 -44.77
N LEU O 975 -87.35 45.88 -44.60
CA LEU O 975 -88.45 44.95 -44.37
C LEU O 975 -89.24 44.82 -45.67
N PRO O 976 -89.11 43.70 -46.39
CA PRO O 976 -89.77 43.60 -47.70
C PRO O 976 -91.27 43.75 -47.59
N ASP O 977 -91.89 44.21 -48.68
CA ASP O 977 -93.32 44.44 -48.74
C ASP O 977 -93.99 43.77 -49.93
N ARG O 978 -93.28 42.89 -50.64
CA ARG O 978 -93.80 42.24 -51.84
C ARG O 978 -93.87 40.73 -51.61
N ALA O 979 -95.02 40.14 -51.90
CA ALA O 979 -95.24 38.71 -51.75
C ALA O 979 -95.12 38.01 -53.11
N VAL O 980 -94.96 36.70 -53.06
CA VAL O 980 -94.61 35.94 -54.24
C VAL O 980 -95.82 35.72 -55.13
N VAL O 981 -95.63 35.90 -56.43
CA VAL O 981 -96.56 35.47 -57.47
C VAL O 981 -95.79 34.58 -58.43
N GLN O 982 -96.40 33.46 -58.81
CA GLN O 982 -95.65 32.38 -59.46
C GLN O 982 -95.08 32.83 -60.81
N GLY O 983 -95.94 33.32 -61.71
CA GLY O 983 -95.49 33.62 -63.06
C GLY O 983 -94.64 34.87 -63.21
N LYS O 984 -94.73 35.81 -62.28
CA LYS O 984 -94.15 37.13 -62.46
C LYS O 984 -92.78 37.26 -61.78
N ASP O 985 -92.09 38.35 -62.11
CA ASP O 985 -90.87 38.75 -61.43
C ASP O 985 -91.21 39.62 -60.22
N GLU O 986 -90.19 39.93 -59.42
CA GLU O 986 -90.45 40.59 -58.13
C GLU O 986 -91.10 41.95 -58.30
N GLU O 987 -90.80 42.66 -59.40
CA GLU O 987 -91.39 43.98 -59.57
C GLU O 987 -92.89 43.89 -59.83
N ASP O 988 -93.35 42.78 -60.41
CA ASP O 988 -94.77 42.54 -60.62
C ASP O 988 -95.41 41.74 -59.49
N TRP O 989 -94.75 41.68 -58.33
CA TRP O 989 -95.25 40.89 -57.20
C TRP O 989 -96.32 41.65 -56.42
N GLN O 990 -97.06 40.90 -55.61
CA GLN O 990 -98.13 41.47 -54.81
C GLN O 990 -97.58 42.35 -53.71
N LEU O 991 -98.04 43.60 -53.67
CA LEU O 991 -97.64 44.53 -52.62
C LEU O 991 -98.49 44.32 -51.37
N ILE O 992 -97.87 44.51 -50.21
CA ILE O 992 -98.50 44.28 -48.92
C ILE O 992 -98.71 45.62 -48.23
N ASP O 993 -99.92 45.83 -47.69
CA ASP O 993 -100.25 47.05 -46.97
C ASP O 993 -101.17 46.65 -45.81
N ASP O 994 -101.83 47.65 -45.22
CA ASP O 994 -102.70 47.39 -44.06
C ASP O 994 -103.92 46.54 -44.42
N SER O 995 -104.19 46.31 -45.70
CA SER O 995 -105.31 45.47 -46.10
C SER O 995 -105.01 43.98 -45.96
N PHE O 996 -103.86 43.64 -45.38
CA PHE O 996 -103.41 42.27 -45.24
C PHE O 996 -103.23 41.95 -43.77
N ASN O 997 -103.83 40.85 -43.31
CA ASN O 997 -103.52 40.35 -41.97
C ASN O 997 -102.16 39.66 -41.97
N PHE O 998 -101.43 39.82 -40.88
CA PHE O 998 -100.16 39.12 -40.67
C PHE O 998 -100.40 37.95 -39.73
N LYS O 999 -99.95 36.76 -40.14
CA LYS O 999 -100.21 35.55 -39.36
C LYS O 999 -99.00 35.13 -38.53
N PHE O 1000 -97.84 34.94 -39.16
CA PHE O 1000 -96.66 34.48 -38.43
C PHE O 1000 -95.43 34.64 -39.32
N SER O 1001 -94.29 34.21 -38.79
CA SER O 1001 -93.01 34.22 -39.49
C SER O 1001 -92.42 32.82 -39.40
N LEU O 1002 -91.96 32.30 -40.54
CA LEU O 1002 -91.36 30.98 -40.62
C LEU O 1002 -89.84 31.11 -40.75
N HIS O 1003 -89.13 30.39 -39.90
CA HIS O 1003 -87.71 30.11 -40.03
C HIS O 1003 -87.53 28.65 -40.45
N PRO O 1004 -86.36 28.27 -40.96
CA PRO O 1004 -86.10 26.86 -41.22
C PRO O 1004 -86.36 26.01 -39.98
N ASN O 1005 -86.94 24.83 -40.22
CA ASN O 1005 -87.28 23.88 -39.16
C ASN O 1005 -88.31 24.43 -38.18
N ASP O 1006 -89.25 25.24 -38.69
CA ASP O 1006 -90.43 25.59 -37.92
C ASP O 1006 -91.56 24.61 -38.21
N LEU O 1007 -92.24 24.18 -37.17
CA LEU O 1007 -93.32 23.20 -37.35
C LEU O 1007 -94.54 23.91 -37.95
N VAL O 1008 -95.06 23.36 -39.05
CA VAL O 1008 -96.18 23.95 -39.77
C VAL O 1008 -97.24 22.91 -40.09
N GLU O 1009 -98.49 23.38 -40.21
CA GLU O 1009 -99.64 22.59 -40.61
C GLU O 1009 -100.31 23.25 -41.82
N VAL O 1010 -100.53 22.46 -42.87
CA VAL O 1010 -101.21 22.90 -44.08
C VAL O 1010 -102.39 21.97 -44.33
N ILE O 1011 -103.60 22.51 -44.26
CA ILE O 1011 -104.81 21.78 -44.64
C ILE O 1011 -105.35 22.41 -45.91
N THR O 1012 -105.36 21.62 -46.99
CA THR O 1012 -105.60 22.11 -48.34
C THR O 1012 -106.83 21.50 -49.00
N LYS O 1013 -107.69 20.83 -48.25
CA LYS O 1013 -108.88 20.14 -48.75
C LYS O 1013 -108.53 19.02 -49.73
N LYS O 1014 -107.24 18.71 -49.90
CA LYS O 1014 -106.77 17.55 -50.63
C LYS O 1014 -106.11 16.53 -49.71
N ALA O 1015 -105.38 17.01 -48.72
CA ALA O 1015 -104.81 16.21 -47.64
C ALA O 1015 -104.36 17.20 -46.56
N ARG O 1016 -104.11 16.67 -45.36
CA ARG O 1016 -103.52 17.46 -44.29
C ARG O 1016 -102.05 17.09 -44.17
N MET O 1017 -101.19 18.11 -44.06
CA MET O 1017 -99.76 17.92 -44.01
C MET O 1017 -99.20 18.64 -42.79
N PHE O 1018 -98.34 17.94 -42.03
CA PHE O 1018 -97.80 18.47 -40.78
C PHE O 1018 -96.31 18.16 -40.75
N GLY O 1019 -95.48 19.19 -40.86
CA GLY O 1019 -94.07 18.95 -41.04
C GLY O 1019 -93.23 20.11 -40.55
N TYR O 1020 -91.94 20.04 -40.88
CA TYR O 1020 -90.99 21.10 -40.55
C TYR O 1020 -90.65 21.87 -41.82
N PHE O 1021 -90.86 23.18 -41.81
CA PHE O 1021 -90.59 24.02 -42.96
C PHE O 1021 -89.09 24.01 -43.27
N ALA O 1022 -88.73 23.55 -44.47
CA ALA O 1022 -87.34 23.41 -44.88
C ALA O 1022 -86.91 24.49 -45.86
N SER O 1023 -87.65 24.67 -46.95
CA SER O 1023 -87.26 25.61 -48.01
C SER O 1023 -88.51 26.23 -48.61
N CYS O 1024 -88.39 27.48 -49.02
CA CYS O 1024 -89.42 28.19 -49.77
C CYS O 1024 -88.93 28.47 -51.18
N HIS O 1025 -89.83 28.35 -52.14
CA HIS O 1025 -89.46 28.44 -53.55
C HIS O 1025 -89.87 29.82 -54.06
N ARG O 1026 -88.86 30.64 -54.39
CA ARG O 1026 -89.13 31.99 -54.88
C ARG O 1026 -89.92 31.98 -56.17
N GLY O 1027 -89.54 31.11 -57.12
CA GLY O 1027 -90.21 31.11 -58.41
C GLY O 1027 -91.61 30.56 -58.35
N THR O 1028 -91.83 29.54 -57.52
CA THR O 1028 -93.11 28.83 -57.51
C THR O 1028 -94.08 29.38 -56.45
N GLY O 1029 -93.57 29.78 -55.30
CA GLY O 1029 -94.42 30.16 -54.19
C GLY O 1029 -94.87 29.03 -53.31
N ASN O 1030 -94.38 27.81 -53.55
CA ASN O 1030 -94.67 26.67 -52.69
C ASN O 1030 -93.61 26.57 -51.60
N ILE O 1031 -93.90 25.73 -50.61
CA ILE O 1031 -92.97 25.47 -49.53
C ILE O 1031 -92.62 23.99 -49.55
N ASN O 1032 -91.50 23.66 -48.90
CA ASN O 1032 -91.09 22.28 -48.69
C ASN O 1032 -91.11 21.99 -47.20
N ILE O 1033 -91.59 20.80 -46.84
CA ILE O 1033 -91.66 20.40 -45.44
C ILE O 1033 -91.06 19.01 -45.31
N ARG O 1034 -90.35 18.79 -44.21
CA ARG O 1034 -89.81 17.50 -43.86
C ARG O 1034 -90.78 16.80 -42.92
N ILE O 1035 -91.12 15.55 -43.22
CA ILE O 1035 -91.87 14.74 -42.28
C ILE O 1035 -90.99 14.47 -41.07
N HIS O 1036 -91.60 14.53 -39.88
CA HIS O 1036 -90.83 14.55 -38.63
C HIS O 1036 -89.77 13.44 -38.59
N ASP O 1037 -90.14 12.23 -38.99
CA ASP O 1037 -89.21 11.10 -38.93
C ASP O 1037 -88.44 10.88 -40.23
N LEU O 1038 -88.64 11.74 -41.23
CA LEU O 1038 -88.00 11.60 -42.55
C LEU O 1038 -88.18 10.20 -43.12
N ASP O 1039 -89.41 9.69 -43.03
CA ASP O 1039 -89.72 8.41 -43.63
C ASP O 1039 -89.59 8.50 -45.15
N HIS O 1040 -88.70 7.70 -45.71
CA HIS O 1040 -88.44 7.77 -47.15
C HIS O 1040 -89.63 7.28 -47.98
N LYS O 1041 -90.58 6.57 -47.37
CA LYS O 1041 -91.77 6.13 -48.09
C LYS O 1041 -92.60 7.31 -48.57
N ILE O 1042 -92.74 8.33 -47.74
CA ILE O 1042 -93.54 9.50 -48.07
C ILE O 1042 -92.64 10.62 -48.53
N GLY O 1043 -92.99 11.25 -49.64
CA GLY O 1043 -92.24 12.37 -50.16
C GLY O 1043 -90.96 11.94 -50.83
N LYS O 1044 -90.24 12.94 -51.33
CA LYS O 1044 -88.96 12.72 -52.00
C LYS O 1044 -87.88 12.68 -50.91
N ASN O 1045 -87.63 11.46 -50.41
CA ASN O 1045 -86.70 11.22 -49.29
C ASN O 1045 -87.16 11.93 -48.03
N GLY O 1046 -88.45 11.76 -47.70
CA GLY O 1046 -89.00 12.33 -46.49
C GLY O 1046 -89.36 13.80 -46.59
N ILE O 1047 -89.17 14.42 -47.75
CA ILE O 1047 -89.45 15.84 -47.95
C ILE O 1047 -90.62 15.96 -48.92
N LEU O 1048 -91.65 16.71 -48.52
CA LEU O 1048 -92.76 17.04 -49.43
C LEU O 1048 -92.36 18.31 -50.18
N GLU O 1049 -91.78 18.13 -51.36
CA GLU O 1049 -91.36 19.26 -52.19
C GLU O 1049 -92.56 19.82 -52.94
N GLY O 1050 -92.89 21.09 -52.66
CA GLY O 1050 -93.83 21.80 -53.51
C GLY O 1050 -95.26 21.85 -53.03
N ILE O 1051 -95.46 22.19 -51.76
CA ILE O 1051 -96.79 22.30 -51.18
C ILE O 1051 -97.30 23.72 -51.38
N GLY O 1052 -98.44 23.84 -52.05
CA GLY O 1052 -99.07 25.14 -52.21
C GLY O 1052 -99.84 25.55 -50.97
N VAL O 1053 -99.85 26.86 -50.69
CA VAL O 1053 -100.49 27.36 -49.48
C VAL O 1053 -101.45 28.50 -49.81
N LYS O 1054 -101.43 28.98 -51.07
CA LYS O 1054 -102.23 30.15 -51.41
C LYS O 1054 -103.72 29.87 -51.31
N THR O 1055 -104.14 28.65 -51.66
CA THR O 1055 -105.55 28.27 -51.61
C THR O 1055 -105.84 27.24 -50.53
N ALA O 1056 -105.04 27.25 -49.46
CA ALA O 1056 -105.20 26.27 -48.40
C ALA O 1056 -106.36 26.63 -47.48
N LEU O 1057 -107.06 25.60 -47.00
CA LEU O 1057 -108.11 25.83 -46.01
C LEU O 1057 -107.54 26.44 -44.74
N SER O 1058 -106.34 26.00 -44.34
CA SER O 1058 -105.70 26.54 -43.14
C SER O 1058 -104.20 26.38 -43.26
N PHE O 1059 -103.48 27.38 -42.75
CA PHE O 1059 -102.01 27.39 -42.75
C PHE O 1059 -101.58 27.96 -41.40
N GLN O 1060 -100.97 27.11 -40.57
CA GLN O 1060 -100.70 27.48 -39.20
C GLN O 1060 -99.32 27.04 -38.76
N LYS O 1061 -98.81 27.71 -37.73
CA LYS O 1061 -97.48 27.46 -37.20
C LYS O 1061 -97.58 26.96 -35.77
N TYR O 1062 -96.71 26.01 -35.43
CA TYR O 1062 -96.79 25.29 -34.17
C TYR O 1062 -95.47 25.39 -33.41
N GLN O 1063 -95.54 24.96 -32.16
CA GLN O 1063 -94.45 24.96 -31.20
C GLN O 1063 -94.28 23.55 -30.67
N ILE O 1064 -93.03 23.12 -30.57
CA ILE O 1064 -92.66 21.80 -30.08
C ILE O 1064 -91.41 21.94 -29.23
N ASP O 1065 -91.26 21.03 -28.28
CA ASP O 1065 -90.13 21.08 -27.37
C ASP O 1065 -89.23 19.88 -27.63
N GLU O 1066 -87.97 20.01 -27.21
CA GLU O 1066 -87.14 18.83 -27.06
C GLU O 1066 -87.90 17.85 -26.18
N LEU O 1067 -87.88 16.58 -26.58
CA LEU O 1067 -88.77 15.47 -26.20
C LEU O 1067 -89.95 15.33 -27.15
N GLY O 1068 -90.15 16.25 -28.09
CA GLY O 1068 -91.24 16.10 -29.04
C GLY O 1068 -92.62 16.03 -28.43
N LYS O 1069 -92.86 16.82 -27.39
CA LYS O 1069 -94.12 16.88 -26.67
C LYS O 1069 -94.59 18.34 -26.63
N GLU O 1070 -95.77 18.55 -26.05
CA GLU O 1070 -96.33 19.90 -25.90
C GLU O 1070 -96.39 20.61 -27.25
N ILE O 1071 -97.07 19.97 -28.19
CA ILE O 1071 -97.25 20.55 -29.52
C ILE O 1071 -98.45 21.49 -29.48
N ARG O 1072 -98.18 22.78 -29.68
CA ARG O 1072 -99.27 23.74 -29.58
C ARG O 1072 -99.26 24.67 -30.78
N PRO O 1073 -100.40 25.22 -31.16
CA PRO O 1073 -100.39 26.29 -32.16
C PRO O 1073 -99.94 27.60 -31.52
N CYS O 1074 -99.31 28.45 -32.33
CA CYS O 1074 -98.85 29.72 -31.81
C CYS O 1074 -99.18 30.82 -32.82
N ARG O 1075 -99.45 32.01 -32.27
CA ARG O 1075 -99.91 33.15 -33.05
C ARG O 1075 -99.15 34.40 -32.63
N LEU O 1076 -98.55 35.08 -33.60
CA LEU O 1076 -97.82 36.31 -33.35
C LEU O 1076 -98.75 37.52 -33.43
N LYS O 1077 -98.58 38.43 -32.47
CA LYS O 1077 -99.37 39.67 -32.49
C LYS O 1077 -98.95 40.59 -33.61
N LYS O 1078 -97.69 41.05 -33.58
CA LYS O 1078 -97.19 42.02 -34.55
C LYS O 1078 -96.10 41.39 -35.41
N ARG O 1079 -95.89 41.99 -36.57
CA ARG O 1079 -94.86 41.53 -37.48
C ARG O 1079 -93.48 41.87 -36.90
N PRO O 1080 -92.58 40.90 -36.79
CA PRO O 1080 -91.30 41.14 -36.13
C PRO O 1080 -90.37 41.94 -37.03
N PRO O 1081 -89.53 42.79 -36.45
CA PRO O 1081 -88.58 43.56 -37.25
C PRO O 1081 -87.41 42.70 -37.72
N VAL O 1082 -86.68 43.23 -38.70
CA VAL O 1082 -85.41 42.62 -39.08
C VAL O 1082 -84.27 43.12 -38.21
N ARG O 1083 -84.34 44.37 -37.77
CA ARG O 1083 -83.34 45.00 -36.91
C ARG O 1083 -81.91 44.79 -37.40
N SER S 1 -71.25 -33.17 -52.38
CA SER S 1 -70.35 -32.26 -51.68
C SER S 1 -69.03 -32.93 -51.36
N MET S 2 -68.33 -33.37 -52.41
CA MET S 2 -66.99 -33.93 -52.28
C MET S 2 -66.00 -32.82 -52.63
N PHE S 3 -65.12 -32.49 -51.70
CA PHE S 3 -64.24 -31.33 -51.82
C PHE S 3 -62.85 -31.72 -52.25
N LYS S 4 -62.32 -31.00 -53.23
CA LYS S 4 -60.92 -31.08 -53.65
C LYS S 4 -60.21 -29.78 -53.35
N ARG S 5 -58.91 -29.76 -53.59
CA ARG S 5 -58.08 -28.61 -53.28
C ARG S 5 -57.03 -28.52 -54.39
N ALA S 6 -56.91 -27.34 -54.99
CA ALA S 6 -55.97 -27.10 -56.07
C ALA S 6 -54.79 -26.33 -55.50
N ILE S 7 -53.63 -26.98 -55.45
CA ILE S 7 -52.42 -26.36 -54.94
C ILE S 7 -51.65 -25.78 -56.12
N ILE S 8 -51.34 -24.50 -56.05
CA ILE S 8 -50.63 -23.78 -57.10
C ILE S 8 -49.36 -23.22 -56.50
N PHE S 9 -48.26 -23.33 -57.24
CA PHE S 9 -47.01 -22.69 -56.87
C PHE S 9 -46.60 -21.76 -58.00
N THR S 10 -46.44 -20.48 -57.67
CA THR S 10 -46.09 -19.46 -58.65
C THR S 10 -44.68 -18.96 -58.38
N SER S 11 -43.93 -18.74 -59.47
CA SER S 11 -42.54 -18.34 -59.35
C SER S 11 -42.11 -17.63 -60.63
N PHE S 12 -41.04 -16.86 -60.52
CA PHE S 12 -40.41 -16.18 -61.65
C PHE S 12 -39.19 -16.98 -62.08
N ASN S 13 -39.10 -17.28 -63.37
CA ASN S 13 -38.05 -18.17 -63.87
C ASN S 13 -36.79 -17.42 -64.31
N GLY S 14 -36.84 -16.10 -64.39
CA GLY S 14 -35.67 -15.31 -64.69
C GLY S 14 -35.35 -15.13 -66.17
N PHE S 15 -35.97 -15.93 -67.05
CA PHE S 15 -35.64 -15.86 -68.46
C PHE S 15 -36.01 -14.50 -69.06
N GLU S 16 -37.21 -14.02 -68.77
CA GLU S 16 -37.68 -12.74 -69.25
C GLU S 16 -38.25 -11.94 -68.07
N LYS S 17 -38.09 -10.62 -68.14
CA LYS S 17 -38.61 -9.76 -67.08
C LYS S 17 -40.13 -9.79 -67.04
N VAL S 18 -40.68 -9.65 -65.85
CA VAL S 18 -42.12 -9.73 -65.61
C VAL S 18 -42.65 -8.30 -65.48
N SER S 19 -43.56 -7.93 -66.38
CA SER S 19 -44.14 -6.59 -66.40
C SER S 19 -45.15 -6.42 -65.26
N ARG S 20 -45.32 -5.16 -64.82
CA ARG S 20 -46.37 -4.83 -63.87
C ARG S 20 -47.73 -5.26 -64.40
N THR S 21 -47.93 -5.15 -65.72
CA THR S 21 -49.13 -5.67 -66.36
C THR S 21 -49.39 -7.12 -65.99
N GLU S 22 -48.42 -8.00 -66.26
CA GLU S 22 -48.60 -9.42 -66.00
C GLU S 22 -48.77 -9.72 -64.51
N LYS S 23 -48.07 -8.96 -63.65
CA LYS S 23 -48.27 -9.11 -62.21
C LYS S 23 -49.71 -8.83 -61.83
N ARG S 24 -50.27 -7.72 -62.35
CA ARG S 24 -51.66 -7.40 -62.07
C ARG S 24 -52.60 -8.45 -62.66
N ARG S 25 -52.28 -8.96 -63.85
CA ARG S 25 -53.10 -10.01 -64.46
C ARG S 25 -53.18 -11.25 -63.57
N LEU S 26 -52.02 -11.75 -63.13
CA LEU S 26 -52.00 -12.92 -62.27
C LEU S 26 -52.71 -12.63 -60.95
N ALA S 27 -52.51 -11.43 -60.40
CA ALA S 27 -53.20 -11.07 -59.17
C ALA S 27 -54.71 -11.07 -59.35
N LYS S 28 -55.17 -10.59 -60.52
CA LYS S 28 -56.61 -10.60 -60.81
C LYS S 28 -57.13 -12.02 -60.92
N ILE S 29 -56.40 -12.89 -61.62
CA ILE S 29 -56.82 -14.28 -61.76
C ILE S 29 -56.93 -14.95 -60.40
N ILE S 30 -55.95 -14.72 -59.53
CA ILE S 30 -55.96 -15.35 -58.21
C ILE S 30 -57.10 -14.78 -57.36
N ASN S 31 -57.18 -13.45 -57.25
CA ASN S 31 -58.09 -12.82 -56.31
C ASN S 31 -59.56 -13.03 -56.66
N ALA S 32 -59.86 -13.45 -57.89
CA ALA S 32 -61.22 -13.86 -58.23
C ALA S 32 -61.76 -14.91 -57.28
N ARG S 33 -60.88 -15.76 -56.75
CA ARG S 33 -61.28 -16.89 -55.91
C ARG S 33 -61.21 -16.58 -54.42
N VAL S 34 -60.49 -15.53 -54.02
CA VAL S 34 -60.32 -15.23 -52.59
C VAL S 34 -61.52 -14.43 -52.07
N SER S 35 -61.84 -14.63 -50.80
CA SER S 35 -62.84 -13.85 -50.10
C SER S 35 -62.40 -13.70 -48.65
N ILE S 36 -63.31 -13.23 -47.78
CA ILE S 36 -62.97 -13.16 -46.37
C ILE S 36 -62.80 -14.53 -45.74
N ILE S 37 -63.35 -15.57 -46.38
CA ILE S 37 -63.16 -16.92 -45.86
C ILE S 37 -61.70 -17.31 -45.89
N ASP S 38 -61.01 -16.95 -46.97
CA ASP S 38 -59.63 -17.33 -47.19
C ASP S 38 -58.79 -16.13 -47.65
N GLU S 39 -58.91 -15.01 -46.93
CA GLU S 39 -58.27 -13.77 -47.35
C GLU S 39 -56.78 -13.77 -47.10
N TYR S 40 -56.24 -14.85 -46.55
CA TYR S 40 -54.79 -14.99 -46.46
C TYR S 40 -54.18 -15.34 -47.81
N LEU S 41 -55.02 -15.66 -48.80
CA LEU S 41 -54.56 -16.04 -50.12
C LEU S 41 -54.50 -14.88 -51.10
N ARG S 42 -54.87 -13.66 -50.68
CA ARG S 42 -54.96 -12.52 -51.60
C ARG S 42 -53.61 -12.30 -52.26
N ALA S 43 -53.57 -11.76 -53.48
CA ALA S 43 -52.20 -11.80 -53.97
C ALA S 43 -51.43 -10.50 -53.75
N LYS S 44 -51.30 -9.64 -54.77
CA LYS S 44 -50.87 -8.23 -54.82
C LYS S 44 -50.09 -8.18 -56.13
N ASP S 45 -49.73 -7.00 -56.67
CA ASP S 45 -48.81 -7.06 -57.81
C ASP S 45 -47.35 -7.11 -57.36
N THR S 46 -47.10 -7.31 -56.07
CA THR S 46 -45.72 -7.37 -55.57
C THR S 46 -45.01 -8.63 -56.01
N ASN S 47 -43.67 -8.55 -56.03
CA ASN S 47 -42.86 -9.75 -56.23
C ASN S 47 -42.94 -10.69 -55.04
N ALA S 48 -43.08 -10.15 -53.83
CA ALA S 48 -43.20 -10.99 -52.64
C ALA S 48 -44.39 -11.93 -52.75
N SER S 49 -45.57 -11.37 -53.04
CA SER S 49 -46.79 -12.18 -53.11
C SER S 49 -46.77 -13.19 -54.27
N LEU S 50 -46.14 -12.85 -55.38
CA LEU S 50 -46.22 -13.70 -56.57
C LEU S 50 -45.08 -14.70 -56.69
N ASP S 51 -43.84 -14.24 -56.49
CA ASP S 51 -42.67 -15.07 -56.77
C ASP S 51 -42.45 -16.07 -55.65
N GLY S 52 -42.47 -17.36 -56.01
CA GLY S 52 -42.24 -18.42 -55.05
C GLY S 52 -43.29 -18.48 -53.95
N GLN S 53 -44.53 -18.82 -54.29
CA GLN S 53 -45.60 -18.89 -53.30
C GLN S 53 -46.51 -20.09 -53.56
N TYR S 54 -46.92 -20.72 -52.46
CA TYR S 54 -47.88 -21.82 -52.47
C TYR S 54 -49.27 -21.30 -52.07
N ARG S 55 -50.27 -21.65 -52.88
CA ARG S 55 -51.66 -21.26 -52.60
C ARG S 55 -52.56 -22.46 -52.81
N ALA S 56 -53.31 -22.84 -51.77
CA ALA S 56 -54.22 -23.98 -51.84
C ALA S 56 -55.65 -23.45 -51.91
N PHE S 57 -56.25 -23.55 -53.09
CA PHE S 57 -57.61 -23.07 -53.31
C PHE S 57 -58.60 -24.21 -53.08
N LEU S 58 -59.58 -23.95 -52.22
CA LEU S 58 -60.64 -24.92 -51.94
C LEU S 58 -61.65 -24.95 -53.09
N PHE S 59 -62.04 -26.15 -53.51
CA PHE S 59 -63.00 -26.29 -54.59
C PHE S 59 -63.95 -27.44 -54.30
N ASN S 60 -65.21 -27.27 -54.70
CA ASN S 60 -66.16 -28.37 -54.73
C ASN S 60 -66.11 -29.03 -56.10
N ASP S 61 -66.11 -30.37 -56.10
CA ASP S 61 -66.07 -31.13 -57.34
C ASP S 61 -67.47 -31.13 -57.97
N GLU S 62 -67.63 -31.92 -59.04
CA GLU S 62 -68.85 -31.92 -59.86
C GLU S 62 -69.30 -30.50 -60.22
N SER S 63 -68.34 -29.60 -60.34
CA SER S 63 -68.58 -28.22 -60.68
C SER S 63 -67.37 -27.81 -61.51
N PRO S 64 -67.58 -27.15 -62.65
CA PRO S 64 -66.46 -26.86 -63.55
C PRO S 64 -65.64 -25.66 -63.12
N ALA S 65 -65.82 -25.24 -61.86
CA ALA S 65 -65.07 -24.10 -61.35
C ALA S 65 -63.57 -24.37 -61.34
N MET S 66 -63.15 -25.48 -60.72
CA MET S 66 -61.73 -25.83 -60.65
C MET S 66 -61.11 -25.90 -62.04
N THR S 67 -61.79 -26.57 -62.97
CA THR S 67 -61.22 -26.77 -64.30
C THR S 67 -61.01 -25.43 -65.01
N GLU S 68 -61.99 -24.53 -64.91
CA GLU S 68 -61.85 -23.24 -65.58
C GLU S 68 -60.79 -22.37 -64.91
N PHE S 69 -60.71 -22.42 -63.57
CA PHE S 69 -59.63 -21.73 -62.86
C PHE S 69 -58.26 -22.21 -63.34
N LEU S 70 -58.06 -23.53 -63.36
CA LEU S 70 -56.78 -24.09 -63.77
C LEU S 70 -56.51 -23.78 -65.24
N ALA S 71 -57.54 -23.77 -66.08
CA ALA S 71 -57.36 -23.42 -67.48
C ALA S 71 -56.88 -21.98 -67.63
N LYS S 72 -57.48 -21.05 -66.88
CA LYS S 72 -57.03 -19.66 -66.94
C LYS S 72 -55.58 -19.55 -66.47
N LEU S 73 -55.24 -20.24 -65.39
CA LEU S 73 -53.86 -20.21 -64.90
C LEU S 73 -52.89 -20.74 -65.95
N LYS S 74 -53.23 -21.88 -66.56
CA LYS S 74 -52.37 -22.49 -67.58
C LYS S 74 -52.20 -21.57 -68.78
N ALA S 75 -53.29 -20.98 -69.26
CA ALA S 75 -53.22 -20.05 -70.38
C ALA S 75 -52.30 -18.87 -70.05
N PHE S 76 -52.50 -18.26 -68.87
CA PHE S 76 -51.66 -17.14 -68.46
C PHE S 76 -50.19 -17.54 -68.41
N ALA S 77 -49.90 -18.67 -67.77
CA ALA S 77 -48.52 -19.10 -67.61
C ALA S 77 -47.87 -19.34 -68.97
N GLU S 78 -48.57 -20.01 -69.89
CA GLU S 78 -47.99 -20.23 -71.21
C GLU S 78 -47.86 -18.93 -72.00
N SER S 79 -48.75 -17.98 -71.77
CA SER S 79 -48.68 -16.69 -72.45
C SER S 79 -47.61 -15.77 -71.88
N CYS S 80 -47.14 -16.02 -70.65
CA CYS S 80 -46.29 -15.05 -69.96
C CYS S 80 -44.81 -15.23 -70.23
N THR S 81 -44.36 -16.45 -70.56
CA THR S 81 -42.98 -16.72 -70.96
C THR S 81 -41.98 -16.00 -70.06
N GLY S 82 -41.91 -16.40 -68.80
CA GLY S 82 -41.23 -15.61 -67.79
C GLY S 82 -41.84 -15.78 -66.42
N ILE S 83 -42.95 -16.50 -66.35
CA ILE S 83 -43.57 -16.91 -65.10
C ILE S 83 -43.87 -18.40 -65.17
N SER S 84 -43.53 -19.13 -64.10
CA SER S 84 -43.78 -20.56 -64.00
C SER S 84 -44.85 -20.80 -62.96
N ILE S 85 -45.85 -21.61 -63.33
CA ILE S 85 -46.92 -22.01 -62.43
C ILE S 85 -47.01 -23.53 -62.45
N ASP S 86 -47.07 -24.14 -61.28
CA ASP S 86 -47.23 -25.59 -61.14
C ASP S 86 -48.51 -25.86 -60.37
N ALA S 87 -49.33 -26.78 -60.88
CA ALA S 87 -50.63 -27.06 -60.29
C ALA S 87 -50.77 -28.55 -59.99
N TRP S 88 -51.13 -28.84 -58.74
CA TRP S 88 -51.43 -30.15 -58.19
C TRP S 88 -52.86 -30.17 -57.66
N GLU S 89 -53.39 -31.37 -57.45
CA GLU S 89 -54.72 -31.57 -56.90
C GLU S 89 -54.66 -32.56 -55.75
N ILE S 90 -55.41 -32.30 -54.68
CA ILE S 90 -55.47 -33.20 -53.53
C ILE S 90 -56.88 -33.19 -52.97
N GLU S 91 -57.31 -34.33 -52.41
CA GLU S 91 -58.63 -34.36 -51.78
C GLU S 91 -58.57 -33.73 -50.39
N GLU S 92 -59.65 -33.06 -50.01
CA GLU S 92 -59.68 -32.31 -48.77
C GLU S 92 -59.46 -33.19 -47.54
N SER S 93 -59.92 -34.44 -47.59
CA SER S 93 -59.61 -35.39 -46.53
C SER S 93 -58.10 -35.46 -46.33
N GLU S 94 -57.37 -35.81 -47.38
CA GLU S 94 -55.92 -35.88 -47.31
C GLU S 94 -55.33 -34.53 -46.90
N TYR S 95 -55.88 -33.42 -47.42
CA TYR S 95 -55.30 -32.11 -47.16
C TYR S 95 -55.34 -31.77 -45.67
N VAL S 96 -56.50 -31.94 -45.04
CA VAL S 96 -56.58 -31.65 -43.61
C VAL S 96 -55.99 -32.77 -42.77
N ARG S 97 -55.67 -33.91 -43.38
CA ARG S 97 -54.93 -34.95 -42.69
C ARG S 97 -53.44 -34.68 -42.65
N LEU S 98 -52.97 -33.66 -43.38
CA LEU S 98 -51.57 -33.27 -43.37
C LEU S 98 -51.28 -32.37 -42.18
N PRO S 99 -50.03 -32.34 -41.71
CA PRO S 99 -49.68 -31.40 -40.65
C PRO S 99 -49.79 -29.97 -41.13
N VAL S 100 -50.00 -29.06 -40.19
CA VAL S 100 -50.17 -27.66 -40.55
C VAL S 100 -48.88 -27.10 -41.13
N GLU S 101 -47.76 -27.48 -40.55
CA GLU S 101 -46.48 -26.92 -40.95
C GLU S 101 -46.01 -27.52 -42.26
N ARG S 102 -45.61 -26.67 -43.20
CA ARG S 102 -45.16 -27.11 -44.53
C ARG S 102 -46.26 -27.88 -45.25
N ARG S 103 -47.52 -27.45 -45.05
CA ARG S 103 -48.66 -28.22 -45.55
C ARG S 103 -48.72 -28.23 -47.06
N ASP S 104 -48.40 -27.10 -47.71
CA ASP S 104 -48.58 -27.04 -49.16
C ASP S 104 -47.50 -27.83 -49.90
N PHE S 105 -46.26 -27.78 -49.40
CA PHE S 105 -45.21 -28.65 -49.95
C PHE S 105 -45.62 -30.11 -49.84
N LEU S 106 -46.09 -30.53 -48.67
CA LEU S 106 -46.53 -31.90 -48.48
C LEU S 106 -47.71 -32.25 -49.37
N ALA S 107 -48.61 -31.29 -49.59
CA ALA S 107 -49.77 -31.55 -50.44
C ALA S 107 -49.37 -31.70 -51.91
N ALA S 108 -48.45 -30.87 -52.37
CA ALA S 108 -47.90 -31.04 -53.72
C ALA S 108 -47.21 -32.39 -53.86
N ALA S 109 -46.46 -32.79 -52.83
CA ALA S 109 -45.80 -34.09 -52.89
C ALA S 109 -46.81 -35.22 -52.90
N ASN S 110 -47.87 -35.11 -52.09
CA ASN S 110 -48.80 -36.20 -51.87
C ASN S 110 -50.03 -36.13 -52.78
N GLY S 111 -50.10 -35.15 -53.67
CA GLY S 111 -51.24 -34.99 -54.55
C GLY S 111 -50.94 -35.50 -55.95
N LYS S 112 -51.89 -35.23 -56.84
CA LYS S 112 -51.78 -35.55 -58.26
C LYS S 112 -51.41 -34.27 -58.98
N GLU S 113 -50.28 -34.25 -59.67
CA GLU S 113 -49.90 -33.04 -60.37
C GLU S 113 -50.74 -32.88 -61.62
N ILE S 114 -51.19 -31.67 -61.87
CA ILE S 114 -52.06 -31.36 -63.00
C ILE S 114 -51.25 -30.77 -64.14
N PHE S 115 -50.40 -29.79 -63.86
CA PHE S 115 -49.55 -29.30 -64.93
C PHE S 115 -48.31 -28.61 -64.38
N LYS S 116 -47.21 -28.75 -65.11
CA LYS S 116 -45.94 -28.08 -64.80
C LYS S 116 -45.61 -27.13 -65.93
N ILE S 117 -45.52 -25.85 -65.61
CA ILE S 117 -45.19 -24.83 -66.61
C ILE S 117 -44.25 -23.79 -66.03
N SER T 1 8.32 -0.26 -6.64
CA SER T 1 7.75 -0.64 -7.92
C SER T 1 6.29 -1.04 -7.73
N MET T 2 5.49 -0.08 -7.27
CA MET T 2 4.06 -0.25 -7.14
C MET T 2 3.44 0.31 -8.40
N PHE T 3 2.61 -0.49 -9.06
CA PHE T 3 2.13 -0.16 -10.40
C PHE T 3 0.79 0.53 -10.33
N LYS T 4 0.66 1.60 -11.09
CA LYS T 4 -0.59 2.31 -11.27
C LYS T 4 -1.10 2.13 -12.70
N ARG T 5 -2.30 2.65 -12.94
CA ARG T 5 -2.97 2.47 -14.22
C ARG T 5 -3.71 3.76 -14.54
N ALA T 6 -3.47 4.28 -15.73
CA ALA T 6 -4.13 5.50 -16.20
C ALA T 6 -5.22 5.08 -17.17
N ILE T 7 -6.47 5.28 -16.77
CA ILE T 7 -7.61 4.94 -17.62
C ILE T 7 -8.04 6.19 -18.39
N ILE T 8 -8.11 6.06 -19.71
CA ILE T 8 -8.45 7.15 -20.60
C ILE T 8 -9.71 6.77 -21.37
N PHE T 9 -10.62 7.72 -21.50
CA PHE T 9 -11.82 7.55 -22.31
C PHE T 9 -11.85 8.65 -23.35
N THR T 10 -11.89 8.24 -24.62
CA THR T 10 -11.87 9.17 -25.75
C THR T 10 -13.21 9.14 -26.49
N SER T 11 -13.69 10.31 -26.89
CA SER T 11 -14.99 10.42 -27.55
C SER T 11 -15.04 11.69 -28.39
N PHE T 12 -15.97 11.71 -29.34
CA PHE T 12 -16.25 12.88 -30.16
C PHE T 12 -17.50 13.57 -29.63
N ASN T 13 -17.40 14.89 -29.41
CA ASN T 13 -18.46 15.64 -28.74
C ASN T 13 -19.46 16.26 -29.71
N GLY T 14 -19.21 16.21 -31.02
CA GLY T 14 -20.16 16.69 -32.01
C GLY T 14 -20.11 18.17 -32.32
N PHE T 15 -19.45 18.97 -31.49
CA PHE T 15 -19.41 20.42 -31.70
C PHE T 15 -18.71 20.78 -33.00
N GLU T 16 -17.57 20.15 -33.28
CA GLU T 16 -16.79 20.43 -34.47
C GLU T 16 -16.46 19.13 -35.22
N LYS T 17 -16.39 19.24 -36.54
CA LYS T 17 -15.99 18.08 -37.34
C LYS T 17 -14.54 17.73 -37.03
N VAL T 18 -14.23 16.45 -37.08
CA VAL T 18 -12.93 15.94 -36.68
C VAL T 18 -12.07 15.70 -37.91
N SER T 19 -10.93 16.38 -37.98
CA SER T 19 -10.02 16.21 -39.10
C SER T 19 -9.25 14.89 -38.99
N ARG T 20 -8.92 14.31 -40.14
CA ARG T 20 -8.04 13.13 -40.16
C ARG T 20 -6.70 13.44 -39.49
N THR T 21 -6.21 14.68 -39.64
CA THR T 21 -5.02 15.13 -38.94
C THR T 21 -5.10 14.83 -37.44
N GLU T 22 -6.15 15.33 -36.79
CA GLU T 22 -6.29 15.15 -35.35
C GLU T 22 -6.44 13.68 -34.97
N LYS T 23 -7.14 12.90 -35.81
CA LYS T 23 -7.26 11.47 -35.56
C LYS T 23 -5.89 10.80 -35.54
N ARG T 24 -5.06 11.09 -36.55
CA ARG T 24 -3.71 10.53 -36.59
C ARG T 24 -2.87 11.03 -35.43
N ARG T 25 -3.04 12.30 -35.04
CA ARG T 25 -2.30 12.84 -33.91
C ARG T 25 -2.61 12.05 -32.64
N LEU T 26 -3.89 11.88 -32.33
CA LEU T 26 -4.28 11.14 -31.14
C LEU T 26 -3.82 9.69 -31.22
N ALA T 27 -3.92 9.08 -32.39
CA ALA T 27 -3.45 7.70 -32.56
C ALA T 27 -1.95 7.59 -32.30
N LYS T 28 -1.18 8.59 -32.74
CA LYS T 28 0.26 8.57 -32.50
C LYS T 28 0.57 8.76 -31.01
N ILE T 29 -0.18 9.65 -30.35
CA ILE T 29 0.02 9.84 -28.91
C ILE T 29 -0.25 8.54 -28.16
N ILE T 30 -1.33 7.84 -28.52
CA ILE T 30 -1.67 6.59 -27.83
C ILE T 30 -0.63 5.52 -28.13
N ASN T 31 -0.34 5.29 -29.42
CA ASN T 31 0.48 4.16 -29.83
C ASN T 31 1.92 4.26 -29.36
N ALA T 32 2.37 5.46 -28.96
CA ALA T 32 3.69 5.59 -28.35
C ALA T 32 3.84 4.65 -27.17
N ARG T 33 2.74 4.34 -26.48
CA ARG T 33 2.77 3.52 -25.27
C ARG T 33 2.46 2.05 -25.52
N VAL T 34 1.92 1.68 -26.67
CA VAL T 34 1.57 0.28 -26.92
C VAL T 34 2.79 -0.50 -27.36
N SER T 35 2.81 -1.79 -27.00
CA SER T 35 3.82 -2.73 -27.47
C SER T 35 3.14 -4.09 -27.63
N ILE T 36 3.94 -5.14 -27.81
CA ILE T 36 3.37 -6.48 -27.90
C ILE T 36 2.80 -6.92 -26.54
N ILE T 37 3.24 -6.28 -25.46
CA ILE T 37 2.68 -6.61 -24.15
C ILE T 37 1.20 -6.29 -24.09
N ASP T 38 0.81 -5.15 -24.66
CA ASP T 38 -0.56 -4.65 -24.63
C ASP T 38 -1.00 -4.19 -26.02
N GLU T 39 -0.83 -5.06 -27.01
CA GLU T 39 -1.14 -4.68 -28.39
C GLU T 39 -2.64 -4.64 -28.65
N TYR T 40 -3.45 -4.97 -27.65
CA TYR T 40 -4.89 -4.78 -27.78
C TYR T 40 -5.26 -3.31 -27.62
N LEU T 41 -4.30 -2.47 -27.22
CA LEU T 41 -4.56 -1.05 -27.04
C LEU T 41 -4.24 -0.22 -28.27
N ARG T 42 -3.80 -0.84 -29.37
CA ARG T 42 -3.31 -0.07 -30.51
C ARG T 42 -4.42 0.82 -31.07
N ALA T 43 -4.04 2.01 -31.50
CA ALA T 43 -4.98 3.01 -31.98
C ALA T 43 -4.78 3.22 -33.48
N LYS T 44 -5.87 3.11 -34.23
CA LYS T 44 -5.90 3.54 -35.62
C LYS T 44 -6.65 4.86 -35.70
N ASP T 45 -6.53 5.51 -36.86
CA ASP T 45 -7.20 6.79 -37.07
C ASP T 45 -8.67 6.62 -37.44
N THR T 46 -9.22 5.42 -37.30
CA THR T 46 -10.63 5.22 -37.56
C THR T 46 -11.47 5.89 -36.46
N ASN T 47 -12.73 6.16 -36.80
CA ASN T 47 -13.67 6.63 -35.79
C ASN T 47 -13.96 5.54 -34.77
N ALA T 48 -13.98 4.28 -35.19
CA ALA T 48 -14.23 3.17 -34.28
C ALA T 48 -13.23 3.15 -33.14
N SER T 49 -11.94 3.14 -33.47
CA SER T 49 -10.90 3.05 -32.44
C SER T 49 -10.88 4.26 -31.53
N LEU T 50 -11.24 5.44 -32.03
CA LEU T 50 -11.10 6.66 -31.25
C LEU T 50 -12.37 7.05 -30.50
N ASP T 51 -13.52 7.04 -31.16
CA ASP T 51 -14.74 7.60 -30.60
C ASP T 51 -15.35 6.63 -29.58
N GLY T 52 -15.45 7.09 -28.33
CA GLY T 52 -16.03 6.29 -27.27
C GLY T 52 -15.27 5.03 -26.96
N GLN T 53 -14.05 5.16 -26.44
CA GLN T 53 -13.23 3.99 -26.13
C GLN T 53 -12.51 4.18 -24.80
N TYR T 54 -12.43 3.08 -24.05
CA TYR T 54 -11.69 2.99 -22.79
C TYR T 54 -10.35 2.30 -23.03
N ARG T 55 -9.28 2.90 -22.54
CA ARG T 55 -7.92 2.35 -22.66
C ARG T 55 -7.22 2.48 -21.32
N ALA T 56 -6.74 1.34 -20.79
CA ALA T 56 -6.05 1.30 -19.49
C ALA T 56 -4.55 1.15 -19.72
N PHE T 57 -3.80 2.22 -19.45
CA PHE T 57 -2.36 2.23 -19.63
C PHE T 57 -1.66 1.82 -18.34
N LEU T 58 -0.80 0.80 -18.41
CA LEU T 58 0.00 0.37 -17.27
C LEU T 58 1.18 1.31 -17.10
N PHE T 59 1.44 1.73 -15.85
CA PHE T 59 2.55 2.62 -15.57
C PHE T 59 3.19 2.23 -14.24
N ASN T 60 4.50 2.39 -14.16
CA ASN T 60 5.19 2.35 -12.87
C ASN T 60 5.27 3.77 -12.34
N ASP T 61 4.73 4.00 -11.14
CA ASP T 61 4.77 5.32 -10.54
C ASP T 61 6.20 5.64 -10.10
N GLU T 62 6.37 6.80 -9.47
CA GLU T 62 7.70 7.31 -9.12
C GLU T 62 8.59 7.37 -10.35
N SER T 63 7.98 7.64 -11.51
CA SER T 63 8.62 7.77 -12.80
C SER T 63 7.75 8.77 -13.54
N PRO T 64 8.35 9.76 -14.21
CA PRO T 64 7.54 10.83 -14.81
C PRO T 64 6.91 10.44 -16.14
N ALA T 65 6.87 9.13 -16.43
CA ALA T 65 6.25 8.67 -17.68
C ALA T 65 4.75 8.97 -17.70
N MET T 66 4.03 8.55 -16.65
CA MET T 66 2.59 8.79 -16.57
C MET T 66 2.27 10.27 -16.71
N THR T 67 3.03 11.11 -15.99
CA THR T 67 2.74 12.55 -15.99
C THR T 67 2.93 13.14 -17.38
N GLU T 68 4.00 12.77 -18.08
CA GLU T 68 4.24 13.31 -19.41
C GLU T 68 3.18 12.82 -20.40
N PHE T 69 2.83 11.53 -20.33
CA PHE T 69 1.75 11.00 -21.16
C PHE T 69 0.45 11.78 -20.96
N LEU T 70 0.04 11.93 -19.69
CA LEU T 70 -1.20 12.63 -19.39
C LEU T 70 -1.14 14.09 -19.80
N ALA T 71 0.03 14.73 -19.65
CA ALA T 71 0.17 16.11 -20.09
C ALA T 71 -0.02 16.23 -21.60
N LYS T 72 0.57 15.32 -22.37
CA LYS T 72 0.39 15.34 -23.81
C LYS T 72 -1.07 15.13 -24.19
N LEU T 73 -1.73 14.18 -23.53
CA LEU T 73 -3.15 13.94 -23.79
C LEU T 73 -4.00 15.18 -23.47
N LYS T 74 -3.76 15.79 -22.32
CA LYS T 74 -4.52 16.98 -21.91
C LYS T 74 -4.30 18.13 -22.90
N ALA T 75 -3.05 18.35 -23.30
CA ALA T 75 -2.74 19.38 -24.28
C ALA T 75 -3.51 19.13 -25.58
N PHE T 76 -3.46 17.89 -26.08
CA PHE T 76 -4.17 17.57 -27.31
C PHE T 76 -5.66 17.81 -27.18
N ALA T 77 -6.25 17.31 -26.10
CA ALA T 77 -7.70 17.45 -25.91
C ALA T 77 -8.12 18.91 -25.84
N GLU T 78 -7.38 19.72 -25.09
CA GLU T 78 -7.71 21.15 -25.00
C GLU T 78 -7.47 21.87 -26.33
N SER T 79 -6.48 21.42 -27.10
CA SER T 79 -6.21 22.02 -28.40
C SER T 79 -7.19 21.59 -29.49
N CYS T 80 -7.92 20.49 -29.29
CA CYS T 80 -8.68 19.90 -30.37
C CYS T 80 -10.10 20.42 -30.47
N THR T 81 -10.68 20.90 -29.36
CA THR T 81 -11.99 21.56 -29.36
C THR T 81 -13.01 20.84 -30.24
N GLY T 82 -13.40 19.64 -29.85
CA GLY T 82 -14.13 18.75 -30.73
C GLY T 82 -13.84 17.29 -30.44
N ILE T 83 -12.91 17.06 -29.51
CA ILE T 83 -12.63 15.74 -28.97
C ILE T 83 -12.59 15.86 -27.45
N SER T 84 -13.24 14.92 -26.77
CA SER T 84 -13.28 14.89 -25.32
C SER T 84 -12.49 13.69 -24.82
N ILE T 85 -11.59 13.93 -23.87
CA ILE T 85 -10.80 12.89 -23.22
C ILE T 85 -10.96 13.02 -21.72
N ASP T 86 -11.24 11.92 -21.04
CA ASP T 86 -11.33 11.87 -19.59
C ASP T 86 -10.29 10.89 -19.05
N ALA T 87 -9.55 11.30 -18.03
CA ALA T 87 -8.46 10.51 -17.49
C ALA T 87 -8.63 10.33 -15.99
N TRP T 88 -8.60 9.06 -15.57
CA TRP T 88 -8.65 8.57 -14.20
C TRP T 88 -7.38 7.80 -13.88
N GLU T 89 -7.13 7.59 -12.59
CA GLU T 89 -5.99 6.82 -12.12
C GLU T 89 -6.45 5.79 -11.08
N ILE T 90 -5.88 4.58 -11.15
CA ILE T 90 -6.21 3.53 -10.20
C ILE T 90 -4.96 2.70 -9.90
N GLU T 91 -4.88 2.15 -8.70
CA GLU T 91 -3.76 1.27 -8.36
C GLU T 91 -3.97 -0.12 -8.95
N GLU T 92 -2.87 -0.76 -9.33
CA GLU T 92 -2.97 -2.05 -10.02
C GLU T 92 -3.60 -3.13 -9.15
N SER T 93 -3.39 -3.07 -7.84
CA SER T 93 -4.08 -3.98 -6.93
C SER T 93 -5.58 -3.92 -7.14
N GLU T 94 -6.14 -2.71 -7.02
CA GLU T 94 -7.57 -2.51 -7.25
C GLU T 94 -7.95 -2.91 -8.67
N TYR T 95 -7.10 -2.58 -9.65
CA TYR T 95 -7.45 -2.84 -11.05
C TYR T 95 -7.61 -4.34 -11.31
N VAL T 96 -6.65 -5.15 -10.87
CA VAL T 96 -6.78 -6.59 -11.08
C VAL T 96 -7.72 -7.25 -10.09
N ARG T 97 -8.14 -6.52 -9.05
CA ARG T 97 -9.18 -7.03 -8.17
C ARG T 97 -10.58 -6.83 -8.74
N LEU T 98 -10.71 -6.11 -9.86
CA LEU T 98 -11.97 -5.88 -10.54
C LEU T 98 -12.34 -7.07 -11.43
N PRO T 99 -13.63 -7.23 -11.73
CA PRO T 99 -14.03 -8.28 -12.68
C PRO T 99 -13.49 -8.00 -14.08
N VAL T 100 -13.35 -9.06 -14.87
CA VAL T 100 -12.77 -8.92 -16.20
C VAL T 100 -13.70 -8.10 -17.10
N GLU T 101 -15.00 -8.39 -17.05
CA GLU T 101 -15.96 -7.73 -17.92
C GLU T 101 -16.32 -6.36 -17.35
N ARG T 102 -16.40 -5.36 -18.23
CA ARG T 102 -16.69 -3.99 -17.85
C ARG T 102 -15.63 -3.43 -16.91
N ARG T 103 -14.37 -3.86 -17.08
CA ARG T 103 -13.34 -3.52 -16.12
C ARG T 103 -12.99 -2.04 -16.15
N ASP T 104 -12.96 -1.44 -17.34
CA ASP T 104 -12.50 -0.05 -17.45
C ASP T 104 -13.54 0.93 -16.93
N PHE T 105 -14.82 0.66 -17.20
CA PHE T 105 -15.88 1.47 -16.60
C PHE T 105 -15.81 1.43 -15.09
N LEU T 106 -15.67 0.23 -14.52
CA LEU T 106 -15.58 0.11 -13.06
C LEU T 106 -14.33 0.79 -12.53
N ALA T 107 -13.23 0.75 -13.29
CA ALA T 107 -12.00 1.39 -12.84
C ALA T 107 -12.13 2.90 -12.85
N ALA T 108 -12.77 3.46 -13.88
CA ALA T 108 -13.05 4.89 -13.89
C ALA T 108 -13.94 5.28 -12.72
N ALA T 109 -14.95 4.45 -12.42
CA ALA T 109 -15.82 4.75 -11.28
C ALA T 109 -15.07 4.67 -9.96
N ASN T 110 -14.19 3.68 -9.80
CA ASN T 110 -13.54 3.40 -8.53
C ASN T 110 -12.17 4.05 -8.39
N GLY T 111 -11.72 4.81 -9.39
CA GLY T 111 -10.43 5.46 -9.35
C GLY T 111 -10.53 6.93 -9.00
N LYS T 112 -9.39 7.60 -9.07
CA LYS T 112 -9.30 9.04 -8.87
C LYS T 112 -9.22 9.72 -10.21
N GLU T 113 -10.18 10.61 -10.50
CA GLU T 113 -10.17 11.26 -11.79
C GLU T 113 -9.07 12.30 -11.84
N ILE T 114 -8.38 12.36 -12.97
CA ILE T 114 -7.27 13.28 -13.17
C ILE T 114 -7.73 14.51 -13.93
N PHE T 115 -8.44 14.31 -15.04
CA PHE T 115 -9.00 15.47 -15.72
C PHE T 115 -10.15 15.04 -16.63
N LYS T 116 -11.19 15.87 -16.71
CA LYS T 116 -12.28 15.67 -17.63
C LYS T 116 -12.31 16.86 -18.59
N ILE T 117 -12.00 16.61 -19.86
CA ILE T 117 -12.03 17.64 -20.90
C ILE T 117 -12.56 17.06 -22.20
C1 EDO U . -31.10 -36.35 20.23
O1 EDO U . -30.48 -37.63 20.10
C2 EDO U . -30.01 -35.29 20.43
O2 EDO U . -29.95 -34.44 19.28
C1 PEG V . 1.34 -52.01 27.10
O1 PEG V . 0.10 -52.59 27.42
C2 PEG V . 1.83 -52.55 25.76
O2 PEG V . 0.75 -52.65 24.87
C3 PEG V . 1.10 -52.56 23.53
C4 PEG V . 0.75 -53.88 22.83
O4 PEG V . -0.40 -53.71 22.05
C1 EDO W . 76.09 21.43 71.98
O1 EDO W . 75.98 22.86 71.88
C2 EDO W . 77.04 20.89 70.92
O2 EDO W . 76.64 21.36 69.62
C1 EDO X . 83.94 0.50 93.05
O1 EDO X . 83.73 -0.54 92.07
C2 EDO X . 83.53 1.84 92.46
O2 EDO X . 82.11 1.88 92.27
C1 EDO Y . 81.48 46.82 63.86
O1 EDO Y . 82.69 46.09 63.56
C2 EDO Y . 80.68 47.05 62.58
O2 EDO Y . 79.68 48.06 62.79
C1 EDO Z . 65.10 -1.73 82.56
O1 EDO Z . 66.06 -1.12 83.43
C2 EDO Z . 65.75 -2.92 81.85
O2 EDO Z . 64.88 -3.42 80.84
C1 EDO AA . 84.39 27.09 86.05
O1 EDO AA . 83.94 28.19 86.85
C2 EDO AA . 84.32 27.45 84.57
O2 EDO AA . 83.04 28.02 84.25
C1 PEG BA . 52.78 27.27 99.88
O1 PEG BA . 52.21 28.21 100.76
C2 PEG BA . 51.68 26.39 99.30
O2 PEG BA . 51.59 25.18 100.00
C3 PEG BA . 52.73 24.37 99.91
C4 PEG BA . 52.46 22.99 100.50
O4 PEG BA . 51.33 22.42 99.89
C1 EDO CA . 6.70 19.20 45.15
O1 EDO CA . 6.75 17.86 45.66
C2 EDO CA . 8.10 19.71 44.81
O2 EDO CA . 8.11 21.14 44.70
C1 EDO DA . 23.62 -24.19 -61.34
O1 EDO DA . 23.62 -24.11 -59.91
C2 EDO DA . 23.36 -25.64 -61.78
O2 EDO DA . 23.20 -25.70 -63.21
C1 EDO EA . 42.15 -27.79 -49.70
O1 EDO EA . 42.83 -27.16 -48.59
C2 EDO EA . 42.89 -29.04 -50.19
O2 EDO EA . 43.80 -28.75 -51.26
C1 EDO FA . 25.80 -49.55 -53.14
O1 EDO FA . 27.01 -49.03 -52.56
C2 EDO FA . 24.69 -49.54 -52.09
O2 EDO FA . 23.90 -50.75 -52.19
C1 EDO GA . 11.36 -28.37 -21.60
O1 EDO GA . 11.90 -29.32 -20.68
C2 EDO GA . 10.68 -29.09 -22.76
O2 EDO GA . 9.68 -28.23 -23.32
C1 PEG HA . 37.37 -6.53 -81.86
O1 PEG HA . 38.57 -7.26 -81.89
C2 PEG HA . 36.38 -7.16 -80.88
O2 PEG HA . 35.67 -6.16 -80.18
C3 PEG HA . 34.69 -5.51 -80.93
C4 PEG HA . 34.51 -4.07 -80.45
O4 PEG HA . 35.73 -3.39 -80.52
C1 EDO IA . 16.58 0.81 -73.44
O1 EDO IA . 15.70 1.65 -72.69
C2 EDO IA . 15.79 -0.09 -74.39
O2 EDO IA . 16.70 -0.92 -75.11
C1 EDO JA . 14.01 -35.89 -68.37
O1 EDO JA . 14.19 -34.48 -68.46
C2 EDO JA . 13.70 -36.27 -66.92
O2 EDO JA . 13.62 -37.69 -66.75
C1 EDO KA . 1.61 -20.94 -53.95
O1 EDO KA . 2.98 -20.85 -54.39
C2 EDO KA . 1.24 -19.74 -53.09
O2 EDO KA . -0.02 -19.96 -52.43
C1 EDO LA . 22.38 12.83 -91.17
O1 EDO LA . 23.24 13.86 -90.67
C2 EDO LA . 20.92 13.27 -91.03
O2 EDO LA . 20.12 12.71 -92.09
C1 EDO MA . 33.06 -30.05 -72.93
O1 EDO MA . 33.18 -31.11 -71.98
C2 EDO MA . 34.07 -30.24 -74.07
O2 EDO MA . 33.71 -31.40 -74.83
C1 EDO NA . -78.49 25.23 -34.97
O1 EDO NA . -78.30 26.14 -33.89
C2 EDO NA . -79.20 23.98 -34.46
O2 EDO NA . -79.31 23.03 -35.53
C1 EDO OA . -24.34 21.38 -15.80
O1 EDO OA . -25.21 20.80 -14.81
C2 EDO OA . -24.98 22.65 -16.37
O2 EDO OA . -25.38 23.51 -15.29
#